data_4AY1
#
_entry.id   4AY1
#
_cell.length_a   255.686
_cell.length_b   152.543
_cell.length_c   138.186
_cell.angle_alpha   90.00
_cell.angle_beta   94.62
_cell.angle_gamma   90.00
#
_symmetry.space_group_name_H-M   'C 1 2 1'
#
loop_
_entity.id
_entity.type
_entity.pdbx_description
1 polymer 'CHITINASE-3-LIKE PROTEIN 2'
2 branched 2-acetamido-2-deoxy-beta-D-glucopyranose-(1-4)-2-acetamido-2-deoxy-beta-D-glucopyranose-(1-4)-2-acetamido-2-deoxy-beta-D-glucopyranose-(1-4)-2-acetamido-2-deoxy-beta-D-glucopyranose
3 water water
#
_entity_poly.entity_id   1
_entity_poly.type   'polypeptide(L)'
_entity_poly.pdbx_seq_one_letter_code
;AYKLVCYFTNWSQDRQEPGKFTPENIDPFLCSHLIYSFASIENNKVIIKDKSEVMLYQTINSLKTKNPKLKILLSIGGYL
FGSKGFHPMVDSSTSRLEFINSIILFLRNHNFDGLDVSWIYPDQKENTHFTVLIHELAEAFQKDFTKSTKERLLLTAGVS
AGRQMIDNSYQVEKLAKDLDFINLLSFDFHGSWEKPLITGHNSPLSKGWQDRGPSSYYNVEYAVGYWIHKGMPSEKVVMG
IPTYGHSFTLASAETTVGAPASGPGAAGPITESSGFLAYYEICQFLKGAKITRLQDQQVPYAVKGNQWVGYDDVKSMETK
VQFLKNLNLGGAMIWSIDMDDFTGKSCNQGPYPLVQAVKRSLGSL
;
_entity_poly.pdbx_strand_id   A,B,C,D,E,F,G,H,I,J,K,L
#
# COMPACT_ATOMS: atom_id res chain seq x y z
N ALA A 1 -9.96 -2.20 -1.38
CA ALA A 1 -9.31 -3.31 -2.16
C ALA A 1 -10.21 -3.78 -3.30
N TYR A 2 -9.62 -4.15 -4.44
CA TYR A 2 -10.47 -4.53 -5.57
C TYR A 2 -11.18 -5.84 -5.27
N LYS A 3 -12.44 -5.97 -5.70
CA LYS A 3 -13.14 -7.26 -5.65
C LYS A 3 -12.88 -8.10 -6.89
N LEU A 4 -12.93 -9.43 -6.71
CA LEU A 4 -12.95 -10.35 -7.84
C LEU A 4 -14.18 -11.25 -7.64
N VAL A 5 -15.20 -11.03 -8.46
CA VAL A 5 -16.52 -11.57 -8.19
C VAL A 5 -16.73 -12.64 -9.23
N CYS A 6 -16.94 -13.88 -8.79
CA CYS A 6 -16.89 -14.99 -9.75
C CYS A 6 -18.21 -15.76 -9.76
N TYR A 7 -18.95 -15.67 -10.88
CA TYR A 7 -20.11 -16.51 -11.04
C TYR A 7 -19.66 -17.93 -11.40
N PHE A 8 -20.36 -18.92 -10.86
CA PHE A 8 -20.28 -20.30 -11.32
C PHE A 8 -21.70 -20.84 -11.47
N THR A 9 -21.86 -21.90 -12.26
CA THR A 9 -23.20 -22.29 -12.69
C THR A 9 -23.59 -23.70 -12.29
N ASN A 10 -24.89 -23.89 -12.13
CA ASN A 10 -25.49 -25.17 -11.78
C ASN A 10 -25.33 -26.21 -12.89
N TRP A 11 -25.35 -25.76 -14.14
CA TRP A 11 -25.44 -26.69 -15.27
C TRP A 11 -24.09 -27.24 -15.75
N SER A 12 -22.97 -26.62 -15.34
CA SER A 12 -21.66 -27.15 -15.71
C SER A 12 -21.43 -28.57 -15.14
N GLN A 13 -22.21 -28.96 -14.14
CA GLN A 13 -22.01 -30.26 -13.50
C GLN A 13 -22.39 -31.40 -14.44
N ASP A 14 -23.18 -31.09 -15.46
CA ASP A 14 -23.63 -32.12 -16.42
C ASP A 14 -22.67 -32.30 -17.61
N ARG A 15 -21.59 -31.53 -17.66
CA ARG A 15 -20.67 -31.57 -18.79
C ARG A 15 -19.61 -32.66 -18.68
N GLN A 16 -19.05 -33.07 -19.82
CA GLN A 16 -17.89 -33.98 -19.80
C GLN A 16 -16.56 -33.24 -19.56
N GLU A 17 -15.56 -33.95 -19.04
CA GLU A 17 -14.22 -33.39 -18.89
C GLU A 17 -13.75 -32.88 -20.24
N PRO A 18 -13.06 -31.74 -20.29
CA PRO A 18 -12.58 -30.96 -19.14
C PRO A 18 -13.55 -29.89 -18.63
N GLY A 19 -14.84 -30.04 -18.95
CA GLY A 19 -15.84 -29.04 -18.56
C GLY A 19 -16.69 -29.44 -17.37
N LYS A 20 -16.47 -30.66 -16.84
CA LYS A 20 -17.26 -31.13 -15.71
C LYS A 20 -16.86 -30.38 -14.45
N PHE A 21 -17.77 -29.53 -13.98
CA PHE A 21 -17.53 -28.66 -12.83
C PHE A 21 -18.55 -28.94 -11.74
N THR A 22 -18.04 -29.14 -10.54
CA THR A 22 -18.87 -29.17 -9.34
C THR A 22 -18.25 -28.17 -8.34
N PRO A 23 -18.99 -27.82 -7.29
CA PRO A 23 -18.50 -26.77 -6.38
C PRO A 23 -17.13 -27.11 -5.73
N GLU A 24 -16.84 -28.38 -5.51
CA GLU A 24 -15.50 -28.78 -5.04
C GLU A 24 -14.35 -28.38 -5.98
N ASN A 25 -14.64 -28.10 -7.25
CA ASN A 25 -13.63 -27.51 -8.13
C ASN A 25 -13.26 -26.06 -7.80
N ILE A 26 -14.05 -25.41 -6.95
CA ILE A 26 -13.76 -24.01 -6.59
C ILE A 26 -12.56 -23.90 -5.66
N ASP A 27 -11.66 -22.98 -5.98
CA ASP A 27 -10.54 -22.65 -5.11
C ASP A 27 -10.95 -21.51 -4.16
N PRO A 28 -10.89 -21.75 -2.84
CA PRO A 28 -11.49 -20.79 -1.92
C PRO A 28 -10.78 -19.45 -1.87
N PHE A 29 -9.54 -19.39 -2.37
CA PHE A 29 -8.75 -18.15 -2.29
C PHE A 29 -8.61 -17.48 -3.64
N LEU A 30 -9.30 -18.02 -4.64
CA LEU A 30 -9.21 -17.49 -5.97
C LEU A 30 -9.93 -16.16 -6.09
N CYS A 31 -11.17 -16.10 -5.59
CA CYS A 31 -12.03 -14.94 -5.74
C CYS A 31 -12.33 -14.33 -4.37
N SER A 32 -12.77 -13.07 -4.36
CA SER A 32 -13.25 -12.47 -3.12
C SER A 32 -14.73 -12.80 -2.87
N HIS A 33 -15.49 -12.96 -3.97
CA HIS A 33 -16.92 -13.26 -3.91
C HIS A 33 -17.24 -14.36 -4.92
N LEU A 34 -18.06 -15.32 -4.52
CA LEU A 34 -18.54 -16.36 -5.45
C LEU A 34 -20.04 -16.16 -5.59
N ILE A 35 -20.56 -16.40 -6.77
CA ILE A 35 -22.01 -16.27 -6.99
C ILE A 35 -22.56 -17.51 -7.70
N TYR A 36 -23.49 -18.20 -7.03
CA TYR A 36 -24.12 -19.37 -7.62
C TYR A 36 -25.28 -18.98 -8.54
N SER A 37 -25.27 -19.54 -9.75
CA SER A 37 -26.28 -19.28 -10.77
C SER A 37 -27.00 -20.57 -11.17
N PHE A 38 -28.33 -20.66 -11.07
CA PHE A 38 -29.24 -19.65 -10.53
C PHE A 38 -30.25 -20.36 -9.65
N ALA A 39 -30.74 -19.65 -8.62
CA ALA A 39 -31.89 -20.13 -7.84
C ALA A 39 -33.16 -19.85 -8.64
N SER A 40 -34.27 -20.46 -8.28
CA SER A 40 -35.55 -20.11 -8.88
C SER A 40 -36.57 -19.72 -7.81
N ILE A 41 -37.82 -19.53 -8.22
CA ILE A 41 -38.88 -19.08 -7.35
C ILE A 41 -40.08 -20.04 -7.49
N GLU A 42 -40.56 -20.55 -6.39
CA GLU A 42 -41.72 -21.46 -6.45
C GLU A 42 -42.66 -21.11 -5.30
N ASN A 43 -43.92 -20.84 -5.63
CA ASN A 43 -44.87 -20.38 -4.62
C ASN A 43 -44.35 -19.12 -3.89
N ASN A 44 -43.77 -18.20 -4.67
CA ASN A 44 -43.22 -16.95 -4.16
C ASN A 44 -42.00 -17.09 -3.27
N LYS A 45 -41.45 -18.29 -3.15
CA LYS A 45 -40.30 -18.48 -2.27
C LYS A 45 -39.08 -18.93 -3.05
N VAL A 46 -37.90 -18.51 -2.61
CA VAL A 46 -36.65 -18.95 -3.26
C VAL A 46 -36.45 -20.44 -3.06
N ILE A 47 -35.96 -21.11 -4.10
CA ILE A 47 -35.61 -22.53 -4.02
C ILE A 47 -34.43 -22.79 -4.96
N ILE A 48 -33.68 -23.83 -4.68
CA ILE A 48 -32.62 -24.28 -5.59
C ILE A 48 -33.06 -25.59 -6.23
N LYS A 49 -33.06 -25.67 -7.56
CA LYS A 49 -33.30 -26.96 -8.22
C LYS A 49 -32.01 -27.46 -8.86
N ASP A 50 -31.44 -28.48 -8.20
CA ASP A 50 -30.05 -28.91 -8.35
C ASP A 50 -29.97 -30.22 -7.57
N LYS A 51 -29.84 -31.33 -8.29
CA LYS A 51 -29.67 -32.64 -7.65
C LYS A 51 -28.47 -32.62 -6.73
N SER A 52 -27.58 -31.66 -6.93
CA SER A 52 -26.35 -31.53 -6.12
C SER A 52 -26.51 -30.45 -5.07
N GLU A 53 -27.76 -30.09 -4.79
CA GLU A 53 -28.06 -29.07 -3.81
C GLU A 53 -27.28 -29.31 -2.49
N VAL A 54 -27.35 -30.53 -1.96
CA VAL A 54 -26.69 -30.82 -0.67
C VAL A 54 -25.15 -30.68 -0.73
N MET A 55 -24.55 -31.07 -1.86
CA MET A 55 -23.14 -30.81 -2.15
C MET A 55 -22.80 -29.30 -2.15
N LEU A 56 -23.64 -28.49 -2.79
CA LEU A 56 -23.41 -27.05 -2.79
C LEU A 56 -23.33 -26.51 -1.34
N TYR A 57 -24.31 -26.87 -0.53
CA TYR A 57 -24.30 -26.45 0.88
C TYR A 57 -23.06 -26.88 1.66
N GLN A 58 -22.67 -28.15 1.50
CA GLN A 58 -21.49 -28.66 2.18
C GLN A 58 -20.24 -27.88 1.73
N THR A 59 -20.18 -27.63 0.44
CA THR A 59 -19.05 -26.93 -0.16
C THR A 59 -18.96 -25.47 0.28
N ILE A 60 -20.08 -24.77 0.27
CA ILE A 60 -20.18 -23.42 0.88
C ILE A 60 -19.54 -23.37 2.29
N ASN A 61 -19.93 -24.28 3.18
CA ASN A 61 -19.41 -24.26 4.54
C ASN A 61 -17.92 -24.57 4.57
N SER A 62 -17.52 -25.53 3.75
CA SER A 62 -16.13 -25.93 3.66
C SER A 62 -15.25 -24.78 3.11
N LEU A 63 -15.70 -24.14 2.04
CA LEU A 63 -14.96 -23.00 1.46
C LEU A 63 -14.79 -21.86 2.45
N LYS A 64 -15.87 -21.52 3.13
CA LYS A 64 -15.88 -20.40 4.07
C LYS A 64 -15.10 -20.73 5.36
N THR A 65 -15.10 -22.00 5.74
CA THR A 65 -14.25 -22.43 6.83
C THR A 65 -12.77 -22.23 6.47
N LYS A 66 -12.40 -22.60 5.25
CA LYS A 66 -11.03 -22.45 4.76
C LYS A 66 -10.61 -20.99 4.56
N ASN A 67 -11.54 -20.18 4.07
CA ASN A 67 -11.31 -18.76 3.87
C ASN A 67 -12.41 -17.94 4.53
N PRO A 68 -12.24 -17.63 5.82
CA PRO A 68 -13.21 -16.83 6.56
C PRO A 68 -13.56 -15.48 5.91
N LYS A 69 -12.76 -14.97 4.99
CA LYS A 69 -13.12 -13.68 4.32
C LYS A 69 -14.04 -13.82 3.08
N LEU A 70 -14.11 -15.04 2.55
CA LEU A 70 -14.84 -15.30 1.32
C LEU A 70 -16.33 -14.93 1.48
N LYS A 71 -16.92 -14.32 0.45
CA LYS A 71 -18.35 -14.03 0.47
C LYS A 71 -18.96 -14.91 -0.61
N ILE A 72 -20.11 -15.52 -0.32
CA ILE A 72 -20.77 -16.36 -1.32
C ILE A 72 -22.22 -15.89 -1.43
N LEU A 73 -22.63 -15.52 -2.65
CA LEU A 73 -23.98 -14.98 -2.89
C LEU A 73 -24.81 -15.96 -3.70
N LEU A 74 -26.13 -15.80 -3.62
CA LEU A 74 -27.03 -16.57 -4.45
C LEU A 74 -27.58 -15.66 -5.55
N SER A 75 -27.53 -16.12 -6.80
CA SER A 75 -28.09 -15.31 -7.87
C SER A 75 -29.44 -15.86 -8.29
N ILE A 76 -30.37 -14.95 -8.55
CA ILE A 76 -31.53 -15.38 -9.26
C ILE A 76 -31.81 -14.53 -10.53
N GLY A 77 -32.21 -15.20 -11.59
CA GLY A 77 -32.38 -14.53 -12.88
C GLY A 77 -31.60 -15.22 -13.98
N GLY A 78 -30.96 -14.43 -14.84
CA GLY A 78 -30.27 -14.95 -16.03
C GLY A 78 -31.17 -14.85 -17.25
N TYR A 79 -30.59 -15.15 -18.42
CA TYR A 79 -31.25 -14.96 -19.69
C TYR A 79 -32.47 -15.87 -19.86
N LEU A 80 -32.32 -17.14 -19.52
CA LEU A 80 -33.43 -18.08 -19.73
C LEU A 80 -34.61 -17.82 -18.78
N PHE A 81 -34.31 -17.44 -17.54
CA PHE A 81 -35.36 -17.13 -16.56
C PHE A 81 -36.19 -15.94 -17.06
N GLY A 82 -35.49 -14.99 -17.69
CA GLY A 82 -36.13 -13.82 -18.32
C GLY A 82 -36.92 -12.99 -17.31
N SER A 83 -37.97 -12.31 -17.78
CA SER A 83 -38.88 -11.61 -16.88
C SER A 83 -39.95 -12.55 -16.35
N LYS A 84 -40.31 -13.55 -17.14
CA LYS A 84 -41.43 -14.44 -16.78
C LYS A 84 -41.19 -15.15 -15.44
N GLY A 85 -39.93 -15.46 -15.16
CA GLY A 85 -39.59 -16.13 -13.90
C GLY A 85 -39.94 -15.33 -12.65
N PHE A 86 -40.01 -14.00 -12.77
CA PHE A 86 -40.29 -13.15 -11.61
C PHE A 86 -41.78 -12.97 -11.35
N HIS A 87 -42.61 -13.51 -12.24
CA HIS A 87 -44.08 -13.47 -12.09
C HIS A 87 -44.56 -14.84 -11.68
N PRO A 88 -45.57 -14.90 -10.78
CA PRO A 88 -46.33 -13.81 -10.19
C PRO A 88 -45.69 -13.14 -8.96
N MET A 89 -44.47 -13.56 -8.60
CA MET A 89 -43.94 -13.08 -7.33
C MET A 89 -43.96 -11.56 -7.22
N VAL A 90 -43.61 -10.86 -8.31
CA VAL A 90 -43.45 -9.38 -8.22
C VAL A 90 -44.73 -8.57 -8.26
N ASP A 91 -45.87 -9.18 -8.54
CA ASP A 91 -47.03 -8.33 -8.82
C ASP A 91 -47.83 -7.81 -7.66
N SER A 92 -47.45 -8.15 -6.44
CA SER A 92 -48.09 -7.53 -5.29
C SER A 92 -47.15 -7.40 -4.10
N SER A 93 -47.57 -6.51 -3.22
CA SER A 93 -46.88 -6.23 -1.99
C SER A 93 -46.76 -7.50 -1.15
N THR A 94 -47.84 -8.27 -1.07
CA THR A 94 -47.86 -9.44 -0.21
C THR A 94 -46.98 -10.56 -0.79
N SER A 95 -46.95 -10.67 -2.11
CA SER A 95 -46.18 -11.73 -2.73
C SER A 95 -44.69 -11.39 -2.75
N ARG A 96 -44.35 -10.11 -2.86
CA ARG A 96 -42.93 -9.71 -2.73
C ARG A 96 -42.45 -9.91 -1.28
N LEU A 97 -43.29 -9.56 -0.31
CA LEU A 97 -42.92 -9.74 1.10
C LEU A 97 -42.66 -11.22 1.41
N GLU A 98 -43.52 -12.10 0.90
CA GLU A 98 -43.33 -13.52 1.12
C GLU A 98 -41.97 -13.95 0.54
N PHE A 99 -41.69 -13.50 -0.69
CA PHE A 99 -40.42 -13.80 -1.32
C PHE A 99 -39.24 -13.29 -0.52
N ILE A 100 -39.30 -12.02 -0.14
CA ILE A 100 -38.22 -11.39 0.61
C ILE A 100 -37.96 -12.08 1.96
N ASN A 101 -39.02 -12.35 2.72
CA ASN A 101 -38.84 -13.11 3.96
C ASN A 101 -38.21 -14.49 3.71
N SER A 102 -38.64 -15.17 2.65
CA SER A 102 -38.06 -16.48 2.33
C SER A 102 -36.57 -16.36 1.99
N ILE A 103 -36.21 -15.28 1.32
CA ILE A 103 -34.84 -15.01 0.95
C ILE A 103 -33.96 -14.83 2.19
N ILE A 104 -34.39 -13.99 3.10
CA ILE A 104 -33.58 -13.76 4.29
C ILE A 104 -33.35 -15.08 5.06
N LEU A 105 -34.42 -15.84 5.29
CA LEU A 105 -34.31 -17.14 5.99
C LEU A 105 -33.39 -18.10 5.24
N PHE A 106 -33.60 -18.25 3.93
CA PHE A 106 -32.82 -19.15 3.09
C PHE A 106 -31.33 -18.78 3.10
N LEU A 107 -31.04 -17.50 2.88
CA LEU A 107 -29.64 -17.06 2.85
C LEU A 107 -28.95 -17.33 4.20
N ARG A 108 -29.60 -16.95 5.29
CA ARG A 108 -29.04 -17.21 6.62
C ARG A 108 -28.86 -18.70 6.91
N ASN A 109 -29.90 -19.49 6.64
CA ASN A 109 -29.87 -20.93 6.90
C ASN A 109 -28.76 -21.66 6.14
N HIS A 110 -28.45 -21.20 4.93
CA HIS A 110 -27.47 -21.91 4.10
C HIS A 110 -26.11 -21.19 4.01
N ASN A 111 -25.92 -20.19 4.87
CA ASN A 111 -24.62 -19.57 4.99
C ASN A 111 -24.20 -18.74 3.76
N PHE A 112 -25.16 -18.18 3.05
CA PHE A 112 -24.87 -17.21 1.98
C PHE A 112 -24.70 -15.81 2.58
N ASP A 113 -23.94 -14.96 1.90
CA ASP A 113 -23.73 -13.59 2.40
C ASP A 113 -24.60 -12.55 1.73
N GLY A 114 -25.40 -12.96 0.73
CA GLY A 114 -26.23 -11.99 0.03
C GLY A 114 -26.88 -12.53 -1.24
N LEU A 115 -27.60 -11.66 -1.92
CA LEU A 115 -28.42 -12.02 -3.07
C LEU A 115 -28.01 -11.16 -4.25
N ASP A 116 -27.87 -11.80 -5.40
CA ASP A 116 -27.64 -11.14 -6.66
C ASP A 116 -28.93 -11.26 -7.48
N VAL A 117 -29.49 -10.13 -7.93
CA VAL A 117 -30.69 -10.20 -8.76
C VAL A 117 -30.23 -9.87 -10.19
N SER A 118 -30.22 -10.84 -11.09
CA SER A 118 -29.82 -10.56 -12.47
C SER A 118 -31.01 -10.71 -13.38
N TRP A 119 -31.87 -9.70 -13.37
CA TRP A 119 -33.08 -9.76 -14.17
C TRP A 119 -32.71 -9.39 -15.60
N ILE A 120 -32.91 -10.34 -16.52
CA ILE A 120 -32.56 -10.14 -17.91
C ILE A 120 -33.84 -10.14 -18.77
N TYR A 121 -34.42 -8.97 -19.10
CA TYR A 121 -34.10 -7.65 -18.54
C TYR A 121 -35.41 -7.02 -18.12
N PRO A 122 -35.35 -6.00 -17.26
CA PRO A 122 -36.62 -5.37 -16.95
C PRO A 122 -37.24 -4.68 -18.20
N ASP A 123 -36.38 -4.04 -18.98
CA ASP A 123 -36.86 -3.24 -20.12
C ASP A 123 -37.87 -2.20 -19.65
N GLN A 124 -38.55 -1.54 -20.59
CA GLN A 124 -39.51 -0.52 -20.22
C GLN A 124 -40.63 -1.11 -19.39
N LYS A 125 -41.14 -2.25 -19.83
CA LYS A 125 -42.31 -2.88 -19.19
C LYS A 125 -42.14 -3.22 -17.71
N GLU A 126 -40.97 -3.71 -17.31
CA GLU A 126 -40.80 -4.14 -15.93
C GLU A 126 -39.86 -3.24 -15.13
N ASN A 127 -39.50 -2.09 -15.72
CA ASN A 127 -38.68 -1.10 -15.02
C ASN A 127 -39.23 -0.90 -13.58
N THR A 128 -40.51 -0.62 -13.49
CA THR A 128 -41.10 -0.31 -12.18
C THR A 128 -41.01 -1.50 -11.23
N HIS A 129 -41.42 -2.67 -11.69
CA HIS A 129 -41.38 -3.87 -10.84
C HIS A 129 -40.00 -4.16 -10.32
N PHE A 130 -39.00 -4.03 -11.21
CA PHE A 130 -37.61 -4.29 -10.83
C PHE A 130 -37.16 -3.25 -9.81
N THR A 131 -37.44 -1.98 -10.07
CA THR A 131 -37.02 -0.90 -9.16
C THR A 131 -37.60 -1.12 -7.74
N VAL A 132 -38.89 -1.45 -7.69
CA VAL A 132 -39.57 -1.69 -6.44
C VAL A 132 -39.00 -2.92 -5.71
N LEU A 133 -38.79 -4.01 -6.45
CA LEU A 133 -38.27 -5.23 -5.85
C LEU A 133 -36.91 -5.00 -5.18
N ILE A 134 -36.02 -4.33 -5.91
CA ILE A 134 -34.70 -4.01 -5.42
C ILE A 134 -34.82 -3.13 -4.18
N HIS A 135 -35.68 -2.11 -4.25
CA HIS A 135 -35.86 -1.25 -3.10
C HIS A 135 -36.37 -1.98 -1.87
N GLU A 136 -37.37 -2.84 -2.04
CA GLU A 136 -37.91 -3.58 -0.91
C GLU A 136 -36.90 -4.58 -0.35
N LEU A 137 -36.12 -5.21 -1.21
CA LEU A 137 -35.03 -6.08 -0.73
C LEU A 137 -34.01 -5.29 0.09
N ALA A 138 -33.50 -4.21 -0.47
CA ALA A 138 -32.52 -3.41 0.29
C ALA A 138 -33.09 -3.03 1.66
N GLU A 139 -34.34 -2.58 1.69
CA GLU A 139 -34.90 -2.12 2.96
C GLU A 139 -34.96 -3.27 3.95
N ALA A 140 -35.36 -4.43 3.45
CA ALA A 140 -35.58 -5.57 4.32
C ALA A 140 -34.24 -6.07 4.85
N PHE A 141 -33.22 -6.07 3.98
CA PHE A 141 -31.86 -6.44 4.40
C PHE A 141 -31.35 -5.48 5.48
N GLN A 142 -31.64 -4.19 5.31
CA GLN A 142 -31.18 -3.21 6.29
C GLN A 142 -31.92 -3.45 7.62
N LYS A 143 -33.22 -3.68 7.54
CA LYS A 143 -34.02 -3.93 8.75
C LYS A 143 -33.54 -5.21 9.45
N ASP A 144 -33.30 -6.25 8.67
CA ASP A 144 -32.73 -7.49 9.21
C ASP A 144 -31.39 -7.24 9.94
N PHE A 145 -30.55 -6.40 9.35
CA PHE A 145 -29.25 -6.06 9.93
C PHE A 145 -29.39 -5.50 11.35
N THR A 146 -30.23 -4.47 11.49
CA THR A 146 -30.42 -3.79 12.77
C THR A 146 -30.92 -4.72 13.88
N LYS A 147 -31.36 -5.92 13.52
CA LYS A 147 -31.90 -6.85 14.52
C LYS A 147 -31.05 -8.09 14.69
N SER A 148 -29.91 -8.09 14.02
CA SER A 148 -29.07 -9.28 13.99
C SER A 148 -27.67 -8.95 14.50
N THR A 149 -26.89 -9.97 14.85
CA THR A 149 -25.52 -9.77 15.28
C THR A 149 -24.60 -10.13 14.12
N LYS A 150 -25.19 -10.60 13.04
CA LYS A 150 -24.44 -10.92 11.85
C LYS A 150 -24.33 -9.71 10.92
N GLU A 151 -23.45 -9.82 9.93
CA GLU A 151 -23.31 -8.76 8.95
C GLU A 151 -24.55 -8.62 8.07
N ARG A 152 -24.75 -7.43 7.52
CA ARG A 152 -25.86 -7.20 6.63
C ARG A 152 -25.72 -8.06 5.37
N LEU A 153 -26.81 -8.68 4.96
CA LEU A 153 -26.84 -9.39 3.70
C LEU A 153 -26.56 -8.41 2.56
N LEU A 154 -25.69 -8.82 1.65
CA LEU A 154 -25.39 -7.99 0.49
C LEU A 154 -26.48 -8.11 -0.57
N LEU A 155 -26.66 -7.06 -1.36
CA LEU A 155 -27.58 -7.11 -2.50
C LEU A 155 -26.91 -6.56 -3.73
N THR A 156 -26.83 -7.36 -4.79
CA THR A 156 -26.15 -6.94 -6.00
C THR A 156 -27.08 -7.19 -7.14
N ALA A 157 -26.70 -6.71 -8.33
CA ALA A 157 -27.50 -6.96 -9.51
C ALA A 157 -26.59 -7.09 -10.74
N GLY A 158 -26.78 -8.13 -11.51
CA GLY A 158 -26.17 -8.21 -12.85
C GLY A 158 -27.01 -7.36 -13.79
N VAL A 159 -26.38 -6.38 -14.46
CA VAL A 159 -27.15 -5.41 -15.27
C VAL A 159 -26.62 -5.30 -16.70
N SER A 160 -27.48 -4.91 -17.63
CA SER A 160 -27.13 -4.74 -19.04
C SER A 160 -26.00 -3.73 -19.22
N ALA A 161 -25.17 -3.98 -20.24
CA ALA A 161 -24.14 -3.06 -20.67
C ALA A 161 -24.51 -2.35 -21.98
N GLY A 162 -25.75 -2.54 -22.43
CA GLY A 162 -26.24 -1.94 -23.67
C GLY A 162 -26.99 -0.66 -23.40
N ARG A 163 -26.50 0.43 -24.00
CA ARG A 163 -27.09 1.72 -23.71
C ARG A 163 -28.60 1.76 -23.78
N GLN A 164 -29.21 1.26 -24.87
CA GLN A 164 -30.66 1.31 -24.98
C GLN A 164 -31.36 0.54 -23.84
N MET A 165 -30.88 -0.65 -23.51
CA MET A 165 -31.53 -1.45 -22.47
C MET A 165 -31.33 -0.82 -21.08
N ILE A 166 -30.17 -0.20 -20.87
CA ILE A 166 -29.90 0.55 -19.64
C ILE A 166 -30.90 1.70 -19.48
N ASP A 167 -31.02 2.54 -20.52
CA ASP A 167 -31.99 3.65 -20.50
C ASP A 167 -33.41 3.12 -20.23
N ASN A 168 -33.77 2.00 -20.85
CA ASN A 168 -35.12 1.42 -20.67
C ASN A 168 -35.39 0.82 -19.27
N SER A 169 -34.44 0.09 -18.73
CA SER A 169 -34.67 -0.83 -17.63
C SER A 169 -34.51 -0.24 -16.22
N TYR A 170 -33.60 0.73 -16.08
CA TYR A 170 -33.07 1.05 -14.75
C TYR A 170 -33.27 2.50 -14.31
N GLN A 171 -33.54 2.68 -13.02
CA GLN A 171 -33.51 4.00 -12.38
C GLN A 171 -32.17 4.08 -11.64
N VAL A 172 -31.16 4.60 -12.32
CA VAL A 172 -29.78 4.34 -11.91
C VAL A 172 -29.37 4.98 -10.57
N GLU A 173 -29.73 6.24 -10.35
CA GLU A 173 -29.37 6.90 -9.09
C GLU A 173 -29.98 6.16 -7.91
N LYS A 174 -31.20 5.69 -8.08
CA LYS A 174 -31.86 4.90 -7.06
C LYS A 174 -31.17 3.57 -6.83
N LEU A 175 -30.80 2.90 -7.92
CA LEU A 175 -30.05 1.67 -7.87
C LEU A 175 -28.73 1.84 -7.11
N ALA A 176 -28.04 2.96 -7.32
CA ALA A 176 -26.79 3.27 -6.63
C ALA A 176 -26.93 3.32 -5.11
N LYS A 177 -28.11 3.70 -4.63
CA LYS A 177 -28.33 3.77 -3.20
C LYS A 177 -28.75 2.45 -2.62
N ASP A 178 -29.49 1.65 -3.40
CA ASP A 178 -30.04 0.39 -2.90
C ASP A 178 -29.04 -0.76 -3.03
N LEU A 179 -28.11 -0.69 -4.00
CA LEU A 179 -27.22 -1.83 -4.25
C LEU A 179 -25.87 -1.69 -3.58
N ASP A 180 -25.30 -2.82 -3.17
CA ASP A 180 -23.91 -2.79 -2.74
C ASP A 180 -22.98 -2.59 -3.92
N PHE A 181 -23.27 -3.26 -5.03
CA PHE A 181 -22.58 -3.03 -6.29
C PHE A 181 -23.36 -3.62 -7.47
N ILE A 182 -23.02 -3.18 -8.67
CA ILE A 182 -23.50 -3.83 -9.88
C ILE A 182 -22.42 -4.76 -10.46
N ASN A 183 -22.87 -5.90 -10.93
CA ASN A 183 -22.12 -6.85 -11.77
C ASN A 183 -22.48 -6.51 -13.21
N LEU A 184 -21.64 -5.67 -13.82
CA LEU A 184 -21.91 -5.11 -15.13
C LEU A 184 -21.65 -6.21 -16.16
N LEU A 185 -22.68 -6.56 -16.91
CA LEU A 185 -22.58 -7.68 -17.87
C LEU A 185 -21.95 -7.17 -19.18
N SER A 186 -20.67 -6.75 -19.09
CA SER A 186 -19.97 -6.16 -20.21
C SER A 186 -19.38 -7.19 -21.17
N PHE A 187 -20.30 -7.91 -21.81
CA PHE A 187 -19.99 -8.92 -22.82
C PHE A 187 -21.30 -9.17 -23.58
N ASP A 188 -21.32 -10.13 -24.50
CA ASP A 188 -22.43 -10.25 -25.43
C ASP A 188 -22.67 -8.93 -26.18
N PHE A 189 -21.60 -8.16 -26.48
CA PHE A 189 -21.81 -6.93 -27.26
C PHE A 189 -22.15 -7.27 -28.71
N HIS A 190 -21.65 -8.42 -29.16
CA HIS A 190 -21.90 -8.91 -30.50
C HIS A 190 -22.08 -10.43 -30.45
N GLY A 191 -22.87 -10.94 -31.37
CA GLY A 191 -23.14 -12.35 -31.40
C GLY A 191 -24.06 -12.68 -32.56
N SER A 192 -24.39 -13.95 -32.70
CA SER A 192 -25.13 -14.38 -33.90
C SER A 192 -26.61 -14.03 -33.93
N TRP A 193 -27.10 -13.35 -32.90
CA TRP A 193 -28.45 -12.77 -32.91
C TRP A 193 -28.53 -11.50 -33.78
N GLU A 194 -27.38 -10.89 -34.10
CA GLU A 194 -27.41 -9.60 -34.80
C GLU A 194 -27.92 -9.67 -36.23
N LYS A 195 -28.53 -8.56 -36.65
CA LYS A 195 -28.96 -8.39 -38.04
C LYS A 195 -28.57 -6.98 -38.45
N PRO A 196 -27.85 -6.87 -39.57
CA PRO A 196 -27.45 -8.02 -40.39
C PRO A 196 -26.37 -8.88 -39.70
N LEU A 197 -26.24 -10.13 -40.11
CA LEU A 197 -25.37 -11.04 -39.38
C LEU A 197 -23.93 -10.91 -39.88
N ILE A 198 -23.09 -10.27 -39.09
CA ILE A 198 -21.69 -10.02 -39.46
C ILE A 198 -20.85 -10.32 -38.22
N THR A 199 -19.57 -10.61 -38.40
CA THR A 199 -18.72 -10.94 -37.27
C THR A 199 -18.55 -9.69 -36.35
N GLY A 200 -18.45 -9.92 -35.06
CA GLY A 200 -18.15 -8.84 -34.10
C GLY A 200 -17.66 -9.48 -32.80
N HIS A 201 -16.92 -8.73 -32.00
CA HIS A 201 -16.32 -9.32 -30.81
C HIS A 201 -17.30 -9.37 -29.63
N ASN A 202 -17.24 -10.46 -28.86
CA ASN A 202 -18.06 -10.63 -27.66
C ASN A 202 -17.91 -9.47 -26.70
N SER A 203 -16.67 -9.03 -26.47
CA SER A 203 -16.38 -8.11 -25.38
C SER A 203 -15.15 -7.26 -25.70
N PRO A 204 -15.28 -6.37 -26.70
CA PRO A 204 -14.18 -5.46 -27.02
C PRO A 204 -14.06 -4.41 -25.92
N LEU A 205 -12.84 -4.05 -25.54
CA LEU A 205 -12.65 -3.03 -24.52
C LEU A 205 -13.08 -1.66 -25.04
N SER A 206 -12.70 -1.35 -26.26
CA SER A 206 -12.97 -0.04 -26.84
C SER A 206 -13.61 -0.18 -28.21
N LYS A 207 -14.17 0.90 -28.71
CA LYS A 207 -14.72 0.93 -30.07
C LYS A 207 -13.66 0.72 -31.15
N GLY A 208 -14.12 0.27 -32.31
CA GLY A 208 -13.27 0.15 -33.50
C GLY A 208 -12.96 1.53 -34.06
N TRP A 209 -11.80 1.69 -34.69
CA TRP A 209 -11.45 3.01 -35.23
C TRP A 209 -12.50 3.51 -36.23
N GLN A 210 -13.16 2.59 -36.93
CA GLN A 210 -14.21 2.97 -37.87
C GLN A 210 -15.62 3.09 -37.29
N ASP A 211 -15.79 2.80 -35.99
CA ASP A 211 -17.10 2.92 -35.35
C ASP A 211 -17.51 4.37 -35.08
N ARG A 212 -18.64 4.80 -35.65
CA ARG A 212 -19.24 6.10 -35.31
C ARG A 212 -20.72 5.95 -34.92
N GLY A 213 -21.27 6.96 -34.25
CA GLY A 213 -22.67 6.93 -33.80
C GLY A 213 -22.96 5.75 -32.87
N PRO A 214 -24.11 5.09 -33.05
CA PRO A 214 -24.51 4.11 -32.04
C PRO A 214 -23.61 2.89 -32.04
N SER A 215 -22.98 2.60 -33.18
CA SER A 215 -22.02 1.50 -33.22
C SER A 215 -20.92 1.69 -32.17
N SER A 216 -20.68 2.94 -31.79
CA SER A 216 -19.64 3.26 -30.81
C SER A 216 -19.99 2.95 -29.35
N TYR A 217 -21.22 2.45 -29.09
CA TYR A 217 -21.64 2.15 -27.72
C TYR A 217 -21.33 0.70 -27.31
N TYR A 218 -21.00 -0.14 -28.30
CA TYR A 218 -20.90 -1.58 -28.09
C TYR A 218 -19.52 -2.06 -27.62
N ASN A 219 -19.08 -1.56 -26.46
CA ASN A 219 -17.78 -1.90 -25.93
C ASN A 219 -17.74 -1.64 -24.43
N VAL A 220 -16.80 -2.28 -23.77
CA VAL A 220 -16.70 -2.16 -22.31
C VAL A 220 -16.49 -0.72 -21.84
N GLU A 221 -15.54 -0.04 -22.47
CA GLU A 221 -15.20 1.34 -22.14
C GLU A 221 -16.45 2.24 -22.13
N TYR A 222 -17.24 2.17 -23.20
CA TYR A 222 -18.45 2.97 -23.27
C TYR A 222 -19.48 2.60 -22.17
N ALA A 223 -19.74 1.30 -22.00
CA ALA A 223 -20.73 0.86 -21.02
C ALA A 223 -20.37 1.31 -19.61
N VAL A 224 -19.10 1.16 -19.24
CA VAL A 224 -18.64 1.58 -17.91
C VAL A 224 -18.83 3.10 -17.76
N GLY A 225 -18.42 3.86 -18.78
CA GLY A 225 -18.55 5.32 -18.75
C GLY A 225 -20.02 5.72 -18.62
N TYR A 226 -20.89 5.00 -19.33
CA TYR A 226 -22.32 5.35 -19.33
C TYR A 226 -22.98 5.14 -17.97
N TRP A 227 -22.73 3.99 -17.35
CA TRP A 227 -23.26 3.71 -16.01
C TRP A 227 -22.80 4.75 -15.02
N ILE A 228 -21.54 5.16 -15.13
CA ILE A 228 -21.03 6.13 -14.16
C ILE A 228 -21.72 7.49 -14.43
N HIS A 229 -21.78 7.88 -15.69
CA HIS A 229 -22.49 9.08 -16.08
C HIS A 229 -23.95 9.08 -15.62
N LYS A 230 -24.60 7.92 -15.63
CA LYS A 230 -26.00 7.87 -15.23
C LYS A 230 -26.18 7.92 -13.71
N GLY A 231 -25.08 7.85 -12.96
CA GLY A 231 -25.12 8.02 -11.51
C GLY A 231 -24.64 6.85 -10.66
N MET A 232 -24.08 5.79 -11.26
CA MET A 232 -23.47 4.74 -10.46
C MET A 232 -22.02 5.12 -10.09
N PRO A 233 -21.71 5.22 -8.78
CA PRO A 233 -20.32 5.53 -8.38
C PRO A 233 -19.36 4.50 -8.98
N SER A 234 -18.18 4.96 -9.39
CA SER A 234 -17.27 4.04 -10.07
C SER A 234 -16.98 2.84 -9.17
N GLU A 235 -16.81 3.05 -7.87
CA GLU A 235 -16.44 1.95 -6.97
C GLU A 235 -17.54 0.90 -6.78
N LYS A 236 -18.77 1.22 -7.18
CA LYS A 236 -19.86 0.23 -7.21
C LYS A 236 -20.00 -0.46 -8.56
N VAL A 237 -19.14 -0.13 -9.53
CA VAL A 237 -19.14 -0.90 -10.79
C VAL A 237 -18.14 -2.06 -10.71
N VAL A 238 -18.64 -3.29 -10.79
CA VAL A 238 -17.74 -4.42 -10.88
C VAL A 238 -17.83 -4.89 -12.33
N MET A 239 -16.72 -4.78 -13.03
CA MET A 239 -16.72 -4.89 -14.49
C MET A 239 -16.63 -6.34 -15.00
N GLY A 240 -17.66 -6.79 -15.70
CA GLY A 240 -17.73 -8.18 -16.15
C GLY A 240 -16.68 -8.47 -17.25
N ILE A 241 -16.07 -9.65 -17.13
CA ILE A 241 -15.12 -10.16 -18.10
C ILE A 241 -15.52 -11.61 -18.38
N PRO A 242 -15.66 -11.96 -19.67
CA PRO A 242 -16.13 -13.30 -20.02
C PRO A 242 -15.01 -14.33 -20.16
N THR A 243 -15.27 -15.58 -19.78
CA THR A 243 -14.28 -16.62 -20.07
C THR A 243 -14.74 -17.45 -21.27
N TYR A 244 -15.65 -16.92 -22.07
CA TYR A 244 -16.12 -17.64 -23.24
C TYR A 244 -16.01 -16.66 -24.41
N GLY A 245 -16.17 -17.16 -25.63
CA GLY A 245 -16.21 -16.27 -26.78
C GLY A 245 -17.43 -16.59 -27.63
N HIS A 246 -17.73 -15.72 -28.60
CA HIS A 246 -18.82 -15.96 -29.52
C HIS A 246 -18.25 -16.27 -30.88
N SER A 247 -18.87 -17.27 -31.52
CA SER A 247 -18.38 -17.82 -32.76
C SER A 247 -19.38 -17.55 -33.87
N PHE A 248 -18.88 -17.48 -35.10
CA PHE A 248 -19.69 -17.26 -36.29
C PHE A 248 -19.21 -18.23 -37.36
N THR A 249 -20.11 -18.64 -38.25
CA THR A 249 -19.70 -19.36 -39.44
C THR A 249 -19.66 -18.29 -40.52
N LEU A 250 -18.53 -18.18 -41.21
CA LEU A 250 -18.35 -17.12 -42.19
C LEU A 250 -19.08 -17.47 -43.46
N ALA A 251 -19.65 -16.44 -44.12
CA ALA A 251 -20.37 -16.64 -45.36
C ALA A 251 -19.48 -16.50 -46.61
N SER A 252 -18.30 -15.92 -46.44
CA SER A 252 -17.41 -15.67 -47.59
C SER A 252 -15.94 -15.81 -47.22
N ALA A 253 -15.07 -15.42 -48.16
CA ALA A 253 -13.62 -15.40 -47.93
C ALA A 253 -13.15 -14.29 -46.95
N GLU A 254 -13.99 -13.30 -46.69
CA GLU A 254 -13.63 -12.20 -45.80
C GLU A 254 -13.58 -12.70 -44.35
N THR A 255 -12.58 -12.26 -43.59
CA THR A 255 -12.35 -12.78 -42.24
C THR A 255 -12.14 -11.68 -41.20
N THR A 256 -12.37 -10.44 -41.61
CA THR A 256 -12.16 -9.29 -40.74
C THR A 256 -13.38 -9.05 -39.82
N VAL A 257 -13.26 -8.21 -38.80
CA VAL A 257 -14.43 -7.77 -38.04
C VAL A 257 -15.44 -7.14 -39.03
N GLY A 258 -16.71 -7.49 -38.91
CA GLY A 258 -17.72 -6.94 -39.82
C GLY A 258 -17.87 -7.74 -41.11
N ALA A 259 -17.19 -8.89 -41.21
CA ALA A 259 -17.38 -9.80 -42.36
C ALA A 259 -18.75 -10.49 -42.30
N PRO A 260 -19.35 -10.77 -43.46
CA PRO A 260 -20.63 -11.51 -43.52
C PRO A 260 -20.58 -12.92 -42.87
N ALA A 261 -21.60 -13.27 -42.08
CA ALA A 261 -21.65 -14.61 -41.46
C ALA A 261 -22.95 -15.31 -41.84
N SER A 262 -22.92 -16.63 -42.02
CA SER A 262 -24.15 -17.35 -42.41
C SER A 262 -24.94 -17.78 -41.17
N GLY A 263 -24.28 -17.77 -40.01
CA GLY A 263 -24.89 -18.22 -38.77
C GLY A 263 -23.90 -18.32 -37.63
N PRO A 264 -24.33 -18.85 -36.49
CA PRO A 264 -23.42 -19.06 -35.37
C PRO A 264 -22.34 -20.07 -35.76
N GLY A 265 -21.22 -20.06 -35.05
CA GLY A 265 -20.15 -21.05 -35.27
C GLY A 265 -20.59 -22.44 -34.82
N ALA A 266 -19.85 -23.46 -35.25
CA ALA A 266 -20.20 -24.83 -34.87
C ALA A 266 -20.14 -24.97 -33.36
N ALA A 267 -21.05 -25.77 -32.79
CA ALA A 267 -21.06 -26.05 -31.35
C ALA A 267 -19.72 -26.65 -30.93
N GLY A 268 -19.29 -26.34 -29.72
CA GLY A 268 -18.07 -26.96 -29.18
C GLY A 268 -18.41 -28.36 -28.66
N PRO A 269 -17.43 -29.25 -28.57
CA PRO A 269 -17.76 -30.64 -28.19
C PRO A 269 -18.20 -30.79 -26.74
N ILE A 270 -17.87 -29.81 -25.89
CA ILE A 270 -18.19 -29.92 -24.48
C ILE A 270 -19.41 -29.07 -24.07
N THR A 271 -19.47 -27.83 -24.55
CA THR A 271 -20.56 -26.92 -24.24
C THR A 271 -21.76 -27.11 -25.18
N GLU A 272 -21.52 -27.69 -26.35
CA GLU A 272 -22.62 -28.18 -27.20
C GLU A 272 -23.67 -27.09 -27.45
N SER A 273 -23.22 -25.86 -27.70
CA SER A 273 -24.15 -24.77 -27.95
C SER A 273 -23.62 -23.88 -29.08
N SER A 274 -24.24 -23.98 -30.25
CA SER A 274 -23.72 -23.27 -31.43
C SER A 274 -23.72 -21.77 -31.17
N GLY A 275 -22.58 -21.11 -31.32
CA GLY A 275 -22.54 -19.67 -31.12
C GLY A 275 -21.62 -19.20 -29.99
N PHE A 276 -21.32 -20.12 -29.06
CA PHE A 276 -20.25 -19.83 -28.07
C PHE A 276 -19.32 -21.00 -27.82
N LEU A 277 -18.17 -20.71 -27.21
CA LEU A 277 -17.18 -21.71 -26.83
C LEU A 277 -16.62 -21.28 -25.49
N ALA A 278 -16.42 -22.22 -24.59
CA ALA A 278 -15.71 -21.93 -23.33
C ALA A 278 -14.20 -21.82 -23.61
N TYR A 279 -13.46 -21.21 -22.70
CA TYR A 279 -12.03 -21.06 -22.91
C TYR A 279 -11.31 -22.43 -23.08
N TYR A 280 -11.71 -23.46 -22.35
CA TYR A 280 -11.07 -24.77 -22.52
C TYR A 280 -11.36 -25.40 -23.88
N GLU A 281 -12.36 -24.87 -24.58
CA GLU A 281 -12.61 -25.23 -25.99
C GLU A 281 -11.85 -24.31 -26.92
N ILE A 282 -11.76 -23.04 -26.54
CA ILE A 282 -11.07 -22.07 -27.40
C ILE A 282 -9.60 -22.44 -27.57
N CYS A 283 -8.94 -22.85 -26.49
CA CYS A 283 -7.52 -23.15 -26.63
C CYS A 283 -7.27 -24.33 -27.60
N GLN A 284 -8.23 -25.26 -27.70
CA GLN A 284 -8.13 -26.31 -28.71
C GLN A 284 -8.39 -25.75 -30.11
N PHE A 285 -9.38 -24.86 -30.23
CA PHE A 285 -9.71 -24.24 -31.54
C PHE A 285 -8.51 -23.46 -32.10
N LEU A 286 -7.73 -22.86 -31.20
CA LEU A 286 -6.62 -22.00 -31.61
C LEU A 286 -5.51 -22.78 -32.28
N LYS A 287 -5.38 -24.06 -31.94
CA LYS A 287 -4.42 -24.91 -32.63
C LYS A 287 -4.76 -25.05 -34.12
N GLY A 288 -3.89 -24.51 -34.96
CA GLY A 288 -4.15 -24.48 -36.39
C GLY A 288 -4.86 -23.23 -36.85
N ALA A 289 -5.16 -22.31 -35.93
CA ALA A 289 -5.96 -21.13 -36.26
C ALA A 289 -5.06 -19.93 -36.55
N LYS A 290 -5.61 -18.91 -37.17
CA LYS A 290 -4.87 -17.64 -37.31
C LYS A 290 -5.43 -16.62 -36.32
N ILE A 291 -4.56 -16.08 -35.46
CA ILE A 291 -4.97 -15.14 -34.43
C ILE A 291 -4.64 -13.71 -34.82
N THR A 292 -5.63 -12.82 -34.72
CA THR A 292 -5.42 -11.39 -34.94
C THR A 292 -5.82 -10.61 -33.69
N ARG A 293 -4.95 -9.71 -33.24
CA ARG A 293 -5.27 -8.80 -32.12
C ARG A 293 -5.72 -7.48 -32.70
N LEU A 294 -6.88 -7.01 -32.29
CA LEU A 294 -7.32 -5.70 -32.72
C LEU A 294 -6.62 -4.64 -31.87
N GLN A 295 -5.88 -3.74 -32.52
CA GLN A 295 -5.12 -2.72 -31.79
C GLN A 295 -6.07 -1.68 -31.25
N ASP A 296 -7.18 -1.45 -31.96
CA ASP A 296 -8.15 -0.49 -31.51
C ASP A 296 -9.06 -1.05 -30.42
N GLN A 297 -9.60 -2.24 -30.65
CA GLN A 297 -10.51 -2.81 -29.65
C GLN A 297 -9.82 -3.49 -28.50
N GLN A 298 -8.55 -3.83 -28.68
CA GLN A 298 -7.71 -4.35 -27.59
C GLN A 298 -8.01 -5.81 -27.25
N VAL A 299 -8.57 -6.54 -28.20
CA VAL A 299 -8.91 -7.95 -27.95
C VAL A 299 -8.60 -8.79 -29.22
N PRO A 300 -8.48 -10.11 -29.05
CA PRO A 300 -8.17 -10.98 -30.17
C PRO A 300 -9.37 -11.66 -30.81
N TYR A 301 -9.26 -11.97 -32.10
CA TYR A 301 -10.16 -12.97 -32.68
C TYR A 301 -9.30 -13.99 -33.43
N ALA A 302 -9.87 -15.15 -33.75
CA ALA A 302 -9.10 -16.19 -34.45
C ALA A 302 -10.00 -16.80 -35.50
N VAL A 303 -9.36 -17.23 -36.59
CA VAL A 303 -10.05 -17.82 -37.73
C VAL A 303 -9.40 -19.16 -38.08
N LYS A 304 -10.24 -20.17 -38.27
CA LYS A 304 -9.76 -21.46 -38.76
C LYS A 304 -10.87 -22.04 -39.64
N GLY A 305 -10.54 -22.29 -40.90
CA GLY A 305 -11.53 -22.74 -41.89
C GLY A 305 -12.59 -21.66 -42.00
N ASN A 306 -13.86 -22.03 -41.93
CA ASN A 306 -14.93 -21.04 -42.01
C ASN A 306 -15.40 -20.54 -40.63
N GLN A 307 -14.62 -20.84 -39.59
CA GLN A 307 -14.99 -20.43 -38.23
C GLN A 307 -14.23 -19.19 -37.75
N TRP A 308 -14.96 -18.25 -37.14
CA TRP A 308 -14.44 -16.98 -36.64
C TRP A 308 -14.87 -16.87 -35.20
N VAL A 309 -13.92 -16.67 -34.28
CA VAL A 309 -14.23 -16.66 -32.87
C VAL A 309 -13.61 -15.43 -32.23
N GLY A 310 -14.46 -14.63 -31.57
CA GLY A 310 -13.94 -13.47 -30.81
C GLY A 310 -13.91 -13.87 -29.36
N TYR A 311 -12.77 -13.71 -28.71
CA TYR A 311 -12.62 -14.25 -27.36
C TYR A 311 -11.66 -13.38 -26.54
N ASP A 312 -11.50 -13.75 -25.26
CA ASP A 312 -10.60 -13.07 -24.37
C ASP A 312 -9.49 -14.02 -23.92
N ASP A 313 -8.28 -13.49 -23.79
CA ASP A 313 -7.14 -14.30 -23.34
C ASP A 313 -6.40 -13.59 -22.19
N VAL A 314 -5.28 -14.17 -21.74
CA VAL A 314 -4.58 -13.57 -20.62
C VAL A 314 -4.23 -12.10 -20.90
N LYS A 315 -3.70 -11.85 -22.09
CA LYS A 315 -3.29 -10.50 -22.46
C LYS A 315 -4.46 -9.50 -22.48
N SER A 316 -5.58 -9.87 -23.08
CA SER A 316 -6.68 -8.92 -23.17
C SER A 316 -7.26 -8.69 -21.78
N MET A 317 -7.27 -9.72 -20.95
CA MET A 317 -7.69 -9.51 -19.56
C MET A 317 -6.76 -8.60 -18.73
N GLU A 318 -5.46 -8.68 -18.93
CA GLU A 318 -4.54 -7.80 -18.23
C GLU A 318 -4.85 -6.35 -18.61
N THR A 319 -5.13 -6.11 -19.88
CA THR A 319 -5.47 -4.77 -20.33
C THR A 319 -6.79 -4.31 -19.70
N LYS A 320 -7.77 -5.22 -19.62
CA LYS A 320 -9.06 -4.88 -19.02
C LYS A 320 -8.88 -4.54 -17.53
N VAL A 321 -7.99 -5.26 -16.85
CA VAL A 321 -7.73 -4.89 -15.45
C VAL A 321 -7.00 -3.54 -15.35
N GLN A 322 -6.11 -3.21 -16.29
CA GLN A 322 -5.44 -1.88 -16.19
C GLN A 322 -6.50 -0.79 -16.33
N PHE A 323 -7.44 -1.02 -17.24
CA PHE A 323 -8.59 -0.12 -17.44
C PHE A 323 -9.43 0.04 -16.18
N LEU A 324 -9.86 -1.06 -15.58
CA LEU A 324 -10.69 -0.97 -14.36
C LEU A 324 -9.99 -0.22 -13.20
N LYS A 325 -8.70 -0.45 -13.02
CA LYS A 325 -7.96 0.28 -12.00
C LYS A 325 -7.91 1.76 -12.33
N ASN A 326 -7.68 2.05 -13.60
CA ASN A 326 -7.53 3.44 -14.01
C ASN A 326 -8.83 4.21 -13.78
N LEU A 327 -9.95 3.51 -13.96
CA LEU A 327 -11.25 4.15 -13.75
C LEU A 327 -11.76 4.03 -12.32
N ASN A 328 -10.93 3.49 -11.44
CA ASN A 328 -11.31 3.32 -10.03
C ASN A 328 -12.62 2.58 -9.86
N LEU A 329 -12.78 1.46 -10.57
CA LEU A 329 -13.95 0.63 -10.45
C LEU A 329 -13.81 -0.24 -9.19
N GLY A 330 -14.87 -0.97 -8.82
CA GLY A 330 -14.83 -1.75 -7.56
C GLY A 330 -14.11 -3.09 -7.71
N GLY A 331 -13.96 -3.53 -8.95
CA GLY A 331 -13.14 -4.71 -9.24
C GLY A 331 -13.58 -5.35 -10.54
N ALA A 332 -13.36 -6.65 -10.66
CA ALA A 332 -13.71 -7.37 -11.88
C ALA A 332 -14.70 -8.45 -11.52
N MET A 333 -15.56 -8.79 -12.47
CA MET A 333 -16.49 -9.92 -12.32
C MET A 333 -16.23 -10.88 -13.46
N ILE A 334 -16.44 -12.17 -13.23
CA ILE A 334 -16.13 -13.17 -14.21
C ILE A 334 -17.41 -13.94 -14.52
N TRP A 335 -17.82 -13.95 -15.79
CA TRP A 335 -18.79 -14.93 -16.24
C TRP A 335 -18.12 -15.93 -17.23
N SER A 336 -17.86 -17.18 -16.83
CA SER A 336 -18.07 -17.71 -15.47
C SER A 336 -16.85 -18.60 -15.19
N ILE A 337 -16.53 -18.85 -13.93
CA ILE A 337 -15.23 -19.46 -13.65
C ILE A 337 -15.24 -20.94 -14.09
N ASP A 338 -16.42 -21.52 -14.21
CA ASP A 338 -16.53 -22.89 -14.73
C ASP A 338 -16.32 -23.01 -16.25
N MET A 339 -16.09 -21.88 -16.91
CA MET A 339 -15.71 -21.93 -18.33
C MET A 339 -14.27 -21.47 -18.55
N ASP A 340 -13.57 -21.11 -17.47
CA ASP A 340 -12.12 -20.99 -17.53
C ASP A 340 -11.62 -22.45 -17.65
N ASP A 341 -10.33 -22.65 -17.94
CA ASP A 341 -9.77 -24.02 -17.85
C ASP A 341 -9.51 -24.33 -16.37
N PHE A 342 -10.58 -24.57 -15.60
CA PHE A 342 -10.44 -24.72 -14.15
C PHE A 342 -9.56 -25.92 -13.73
N THR A 343 -9.56 -27.01 -14.51
CA THR A 343 -8.74 -28.17 -14.15
C THR A 343 -7.31 -28.02 -14.66
N GLY A 344 -7.12 -27.17 -15.66
CA GLY A 344 -5.79 -26.98 -16.29
C GLY A 344 -5.51 -28.06 -17.30
N LYS A 345 -6.48 -28.95 -17.52
CA LYS A 345 -6.23 -30.10 -18.37
C LYS A 345 -6.31 -29.82 -19.87
N SER A 346 -6.77 -28.64 -20.27
CA SER A 346 -6.92 -28.39 -21.71
C SER A 346 -5.89 -27.46 -22.35
N CYS A 347 -5.56 -26.36 -21.67
CA CYS A 347 -4.88 -25.24 -22.32
C CYS A 347 -3.38 -25.13 -22.05
N ASN A 348 -2.85 -26.09 -21.29
CA ASN A 348 -1.42 -26.08 -20.92
C ASN A 348 -1.01 -24.72 -20.36
N GLN A 349 -1.86 -24.15 -19.51
CA GLN A 349 -1.52 -22.88 -18.85
C GLN A 349 -1.76 -22.96 -17.34
N GLY A 350 -1.87 -24.17 -16.80
CA GLY A 350 -2.16 -24.38 -15.37
C GLY A 350 -3.65 -24.19 -15.05
N PRO A 351 -4.05 -24.49 -13.80
CA PRO A 351 -5.46 -24.34 -13.42
C PRO A 351 -5.91 -22.88 -13.43
N TYR A 352 -7.15 -22.62 -13.88
CA TYR A 352 -7.72 -21.25 -13.93
C TYR A 352 -6.77 -20.18 -14.51
N PRO A 353 -6.27 -20.40 -15.75
CA PRO A 353 -5.30 -19.43 -16.26
C PRO A 353 -5.89 -18.04 -16.44
N LEU A 354 -7.14 -17.92 -16.90
CA LEU A 354 -7.73 -16.59 -17.10
C LEU A 354 -8.00 -15.90 -15.76
N VAL A 355 -8.66 -16.61 -14.83
CA VAL A 355 -9.00 -15.98 -13.53
C VAL A 355 -7.73 -15.69 -12.70
N GLN A 356 -6.75 -16.58 -12.74
CA GLN A 356 -5.50 -16.32 -12.06
C GLN A 356 -4.80 -15.09 -12.62
N ALA A 357 -4.88 -14.88 -13.93
CA ALA A 357 -4.25 -13.70 -14.56
C ALA A 357 -4.91 -12.42 -14.06
N VAL A 358 -6.24 -12.45 -13.99
CA VAL A 358 -7.01 -11.33 -13.46
C VAL A 358 -6.63 -11.07 -11.99
N LYS A 359 -6.66 -12.12 -11.17
CA LYS A 359 -6.31 -11.98 -9.76
C LYS A 359 -4.91 -11.38 -9.59
N ARG A 360 -3.96 -11.92 -10.34
CA ARG A 360 -2.59 -11.39 -10.30
C ARG A 360 -2.52 -9.91 -10.68
N SER A 361 -3.19 -9.53 -11.76
CA SER A 361 -3.15 -8.14 -12.21
C SER A 361 -3.81 -7.23 -11.18
N LEU A 362 -4.90 -7.68 -10.58
CA LEU A 362 -5.60 -6.88 -9.57
C LEU A 362 -4.71 -6.59 -8.35
N GLY A 363 -3.82 -7.51 -8.01
CA GLY A 363 -3.01 -7.36 -6.78
C GLY A 363 -1.65 -6.78 -7.02
N SER A 364 -1.25 -6.73 -8.29
CA SER A 364 0.04 -6.18 -8.61
C SER A 364 -0.09 -4.67 -8.68
N ALA B 1 47.85 8.50 29.82
CA ALA B 1 46.89 7.87 28.86
C ALA B 1 45.94 8.91 28.27
N TYR B 2 45.66 8.83 26.96
CA TYR B 2 44.67 9.70 26.37
C TYR B 2 43.29 9.37 26.94
N LYS B 3 42.46 10.40 27.11
CA LYS B 3 41.07 10.19 27.48
C LYS B 3 40.19 9.98 26.26
N LEU B 4 39.11 9.22 26.42
CA LEU B 4 38.05 9.15 25.43
C LEU B 4 36.73 9.42 26.16
N VAL B 5 36.23 10.63 25.94
CA VAL B 5 35.11 11.19 26.71
C VAL B 5 33.86 11.11 25.84
N CYS B 6 32.86 10.40 26.31
CA CYS B 6 31.70 10.09 25.49
C CYS B 6 30.41 10.65 26.06
N TYR B 7 29.85 11.66 25.40
CA TYR B 7 28.54 12.15 25.78
C TYR B 7 27.49 11.19 25.27
N PHE B 8 26.47 10.95 26.08
CA PHE B 8 25.24 10.33 25.58
C PHE B 8 24.05 11.14 26.09
N THR B 9 22.90 10.98 25.46
CA THR B 9 21.80 11.91 25.70
C THR B 9 20.50 11.26 26.18
N ASN B 10 19.77 12.00 27.01
CA ASN B 10 18.51 11.51 27.55
C ASN B 10 17.42 11.33 26.48
N TRP B 11 17.45 12.13 25.41
CA TRP B 11 16.36 12.16 24.44
C TRP B 11 16.44 11.08 23.36
N SER B 12 17.55 10.34 23.30
CA SER B 12 17.66 9.30 22.26
C SER B 12 16.79 8.09 22.56
N GLN B 13 16.32 7.97 23.80
CA GLN B 13 15.46 6.86 24.19
C GLN B 13 14.10 6.91 23.48
N ASP B 14 13.74 8.05 22.89
CA ASP B 14 12.45 8.15 22.21
C ASP B 14 12.48 8.00 20.70
N ARG B 15 13.65 7.71 20.12
CA ARG B 15 13.72 7.41 18.69
C ARG B 15 13.32 5.95 18.40
N GLN B 16 13.04 5.65 17.14
CA GLN B 16 12.80 4.26 16.69
C GLN B 16 14.12 3.62 16.27
N GLU B 17 14.16 2.29 16.16
CA GLU B 17 15.38 1.57 15.75
C GLU B 17 15.83 1.88 14.33
N PRO B 18 17.15 1.85 14.09
CA PRO B 18 18.13 1.48 15.10
C PRO B 18 18.75 2.66 15.80
N GLY B 19 17.90 3.57 16.26
CA GLY B 19 18.38 4.80 16.92
C GLY B 19 17.91 4.86 18.36
N LYS B 20 17.02 3.94 18.72
CA LYS B 20 16.53 3.85 20.08
C LYS B 20 17.66 3.44 21.00
N PHE B 21 18.08 4.34 21.89
CA PHE B 21 19.27 4.13 22.70
C PHE B 21 18.90 4.30 24.16
N THR B 22 19.35 3.38 25.01
CA THR B 22 19.27 3.59 26.45
C THR B 22 20.66 3.35 27.01
N PRO B 23 20.85 3.69 28.29
CA PRO B 23 22.10 3.42 28.99
C PRO B 23 22.51 1.96 28.86
N GLU B 24 21.54 1.06 28.69
CA GLU B 24 21.83 -0.36 28.47
C GLU B 24 22.67 -0.59 27.22
N ASN B 25 22.61 0.34 26.26
CA ASN B 25 23.40 0.19 25.03
C ASN B 25 24.86 0.55 25.20
N ILE B 26 25.22 1.09 26.36
CA ILE B 26 26.57 1.57 26.61
C ILE B 26 27.52 0.41 26.88
N ASP B 27 28.65 0.39 26.20
CA ASP B 27 29.68 -0.60 26.47
C ASP B 27 30.65 0.06 27.45
N PRO B 28 30.85 -0.56 28.63
CA PRO B 28 31.61 -0.01 29.76
C PRO B 28 33.12 0.15 29.51
N PHE B 29 33.65 -0.54 28.50
CA PHE B 29 35.07 -0.40 28.15
C PHE B 29 35.32 0.44 26.89
N LEU B 30 34.25 0.96 26.30
CA LEU B 30 34.37 1.74 25.06
C LEU B 30 35.12 3.04 25.33
N CYS B 31 34.69 3.78 26.33
CA CYS B 31 35.26 5.09 26.64
C CYS B 31 35.91 5.12 28.01
N SER B 32 36.70 6.15 28.28
CA SER B 32 37.26 6.32 29.63
C SER B 32 36.33 7.12 30.54
N HIS B 33 35.57 8.05 29.96
CA HIS B 33 34.60 8.87 30.70
C HIS B 33 33.31 8.86 29.90
N LEU B 34 32.17 8.72 30.58
CA LEU B 34 30.86 8.91 29.97
C LEU B 34 30.22 10.15 30.55
N ILE B 35 29.42 10.85 29.75
CA ILE B 35 28.79 12.07 30.25
C ILE B 35 27.30 12.06 29.91
N TYR B 36 26.45 12.08 30.92
CA TYR B 36 25.00 12.11 30.71
C TYR B 36 24.51 13.52 30.41
N SER B 37 23.73 13.66 29.34
CA SER B 37 23.19 14.96 28.90
C SER B 37 21.66 14.94 28.81
N PHE B 38 20.95 15.85 29.49
CA PHE B 38 21.51 16.89 30.36
C PHE B 38 20.67 16.89 31.64
N ALA B 39 21.27 17.25 32.76
CA ALA B 39 20.52 17.49 34.00
C ALA B 39 19.95 18.90 33.92
N SER B 40 18.99 19.20 34.78
CA SER B 40 18.43 20.55 34.82
C SER B 40 18.55 21.15 36.23
N ILE B 41 18.04 22.37 36.39
CA ILE B 41 18.08 23.07 37.67
C ILE B 41 16.67 23.53 38.00
N GLU B 42 16.21 23.17 39.19
CA GLU B 42 14.88 23.52 39.62
C GLU B 42 14.96 24.00 41.07
N ASN B 43 14.43 25.20 41.35
CA ASN B 43 14.52 25.76 42.70
C ASN B 43 15.97 25.75 43.20
N ASN B 44 16.89 26.08 42.29
CA ASN B 44 18.34 26.19 42.54
C ASN B 44 19.00 24.87 42.91
N LYS B 45 18.32 23.74 42.71
CA LYS B 45 18.94 22.44 42.96
C LYS B 45 19.02 21.60 41.69
N VAL B 46 20.05 20.76 41.57
CA VAL B 46 20.23 19.96 40.35
C VAL B 46 19.12 18.91 40.28
N ILE B 47 18.51 18.73 39.12
CA ILE B 47 17.56 17.62 38.90
C ILE B 47 17.81 16.92 37.56
N ILE B 48 17.44 15.66 37.50
CA ILE B 48 17.47 14.93 36.25
C ILE B 48 16.02 14.70 35.87
N LYS B 49 15.56 15.21 34.73
CA LYS B 49 14.19 14.87 34.31
C LYS B 49 14.23 13.88 33.16
N ASP B 50 13.93 12.63 33.49
CA ASP B 50 14.14 11.53 32.59
C ASP B 50 13.11 10.52 32.98
N LYS B 51 12.35 10.02 32.02
CA LYS B 51 11.30 9.07 32.37
C LYS B 51 11.87 7.71 32.76
N SER B 52 13.16 7.50 32.51
CA SER B 52 13.80 6.25 32.90
C SER B 52 14.90 6.52 33.93
N GLU B 53 14.65 7.50 34.80
CA GLU B 53 15.63 7.89 35.81
C GLU B 53 16.05 6.71 36.67
N VAL B 54 15.08 5.87 37.04
CA VAL B 54 15.39 4.71 37.87
C VAL B 54 16.37 3.77 37.17
N MET B 55 16.15 3.53 35.88
CA MET B 55 17.03 2.65 35.11
C MET B 55 18.42 3.27 34.94
N LEU B 56 18.48 4.58 34.72
CA LEU B 56 19.75 5.26 34.58
C LEU B 56 20.69 4.98 35.76
N TYR B 57 20.16 5.10 36.98
CA TYR B 57 20.98 4.90 38.18
C TYR B 57 21.51 3.47 38.31
N GLN B 58 20.65 2.50 37.98
CA GLN B 58 21.03 1.10 38.06
C GLN B 58 22.09 0.77 37.02
N THR B 59 21.94 1.34 35.82
CA THR B 59 22.90 1.12 34.75
C THR B 59 24.23 1.78 35.08
N ILE B 60 24.17 2.99 35.63
CA ILE B 60 25.40 3.63 36.10
C ILE B 60 26.18 2.72 37.07
N ASN B 61 25.52 2.17 38.07
CA ASN B 61 26.18 1.31 39.05
C ASN B 61 26.68 0.04 38.41
N SER B 62 25.86 -0.51 37.53
CA SER B 62 26.22 -1.71 36.80
C SER B 62 27.47 -1.50 35.92
N LEU B 63 27.48 -0.40 35.16
CA LEU B 63 28.62 -0.07 34.30
C LEU B 63 29.92 0.09 35.10
N LYS B 64 29.81 0.74 36.26
CA LYS B 64 30.99 1.03 37.08
C LYS B 64 31.48 -0.19 37.85
N THR B 65 30.59 -1.15 38.10
CA THR B 65 31.00 -2.41 38.75
C THR B 65 31.80 -3.22 37.75
N LYS B 66 31.29 -3.27 36.52
CA LYS B 66 31.92 -3.97 35.42
C LYS B 66 33.29 -3.40 35.07
N ASN B 67 33.39 -2.08 35.03
CA ASN B 67 34.66 -1.43 34.80
C ASN B 67 34.97 -0.42 35.89
N PRO B 68 35.76 -0.84 36.89
CA PRO B 68 35.99 0.02 38.05
C PRO B 68 36.84 1.26 37.76
N LYS B 69 37.43 1.36 36.56
CA LYS B 69 38.16 2.57 36.21
C LYS B 69 37.30 3.57 35.46
N LEU B 70 36.10 3.16 35.06
CA LEU B 70 35.23 4.03 34.25
C LEU B 70 34.77 5.24 35.06
N LYS B 71 34.80 6.41 34.44
CA LYS B 71 34.26 7.62 35.06
C LYS B 71 32.95 8.04 34.41
N ILE B 72 31.96 8.40 35.24
CA ILE B 72 30.69 8.85 34.70
C ILE B 72 30.33 10.20 35.33
N LEU B 73 30.25 11.21 34.48
CA LEU B 73 29.96 12.58 34.87
C LEU B 73 28.54 12.95 34.48
N LEU B 74 27.98 13.95 35.15
CA LEU B 74 26.68 14.49 34.79
C LEU B 74 26.88 15.86 34.14
N SER B 75 26.22 16.11 33.00
CA SER B 75 26.37 17.41 32.33
C SER B 75 25.14 18.28 32.56
N ILE B 76 25.36 19.57 32.76
CA ILE B 76 24.27 20.57 32.83
C ILE B 76 24.56 21.61 31.77
N GLY B 77 23.56 21.96 30.98
CA GLY B 77 23.76 22.96 29.95
C GLY B 77 23.28 22.51 28.59
N GLY B 78 24.10 22.75 27.57
CA GLY B 78 23.71 22.43 26.20
C GLY B 78 22.92 23.56 25.53
N TYR B 79 22.64 23.39 24.24
CA TYR B 79 22.05 24.48 23.42
C TYR B 79 20.68 24.98 23.86
N LEU B 80 19.74 24.06 24.05
CA LEU B 80 18.39 24.47 24.41
C LEU B 80 18.32 25.05 25.83
N PHE B 81 19.14 24.53 26.75
CA PHE B 81 19.19 25.07 28.12
C PHE B 81 19.56 26.55 28.05
N GLY B 82 20.56 26.86 27.22
CA GLY B 82 20.94 28.27 26.96
C GLY B 82 21.54 28.92 28.20
N SER B 83 21.53 30.24 28.24
CA SER B 83 21.92 30.97 29.47
C SER B 83 20.77 31.00 30.46
N LYS B 84 19.54 31.02 29.95
CA LYS B 84 18.34 31.15 30.79
C LYS B 84 18.26 30.10 31.90
N GLY B 85 18.60 28.86 31.58
CA GLY B 85 18.46 27.79 32.56
C GLY B 85 19.35 27.98 33.79
N PHE B 86 20.39 28.83 33.66
CA PHE B 86 21.30 29.12 34.76
C PHE B 86 20.80 30.24 35.71
N HIS B 87 19.69 30.88 35.35
CA HIS B 87 19.08 31.91 36.18
C HIS B 87 17.78 31.37 36.74
N PRO B 88 17.48 31.64 38.03
CA PRO B 88 18.15 32.56 38.95
C PRO B 88 19.30 31.95 39.79
N MET B 89 19.77 30.76 39.46
CA MET B 89 20.75 30.09 40.32
C MET B 89 22.05 30.90 40.47
N VAL B 90 22.57 31.45 39.37
CA VAL B 90 23.84 32.14 39.45
C VAL B 90 23.73 33.55 40.03
N ASP B 91 22.52 34.01 40.32
CA ASP B 91 22.25 35.44 40.60
C ASP B 91 22.88 35.98 41.89
N SER B 92 23.18 35.09 42.82
CA SER B 92 23.79 35.48 44.10
C SER B 92 24.61 34.35 44.69
N SER B 93 25.47 34.68 45.64
CA SER B 93 26.28 33.64 46.27
C SER B 93 25.43 32.67 47.07
N THR B 94 24.29 33.13 47.60
CA THR B 94 23.46 32.21 48.39
C THR B 94 22.76 31.19 47.48
N SER B 95 22.23 31.64 46.36
CA SER B 95 21.65 30.68 45.44
C SER B 95 22.71 29.74 44.80
N ARG B 96 23.89 30.25 44.47
CA ARG B 96 24.96 29.37 43.99
C ARG B 96 25.40 28.33 45.05
N LEU B 97 25.48 28.75 46.31
CA LEU B 97 25.82 27.84 47.39
C LEU B 97 24.77 26.73 47.50
N GLU B 98 23.51 27.11 47.50
CA GLU B 98 22.44 26.11 47.44
C GLU B 98 22.69 25.10 46.32
N PHE B 99 22.91 25.61 45.11
CA PHE B 99 23.10 24.75 43.96
C PHE B 99 24.30 23.83 44.16
N ILE B 100 25.43 24.42 44.55
CA ILE B 100 26.67 23.67 44.70
C ILE B 100 26.57 22.57 45.78
N ASN B 101 25.97 22.90 46.93
CA ASN B 101 25.72 21.89 47.95
C ASN B 101 24.89 20.75 47.40
N SER B 102 23.82 21.08 46.68
CA SER B 102 22.93 20.07 46.10
C SER B 102 23.68 19.19 45.09
N ILE B 103 24.64 19.79 44.39
CA ILE B 103 25.42 19.10 43.37
C ILE B 103 26.32 18.03 43.99
N ILE B 104 27.08 18.42 45.00
CA ILE B 104 27.98 17.49 45.64
C ILE B 104 27.19 16.31 46.22
N LEU B 105 26.06 16.61 46.83
CA LEU B 105 25.16 15.58 47.39
C LEU B 105 24.68 14.61 46.34
N PHE B 106 24.15 15.15 45.25
CA PHE B 106 23.52 14.38 44.19
C PHE B 106 24.55 13.46 43.50
N LEU B 107 25.73 14.01 43.16
CA LEU B 107 26.78 13.24 42.49
C LEU B 107 27.25 12.06 43.36
N ARG B 108 27.53 12.31 44.63
CA ARG B 108 27.94 11.25 45.56
C ARG B 108 26.84 10.20 45.71
N ASN B 109 25.60 10.65 45.86
CA ASN B 109 24.46 9.76 46.09
C ASN B 109 24.12 8.88 44.89
N HIS B 110 24.49 9.32 43.68
CA HIS B 110 24.13 8.55 42.50
C HIS B 110 25.35 8.03 41.76
N ASN B 111 26.48 7.97 42.47
CA ASN B 111 27.69 7.34 41.95
C ASN B 111 28.27 8.03 40.71
N PHE B 112 28.14 9.36 40.64
CA PHE B 112 28.73 10.14 39.57
C PHE B 112 30.13 10.58 40.00
N ASP B 113 31.03 10.77 39.04
CA ASP B 113 32.43 11.06 39.36
C ASP B 113 32.76 12.53 39.19
N GLY B 114 31.82 13.29 38.66
CA GLY B 114 32.01 14.72 38.49
C GLY B 114 30.92 15.41 37.70
N LEU B 115 31.13 16.69 37.44
CA LEU B 115 30.17 17.53 36.78
C LEU B 115 30.76 18.17 35.52
N ASP B 116 29.99 18.17 34.44
CA ASP B 116 30.34 18.89 33.23
C ASP B 116 29.37 20.09 33.13
N VAL B 117 29.91 21.29 33.03
CA VAL B 117 29.07 22.47 32.90
C VAL B 117 29.19 22.99 31.47
N SER B 118 28.26 22.60 30.59
CA SER B 118 28.35 23.04 29.20
C SER B 118 27.41 24.20 28.92
N TRP B 119 27.81 25.39 29.36
CA TRP B 119 27.00 26.59 29.27
C TRP B 119 27.10 27.14 27.85
N ILE B 120 25.99 27.10 27.12
CA ILE B 120 25.97 27.52 25.71
C ILE B 120 25.09 28.77 25.55
N TYR B 121 25.66 29.99 25.58
CA TYR B 121 27.08 30.29 25.94
C TYR B 121 27.08 31.46 26.93
N PRO B 122 28.17 31.60 27.70
CA PRO B 122 28.21 32.76 28.59
C PRO B 122 28.15 34.07 27.79
N ASP B 123 28.92 34.13 26.69
CA ASP B 123 28.98 35.31 25.82
C ASP B 123 29.47 36.48 26.64
N GLN B 124 29.42 37.69 26.10
CA GLN B 124 29.98 38.84 26.81
C GLN B 124 29.20 39.13 28.09
N LYS B 125 27.88 39.06 28.03
CA LYS B 125 27.06 39.39 29.20
C LYS B 125 27.35 38.52 30.44
N GLU B 126 27.57 37.23 30.24
CA GLU B 126 27.71 36.32 31.39
C GLU B 126 29.06 35.62 31.51
N ASN B 127 30.02 36.12 30.76
CA ASN B 127 31.40 35.66 30.82
C ASN B 127 31.86 35.47 32.26
N THR B 128 31.68 36.53 33.03
CA THR B 128 32.12 36.68 34.37
C THR B 128 31.30 35.78 35.33
N HIS B 129 30.03 35.53 35.00
CA HIS B 129 29.17 34.66 35.81
C HIS B 129 29.63 33.21 35.67
N PHE B 130 30.02 32.84 34.46
CA PHE B 130 30.54 31.50 34.20
C PHE B 130 31.83 31.28 34.98
N THR B 131 32.73 32.26 34.95
CA THR B 131 33.99 32.15 35.67
C THR B 131 33.77 31.86 37.16
N VAL B 132 32.92 32.67 37.78
CA VAL B 132 32.61 32.53 39.20
C VAL B 132 31.95 31.20 39.52
N LEU B 133 31.00 30.77 38.72
CA LEU B 133 30.36 29.48 38.98
C LEU B 133 31.40 28.35 38.97
N ILE B 134 32.22 28.33 37.93
CA ILE B 134 33.28 27.33 37.79
C ILE B 134 34.21 27.42 39.00
N HIS B 135 34.64 28.64 39.35
CA HIS B 135 35.59 28.82 40.44
C HIS B 135 35.01 28.28 41.76
N GLU B 136 33.75 28.62 42.04
CA GLU B 136 33.07 28.15 43.26
C GLU B 136 32.83 26.63 43.30
N LEU B 137 32.48 26.05 42.16
CA LEU B 137 32.42 24.61 42.07
C LEU B 137 33.78 23.98 42.37
N ALA B 138 34.84 24.46 41.72
CA ALA B 138 36.17 23.88 41.90
C ALA B 138 36.61 23.93 43.38
N GLU B 139 36.38 25.07 44.03
CA GLU B 139 36.71 25.24 45.45
C GLU B 139 35.94 24.24 46.32
N ALA B 140 34.63 24.16 46.12
CA ALA B 140 33.79 23.21 46.86
C ALA B 140 34.16 21.75 46.61
N PHE B 141 34.45 21.39 45.36
CA PHE B 141 34.90 20.01 45.09
C PHE B 141 36.20 19.68 45.83
N GLN B 142 37.12 20.64 45.83
CA GLN B 142 38.40 20.45 46.51
C GLN B 142 38.18 20.31 48.01
N LYS B 143 37.32 21.15 48.57
CA LYS B 143 37.02 21.09 50.00
C LYS B 143 36.34 19.77 50.39
N ASP B 144 35.39 19.31 49.58
CA ASP B 144 34.72 18.03 49.82
C ASP B 144 35.70 16.87 49.78
N PHE B 145 36.69 16.99 48.89
CA PHE B 145 37.78 16.02 48.82
C PHE B 145 38.53 15.88 50.15
N THR B 146 39.02 17.01 50.68
CA THR B 146 39.77 16.99 51.93
C THR B 146 38.99 16.35 53.09
N LYS B 147 37.66 16.42 53.03
CA LYS B 147 36.83 15.89 54.13
C LYS B 147 36.23 14.54 53.78
N SER B 148 36.72 13.93 52.72
CA SER B 148 36.12 12.72 52.19
C SER B 148 37.18 11.65 52.00
N THR B 149 36.76 10.39 51.98
CA THR B 149 37.69 9.29 51.74
C THR B 149 37.79 9.03 50.24
N LYS B 150 36.87 9.64 49.48
CA LYS B 150 36.75 9.35 48.07
C LYS B 150 37.60 10.25 47.19
N GLU B 151 37.69 9.87 45.92
CA GLU B 151 38.37 10.69 44.92
C GLU B 151 37.65 12.02 44.73
N ARG B 152 38.43 13.06 44.49
CA ARG B 152 37.86 14.38 44.24
C ARG B 152 36.92 14.34 43.03
N LEU B 153 35.75 14.94 43.17
CA LEU B 153 34.83 15.08 42.04
C LEU B 153 35.50 15.87 40.92
N LEU B 154 35.37 15.41 39.67
CA LEU B 154 35.93 16.14 38.53
C LEU B 154 35.02 17.30 38.11
N LEU B 155 35.63 18.35 37.56
CA LEU B 155 34.91 19.49 36.98
C LEU B 155 35.42 19.69 35.56
N THR B 156 34.51 19.56 34.59
CA THR B 156 34.79 19.79 33.16
C THR B 156 33.79 20.78 32.56
N ALA B 157 34.04 21.26 31.34
CA ALA B 157 33.11 22.17 30.66
C ALA B 157 33.18 21.91 29.16
N GLY B 158 32.03 21.77 28.53
CA GLY B 158 31.93 21.84 27.06
C GLY B 158 32.00 23.31 26.68
N VAL B 159 32.94 23.66 25.82
CA VAL B 159 33.22 25.07 25.52
C VAL B 159 33.21 25.33 24.01
N SER B 160 32.84 26.53 23.61
CA SER B 160 32.81 26.90 22.19
C SER B 160 34.19 26.72 21.53
N ALA B 161 34.18 26.27 20.27
CA ALA B 161 35.38 26.24 19.43
C ALA B 161 35.48 27.42 18.46
N GLY B 162 34.56 28.38 18.55
CA GLY B 162 34.54 29.55 17.63
C GLY B 162 35.24 30.74 18.23
N ARG B 163 36.24 31.28 17.55
CA ARG B 163 37.10 32.31 18.14
C ARG B 163 36.37 33.49 18.77
N GLN B 164 35.36 34.00 18.06
CA GLN B 164 34.63 35.16 18.51
C GLN B 164 33.86 34.85 19.81
N MET B 165 33.17 33.72 19.85
CA MET B 165 32.46 33.34 21.06
C MET B 165 33.41 33.02 22.22
N ILE B 166 34.58 32.48 21.89
CA ILE B 166 35.62 32.20 22.90
C ILE B 166 36.09 33.52 23.54
N ASP B 167 36.46 34.48 22.70
CA ASP B 167 36.83 35.81 23.19
C ASP B 167 35.71 36.44 24.03
N ASN B 168 34.48 36.26 23.59
CA ASN B 168 33.34 36.85 24.31
C ASN B 168 33.12 36.20 25.68
N SER B 169 33.29 34.88 25.75
CA SER B 169 32.74 34.09 26.85
C SER B 169 33.72 33.71 27.97
N TYR B 170 35.01 33.53 27.64
CA TYR B 170 35.89 32.76 28.53
C TYR B 170 37.08 33.52 29.06
N GLN B 171 37.26 33.47 30.38
CA GLN B 171 38.52 33.92 30.97
C GLN B 171 39.40 32.67 31.07
N VAL B 172 40.16 32.39 29.99
CA VAL B 172 40.79 31.08 29.82
C VAL B 172 41.83 30.75 30.90
N GLU B 173 42.68 31.70 31.23
CA GLU B 173 43.68 31.45 32.25
C GLU B 173 43.04 31.10 33.59
N LYS B 174 41.98 31.81 33.95
CA LYS B 174 41.31 31.53 35.23
C LYS B 174 40.61 30.18 35.17
N LEU B 175 39.86 29.93 34.08
CA LEU B 175 39.21 28.64 33.87
C LEU B 175 40.18 27.45 33.96
N ALA B 176 41.35 27.59 33.34
CA ALA B 176 42.34 26.50 33.26
C ALA B 176 42.83 26.02 34.63
N LYS B 177 42.89 26.93 35.60
CA LYS B 177 43.23 26.55 36.95
C LYS B 177 42.15 25.70 37.62
N ASP B 178 40.90 25.94 37.26
CA ASP B 178 39.77 25.34 37.97
C ASP B 178 39.22 24.06 37.35
N LEU B 179 39.42 23.90 36.05
CA LEU B 179 38.84 22.78 35.34
C LEU B 179 39.83 21.65 35.25
N ASP B 180 39.37 20.42 35.50
CA ASP B 180 40.20 19.27 35.19
C ASP B 180 40.52 19.18 33.69
N PHE B 181 39.52 19.45 32.85
CA PHE B 181 39.75 19.56 31.42
C PHE B 181 38.57 20.22 30.71
N ILE B 182 38.79 20.67 29.48
CA ILE B 182 37.66 21.15 28.67
C ILE B 182 37.28 20.10 27.66
N ASN B 183 35.98 20.04 27.40
CA ASN B 183 35.46 19.30 26.27
C ASN B 183 35.23 20.30 25.12
N LEU B 184 36.22 20.41 24.24
CA LEU B 184 36.19 21.40 23.16
C LEU B 184 35.13 21.02 22.13
N LEU B 185 34.13 21.88 21.92
CA LEU B 185 33.03 21.53 21.03
C LEU B 185 33.40 21.84 19.58
N SER B 186 34.40 21.11 19.09
CA SER B 186 34.97 21.37 17.77
C SER B 186 34.13 20.77 16.62
N PHE B 187 32.93 21.28 16.48
CA PHE B 187 31.99 20.92 15.42
C PHE B 187 30.98 22.06 15.35
N ASP B 188 29.93 21.92 14.54
CA ASP B 188 29.01 23.03 14.25
C ASP B 188 29.78 24.25 13.75
N PHE B 189 30.86 24.00 13.03
CA PHE B 189 31.61 25.13 12.43
C PHE B 189 30.84 25.72 11.27
N HIS B 190 30.04 24.88 10.62
CA HIS B 190 29.17 25.36 9.56
C HIS B 190 27.85 24.63 9.67
N GLY B 191 26.79 25.26 9.17
CA GLY B 191 25.44 24.67 9.24
C GLY B 191 24.43 25.62 8.60
N SER B 192 23.19 25.17 8.47
CA SER B 192 22.17 25.92 7.75
C SER B 192 21.72 27.26 8.38
N TRP B 193 22.29 27.61 9.54
CA TRP B 193 21.98 28.87 10.20
C TRP B 193 22.80 30.02 9.58
N GLU B 194 23.80 29.70 8.78
CA GLU B 194 24.71 30.75 8.30
C GLU B 194 24.09 31.69 7.28
N LYS B 195 24.62 32.91 7.22
CA LYS B 195 24.28 33.83 6.14
C LYS B 195 25.59 34.38 5.57
N PRO B 196 25.76 34.30 4.24
CA PRO B 196 24.78 33.73 3.31
C PRO B 196 24.69 32.23 3.52
N LEU B 197 23.60 31.64 3.05
CA LEU B 197 23.36 30.22 3.28
C LEU B 197 24.05 29.42 2.18
N ILE B 198 25.23 28.91 2.48
CA ILE B 198 26.02 28.13 1.53
C ILE B 198 26.50 26.86 2.21
N THR B 199 26.83 25.83 1.43
CA THR B 199 27.30 24.60 2.05
C THR B 199 28.64 24.81 2.78
N GLY B 200 28.82 24.08 3.88
CA GLY B 200 30.06 24.10 4.66
C GLY B 200 30.09 22.84 5.51
N HIS B 201 31.29 22.36 5.86
CA HIS B 201 31.42 21.13 6.64
C HIS B 201 31.25 21.38 8.13
N ASN B 202 30.47 20.52 8.76
CA ASN B 202 30.27 20.51 10.19
C ASN B 202 31.58 20.59 11.00
N SER B 203 32.60 19.85 10.59
CA SER B 203 33.77 19.74 11.42
C SER B 203 35.05 19.50 10.62
N PRO B 204 35.47 20.53 9.86
CA PRO B 204 36.68 20.37 9.05
C PRO B 204 37.87 20.40 9.97
N LEU B 205 38.83 19.50 9.78
CA LEU B 205 40.06 19.52 10.56
C LEU B 205 40.82 20.81 10.32
N SER B 206 40.91 21.20 9.04
CA SER B 206 41.78 22.31 8.67
C SER B 206 41.07 23.38 7.86
N LYS B 207 41.74 24.52 7.72
CA LYS B 207 41.24 25.65 6.97
C LYS B 207 40.96 25.24 5.52
N GLY B 208 39.83 25.67 4.98
CA GLY B 208 39.56 25.47 3.56
C GLY B 208 40.35 26.48 2.73
N TRP B 209 40.77 26.08 1.54
CA TRP B 209 41.58 26.97 0.72
C TRP B 209 40.88 28.30 0.44
N GLN B 210 39.55 28.30 0.43
CA GLN B 210 38.85 29.56 0.22
C GLN B 210 38.64 30.38 1.50
N ASP B 211 38.95 29.80 2.66
CA ASP B 211 38.69 30.48 3.92
C ASP B 211 39.67 31.62 4.10
N ARG B 212 39.14 32.83 4.25
CA ARG B 212 39.93 34.03 4.34
C ARG B 212 39.38 34.82 5.53
N GLY B 213 40.26 35.46 6.30
CA GLY B 213 39.84 36.31 7.42
C GLY B 213 39.18 35.55 8.56
N PRO B 214 37.98 35.99 8.97
CA PRO B 214 37.29 35.31 10.08
C PRO B 214 36.87 33.85 9.79
N SER B 215 36.52 33.54 8.54
CA SER B 215 36.14 32.17 8.22
C SER B 215 37.36 31.27 8.37
N SER B 216 38.57 31.86 8.39
CA SER B 216 39.77 31.07 8.54
C SER B 216 39.83 30.43 9.95
N TYR B 217 38.96 30.91 10.85
CA TYR B 217 38.91 30.42 12.22
C TYR B 217 38.06 29.18 12.36
N TYR B 218 37.24 28.86 11.35
CA TYR B 218 36.21 27.83 11.52
C TYR B 218 36.70 26.43 11.17
N ASN B 219 37.67 25.95 11.95
CA ASN B 219 38.17 24.58 11.77
C ASN B 219 38.77 24.08 13.08
N VAL B 220 38.87 22.75 13.23
CA VAL B 220 39.32 22.13 14.49
C VAL B 220 40.73 22.61 14.87
N GLU B 221 41.63 22.57 13.90
CA GLU B 221 43.02 22.98 14.08
C GLU B 221 43.13 24.40 14.65
N TYR B 222 42.39 25.36 14.10
CA TYR B 222 42.49 26.71 14.62
C TYR B 222 41.95 26.79 16.04
N ALA B 223 40.84 26.09 16.30
CA ALA B 223 40.20 26.19 17.60
C ALA B 223 41.12 25.62 18.68
N VAL B 224 41.69 24.46 18.39
CA VAL B 224 42.64 23.87 19.31
C VAL B 224 43.80 24.84 19.59
N GLY B 225 44.36 25.39 18.52
CA GLY B 225 45.52 26.31 18.63
C GLY B 225 45.16 27.53 19.46
N TYR B 226 43.95 28.03 19.28
CA TYR B 226 43.51 29.25 19.96
C TYR B 226 43.30 29.05 21.48
N TRP B 227 42.63 27.97 21.86
CA TRP B 227 42.52 27.60 23.28
C TRP B 227 43.89 27.51 23.95
N ILE B 228 44.84 26.86 23.28
CA ILE B 228 46.18 26.73 23.86
C ILE B 228 46.86 28.08 23.97
N HIS B 229 46.79 28.85 22.89
CA HIS B 229 47.30 30.21 22.86
C HIS B 229 46.74 31.05 24.01
N LYS B 230 45.47 30.88 24.32
CA LYS B 230 44.84 31.67 25.38
C LYS B 230 45.19 31.18 26.79
N GLY B 231 45.91 30.06 26.89
CA GLY B 231 46.37 29.59 28.19
C GLY B 231 45.88 28.23 28.67
N MET B 232 45.10 27.51 27.87
CA MET B 232 44.71 26.13 28.29
C MET B 232 45.87 25.16 28.00
N PRO B 233 46.38 24.45 29.03
CA PRO B 233 47.44 23.49 28.76
C PRO B 233 46.91 22.50 27.72
N SER B 234 47.76 22.06 26.80
CA SER B 234 47.31 21.18 25.72
C SER B 234 46.72 19.90 26.28
N GLU B 235 47.30 19.39 27.36
CA GLU B 235 46.80 18.16 27.98
C GLU B 235 45.40 18.27 28.61
N LYS B 236 44.90 19.50 28.84
CA LYS B 236 43.52 19.69 29.32
C LYS B 236 42.54 19.95 28.18
N VAL B 237 43.04 19.96 26.95
CA VAL B 237 42.15 20.03 25.80
C VAL B 237 41.72 18.64 25.34
N VAL B 238 40.44 18.33 25.50
CA VAL B 238 39.90 17.07 24.99
C VAL B 238 39.09 17.45 23.76
N MET B 239 39.57 17.02 22.57
CA MET B 239 39.09 17.54 21.31
C MET B 239 37.82 16.84 20.83
N GLY B 240 36.76 17.59 20.64
CA GLY B 240 35.47 17.06 20.25
C GLY B 240 35.44 16.52 18.82
N ILE B 241 34.75 15.40 18.63
CA ILE B 241 34.56 14.81 17.32
C ILE B 241 33.08 14.45 17.20
N PRO B 242 32.42 14.83 16.10
CA PRO B 242 30.99 14.58 16.01
C PRO B 242 30.69 13.24 15.35
N THR B 243 29.61 12.59 15.77
CA THR B 243 29.16 11.42 15.03
C THR B 243 27.99 11.76 14.12
N TYR B 244 27.63 13.04 14.03
CA TYR B 244 26.55 13.46 13.14
C TYR B 244 27.16 14.33 12.04
N GLY B 245 26.37 14.66 11.02
CA GLY B 245 26.83 15.61 10.02
C GLY B 245 25.74 16.67 9.85
N HIS B 246 26.08 17.80 9.23
CA HIS B 246 25.10 18.80 8.84
C HIS B 246 24.74 18.72 7.36
N SER B 247 23.46 18.87 7.06
CA SER B 247 22.97 18.70 5.70
C SER B 247 22.39 20.00 5.16
N PHE B 248 22.39 20.15 3.83
CA PHE B 248 21.87 21.31 3.15
C PHE B 248 21.05 20.82 1.96
N THR B 249 19.99 21.56 1.62
CA THR B 249 19.34 21.40 0.32
C THR B 249 19.97 22.41 -0.65
N LEU B 250 20.49 21.93 -1.78
CA LEU B 250 21.17 22.78 -2.75
C LEU B 250 20.17 23.63 -3.52
N ALA B 251 20.53 24.88 -3.82
CA ALA B 251 19.63 25.76 -4.55
C ALA B 251 19.98 25.88 -6.04
N SER B 252 21.02 25.20 -6.49
CA SER B 252 21.44 25.26 -7.89
C SER B 252 22.17 23.97 -8.26
N ALA B 253 22.73 23.90 -9.47
CA ALA B 253 23.50 22.75 -9.91
C ALA B 253 24.90 22.66 -9.25
N GLU B 254 25.34 23.71 -8.57
CA GLU B 254 26.65 23.65 -7.92
C GLU B 254 26.61 22.74 -6.71
N THR B 255 27.66 21.94 -6.53
CA THR B 255 27.66 20.95 -5.46
C THR B 255 28.93 21.01 -4.60
N THR B 256 29.77 22.03 -4.81
CA THR B 256 31.01 22.16 -4.06
C THR B 256 30.80 22.74 -2.64
N VAL B 257 31.84 22.77 -1.82
CA VAL B 257 31.81 23.55 -0.58
C VAL B 257 31.53 25.00 -0.96
N GLY B 258 30.62 25.65 -0.25
CA GLY B 258 30.36 27.08 -0.51
C GLY B 258 29.33 27.29 -1.59
N ALA B 259 28.66 26.19 -1.99
CA ALA B 259 27.61 26.27 -3.01
C ALA B 259 26.34 26.83 -2.39
N PRO B 260 25.54 27.56 -3.20
CA PRO B 260 24.30 28.11 -2.69
C PRO B 260 23.37 27.01 -2.19
N ALA B 261 22.75 27.26 -1.04
CA ALA B 261 21.81 26.31 -0.46
C ALA B 261 20.50 27.03 -0.17
N SER B 262 19.38 26.34 -0.34
CA SER B 262 18.10 26.95 -0.05
C SER B 262 17.70 26.78 1.42
N GLY B 263 18.38 25.89 2.14
CA GLY B 263 18.10 25.66 3.57
C GLY B 263 18.71 24.33 4.03
N PRO B 264 18.32 23.85 5.23
CA PRO B 264 18.80 22.57 5.75
C PRO B 264 18.45 21.44 4.80
N GLY B 265 19.15 20.31 4.93
CA GLY B 265 18.81 19.13 4.17
C GLY B 265 17.56 18.45 4.72
N ALA B 266 16.97 17.56 3.94
CA ALA B 266 15.80 16.78 4.38
C ALA B 266 16.08 16.09 5.71
N ALA B 267 15.12 16.10 6.61
CA ALA B 267 15.25 15.39 7.89
C ALA B 267 15.58 13.90 7.68
N GLY B 268 16.33 13.30 8.62
CA GLY B 268 16.53 11.85 8.63
C GLY B 268 15.29 11.12 9.17
N PRO B 269 15.06 9.88 8.72
CA PRO B 269 13.85 9.13 9.06
C PRO B 269 13.78 8.88 10.55
N ILE B 270 14.93 8.88 11.22
CA ILE B 270 14.99 8.52 12.63
C ILE B 270 15.20 9.74 13.54
N THR B 271 16.12 10.62 13.18
CA THR B 271 16.40 11.79 14.02
C THR B 271 15.39 12.91 13.75
N GLU B 272 14.70 12.88 12.60
CA GLU B 272 13.62 13.83 12.25
C GLU B 272 13.94 15.29 12.57
N SER B 273 15.11 15.76 12.16
CA SER B 273 15.54 17.11 12.48
C SER B 273 16.26 17.68 11.27
N SER B 274 15.53 18.40 10.43
CA SER B 274 16.11 18.97 9.22
C SER B 274 17.42 19.73 9.53
N GLY B 275 18.51 19.38 8.88
CA GLY B 275 19.79 20.04 9.12
C GLY B 275 20.89 19.15 9.65
N PHE B 276 20.52 18.05 10.32
CA PHE B 276 21.53 17.07 10.69
C PHE B 276 21.10 15.62 10.45
N LEU B 277 22.10 14.75 10.39
CA LEU B 277 21.88 13.32 10.30
C LEU B 277 22.83 12.61 11.27
N ALA B 278 22.33 11.59 11.96
CA ALA B 278 23.21 10.72 12.75
C ALA B 278 24.00 9.84 11.79
N TYR B 279 25.15 9.33 12.23
CA TYR B 279 25.91 8.42 11.39
C TYR B 279 25.11 7.23 10.89
N TYR B 280 24.30 6.62 11.73
CA TYR B 280 23.50 5.47 11.25
C TYR B 280 22.56 5.83 10.10
N GLU B 281 22.14 7.09 10.02
CA GLU B 281 21.40 7.62 8.87
C GLU B 281 22.33 7.96 7.69
N ILE B 282 23.47 8.54 8.00
CA ILE B 282 24.42 8.85 6.96
C ILE B 282 24.84 7.62 6.13
N CYS B 283 25.03 6.48 6.78
CA CYS B 283 25.41 5.26 6.05
C CYS B 283 24.38 4.91 4.98
N GLN B 284 23.10 5.05 5.33
CA GLN B 284 22.02 4.82 4.37
C GLN B 284 22.03 5.88 3.27
N PHE B 285 22.25 7.14 3.63
CA PHE B 285 22.27 8.23 2.66
C PHE B 285 23.38 8.04 1.61
N LEU B 286 24.54 7.57 2.06
CA LEU B 286 25.69 7.36 1.16
C LEU B 286 25.43 6.36 0.03
N LYS B 287 24.46 5.47 0.18
CA LYS B 287 24.10 4.57 -0.90
C LYS B 287 23.48 5.33 -2.08
N GLY B 288 24.18 5.34 -3.21
CA GLY B 288 23.76 6.09 -4.38
C GLY B 288 24.29 7.51 -4.34
N ALA B 289 25.04 7.85 -3.28
CA ALA B 289 25.59 9.19 -3.19
C ALA B 289 26.98 9.26 -3.82
N LYS B 290 27.44 10.46 -4.12
CA LYS B 290 28.83 10.68 -4.54
C LYS B 290 29.61 11.31 -3.40
N ILE B 291 30.69 10.66 -3.00
CA ILE B 291 31.48 11.10 -1.86
C ILE B 291 32.72 11.81 -2.36
N THR B 292 33.02 12.96 -1.77
CA THR B 292 34.22 13.72 -2.10
C THR B 292 34.98 13.95 -0.81
N ARG B 293 36.26 13.62 -0.82
CA ARG B 293 37.11 13.90 0.35
C ARG B 293 37.83 15.20 0.10
N LEU B 294 37.63 16.17 1.00
CA LEU B 294 38.26 17.47 0.85
C LEU B 294 39.76 17.39 1.14
N GLN B 295 40.58 17.66 0.13
CA GLN B 295 42.03 17.62 0.30
C GLN B 295 42.51 18.68 1.27
N ASP B 296 41.90 19.85 1.22
CA ASP B 296 42.29 20.90 2.14
C ASP B 296 41.79 20.65 3.57
N GLN B 297 40.55 20.20 3.71
CA GLN B 297 39.99 20.18 5.05
C GLN B 297 40.04 18.82 5.73
N GLN B 298 40.42 17.79 4.97
CA GLN B 298 40.67 16.44 5.47
C GLN B 298 39.42 15.70 5.93
N VAL B 299 38.27 16.06 5.37
CA VAL B 299 37.00 15.43 5.75
C VAL B 299 36.14 15.28 4.50
N PRO B 300 35.15 14.36 4.55
CA PRO B 300 34.30 14.08 3.39
C PRO B 300 32.98 14.84 3.37
N TYR B 301 32.46 15.03 2.17
CA TYR B 301 31.05 15.36 2.01
C TYR B 301 30.47 14.44 0.95
N ALA B 302 29.14 14.38 0.92
CA ALA B 302 28.45 13.54 -0.04
C ALA B 302 27.27 14.29 -0.62
N VAL B 303 27.00 14.03 -1.90
CA VAL B 303 25.90 14.63 -2.65
C VAL B 303 25.04 13.52 -3.24
N LYS B 304 23.72 13.63 -3.07
CA LYS B 304 22.78 12.77 -3.78
C LYS B 304 21.57 13.62 -4.08
N GLY B 305 21.19 13.72 -5.35
CA GLY B 305 20.13 14.64 -5.77
C GLY B 305 20.53 16.04 -5.31
N ASN B 306 19.58 16.79 -4.77
CA ASN B 306 19.89 18.12 -4.25
C ASN B 306 20.28 18.15 -2.76
N GLN B 307 20.63 16.99 -2.20
CA GLN B 307 21.05 16.93 -0.79
C GLN B 307 22.58 16.86 -0.65
N TRP B 308 23.10 17.65 0.27
CA TRP B 308 24.54 17.80 0.48
C TRP B 308 24.78 17.63 1.97
N VAL B 309 25.66 16.70 2.32
CA VAL B 309 25.86 16.34 3.72
C VAL B 309 27.36 16.35 4.02
N GLY B 310 27.75 17.16 4.99
CA GLY B 310 29.14 17.15 5.46
C GLY B 310 29.19 16.33 6.74
N TYR B 311 30.05 15.32 6.79
CA TYR B 311 30.01 14.34 7.89
C TYR B 311 31.39 13.80 8.22
N ASP B 312 31.49 13.00 9.28
CA ASP B 312 32.75 12.36 9.63
C ASP B 312 32.65 10.87 9.49
N ASP B 313 33.73 10.24 9.04
CA ASP B 313 33.76 8.79 8.86
C ASP B 313 34.99 8.18 9.53
N VAL B 314 35.21 6.87 9.37
CA VAL B 314 36.33 6.24 10.06
C VAL B 314 37.69 6.88 9.66
N LYS B 315 37.88 7.17 8.38
CA LYS B 315 39.14 7.78 7.93
C LYS B 315 39.37 9.20 8.46
N SER B 316 38.32 10.01 8.47
CA SER B 316 38.45 11.35 9.06
C SER B 316 38.77 11.25 10.55
N MET B 317 38.22 10.27 11.22
CA MET B 317 38.56 10.13 12.62
C MET B 317 40.00 9.68 12.90
N GLU B 318 40.51 8.81 12.04
CA GLU B 318 41.92 8.48 12.10
C GLU B 318 42.84 9.70 11.98
N THR B 319 42.59 10.55 10.99
CA THR B 319 43.38 11.77 10.78
C THR B 319 43.24 12.73 11.96
N LYS B 320 42.01 12.86 12.47
CA LYS B 320 41.81 13.70 13.67
C LYS B 320 42.53 13.17 14.88
N VAL B 321 42.60 11.86 15.06
CA VAL B 321 43.36 11.38 16.20
C VAL B 321 44.87 11.61 16.01
N GLN B 322 45.35 11.41 14.80
CA GLN B 322 46.76 11.65 14.55
C GLN B 322 47.06 13.10 14.94
N PHE B 323 46.20 14.01 14.51
CA PHE B 323 46.38 15.43 14.84
C PHE B 323 46.43 15.64 16.35
N LEU B 324 45.45 15.12 17.09
CA LEU B 324 45.39 15.38 18.54
C LEU B 324 46.61 14.84 19.29
N LYS B 325 47.12 13.69 18.84
CA LYS B 325 48.36 13.17 19.39
C LYS B 325 49.54 14.09 19.07
N ASN B 326 49.60 14.53 17.80
CA ASN B 326 50.64 15.43 17.30
C ASN B 326 50.69 16.69 18.15
N LEU B 327 49.52 17.17 18.58
CA LEU B 327 49.48 18.39 19.36
C LEU B 327 49.47 18.17 20.88
N ASN B 328 49.74 16.94 21.32
CA ASN B 328 49.79 16.58 22.75
C ASN B 328 48.56 16.97 23.55
N LEU B 329 47.38 16.72 22.97
CA LEU B 329 46.13 17.04 23.62
C LEU B 329 45.76 15.94 24.63
N GLY B 330 44.73 16.21 25.45
CA GLY B 330 44.32 15.27 26.50
C GLY B 330 43.61 14.02 25.98
N GLY B 331 43.02 14.10 24.80
CA GLY B 331 42.30 12.97 24.21
C GLY B 331 41.24 13.46 23.23
N ALA B 332 40.22 12.65 23.00
CA ALA B 332 39.14 12.98 22.11
C ALA B 332 37.84 12.94 22.90
N MET B 333 36.89 13.78 22.51
CA MET B 333 35.55 13.75 23.08
C MET B 333 34.59 13.46 21.92
N ILE B 334 33.48 12.77 22.21
CA ILE B 334 32.55 12.37 21.18
C ILE B 334 31.21 12.99 21.48
N TRP B 335 30.66 13.77 20.53
CA TRP B 335 29.24 14.13 20.59
C TRP B 335 28.49 13.52 19.40
N SER B 336 27.66 12.49 19.60
CA SER B 336 27.44 11.80 20.86
C SER B 336 27.35 10.30 20.53
N ILE B 337 27.58 9.44 21.51
CA ILE B 337 27.71 8.04 21.15
C ILE B 337 26.39 7.43 20.70
N ASP B 338 25.28 7.99 21.15
CA ASP B 338 24.00 7.50 20.71
C ASP B 338 23.64 7.81 19.27
N MET B 339 24.53 8.53 18.57
CA MET B 339 24.36 8.80 17.14
C MET B 339 25.38 8.06 16.28
N ASP B 340 26.30 7.35 16.93
CA ASP B 340 27.16 6.40 16.22
C ASP B 340 26.24 5.24 15.89
N ASP B 341 26.67 4.31 15.04
CA ASP B 341 25.87 3.11 14.79
C ASP B 341 26.07 2.13 15.94
N PHE B 342 25.49 2.46 17.09
CA PHE B 342 25.79 1.72 18.33
C PHE B 342 25.38 0.24 18.30
N THR B 343 24.29 -0.08 17.61
CA THR B 343 23.88 -1.47 17.42
C THR B 343 24.66 -2.17 16.31
N GLY B 344 25.30 -1.43 15.42
CA GLY B 344 25.98 -2.03 14.28
C GLY B 344 25.05 -2.51 13.18
N LYS B 345 23.75 -2.31 13.34
CA LYS B 345 22.80 -2.85 12.34
C LYS B 345 22.66 -1.97 11.09
N SER B 346 23.15 -0.75 11.12
CA SER B 346 22.92 0.11 9.97
C SER B 346 24.06 0.07 8.96
N CYS B 347 25.27 0.22 9.48
CA CYS B 347 26.43 0.56 8.67
C CYS B 347 27.29 -0.64 8.27
N ASN B 348 26.98 -1.80 8.84
CA ASN B 348 27.72 -3.01 8.56
C ASN B 348 29.22 -2.90 8.88
N GLN B 349 29.56 -2.12 9.89
CA GLN B 349 30.95 -1.90 10.30
C GLN B 349 31.11 -2.29 11.77
N GLY B 350 30.20 -3.12 12.29
CA GLY B 350 30.19 -3.52 13.71
C GLY B 350 29.57 -2.45 14.61
N PRO B 351 29.47 -2.71 15.93
CA PRO B 351 28.92 -1.71 16.85
C PRO B 351 29.87 -0.51 17.09
N TYR B 352 29.30 0.68 17.14
CA TYR B 352 30.05 1.92 17.36
C TYR B 352 31.25 2.02 16.43
N PRO B 353 31.02 1.94 15.12
CA PRO B 353 32.18 1.97 14.19
C PRO B 353 33.04 3.23 14.34
N LEU B 354 32.41 4.38 14.59
CA LEU B 354 33.16 5.62 14.71
C LEU B 354 33.96 5.68 16.03
N VAL B 355 33.29 5.45 17.16
CA VAL B 355 33.98 5.56 18.43
C VAL B 355 35.03 4.45 18.54
N GLN B 356 34.72 3.27 18.04
CA GLN B 356 35.70 2.20 18.05
C GLN B 356 36.96 2.60 17.28
N ALA B 357 36.80 3.33 16.17
CA ALA B 357 37.97 3.75 15.36
C ALA B 357 38.81 4.75 16.15
N VAL B 358 38.12 5.65 16.86
CA VAL B 358 38.81 6.60 17.72
C VAL B 358 39.59 5.86 18.81
N LYS B 359 38.95 4.90 19.48
CA LYS B 359 39.64 4.13 20.52
C LYS B 359 40.85 3.41 19.92
N ARG B 360 40.65 2.70 18.82
CA ARG B 360 41.77 2.00 18.21
C ARG B 360 42.92 2.94 17.81
N SER B 361 42.57 4.08 17.23
CA SER B 361 43.59 5.07 16.86
C SER B 361 44.35 5.64 18.08
N LEU B 362 43.63 5.88 19.18
CA LEU B 362 44.25 6.40 20.40
C LEU B 362 45.25 5.42 21.04
N GLY B 363 44.94 4.13 20.98
CA GLY B 363 45.77 3.11 21.64
C GLY B 363 47.01 2.80 20.83
N SER B 364 47.35 3.74 19.94
CA SER B 364 48.37 3.62 18.89
C SER B 364 47.91 2.67 17.79
N ALA C 1 29.14 8.42 -39.21
CA ALA C 1 30.28 9.04 -39.95
C ALA C 1 31.30 7.96 -40.34
N TYR C 2 31.77 8.01 -41.58
CA TYR C 2 32.78 7.05 -42.01
C TYR C 2 34.11 7.44 -41.39
N LYS C 3 34.88 6.42 -41.00
CA LYS C 3 36.23 6.63 -40.54
C LYS C 3 37.20 6.68 -41.73
N LEU C 4 38.30 7.37 -41.54
CA LEU C 4 39.41 7.37 -42.47
C LEU C 4 40.65 7.14 -41.62
N VAL C 5 41.13 5.90 -41.64
CA VAL C 5 42.14 5.41 -40.70
C VAL C 5 43.43 5.29 -41.47
N CYS C 6 44.44 6.03 -41.06
CA CYS C 6 45.63 6.21 -41.85
C CYS C 6 46.88 5.73 -41.14
N TYR C 7 47.51 4.69 -41.67
CA TYR C 7 48.72 4.20 -41.07
C TYR C 7 49.87 5.03 -41.61
N PHE C 8 50.84 5.33 -40.76
CA PHE C 8 52.11 5.88 -41.23
C PHE C 8 53.25 5.11 -40.56
N THR C 9 54.45 5.22 -41.13
CA THR C 9 55.49 4.29 -40.74
C THR C 9 56.76 4.99 -40.25
N ASN C 10 57.47 4.28 -39.39
CA ASN C 10 58.69 4.79 -38.77
C ASN C 10 59.88 4.81 -39.74
N TRP C 11 59.89 3.90 -40.71
CA TRP C 11 61.06 3.79 -41.59
C TRP C 11 61.09 4.73 -42.79
N SER C 12 59.96 5.37 -43.10
CA SER C 12 59.93 6.33 -44.24
C SER C 12 60.82 7.56 -44.03
N GLN C 13 61.21 7.83 -42.78
CA GLN C 13 62.06 8.99 -42.52
C GLN C 13 63.46 8.80 -43.11
N ASP C 14 63.84 7.55 -43.38
CA ASP C 14 65.18 7.24 -43.93
C ASP C 14 65.26 7.30 -45.45
N ARG C 15 64.14 7.53 -46.14
CA ARG C 15 64.15 7.62 -47.61
C ARG C 15 64.61 8.98 -48.12
N GLN C 16 64.95 9.05 -49.40
CA GLN C 16 65.30 10.32 -50.06
C GLN C 16 64.03 11.01 -50.54
N GLU C 17 64.16 12.31 -50.80
CA GLU C 17 63.10 13.13 -51.40
C GLU C 17 62.67 12.55 -52.75
N PRO C 18 61.35 12.54 -53.04
CA PRO C 18 60.18 13.01 -52.31
C PRO C 18 59.54 11.92 -51.46
N GLY C 19 60.33 10.95 -51.01
CA GLY C 19 59.81 9.89 -50.18
C GLY C 19 60.15 10.10 -48.71
N LYS C 20 60.93 11.15 -48.41
CA LYS C 20 61.38 11.35 -47.03
C LYS C 20 60.21 11.90 -46.20
N PHE C 21 59.70 11.07 -45.30
CA PHE C 21 58.50 11.39 -44.51
C PHE C 21 58.80 11.49 -43.01
N THR C 22 58.35 12.57 -42.37
CA THR C 22 58.33 12.61 -40.91
C THR C 22 56.90 12.94 -40.47
N PRO C 23 56.60 12.78 -39.18
CA PRO C 23 55.30 13.16 -38.63
C PRO C 23 54.90 14.62 -38.92
N GLU C 24 55.89 15.48 -39.16
CA GLU C 24 55.60 16.87 -39.55
C GLU C 24 54.95 17.04 -40.93
N ASN C 25 55.07 16.03 -41.81
CA ASN C 25 54.37 16.03 -43.10
C ASN C 25 52.88 15.66 -42.94
N ILE C 26 52.46 15.29 -41.74
CA ILE C 26 51.05 14.90 -41.56
C ILE C 26 50.13 16.10 -41.45
N ASP C 27 49.08 16.10 -42.25
CA ASP C 27 48.02 17.09 -42.21
C ASP C 27 47.03 16.61 -41.15
N PRO C 28 46.82 17.41 -40.08
CA PRO C 28 46.00 16.98 -38.94
C PRO C 28 44.52 16.79 -39.25
N PHE C 29 44.06 17.28 -40.40
CA PHE C 29 42.65 17.13 -40.79
C PHE C 29 42.44 16.14 -41.94
N LEU C 30 43.51 15.49 -42.37
CA LEU C 30 43.43 14.55 -43.47
C LEU C 30 42.60 13.33 -43.08
N CYS C 31 42.92 12.73 -41.93
CA CYS C 31 42.27 11.49 -41.51
C CYS C 31 41.54 11.68 -40.18
N SER C 32 40.67 10.74 -39.81
CA SER C 32 40.03 10.75 -38.49
C SER C 32 40.88 9.99 -37.46
N HIS C 33 41.66 9.02 -37.93
CA HIS C 33 42.53 8.21 -37.08
C HIS C 33 43.89 8.06 -37.75
N LEU C 34 44.96 8.25 -36.98
CA LEU C 34 46.32 8.00 -37.49
C LEU C 34 46.91 6.86 -36.69
N ILE C 35 47.69 5.99 -37.34
CA ILE C 35 48.29 4.86 -36.64
C ILE C 35 49.79 4.80 -36.90
N TYR C 36 50.57 4.86 -35.84
CA TYR C 36 52.02 4.79 -35.92
C TYR C 36 52.44 3.33 -36.01
N SER C 37 53.23 3.01 -37.03
CA SER C 37 53.72 1.65 -37.27
C SER C 37 55.24 1.65 -37.26
N PHE C 38 55.91 0.81 -36.45
CA PHE C 38 55.33 -0.11 -35.45
C PHE C 38 56.15 -0.01 -34.15
N ALA C 39 55.49 -0.13 -33.01
CA ALA C 39 56.16 -0.31 -31.73
C ALA C 39 56.65 -1.74 -31.62
N SER C 40 57.59 -1.97 -30.69
CA SER C 40 58.06 -3.31 -30.41
C SER C 40 57.68 -3.74 -28.99
N ILE C 41 58.13 -4.93 -28.60
CA ILE C 41 57.95 -5.45 -27.25
C ILE C 41 59.30 -5.95 -26.76
N GLU C 42 59.76 -5.38 -25.66
CA GLU C 42 61.04 -5.73 -25.09
C GLU C 42 60.80 -6.06 -23.63
N ASN C 43 61.18 -7.26 -23.22
CA ASN C 43 61.01 -7.68 -21.83
C ASN C 43 59.55 -7.47 -21.42
N ASN C 44 58.64 -7.90 -22.29
CA ASN C 44 57.19 -7.77 -22.11
C ASN C 44 56.61 -6.37 -22.15
N LYS C 45 57.45 -5.36 -22.36
CA LYS C 45 56.91 -4.01 -22.33
C LYS C 45 56.91 -3.39 -23.72
N VAL C 46 55.85 -2.65 -24.02
CA VAL C 46 55.80 -1.90 -25.28
C VAL C 46 56.94 -0.88 -25.29
N ILE C 47 57.66 -0.78 -26.40
CA ILE C 47 58.60 0.32 -26.60
C ILE C 47 58.50 0.84 -28.02
N ILE C 48 58.98 2.05 -28.24
CA ILE C 48 59.08 2.59 -29.59
C ILE C 48 60.56 2.83 -29.88
N LYS C 49 61.08 2.23 -30.94
CA LYS C 49 62.48 2.43 -31.29
C LYS C 49 62.51 3.38 -32.49
N ASP C 50 62.81 4.65 -32.24
CA ASP C 50 62.71 5.67 -33.30
C ASP C 50 63.74 6.76 -32.97
N LYS C 51 64.70 6.98 -33.87
CA LYS C 51 65.75 7.95 -33.61
C LYS C 51 65.16 9.36 -33.58
N SER C 52 63.93 9.51 -34.06
CA SER C 52 63.27 10.82 -34.02
C SER C 52 62.11 10.85 -33.05
N GLU C 53 62.25 10.14 -31.92
CA GLU C 53 61.10 10.02 -31.02
C GLU C 53 60.80 11.35 -30.32
N VAL C 54 61.80 12.20 -30.16
CA VAL C 54 61.53 13.53 -29.56
C VAL C 54 60.52 14.29 -30.44
N MET C 55 60.80 14.39 -31.74
CA MET C 55 59.84 15.01 -32.67
C MET C 55 58.53 14.24 -32.76
N LEU C 56 58.61 12.91 -32.75
CA LEU C 56 57.40 12.09 -32.77
C LEU C 56 56.39 12.51 -31.69
N TYR C 57 56.84 12.54 -30.44
CA TYR C 57 55.93 12.86 -29.34
C TYR C 57 55.50 14.33 -29.39
N GLN C 58 56.41 15.23 -29.72
CA GLN C 58 56.00 16.63 -29.92
C GLN C 58 54.95 16.79 -31.02
N THR C 59 55.11 16.04 -32.12
CA THR C 59 54.21 16.18 -33.24
C THR C 59 52.83 15.60 -32.94
N ILE C 60 52.79 14.46 -32.28
CA ILE C 60 51.52 13.94 -31.78
C ILE C 60 50.75 15.01 -30.98
N ASN C 61 51.47 15.75 -30.12
CA ASN C 61 50.85 16.81 -29.33
C ASN C 61 50.37 17.95 -30.21
N SER C 62 51.20 18.34 -31.19
CA SER C 62 50.86 19.39 -32.14
C SER C 62 49.59 19.02 -32.92
N LEU C 63 49.61 17.84 -33.53
CA LEU C 63 48.50 17.42 -34.36
C LEU C 63 47.18 17.44 -33.59
N LYS C 64 47.20 16.93 -32.37
CA LYS C 64 45.98 16.82 -31.60
C LYS C 64 45.52 18.15 -31.01
N THR C 65 46.44 19.11 -30.88
CA THR C 65 46.09 20.47 -30.47
C THR C 65 45.33 21.11 -31.62
N LYS C 66 45.93 21.02 -32.80
CA LYS C 66 45.36 21.57 -34.02
C LYS C 66 44.00 20.96 -34.35
N ASN C 67 43.89 19.64 -34.23
CA ASN C 67 42.61 18.97 -34.46
C ASN C 67 42.22 18.11 -33.27
N PRO C 68 41.43 18.68 -32.33
CA PRO C 68 41.07 17.97 -31.09
C PRO C 68 40.16 16.75 -31.28
N LYS C 69 39.67 16.51 -32.49
CA LYS C 69 38.86 15.32 -32.74
C LYS C 69 39.75 14.16 -33.19
N LEU C 70 40.97 14.48 -33.61
CA LEU C 70 41.90 13.48 -34.17
C LEU C 70 42.25 12.39 -33.14
N LYS C 71 42.26 11.14 -33.57
CA LYS C 71 42.75 10.03 -32.75
C LYS C 71 44.06 9.51 -33.33
N ILE C 72 45.00 9.19 -32.44
CA ILE C 72 46.27 8.64 -32.85
C ILE C 72 46.53 7.35 -32.08
N LEU C 73 46.66 6.24 -32.80
CA LEU C 73 46.87 4.95 -32.16
C LEU C 73 48.29 4.48 -32.39
N LEU C 74 48.73 3.55 -31.56
CA LEU C 74 50.02 2.91 -31.68
C LEU C 74 49.77 1.49 -32.18
N SER C 75 50.43 1.09 -33.26
CA SER C 75 50.31 -0.29 -33.74
C SER C 75 51.47 -1.17 -33.29
N ILE C 76 51.17 -2.40 -32.87
CA ILE C 76 52.23 -3.37 -32.64
C ILE C 76 51.98 -4.53 -33.58
N GLY C 77 53.00 -4.92 -34.33
CA GLY C 77 52.85 -6.06 -35.21
C GLY C 77 53.44 -5.79 -36.58
N GLY C 78 52.71 -6.20 -37.61
CA GLY C 78 53.21 -6.04 -38.99
C GLY C 78 54.00 -7.25 -39.45
N TYR C 79 54.31 -7.27 -40.75
CA TYR C 79 54.94 -8.44 -41.38
C TYR C 79 56.26 -8.88 -40.76
N LEU C 80 57.22 -7.95 -40.63
CA LEU C 80 58.53 -8.33 -40.06
C LEU C 80 58.45 -8.76 -38.60
N PHE C 81 57.60 -8.13 -37.81
CA PHE C 81 57.42 -8.52 -36.40
C PHE C 81 56.89 -9.96 -36.32
N GLY C 82 55.99 -10.30 -37.22
CA GLY C 82 55.42 -11.64 -37.27
C GLY C 82 54.82 -12.13 -35.96
N SER C 83 54.88 -13.45 -35.78
CA SER C 83 54.44 -14.03 -34.53
C SER C 83 55.56 -13.96 -33.49
N LYS C 84 56.81 -14.04 -33.94
CA LYS C 84 57.95 -14.11 -33.02
C LYS C 84 57.97 -12.94 -32.03
N GLY C 85 57.61 -11.76 -32.53
CA GLY C 85 57.69 -10.54 -31.70
C GLY C 85 56.82 -10.58 -30.46
N PHE C 86 55.75 -11.36 -30.55
CA PHE C 86 54.83 -11.50 -29.42
C PHE C 86 55.27 -12.52 -28.37
N HIS C 87 56.36 -13.24 -28.62
CA HIS C 87 56.83 -14.28 -27.70
C HIS C 87 58.10 -13.79 -27.02
N PRO C 88 58.27 -14.07 -25.72
CA PRO C 88 57.46 -14.88 -24.82
C PRO C 88 56.31 -14.14 -24.12
N MET C 89 56.05 -12.88 -24.49
CA MET C 89 55.01 -12.11 -23.79
C MET C 89 53.62 -12.80 -23.69
N VAL C 90 53.16 -13.43 -24.77
CA VAL C 90 51.81 -14.03 -24.79
C VAL C 90 51.77 -15.38 -24.08
N ASP C 91 52.95 -15.91 -23.77
CA ASP C 91 53.09 -17.28 -23.29
C ASP C 91 52.73 -17.51 -21.82
N SER C 92 52.44 -16.46 -21.07
CA SER C 92 52.00 -16.65 -19.69
C SER C 92 51.11 -15.52 -19.20
N SER C 93 50.27 -15.79 -18.21
CA SER C 93 49.38 -14.77 -17.70
C SER C 93 50.17 -13.66 -16.98
N THR C 94 51.24 -14.03 -16.29
CA THR C 94 52.05 -13.00 -15.63
C THR C 94 52.68 -12.03 -16.67
N SER C 95 53.25 -12.55 -17.73
CA SER C 95 53.87 -11.66 -18.70
C SER C 95 52.83 -10.88 -19.53
N ARG C 96 51.64 -11.45 -19.71
CA ARG C 96 50.61 -10.70 -20.42
C ARG C 96 50.14 -9.54 -19.54
N LEU C 97 49.99 -9.79 -18.25
CA LEU C 97 49.61 -8.73 -17.31
C LEU C 97 50.64 -7.60 -17.34
N GLU C 98 51.92 -7.97 -17.38
CA GLU C 98 53.00 -6.98 -17.42
C GLU C 98 52.87 -6.10 -18.65
N PHE C 99 52.70 -6.75 -19.80
CA PHE C 99 52.54 -6.06 -21.06
C PHE C 99 51.33 -5.11 -21.05
N ILE C 100 50.19 -5.63 -20.61
CA ILE C 100 48.94 -4.87 -20.65
C ILE C 100 48.98 -3.63 -19.71
N ASN C 101 49.47 -3.81 -18.49
CA ASN C 101 49.69 -2.67 -17.60
C ASN C 101 50.64 -1.66 -18.23
N SER C 102 51.71 -2.14 -18.84
CA SER C 102 52.70 -1.29 -19.54
C SER C 102 52.07 -0.48 -20.69
N ILE C 103 51.22 -1.17 -21.45
CA ILE C 103 50.50 -0.61 -22.57
C ILE C 103 49.67 0.60 -22.15
N ILE C 104 48.86 0.44 -21.11
CA ILE C 104 47.94 1.49 -20.69
C ILE C 104 48.70 2.76 -20.25
N LEU C 105 49.75 2.57 -19.46
CA LEU C 105 50.57 3.68 -19.02
C LEU C 105 51.28 4.30 -20.22
N PHE C 106 51.83 3.48 -21.10
CA PHE C 106 52.57 4.03 -22.25
C PHE C 106 51.66 4.88 -23.11
N LEU C 107 50.47 4.35 -23.38
CA LEU C 107 49.51 5.06 -24.22
C LEU C 107 49.11 6.41 -23.61
N ARG C 108 48.74 6.41 -22.32
CA ARG C 108 48.39 7.65 -21.62
C ARG C 108 49.58 8.61 -21.58
N ASN C 109 50.75 8.09 -21.23
CA ASN C 109 51.94 8.90 -21.03
C ASN C 109 52.41 9.59 -22.31
N HIS C 110 51.97 9.11 -23.46
CA HIS C 110 52.44 9.65 -24.74
C HIS C 110 51.35 10.23 -25.61
N ASN C 111 50.16 10.38 -25.05
CA ASN C 111 49.05 11.02 -25.74
C ASN C 111 48.52 10.20 -26.93
N PHE C 112 48.60 8.87 -26.85
CA PHE C 112 47.94 7.99 -27.83
C PHE C 112 46.54 7.65 -27.37
N ASP C 113 45.61 7.51 -28.31
CA ASP C 113 44.21 7.20 -28.03
C ASP C 113 43.85 5.71 -28.05
N GLY C 114 44.80 4.86 -28.37
CA GLY C 114 44.48 3.45 -28.45
C GLY C 114 45.57 2.60 -29.04
N LEU C 115 45.32 1.31 -29.12
CA LEU C 115 46.29 0.33 -29.58
C LEU C 115 45.71 -0.42 -30.77
N ASP C 116 46.53 -0.55 -31.81
CA ASP C 116 46.24 -1.43 -32.95
C ASP C 116 47.09 -2.70 -32.83
N VAL C 117 46.48 -3.87 -32.73
CA VAL C 117 47.29 -5.08 -32.71
C VAL C 117 47.17 -5.76 -34.09
N SER C 118 48.24 -5.70 -34.87
CA SER C 118 48.24 -6.20 -36.23
C SER C 118 49.18 -7.39 -36.36
N TRP C 119 48.74 -8.51 -35.84
CA TRP C 119 49.56 -9.68 -35.68
C TRP C 119 49.50 -10.43 -37.00
N ILE C 120 50.66 -10.56 -37.65
CA ILE C 120 50.77 -11.14 -38.99
C ILE C 120 51.58 -12.47 -38.93
N TYR C 121 50.93 -13.62 -38.78
CA TYR C 121 49.51 -13.80 -38.46
C TYR C 121 49.42 -14.80 -37.31
N PRO C 122 48.27 -14.85 -36.63
CA PRO C 122 48.15 -15.86 -35.57
C PRO C 122 48.23 -17.28 -36.15
N ASP C 123 47.48 -17.51 -37.23
CA ASP C 123 47.38 -18.81 -37.87
C ASP C 123 46.82 -19.79 -36.85
N GLN C 124 46.85 -21.08 -37.19
CA GLN C 124 46.30 -22.09 -36.31
C GLN C 124 47.06 -22.11 -34.97
N LYS C 125 48.37 -22.02 -35.03
CA LYS C 125 49.20 -22.14 -33.82
C LYS C 125 48.88 -21.10 -32.73
N GLU C 126 48.66 -19.85 -33.13
CA GLU C 126 48.48 -18.77 -32.14
C GLU C 126 47.05 -18.23 -32.09
N ASN C 127 46.14 -18.90 -32.79
CA ASN C 127 44.74 -18.51 -32.75
C ASN C 127 44.34 -18.22 -31.29
N THR C 128 44.56 -19.19 -30.40
CA THR C 128 44.19 -19.03 -28.99
C THR C 128 44.91 -17.85 -28.30
N HIS C 129 46.21 -17.73 -28.49
CA HIS C 129 46.97 -16.68 -27.83
C HIS C 129 46.49 -15.32 -28.26
N PHE C 130 46.14 -15.16 -29.53
CA PHE C 130 45.63 -13.88 -30.04
C PHE C 130 44.28 -13.56 -29.43
N THR C 131 43.40 -14.54 -29.44
CA THR C 131 42.08 -14.35 -28.85
C THR C 131 42.19 -13.92 -27.39
N VAL C 132 43.02 -14.63 -26.64
CA VAL C 132 43.22 -14.31 -25.23
C VAL C 132 43.83 -12.91 -25.02
N LEU C 133 44.87 -12.59 -25.78
CA LEU C 133 45.47 -11.24 -25.69
C LEU C 133 44.45 -10.12 -25.94
N ILE C 134 43.73 -10.20 -27.06
CA ILE C 134 42.71 -9.20 -27.37
C ILE C 134 41.67 -9.09 -26.28
N HIS C 135 41.20 -10.22 -25.78
CA HIS C 135 40.18 -10.22 -24.77
C HIS C 135 40.66 -9.53 -23.48
N GLU C 136 41.90 -9.81 -23.09
CA GLU C 136 42.44 -9.26 -21.84
C GLU C 136 42.73 -7.77 -22.02
N LEU C 137 43.15 -7.40 -23.22
CA LEU C 137 43.39 -6.00 -23.53
C LEU C 137 42.09 -5.25 -23.43
N ALA C 138 41.03 -5.82 -24.01
CA ALA C 138 39.72 -5.17 -24.03
C ALA C 138 39.21 -4.98 -22.61
N GLU C 139 39.34 -6.03 -21.79
CA GLU C 139 38.90 -5.99 -20.39
C GLU C 139 39.63 -4.90 -19.64
N ALA C 140 40.96 -4.86 -19.78
CA ALA C 140 41.77 -3.87 -19.07
C ALA C 140 41.46 -2.43 -19.52
N PHE C 141 41.22 -2.24 -20.82
CA PHE C 141 40.87 -0.93 -21.35
C PHE C 141 39.52 -0.49 -20.76
N GLN C 142 38.61 -1.43 -20.61
CA GLN C 142 37.32 -1.11 -20.02
C GLN C 142 37.50 -0.77 -18.55
N LYS C 143 38.23 -1.62 -17.82
CA LYS C 143 38.50 -1.36 -16.41
C LYS C 143 39.19 -0.01 -16.19
N ASP C 144 40.21 0.30 -16.99
CA ASP C 144 40.89 1.59 -16.92
C ASP C 144 39.92 2.76 -17.12
N PHE C 145 38.99 2.59 -18.05
CA PHE C 145 38.00 3.62 -18.38
C PHE C 145 37.16 4.00 -17.16
N THR C 146 36.57 2.99 -16.51
CA THR C 146 35.76 3.21 -15.29
C THR C 146 36.57 3.80 -14.13
N LYS C 147 37.87 3.58 -14.13
CA LYS C 147 38.71 4.13 -13.06
C LYS C 147 39.39 5.42 -13.50
N SER C 148 38.93 5.94 -14.63
CA SER C 148 39.48 7.15 -15.20
C SER C 148 38.35 8.13 -15.47
N THR C 149 38.70 9.35 -15.86
CA THR C 149 37.71 10.33 -16.28
C THR C 149 38.01 10.66 -17.74
N LYS C 150 38.86 9.85 -18.34
CA LYS C 150 39.29 10.07 -19.72
C LYS C 150 38.56 9.11 -20.63
N GLU C 151 38.75 9.30 -21.93
CA GLU C 151 38.13 8.42 -22.91
C GLU C 151 38.66 7.00 -22.76
N ARG C 152 37.83 6.01 -23.05
CA ARG C 152 38.32 4.63 -23.10
C ARG C 152 39.33 4.49 -24.24
N LEU C 153 40.47 3.86 -23.96
CA LEU C 153 41.44 3.60 -25.01
C LEU C 153 40.82 2.70 -26.08
N LEU C 154 41.04 3.05 -27.34
CA LEU C 154 40.57 2.23 -28.46
C LEU C 154 41.39 0.95 -28.62
N LEU C 155 40.73 -0.11 -29.07
CA LEU C 155 41.40 -1.36 -29.43
C LEU C 155 41.02 -1.78 -30.85
N THR C 156 41.99 -1.84 -31.74
CA THR C 156 41.74 -2.28 -33.10
C THR C 156 42.75 -3.34 -33.51
N ALA C 157 42.50 -3.98 -34.66
CA ALA C 157 43.42 -5.00 -35.17
C ALA C 157 43.49 -4.96 -36.68
N GLY C 158 44.70 -4.97 -37.21
CA GLY C 158 44.92 -5.25 -38.62
C GLY C 158 44.82 -6.75 -38.82
N VAL C 159 43.97 -7.16 -39.75
CA VAL C 159 43.63 -8.57 -39.90
C VAL C 159 43.65 -8.99 -41.39
N SER C 160 44.02 -10.25 -41.61
CA SER C 160 44.14 -10.82 -42.94
C SER C 160 42.83 -10.68 -43.73
N ALA C 161 42.99 -10.48 -45.03
CA ALA C 161 41.88 -10.51 -45.97
C ALA C 161 41.85 -11.81 -46.77
N GLY C 162 42.67 -12.79 -46.41
CA GLY C 162 42.71 -14.07 -47.13
C GLY C 162 41.91 -15.18 -46.44
N ARG C 163 40.91 -15.70 -47.13
CA ARG C 163 39.99 -16.65 -46.50
C ARG C 163 40.69 -17.75 -45.69
N GLN C 164 41.68 -18.44 -46.26
CA GLN C 164 42.28 -19.52 -45.47
C GLN C 164 42.93 -19.00 -44.17
N MET C 165 43.67 -17.90 -44.24
CA MET C 165 44.31 -17.33 -43.04
C MET C 165 43.27 -16.86 -42.00
N ILE C 166 42.15 -16.32 -42.45
CA ILE C 166 41.05 -15.92 -41.57
C ILE C 166 40.50 -17.14 -40.80
N ASP C 167 40.22 -18.22 -41.53
CA ASP C 167 39.73 -19.46 -40.91
C ASP C 167 40.72 -19.98 -39.87
N ASN C 168 41.99 -20.06 -40.24
CA ASN C 168 43.04 -20.51 -39.32
C ASN C 168 43.13 -19.64 -38.06
N SER C 169 43.03 -18.32 -38.24
CA SER C 169 43.57 -17.36 -37.24
C SER C 169 42.60 -16.79 -36.21
N TYR C 170 41.33 -16.61 -36.57
CA TYR C 170 40.48 -15.69 -35.81
C TYR C 170 39.19 -16.33 -35.33
N GLN C 171 38.80 -16.01 -34.10
CA GLN C 171 37.49 -16.37 -33.60
C GLN C 171 36.67 -15.08 -33.70
N VAL C 172 36.04 -14.92 -34.87
CA VAL C 172 35.49 -13.66 -35.32
C VAL C 172 34.41 -13.08 -34.41
N GLU C 173 33.49 -13.94 -33.96
CA GLU C 173 32.46 -13.52 -33.01
C GLU C 173 33.04 -12.95 -31.72
N LYS C 174 34.12 -13.57 -31.21
CA LYS C 174 34.80 -13.05 -30.01
C LYS C 174 35.44 -11.71 -30.31
N LEU C 175 36.17 -11.64 -31.41
CA LEU C 175 36.80 -10.39 -31.86
C LEU C 175 35.80 -9.24 -32.05
N ALA C 176 34.62 -9.54 -32.60
CA ALA C 176 33.60 -8.52 -32.81
C ALA C 176 33.20 -7.84 -31.49
N LYS C 177 33.31 -8.56 -30.37
CA LYS C 177 32.93 -8.00 -29.08
C LYS C 177 34.04 -7.19 -28.43
N ASP C 178 35.28 -7.56 -28.71
CA ASP C 178 36.42 -7.00 -28.00
C ASP C 178 36.98 -5.80 -28.74
N LEU C 179 36.94 -5.82 -30.08
CA LEU C 179 37.51 -4.75 -30.89
C LEU C 179 36.54 -3.61 -31.12
N ASP C 180 37.05 -2.38 -31.16
CA ASP C 180 36.26 -1.25 -31.65
C ASP C 180 36.05 -1.36 -33.18
N PHE C 181 37.07 -1.83 -33.88
CA PHE C 181 36.92 -2.15 -35.30
C PHE C 181 38.12 -2.93 -35.82
N ILE C 182 37.97 -3.54 -36.99
CA ILE C 182 39.11 -4.15 -37.64
C ILE C 182 39.59 -3.26 -38.75
N ASN C 183 40.89 -3.25 -38.94
CA ASN C 183 41.52 -2.65 -40.11
C ASN C 183 41.78 -3.80 -41.08
N LEU C 184 40.90 -3.95 -42.06
CA LEU C 184 40.97 -5.12 -42.97
C LEU C 184 42.11 -4.92 -43.96
N LEU C 185 43.10 -5.81 -43.91
CA LEU C 185 44.27 -5.66 -44.78
C LEU C 185 43.96 -6.17 -46.20
N SER C 186 43.03 -5.50 -46.86
CA SER C 186 42.51 -5.93 -48.17
C SER C 186 43.45 -5.49 -49.31
N PHE C 187 44.66 -6.03 -49.26
CA PHE C 187 45.69 -5.83 -50.27
C PHE C 187 46.66 -7.00 -50.15
N ASP C 188 47.74 -6.98 -50.95
CA ASP C 188 48.62 -8.15 -51.07
C ASP C 188 47.86 -9.42 -51.46
N PHE C 189 46.87 -9.26 -52.30
CA PHE C 189 46.11 -10.42 -52.79
C PHE C 189 46.94 -11.21 -53.80
N HIS C 190 47.84 -10.50 -54.48
CA HIS C 190 48.78 -11.13 -55.40
C HIS C 190 50.11 -10.41 -55.30
N GLY C 191 51.19 -11.11 -55.62
CA GLY C 191 52.54 -10.52 -55.58
C GLY C 191 53.55 -11.59 -55.99
N SER C 192 54.84 -11.23 -56.02
CA SER C 192 55.81 -12.16 -56.60
C SER C 192 56.21 -13.34 -55.69
N TRP C 193 55.52 -13.51 -54.57
CA TRP C 193 55.71 -14.71 -53.76
C TRP C 193 54.98 -15.92 -54.35
N GLU C 194 54.09 -15.69 -55.31
CA GLU C 194 53.23 -16.79 -55.80
C GLU C 194 53.94 -17.86 -56.61
N LYS C 195 53.42 -19.08 -56.53
CA LYS C 195 53.81 -20.16 -57.42
C LYS C 195 52.51 -20.71 -58.02
N PRO C 196 52.40 -20.75 -59.35
CA PRO C 196 53.40 -20.32 -60.32
C PRO C 196 53.58 -18.82 -60.24
N LEU C 197 54.70 -18.31 -60.72
CA LEU C 197 54.97 -16.87 -60.64
C LEU C 197 54.38 -16.18 -61.86
N ILE C 198 53.21 -15.57 -61.65
CA ILE C 198 52.45 -14.93 -62.71
C ILE C 198 51.94 -13.56 -62.23
N THR C 199 51.68 -12.64 -63.16
CA THR C 199 51.18 -11.33 -62.74
C THR C 199 49.80 -11.45 -62.08
N GLY C 200 49.53 -10.52 -61.17
CA GLY C 200 48.25 -10.49 -60.44
C GLY C 200 48.18 -9.13 -59.78
N HIS C 201 46.96 -8.60 -59.60
CA HIS C 201 46.84 -7.24 -59.03
C HIS C 201 46.93 -7.27 -57.50
N ASN C 202 47.69 -6.34 -56.93
CA ASN C 202 47.78 -6.13 -55.48
C ASN C 202 46.44 -6.11 -54.74
N SER C 203 45.44 -5.43 -55.31
CA SER C 203 44.21 -5.20 -54.56
C SER C 203 43.01 -5.05 -55.49
N PRO C 204 42.63 -6.14 -56.16
CA PRO C 204 41.46 -6.07 -57.05
C PRO C 204 40.17 -5.95 -56.22
N LEU C 205 39.26 -5.06 -56.63
CA LEU C 205 38.00 -4.93 -55.89
C LEU C 205 37.19 -6.21 -56.04
N SER C 206 37.14 -6.72 -57.26
CA SER C 206 36.25 -7.85 -57.56
C SER C 206 36.99 -9.03 -58.16
N LYS C 207 36.28 -10.15 -58.21
CA LYS C 207 36.81 -11.38 -58.75
C LYS C 207 37.11 -11.15 -60.22
N GLY C 208 38.24 -11.67 -60.70
CA GLY C 208 38.50 -11.74 -62.15
C GLY C 208 37.51 -12.68 -62.83
N TRP C 209 37.17 -12.38 -64.08
CA TRP C 209 36.28 -13.24 -64.85
C TRP C 209 36.77 -14.68 -64.92
N GLN C 210 38.09 -14.86 -65.03
CA GLN C 210 38.68 -16.22 -65.09
C GLN C 210 38.64 -16.93 -63.73
N ASP C 211 38.74 -16.17 -62.63
CA ASP C 211 38.93 -16.72 -61.28
C ASP C 211 37.85 -17.69 -60.87
N ARG C 212 38.26 -18.91 -60.51
CA ARG C 212 37.33 -19.87 -59.93
C ARG C 212 38.02 -20.58 -58.78
N GLY C 213 37.23 -21.32 -58.00
CA GLY C 213 37.76 -22.03 -56.84
C GLY C 213 38.37 -21.08 -55.84
N PRO C 214 39.48 -21.49 -55.21
CA PRO C 214 40.19 -20.67 -54.25
C PRO C 214 40.61 -19.31 -54.80
N SER C 215 40.95 -19.24 -56.09
CA SER C 215 41.43 -17.95 -56.61
C SER C 215 40.31 -16.88 -56.49
N SER C 216 39.04 -17.33 -56.45
CA SER C 216 37.91 -16.40 -56.39
C SER C 216 37.75 -15.71 -55.03
N TYR C 217 38.54 -16.14 -54.05
CA TYR C 217 38.56 -15.47 -52.76
C TYR C 217 39.48 -14.25 -52.72
N TYR C 218 40.36 -14.08 -53.72
CA TYR C 218 41.42 -13.06 -53.61
C TYR C 218 41.03 -11.70 -54.16
N ASN C 219 40.05 -11.08 -53.53
CA ASN C 219 39.65 -9.72 -53.89
C ASN C 219 38.96 -9.08 -52.71
N VAL C 220 38.87 -7.75 -52.77
CA VAL C 220 38.34 -6.98 -51.66
C VAL C 220 36.90 -7.39 -51.33
N GLU C 221 36.07 -7.52 -52.35
CA GLU C 221 34.66 -7.86 -52.12
C GLU C 221 34.49 -9.12 -51.31
N TYR C 222 35.20 -10.18 -51.72
CA TYR C 222 35.05 -11.47 -51.05
C TYR C 222 35.55 -11.39 -49.60
N ALA C 223 36.70 -10.76 -49.41
CA ALA C 223 37.24 -10.59 -48.05
C ALA C 223 36.27 -9.85 -47.13
N VAL C 224 35.71 -8.75 -47.62
CA VAL C 224 34.75 -7.95 -46.82
C VAL C 224 33.51 -8.81 -46.50
N GLY C 225 32.99 -9.48 -47.53
CA GLY C 225 31.78 -10.30 -47.41
C GLY C 225 32.01 -11.45 -46.41
N TYR C 226 33.20 -12.03 -46.48
CA TYR C 226 33.56 -13.14 -45.60
C TYR C 226 33.65 -12.74 -44.12
N TRP C 227 34.29 -11.60 -43.83
CA TRP C 227 34.35 -11.12 -42.44
C TRP C 227 32.95 -10.84 -41.86
N ILE C 228 32.09 -10.22 -42.67
CA ILE C 228 30.72 -9.99 -42.25
C ILE C 228 30.00 -11.33 -42.03
N HIS C 229 30.15 -12.24 -43.00
CA HIS C 229 29.54 -13.57 -42.91
C HIS C 229 29.98 -14.29 -41.63
N LYS C 230 31.23 -14.12 -41.23
CA LYS C 230 31.74 -14.79 -40.01
C LYS C 230 31.32 -14.07 -38.73
N GLY C 231 30.77 -12.87 -38.86
CA GLY C 231 30.10 -12.25 -37.72
C GLY C 231 30.64 -10.92 -37.26
N MET C 232 31.49 -10.30 -38.08
CA MET C 232 31.92 -8.93 -37.82
C MET C 232 30.83 -7.99 -38.36
N PRO C 233 30.26 -7.13 -37.48
CA PRO C 233 29.25 -6.19 -37.98
C PRO C 233 29.85 -5.34 -39.09
N SER C 234 29.07 -5.00 -40.10
CA SER C 234 29.65 -4.29 -41.26
C SER C 234 30.27 -2.95 -40.84
N GLU C 235 29.66 -2.29 -39.86
CA GLU C 235 30.15 -0.98 -39.45
C GLU C 235 31.47 -1.06 -38.70
N LYS C 236 31.89 -2.27 -38.33
CA LYS C 236 33.19 -2.44 -37.67
C LYS C 236 34.29 -2.85 -38.66
N VAL C 237 33.94 -3.00 -39.93
CA VAL C 237 34.96 -3.27 -40.95
C VAL C 237 35.43 -1.96 -41.56
N VAL C 238 36.69 -1.64 -41.37
CA VAL C 238 37.29 -0.49 -41.99
C VAL C 238 38.15 -1.05 -43.09
N MET C 239 37.76 -0.77 -44.33
CA MET C 239 38.27 -1.49 -45.48
C MET C 239 39.61 -0.91 -45.92
N GLY C 240 40.66 -1.74 -45.93
CA GLY C 240 41.99 -1.32 -46.35
C GLY C 240 42.15 -0.99 -47.83
N ILE C 241 42.90 0.07 -48.13
CA ILE C 241 43.20 0.52 -49.48
C ILE C 241 44.70 0.86 -49.53
N PRO C 242 45.43 0.29 -50.49
CA PRO C 242 46.87 0.50 -50.59
C PRO C 242 47.25 1.75 -51.40
N THR C 243 48.32 2.41 -50.98
CA THR C 243 48.85 3.51 -51.78
C THR C 243 50.12 3.04 -52.51
N TYR C 244 50.35 1.73 -52.60
CA TYR C 244 51.52 1.18 -53.28
C TYR C 244 50.98 0.13 -54.27
N GLY C 245 51.81 -0.35 -55.18
CA GLY C 245 51.40 -1.40 -56.10
C GLY C 245 52.44 -2.52 -56.09
N HIS C 246 52.09 -3.71 -56.57
CA HIS C 246 53.09 -4.76 -56.69
C HIS C 246 53.55 -4.87 -58.13
N SER C 247 54.86 -5.05 -58.30
CA SER C 247 55.47 -5.08 -59.62
C SER C 247 56.00 -6.48 -59.93
N PHE C 248 56.08 -6.78 -61.22
CA PHE C 248 56.62 -8.04 -61.71
C PHE C 248 57.53 -7.74 -62.89
N THR C 249 58.59 -8.53 -63.03
CA THR C 249 59.31 -8.57 -64.28
C THR C 249 58.70 -9.66 -65.18
N LEU C 250 58.27 -9.27 -66.38
CA LEU C 250 57.65 -10.21 -67.30
C LEU C 250 58.66 -11.19 -67.90
N ALA C 251 58.25 -12.45 -68.05
CA ALA C 251 59.11 -13.49 -68.61
C ALA C 251 58.94 -13.72 -70.13
N SER C 252 57.97 -13.04 -70.73
CA SER C 252 57.69 -13.21 -72.17
C SER C 252 57.05 -11.93 -72.70
N ALA C 253 56.59 -11.95 -73.95
CA ALA C 253 55.86 -10.79 -74.51
C ALA C 253 54.44 -10.63 -73.91
N GLU C 254 53.93 -11.67 -73.25
CA GLU C 254 52.59 -11.59 -72.64
C GLU C 254 52.53 -10.56 -71.51
N THR C 255 51.48 -9.74 -71.53
CA THR C 255 51.42 -8.57 -70.64
C THR C 255 50.10 -8.53 -69.86
N THR C 256 49.27 -9.55 -70.00
CA THR C 256 47.96 -9.60 -69.35
C THR C 256 48.05 -10.03 -67.87
N VAL C 257 46.93 -9.97 -67.16
CA VAL C 257 46.82 -10.55 -65.85
C VAL C 257 47.05 -12.06 -65.98
N GLY C 258 47.87 -12.61 -65.09
CA GLY C 258 48.20 -14.04 -65.11
C GLY C 258 49.31 -14.42 -66.09
N ALA C 259 49.98 -13.43 -66.68
CA ALA C 259 51.12 -13.68 -67.56
C ALA C 259 52.34 -14.15 -66.77
N PRO C 260 53.22 -14.94 -67.42
CA PRO C 260 54.45 -15.46 -66.82
C PRO C 260 55.36 -14.32 -66.38
N ALA C 261 55.92 -14.46 -65.18
CA ALA C 261 56.82 -13.46 -64.63
C ALA C 261 58.07 -14.16 -64.16
N SER C 262 59.23 -13.53 -64.34
CA SER C 262 60.48 -14.16 -63.96
C SER C 262 60.85 -13.80 -62.53
N GLY C 263 60.19 -12.78 -61.98
CA GLY C 263 60.50 -12.34 -60.62
C GLY C 263 59.80 -11.02 -60.27
N PRO C 264 60.17 -10.42 -59.12
CA PRO C 264 59.56 -9.13 -58.78
C PRO C 264 59.98 -8.07 -59.80
N GLY C 265 59.24 -6.97 -59.86
CA GLY C 265 59.65 -5.82 -60.68
C GLY C 265 60.91 -5.19 -60.12
N ALA C 266 61.62 -4.44 -60.98
CA ALA C 266 62.79 -3.66 -60.56
C ALA C 266 62.45 -2.75 -59.38
N ALA C 267 63.36 -2.65 -58.42
CA ALA C 267 63.13 -1.81 -57.24
C ALA C 267 62.93 -0.37 -57.68
N GLY C 268 62.10 0.37 -56.95
CA GLY C 268 61.95 1.79 -57.19
C GLY C 268 63.18 2.54 -56.69
N PRO C 269 63.47 3.72 -57.28
CA PRO C 269 64.66 4.48 -56.84
C PRO C 269 64.53 4.98 -55.40
N ILE C 270 63.31 5.14 -54.88
CA ILE C 270 63.14 5.68 -53.51
C ILE C 270 62.87 4.61 -52.45
N THR C 271 61.97 3.68 -52.80
CA THR C 271 61.63 2.63 -51.86
C THR C 271 62.65 1.49 -51.83
N GLU C 272 63.41 1.32 -52.92
CA GLU C 272 64.51 0.34 -52.97
C GLU C 272 64.09 -1.06 -52.55
N SER C 273 62.92 -1.51 -53.00
CA SER C 273 62.42 -2.84 -52.62
C SER C 273 61.77 -3.55 -53.82
N SER C 274 62.51 -4.45 -54.45
CA SER C 274 62.02 -5.15 -55.62
C SER C 274 60.67 -5.75 -55.31
N GLY C 275 59.65 -5.41 -56.07
CA GLY C 275 58.35 -6.05 -55.89
C GLY C 275 57.21 -5.11 -55.51
N PHE C 276 57.56 -3.93 -55.00
CA PHE C 276 56.55 -2.89 -54.81
C PHE C 276 57.05 -1.51 -55.19
N LEU C 277 56.12 -0.61 -55.40
CA LEU C 277 56.43 0.76 -55.69
C LEU C 277 55.45 1.65 -54.92
N ALA C 278 55.91 2.74 -54.33
CA ALA C 278 54.96 3.69 -53.71
C ALA C 278 54.26 4.48 -54.82
N TYR C 279 53.15 5.12 -54.51
CA TYR C 279 52.42 5.88 -55.53
C TYR C 279 53.29 6.97 -56.14
N TYR C 280 54.10 7.68 -55.34
CA TYR C 280 54.93 8.75 -55.92
C TYR C 280 55.98 8.20 -56.91
N GLU C 281 56.29 6.91 -56.83
CA GLU C 281 57.17 6.26 -57.83
C GLU C 281 56.33 5.83 -59.01
N ILE C 282 55.14 5.36 -58.72
CA ILE C 282 54.23 4.92 -59.76
C ILE C 282 53.91 6.03 -60.76
N CYS C 283 53.65 7.25 -60.27
CA CYS C 283 53.37 8.35 -61.22
C CYS C 283 54.55 8.54 -62.19
N GLN C 284 55.78 8.36 -61.73
CA GLN C 284 56.92 8.46 -62.65
C GLN C 284 56.95 7.27 -63.62
N PHE C 285 56.76 6.05 -63.11
CA PHE C 285 56.69 4.84 -63.94
C PHE C 285 55.68 5.00 -65.10
N LEU C 286 54.54 5.62 -64.79
CA LEU C 286 53.43 5.69 -65.74
C LEU C 286 53.77 6.53 -66.98
N LYS C 287 54.76 7.41 -66.85
CA LYS C 287 55.23 8.21 -67.98
C LYS C 287 55.91 7.30 -69.03
N GLY C 288 55.26 7.15 -70.18
CA GLY C 288 55.71 6.22 -71.23
C GLY C 288 55.16 4.81 -71.03
N ALA C 289 54.29 4.62 -70.04
CA ALA C 289 53.74 3.30 -69.82
C ALA C 289 52.39 3.18 -70.53
N LYS C 290 51.90 1.97 -70.66
CA LYS C 290 50.58 1.77 -71.18
C LYS C 290 49.68 1.23 -70.04
N ILE C 291 48.56 1.91 -69.81
CA ILE C 291 47.70 1.61 -68.68
C ILE C 291 46.47 0.90 -69.19
N THR C 292 46.11 -0.18 -68.50
CA THR C 292 44.90 -0.95 -68.82
C THR C 292 44.03 -0.99 -67.56
N ARG C 293 42.73 -0.68 -67.70
CA ARG C 293 41.83 -0.78 -66.55
C ARG C 293 41.12 -2.09 -66.66
N LEU C 294 41.15 -2.88 -65.61
CA LEU C 294 40.48 -4.17 -65.68
C LEU C 294 38.99 -3.97 -65.47
N GLN C 295 38.21 -4.38 -66.46
CA GLN C 295 36.78 -4.19 -66.39
C GLN C 295 36.13 -5.11 -65.39
N ASP C 296 36.74 -6.29 -65.18
CA ASP C 296 36.23 -7.22 -64.20
C ASP C 296 36.64 -6.81 -62.79
N GLN C 297 37.91 -6.49 -62.63
CA GLN C 297 38.45 -6.27 -61.27
C GLN C 297 38.42 -4.81 -60.79
N GLN C 298 38.10 -3.90 -61.70
CA GLN C 298 37.87 -2.47 -61.39
C GLN C 298 39.11 -1.72 -60.91
N VAL C 299 40.29 -2.16 -61.36
CA VAL C 299 41.55 -1.53 -60.98
C VAL C 299 42.50 -1.53 -62.17
N PRO C 300 43.49 -0.61 -62.17
CA PRO C 300 44.43 -0.54 -63.29
C PRO C 300 45.71 -1.37 -63.12
N TYR C 301 46.33 -1.74 -64.24
CA TYR C 301 47.73 -2.06 -64.23
C TYR C 301 48.44 -1.30 -65.35
N ALA C 302 49.76 -1.23 -65.27
CA ALA C 302 50.51 -0.52 -66.29
C ALA C 302 51.72 -1.34 -66.69
N VAL C 303 52.11 -1.22 -67.97
CA VAL C 303 53.24 -1.96 -68.49
C VAL C 303 54.21 -1.00 -69.19
N LYS C 304 55.49 -1.12 -68.89
CA LYS C 304 56.51 -0.38 -69.64
C LYS C 304 57.71 -1.31 -69.74
N GLY C 305 58.11 -1.62 -70.98
CA GLY C 305 59.17 -2.58 -71.21
C GLY C 305 58.74 -3.91 -70.59
N ASN C 306 59.66 -4.56 -69.88
CA ASN C 306 59.31 -5.83 -69.25
C ASN C 306 58.79 -5.70 -67.81
N GLN C 307 58.37 -4.48 -67.42
CA GLN C 307 57.83 -4.20 -66.08
C GLN C 307 56.31 -4.09 -66.10
N TRP C 308 55.65 -4.78 -65.16
CA TRP C 308 54.18 -4.81 -65.06
C TRP C 308 53.88 -4.44 -63.61
N VAL C 309 53.01 -3.45 -63.40
CA VAL C 309 52.73 -2.92 -62.07
C VAL C 309 51.23 -2.84 -61.86
N GLY C 310 50.72 -3.55 -60.84
CA GLY C 310 49.30 -3.44 -60.47
C GLY C 310 49.17 -2.50 -59.28
N TYR C 311 48.33 -1.48 -59.43
CA TYR C 311 48.29 -0.34 -58.49
C TYR C 311 46.88 0.23 -58.36
N ASP C 312 46.72 1.18 -57.43
CA ASP C 312 45.45 1.89 -57.26
C ASP C 312 45.65 3.37 -57.56
N ASP C 313 44.65 3.98 -58.17
CA ASP C 313 44.70 5.39 -58.50
C ASP C 313 43.43 6.09 -58.02
N VAL C 314 43.32 7.38 -58.29
CA VAL C 314 42.17 8.11 -57.81
C VAL C 314 40.84 7.46 -58.22
N LYS C 315 40.77 7.04 -59.48
CA LYS C 315 39.57 6.40 -60.01
C LYS C 315 39.21 5.05 -59.36
N SER C 316 40.19 4.15 -59.22
CA SER C 316 39.86 2.86 -58.55
C SER C 316 39.44 3.07 -57.09
N MET C 317 40.01 4.08 -56.43
CA MET C 317 39.64 4.33 -55.05
C MET C 317 38.22 4.92 -54.93
N GLU C 318 37.84 5.76 -55.89
CA GLU C 318 36.47 6.23 -55.93
C GLU C 318 35.50 5.04 -56.00
N THR C 319 35.78 4.10 -56.89
CA THR C 319 34.94 2.90 -56.98
C THR C 319 34.93 2.10 -55.69
N LYS C 320 36.10 1.94 -55.09
CA LYS C 320 36.19 1.27 -53.80
C LYS C 320 35.38 1.95 -52.70
N VAL C 321 35.37 3.28 -52.69
CA VAL C 321 34.54 4.00 -51.72
C VAL C 321 33.05 3.83 -52.02
N GLN C 322 32.64 3.84 -53.29
CA GLN C 322 31.22 3.62 -53.59
C GLN C 322 30.82 2.27 -53.02
N PHE C 323 31.72 1.31 -53.18
CA PHE C 323 31.50 -0.04 -52.68
C PHE C 323 31.37 -0.10 -51.16
N LEU C 324 32.35 0.42 -50.44
CA LEU C 324 32.28 0.38 -48.96
C LEU C 324 31.02 1.07 -48.41
N LYS C 325 30.57 2.13 -49.07
CA LYS C 325 29.33 2.78 -48.65
C LYS C 325 28.11 1.92 -48.90
N ASN C 326 28.09 1.27 -50.06
CA ASN C 326 26.98 0.40 -50.40
C ASN C 326 26.90 -0.79 -49.46
N LEU C 327 28.04 -1.19 -48.91
CA LEU C 327 28.05 -2.33 -47.99
C LEU C 327 28.03 -1.90 -46.53
N ASN C 328 27.66 -0.65 -46.28
CA ASN C 328 27.60 -0.05 -44.94
C ASN C 328 28.78 -0.39 -44.04
N LEU C 329 29.97 -0.27 -44.60
CA LEU C 329 31.18 -0.55 -43.83
C LEU C 329 31.49 0.65 -42.95
N GLY C 330 32.48 0.52 -42.08
CA GLY C 330 32.79 1.58 -41.13
C GLY C 330 33.63 2.72 -41.70
N GLY C 331 34.29 2.48 -42.82
CA GLY C 331 35.07 3.54 -43.46
C GLY C 331 36.21 2.91 -44.23
N ALA C 332 37.26 3.69 -44.53
CA ALA C 332 38.41 3.18 -45.27
C ALA C 332 39.67 3.27 -44.40
N MET C 333 40.60 2.34 -44.61
CA MET C 333 41.90 2.42 -43.97
C MET C 333 42.94 2.55 -45.10
N ILE C 334 44.04 3.26 -44.85
CA ILE C 334 45.05 3.46 -45.86
C ILE C 334 46.36 2.86 -45.40
N TRP C 335 46.95 1.95 -46.19
CA TRP C 335 48.32 1.56 -45.95
C TRP C 335 49.18 2.01 -47.14
N SER C 336 50.04 3.04 -46.99
CA SER C 336 50.15 3.90 -45.82
C SER C 336 50.33 5.35 -46.33
N ILE C 337 50.00 6.34 -45.53
CA ILE C 337 49.93 7.68 -46.12
C ILE C 337 51.31 8.19 -46.56
N ASP C 338 52.36 7.61 -46.01
CA ASP C 338 53.70 8.04 -46.39
C ASP C 338 54.17 7.50 -47.73
N MET C 339 53.33 6.69 -48.39
CA MET C 339 53.59 6.22 -49.76
C MET C 339 52.64 6.86 -50.80
N ASP C 340 51.66 7.60 -50.34
CA ASP C 340 50.92 8.52 -51.20
C ASP C 340 51.91 9.65 -51.57
N ASP C 341 51.58 10.48 -52.56
CA ASP C 341 52.45 11.62 -52.90
C ASP C 341 52.24 12.72 -51.86
N PHE C 342 52.71 12.45 -50.65
CA PHE C 342 52.39 13.33 -49.51
C PHE C 342 52.89 14.78 -49.68
N THR C 343 53.99 14.98 -50.40
CA THR C 343 54.47 16.36 -50.64
C THR C 343 53.87 17.01 -51.87
N GLY C 344 53.24 16.22 -52.75
CA GLY C 344 52.72 16.76 -54.00
C GLY C 344 53.78 16.98 -55.07
N LYS C 345 55.04 16.65 -54.76
CA LYS C 345 56.11 16.95 -55.72
C LYS C 345 56.20 16.01 -56.91
N SER C 346 55.59 14.83 -56.81
CA SER C 346 55.83 13.86 -57.87
C SER C 346 54.69 13.76 -58.89
N CYS C 347 53.45 13.80 -58.41
CA CYS C 347 52.34 13.40 -59.24
C CYS C 347 51.52 14.55 -59.82
N ASN C 348 51.82 15.77 -59.41
CA ASN C 348 51.11 16.97 -59.91
C ASN C 348 49.59 16.93 -59.63
N GLN C 349 49.20 16.34 -58.50
CA GLN C 349 47.78 16.23 -58.18
C GLN C 349 47.55 16.84 -56.79
N GLY C 350 48.49 17.66 -56.32
CA GLY C 350 48.42 18.22 -54.95
C GLY C 350 48.91 17.23 -53.90
N PRO C 351 49.00 17.64 -52.63
CA PRO C 351 49.48 16.75 -51.56
C PRO C 351 48.45 15.65 -51.18
N TYR C 352 48.93 14.43 -50.93
CA TYR C 352 48.08 13.27 -50.65
C TYR C 352 46.93 13.07 -51.65
N PRO C 353 47.25 12.98 -52.95
CA PRO C 353 46.19 12.91 -53.95
C PRO C 353 45.26 11.70 -53.75
N LEU C 354 45.82 10.55 -53.37
CA LEU C 354 45.02 9.34 -53.17
C LEU C 354 44.15 9.47 -51.93
N VAL C 355 44.76 9.83 -50.80
CA VAL C 355 44.00 10.00 -49.57
C VAL C 355 42.93 11.10 -49.66
N GLN C 356 43.28 12.23 -50.27
CA GLN C 356 42.33 13.31 -50.48
C GLN C 356 41.12 12.83 -51.26
N ALA C 357 41.37 12.06 -52.31
CA ALA C 357 40.25 11.52 -53.09
C ALA C 357 39.36 10.59 -52.24
N VAL C 358 39.97 9.78 -51.39
CA VAL C 358 39.16 8.91 -50.53
C VAL C 358 38.35 9.75 -49.54
N LYS C 359 38.99 10.77 -48.96
CA LYS C 359 38.32 11.65 -48.02
C LYS C 359 37.12 12.30 -48.69
N ARG C 360 37.36 12.83 -49.90
CA ARG C 360 36.31 13.48 -50.66
C ARG C 360 35.12 12.56 -50.94
N SER C 361 35.41 11.33 -51.41
CA SER C 361 34.36 10.39 -51.76
C SER C 361 33.55 9.99 -50.54
N LEU C 362 34.25 9.86 -49.41
CA LEU C 362 33.61 9.50 -48.16
C LEU C 362 32.67 10.60 -47.66
N GLY C 363 33.01 11.86 -47.94
CA GLY C 363 32.30 12.98 -47.32
C GLY C 363 31.16 13.48 -48.18
N SER C 364 31.19 13.14 -49.46
CA SER C 364 30.23 13.67 -50.41
C SER C 364 28.99 12.81 -50.41
N ALA D 1 -24.48 6.87 9.04
CA ALA D 1 -25.30 7.92 9.70
C ALA D 1 -24.69 9.28 9.38
N TYR D 2 -25.42 10.36 9.60
CA TYR D 2 -24.91 11.66 9.19
C TYR D 2 -23.84 12.14 10.15
N LYS D 3 -22.89 12.93 9.66
CA LYS D 3 -21.90 13.55 10.52
C LYS D 3 -22.43 14.89 10.98
N LEU D 4 -22.03 15.30 12.18
CA LEU D 4 -22.25 16.67 12.64
C LEU D 4 -20.87 17.21 13.09
N VAL D 5 -20.33 18.07 12.26
CA VAL D 5 -18.93 18.42 12.37
C VAL D 5 -18.88 19.84 12.91
N CYS D 6 -18.26 20.04 14.06
CA CYS D 6 -18.37 21.33 14.75
C CYS D 6 -17.04 22.01 14.96
N TYR D 7 -16.83 23.14 14.29
CA TYR D 7 -15.62 23.93 14.51
C TYR D 7 -15.80 24.72 15.80
N PHE D 8 -14.72 24.91 16.56
CA PHE D 8 -14.70 25.86 17.67
C PHE D 8 -13.38 26.64 17.60
N THR D 9 -13.34 27.81 18.21
CA THR D 9 -12.23 28.69 17.90
C THR D 9 -11.42 28.99 19.14
N ASN D 10 -10.15 29.34 18.96
CA ASN D 10 -9.32 29.57 20.13
C ASN D 10 -9.50 30.99 20.66
N TRP D 11 -9.96 31.90 19.81
CA TRP D 11 -10.06 33.31 20.21
C TRP D 11 -11.33 33.61 21.03
N SER D 12 -12.31 32.72 21.04
CA SER D 12 -13.54 32.99 21.81
C SER D 12 -13.29 33.06 23.31
N GLN D 13 -12.17 32.52 23.77
CA GLN D 13 -11.85 32.52 25.20
C GLN D 13 -11.58 33.93 25.75
N ASP D 14 -11.37 34.89 24.86
CA ASP D 14 -11.08 36.26 25.26
C ASP D 14 -12.34 37.15 25.34
N ARG D 15 -13.49 36.63 24.90
CA ARG D 15 -14.75 37.37 24.97
C ARG D 15 -15.37 37.36 26.38
N GLN D 16 -16.33 38.26 26.61
CA GLN D 16 -17.08 38.35 27.88
C GLN D 16 -18.36 37.52 27.80
N GLU D 17 -19.00 37.27 28.93
CA GLU D 17 -20.24 36.47 28.91
C GLU D 17 -21.32 37.27 28.19
N PRO D 18 -22.23 36.59 27.47
CA PRO D 18 -22.36 35.13 27.35
C PRO D 18 -21.52 34.52 26.24
N GLY D 19 -20.43 35.19 25.87
CA GLY D 19 -19.62 34.77 24.74
C GLY D 19 -18.27 34.15 25.09
N LYS D 20 -17.90 34.20 26.37
CA LYS D 20 -16.65 33.60 26.84
C LYS D 20 -16.72 32.08 26.73
N PHE D 21 -15.99 31.50 25.77
CA PHE D 21 -16.06 30.08 25.48
C PHE D 21 -14.70 29.45 25.69
N THR D 22 -14.67 28.28 26.32
CA THR D 22 -13.43 27.49 26.39
C THR D 22 -13.83 26.07 26.09
N PRO D 23 -12.83 25.20 25.81
CA PRO D 23 -13.16 23.80 25.50
C PRO D 23 -14.00 23.08 26.56
N GLU D 24 -13.98 23.58 27.80
CA GLU D 24 -14.82 22.99 28.86
C GLU D 24 -16.30 23.29 28.65
N ASN D 25 -16.62 24.24 27.78
CA ASN D 25 -18.03 24.48 27.39
C ASN D 25 -18.56 23.44 26.41
N ILE D 26 -17.67 22.57 25.94
CA ILE D 26 -18.07 21.61 24.92
C ILE D 26 -18.81 20.40 25.49
N ASP D 27 -19.95 20.07 24.91
CA ASP D 27 -20.68 18.86 25.27
C ASP D 27 -20.13 17.73 24.44
N PRO D 28 -19.65 16.65 25.08
CA PRO D 28 -18.97 15.61 24.30
C PRO D 28 -19.88 14.82 23.35
N PHE D 29 -21.19 14.87 23.57
CA PHE D 29 -22.13 14.11 22.74
C PHE D 29 -22.92 15.00 21.77
N LEU D 30 -22.56 16.28 21.73
CA LEU D 30 -23.27 17.19 20.86
C LEU D 30 -22.99 16.83 19.37
N CYS D 31 -21.71 16.75 19.01
CA CYS D 31 -21.29 16.62 17.61
C CYS D 31 -20.60 15.29 17.43
N SER D 32 -20.42 14.86 16.17
CA SER D 32 -19.70 13.61 15.93
C SER D 32 -18.19 13.91 15.78
N HIS D 33 -17.89 15.15 15.37
CA HIS D 33 -16.51 15.59 15.09
C HIS D 33 -16.36 17.01 15.59
N LEU D 34 -15.28 17.30 16.33
CA LEU D 34 -15.00 18.66 16.75
C LEU D 34 -13.73 19.11 16.02
N ILE D 35 -13.62 20.39 15.67
CA ILE D 35 -12.42 20.85 15.00
C ILE D 35 -11.90 22.16 15.60
N TYR D 36 -10.66 22.13 16.14
CA TYR D 36 -10.06 23.29 16.77
C TYR D 36 -9.50 24.23 15.70
N SER D 37 -9.85 25.53 15.78
CA SER D 37 -9.38 26.56 14.86
C SER D 37 -8.61 27.69 15.60
N PHE D 38 -7.38 28.02 15.21
CA PHE D 38 -6.61 27.37 14.14
C PHE D 38 -5.17 27.11 14.62
N ALA D 39 -4.55 26.06 14.09
CA ALA D 39 -3.10 25.88 14.26
C ALA D 39 -2.33 26.81 13.31
N SER D 40 -1.06 27.04 13.62
CA SER D 40 -0.24 27.89 12.79
C SER D 40 0.99 27.10 12.32
N ILE D 41 1.89 27.75 11.61
CA ILE D 41 3.11 27.07 11.18
C ILE D 41 4.30 27.94 11.53
N GLU D 42 5.33 27.36 12.12
CA GLU D 42 6.48 28.13 12.53
C GLU D 42 7.73 27.32 12.22
N ASN D 43 8.67 27.95 11.51
CA ASN D 43 9.83 27.21 10.99
C ASN D 43 9.40 25.89 10.37
N ASN D 44 8.34 25.94 9.56
CA ASN D 44 7.84 24.79 8.78
C ASN D 44 7.28 23.64 9.60
N LYS D 45 6.98 23.91 10.87
CA LYS D 45 6.33 22.91 11.70
C LYS D 45 5.05 23.49 12.28
N VAL D 46 4.11 22.59 12.57
CA VAL D 46 2.80 22.97 13.07
C VAL D 46 2.86 23.34 14.56
N ILE D 47 2.33 24.51 14.93
CA ILE D 47 2.28 24.90 16.34
C ILE D 47 0.87 25.35 16.71
N ILE D 48 0.54 25.30 18.00
CA ILE D 48 -0.69 25.92 18.48
C ILE D 48 -0.29 27.16 19.26
N LYS D 49 -0.87 28.30 18.90
CA LYS D 49 -0.62 29.52 19.65
C LYS D 49 -1.88 29.85 20.47
N ASP D 50 -1.86 29.49 21.74
CA ASP D 50 -3.06 29.49 22.58
C ASP D 50 -2.56 29.53 24.01
N LYS D 51 -2.93 30.57 24.74
CA LYS D 51 -2.45 30.69 26.12
C LYS D 51 -3.10 29.68 27.07
N SER D 52 -4.17 29.01 26.64
CA SER D 52 -4.75 27.94 27.45
C SER D 52 -4.47 26.59 26.82
N GLU D 53 -3.29 26.47 26.21
CA GLU D 53 -2.88 25.26 25.53
C GLU D 53 -2.96 24.01 26.42
N VAL D 54 -2.48 24.12 27.66
CA VAL D 54 -2.53 23.00 28.61
C VAL D 54 -3.96 22.49 28.86
N MET D 55 -4.88 23.41 29.14
CA MET D 55 -6.26 23.02 29.36
C MET D 55 -6.86 22.41 28.09
N LEU D 56 -6.42 22.90 26.93
CA LEU D 56 -6.93 22.37 25.67
C LEU D 56 -6.69 20.86 25.61
N TYR D 57 -5.45 20.46 25.89
CA TYR D 57 -5.06 19.05 25.79
C TYR D 57 -5.77 18.22 26.85
N GLN D 58 -5.91 18.78 28.05
CA GLN D 58 -6.61 18.08 29.12
C GLN D 58 -8.07 17.88 28.72
N THR D 59 -8.66 18.93 28.15
CA THR D 59 -10.07 18.85 27.81
C THR D 59 -10.28 17.88 26.65
N ILE D 60 -9.37 17.89 25.70
CA ILE D 60 -9.49 16.93 24.60
C ILE D 60 -9.53 15.49 25.11
N ASN D 61 -8.68 15.17 26.08
CA ASN D 61 -8.61 13.80 26.59
C ASN D 61 -9.88 13.45 27.38
N SER D 62 -10.32 14.40 28.17
CA SER D 62 -11.53 14.23 28.97
C SER D 62 -12.78 14.04 28.07
N LEU D 63 -12.92 14.87 27.03
CA LEU D 63 -14.05 14.73 26.11
C LEU D 63 -14.10 13.33 25.48
N LYS D 64 -12.94 12.88 25.03
CA LYS D 64 -12.82 11.63 24.32
C LYS D 64 -12.94 10.45 25.27
N THR D 65 -12.51 10.63 26.53
CA THR D 65 -12.80 9.62 27.55
C THR D 65 -14.31 9.53 27.75
N LYS D 66 -14.98 10.66 27.87
CA LYS D 66 -16.43 10.66 28.07
C LYS D 66 -17.18 10.07 26.87
N ASN D 67 -16.73 10.39 25.65
CA ASN D 67 -17.34 9.83 24.45
C ASN D 67 -16.33 9.16 23.52
N PRO D 68 -16.09 7.85 23.69
CA PRO D 68 -14.99 7.24 22.92
C PRO D 68 -15.20 7.23 21.40
N LYS D 69 -16.36 7.64 20.90
CA LYS D 69 -16.57 7.72 19.45
C LYS D 69 -16.24 9.08 18.86
N LEU D 70 -16.18 10.08 19.72
CA LEU D 70 -15.94 11.47 19.29
C LEU D 70 -14.62 11.59 18.54
N LYS D 71 -14.62 12.30 17.41
CA LYS D 71 -13.35 12.62 16.72
C LYS D 71 -13.02 14.09 16.91
N ILE D 72 -11.77 14.40 17.19
CA ILE D 72 -11.35 15.79 17.33
C ILE D 72 -10.20 16.05 16.36
N LEU D 73 -10.40 17.01 15.46
CA LEU D 73 -9.41 17.33 14.42
C LEU D 73 -8.79 18.69 14.70
N LEU D 74 -7.59 18.91 14.17
CA LEU D 74 -6.92 20.21 14.24
C LEU D 74 -7.11 20.88 12.87
N SER D 75 -7.50 22.16 12.84
CA SER D 75 -7.55 22.86 11.55
C SER D 75 -6.38 23.81 11.40
N ILE D 76 -5.78 23.82 10.21
CA ILE D 76 -4.80 24.85 9.90
C ILE D 76 -5.32 25.70 8.74
N GLY D 77 -5.25 27.01 8.90
CA GLY D 77 -5.69 27.91 7.84
C GLY D 77 -6.67 28.97 8.31
N GLY D 78 -7.74 29.14 7.54
CA GLY D 78 -8.70 30.19 7.82
C GLY D 78 -8.38 31.48 7.10
N TYR D 79 -9.32 32.42 7.17
CA TYR D 79 -9.24 33.66 6.41
C TYR D 79 -7.98 34.51 6.71
N LEU D 80 -7.72 34.79 7.97
CA LEU D 80 -6.60 35.68 8.32
C LEU D 80 -5.24 35.06 7.98
N PHE D 81 -5.16 33.75 8.10
CA PHE D 81 -3.94 33.00 7.80
C PHE D 81 -3.62 33.09 6.30
N GLY D 82 -4.66 33.01 5.49
CA GLY D 82 -4.53 33.25 4.05
C GLY D 82 -3.67 32.22 3.32
N SER D 83 -3.14 32.63 2.17
CA SER D 83 -2.12 31.87 1.49
C SER D 83 -0.76 32.10 2.12
N LYS D 84 -0.49 33.34 2.55
CA LYS D 84 0.85 33.69 3.01
C LYS D 84 1.27 32.81 4.18
N GLY D 85 0.31 32.35 4.97
CA GLY D 85 0.61 31.46 6.11
C GLY D 85 1.27 30.16 5.68
N PHE D 86 0.97 29.74 4.45
CA PHE D 86 1.43 28.44 3.96
C PHE D 86 2.82 28.49 3.35
N HIS D 87 3.40 29.71 3.26
CA HIS D 87 4.74 29.92 2.74
C HIS D 87 5.69 30.31 3.89
N PRO D 88 6.96 29.88 3.83
CA PRO D 88 7.56 29.14 2.73
C PRO D 88 7.37 27.62 2.84
N MET D 89 6.55 27.16 3.77
CA MET D 89 6.39 25.71 3.96
C MET D 89 6.11 24.92 2.68
N VAL D 90 5.19 25.38 1.85
CA VAL D 90 4.78 24.61 0.68
C VAL D 90 5.77 24.68 -0.48
N ASP D 91 6.74 25.61 -0.38
CA ASP D 91 7.64 25.95 -1.49
C ASP D 91 8.66 24.89 -1.89
N SER D 92 8.87 23.89 -1.05
CA SER D 92 9.83 22.85 -1.43
C SER D 92 9.48 21.53 -0.79
N SER D 93 10.07 20.47 -1.32
CA SER D 93 9.91 19.14 -0.80
C SER D 93 10.46 19.08 0.62
N THR D 94 11.63 19.66 0.85
CA THR D 94 12.23 19.49 2.16
C THR D 94 11.25 20.07 3.20
N SER D 95 10.73 21.27 2.92
CA SER D 95 9.91 21.96 3.88
C SER D 95 8.54 21.30 4.10
N ARG D 96 8.00 20.65 3.07
CA ARG D 96 6.68 20.03 3.19
C ARG D 96 6.79 18.74 3.98
N LEU D 97 7.95 18.11 3.87
CA LEU D 97 8.18 16.87 4.57
C LEU D 97 8.34 17.18 6.05
N GLU D 98 9.13 18.21 6.33
CA GLU D 98 9.33 18.70 7.68
C GLU D 98 7.98 19.01 8.34
N PHE D 99 7.07 19.59 7.58
CA PHE D 99 5.77 19.98 8.09
C PHE D 99 4.90 18.76 8.32
N ILE D 100 4.83 17.90 7.31
CA ILE D 100 4.04 16.67 7.41
C ILE D 100 4.46 15.75 8.55
N ASN D 101 5.76 15.60 8.77
CA ASN D 101 6.26 14.86 9.93
C ASN D 101 5.81 15.52 11.22
N SER D 102 5.89 16.85 11.27
CA SER D 102 5.52 17.58 12.48
C SER D 102 4.04 17.35 12.74
N ILE D 103 3.26 17.26 11.66
CA ILE D 103 1.81 17.05 11.73
C ILE D 103 1.43 15.72 12.35
N ILE D 104 1.90 14.62 11.74
CA ILE D 104 1.63 13.28 12.28
C ILE D 104 2.07 13.16 13.75
N LEU D 105 3.25 13.67 14.07
CA LEU D 105 3.76 13.54 15.44
C LEU D 105 2.87 14.30 16.42
N PHE D 106 2.57 15.56 16.09
CA PHE D 106 1.81 16.45 16.96
C PHE D 106 0.38 15.91 17.17
N LEU D 107 -0.24 15.43 16.09
CA LEU D 107 -1.61 14.87 16.19
C LEU D 107 -1.64 13.65 17.09
N ARG D 108 -0.70 12.75 16.89
CA ARG D 108 -0.60 11.55 17.72
C ARG D 108 -0.29 11.91 19.18
N ASN D 109 0.74 12.71 19.41
CA ASN D 109 1.08 13.11 20.77
C ASN D 109 -0.04 13.84 21.51
N HIS D 110 -0.90 14.54 20.78
CA HIS D 110 -1.94 15.32 21.46
C HIS D 110 -3.35 14.73 21.34
N ASN D 111 -3.46 13.48 20.87
CA ASN D 111 -4.73 12.77 20.84
C ASN D 111 -5.78 13.35 19.86
N PHE D 112 -5.30 13.95 18.77
CA PHE D 112 -6.17 14.43 17.68
C PHE D 112 -6.40 13.30 16.70
N ASP D 113 -7.59 13.24 16.11
CA ASP D 113 -7.93 12.17 15.17
C ASP D 113 -7.63 12.50 13.69
N GLY D 114 -7.15 13.70 13.39
CA GLY D 114 -6.93 14.09 11.98
C GLY D 114 -6.67 15.57 11.79
N LEU D 115 -6.41 15.97 10.54
CA LEU D 115 -6.10 17.35 10.17
C LEU D 115 -7.18 17.88 9.24
N ASP D 116 -7.63 19.11 9.46
CA ASP D 116 -8.49 19.84 8.52
C ASP D 116 -7.63 20.90 7.85
N VAL D 117 -7.49 20.87 6.53
CA VAL D 117 -6.75 21.94 5.91
C VAL D 117 -7.74 22.92 5.29
N SER D 118 -7.82 24.13 5.84
CA SER D 118 -8.78 25.12 5.37
C SER D 118 -8.05 26.29 4.79
N TRP D 119 -7.52 26.07 3.59
CA TRP D 119 -6.68 27.08 2.95
C TRP D 119 -7.60 28.09 2.24
N ILE D 120 -7.58 29.34 2.72
CA ILE D 120 -8.46 30.39 2.18
C ILE D 120 -7.63 31.44 1.42
N TYR D 121 -7.47 31.35 0.09
CA TYR D 121 -7.87 30.24 -0.81
C TYR D 121 -6.65 29.94 -1.68
N PRO D 122 -6.54 28.72 -2.23
CA PRO D 122 -5.43 28.50 -3.17
C PRO D 122 -5.55 29.42 -4.38
N ASP D 123 -6.77 29.63 -4.86
CA ASP D 123 -6.99 30.36 -6.11
C ASP D 123 -6.12 29.72 -7.22
N GLN D 124 -6.01 30.42 -8.36
CA GLN D 124 -5.27 29.84 -9.48
C GLN D 124 -3.79 29.69 -9.16
N LYS D 125 -3.26 30.67 -8.46
CA LYS D 125 -1.83 30.75 -8.16
C LYS D 125 -1.31 29.58 -7.32
N GLU D 126 -2.09 29.10 -6.37
CA GLU D 126 -1.61 28.05 -5.49
C GLU D 126 -2.38 26.74 -5.66
N ASN D 127 -3.13 26.66 -6.74
CA ASN D 127 -3.90 25.46 -7.06
C ASN D 127 -2.97 24.23 -7.01
N THR D 128 -1.82 24.34 -7.66
CA THR D 128 -0.90 23.22 -7.70
C THR D 128 -0.34 22.91 -6.31
N HIS D 129 0.12 23.94 -5.60
CA HIS D 129 0.70 23.72 -4.27
C HIS D 129 -0.32 23.05 -3.36
N PHE D 130 -1.56 23.53 -3.40
CA PHE D 130 -2.60 22.95 -2.54
C PHE D 130 -2.84 21.49 -2.92
N THR D 131 -2.97 21.23 -4.21
CA THR D 131 -3.30 19.88 -4.67
C THR D 131 -2.21 18.88 -4.26
N VAL D 132 -0.97 19.32 -4.33
CA VAL D 132 0.19 18.48 -3.96
C VAL D 132 0.23 18.29 -2.44
N LEU D 133 0.06 19.38 -1.70
CA LEU D 133 0.04 19.32 -0.22
C LEU D 133 -0.97 18.31 0.29
N ILE D 134 -2.20 18.41 -0.21
CA ILE D 134 -3.26 17.47 0.14
C ILE D 134 -2.89 16.02 -0.24
N HIS D 135 -2.37 15.83 -1.45
CA HIS D 135 -2.05 14.48 -1.87
C HIS D 135 -0.93 13.88 -1.01
N GLU D 136 0.08 14.68 -0.68
CA GLU D 136 1.18 14.16 0.14
C GLU D 136 0.73 13.86 1.59
N LEU D 137 -0.18 14.67 2.10
CA LEU D 137 -0.73 14.44 3.44
C LEU D 137 -1.48 13.12 3.42
N ALA D 138 -2.35 12.94 2.44
CA ALA D 138 -3.10 11.68 2.36
C ALA D 138 -2.11 10.53 2.34
N GLU D 139 -1.12 10.58 1.45
CA GLU D 139 -0.14 9.50 1.34
C GLU D 139 0.55 9.21 2.66
N ALA D 140 1.00 10.26 3.33
CA ALA D 140 1.68 10.10 4.62
C ALA D 140 0.75 9.56 5.74
N PHE D 141 -0.52 9.97 5.75
CA PHE D 141 -1.49 9.42 6.72
C PHE D 141 -1.75 7.94 6.44
N GLN D 142 -1.81 7.58 5.17
CA GLN D 142 -1.96 6.19 4.81
C GLN D 142 -0.71 5.37 5.19
N LYS D 143 0.47 5.89 4.87
CA LYS D 143 1.71 5.21 5.30
C LYS D 143 1.77 5.02 6.83
N ASP D 144 1.49 6.10 7.56
CA ASP D 144 1.46 6.05 9.02
C ASP D 144 0.51 4.97 9.51
N PHE D 145 -0.69 4.95 8.93
CA PHE D 145 -1.69 3.96 9.29
C PHE D 145 -1.11 2.54 9.30
N THR D 146 -0.40 2.18 8.23
CA THR D 146 0.13 0.82 8.08
C THR D 146 1.28 0.47 9.04
N LYS D 147 1.84 1.48 9.70
CA LYS D 147 2.84 1.23 10.75
C LYS D 147 2.18 1.29 12.14
N SER D 148 0.87 1.57 12.15
CA SER D 148 0.02 1.48 13.34
C SER D 148 -0.86 0.22 13.23
N THR D 149 -1.59 -0.20 14.27
CA THR D 149 -1.56 0.27 15.68
C THR D 149 -2.36 1.54 15.98
N LYS D 150 -3.48 1.71 15.30
CA LYS D 150 -4.27 2.90 15.53
C LYS D 150 -5.03 3.22 14.27
N GLU D 151 -6.13 3.93 14.44
CA GLU D 151 -6.96 4.32 13.32
C GLU D 151 -6.18 5.30 12.44
N ARG D 152 -6.42 5.24 11.14
CA ARG D 152 -5.76 6.18 10.24
C ARG D 152 -6.19 7.62 10.53
N LEU D 153 -5.22 8.53 10.56
CA LEU D 153 -5.54 9.95 10.70
C LEU D 153 -6.47 10.43 9.58
N LEU D 154 -7.50 11.20 9.94
CA LEU D 154 -8.46 11.71 8.97
C LEU D 154 -7.87 12.94 8.29
N LEU D 155 -8.32 13.22 7.08
CA LEU D 155 -7.90 14.42 6.35
C LEU D 155 -9.12 15.06 5.73
N THR D 156 -9.44 16.27 6.15
CA THR D 156 -10.57 16.99 5.60
C THR D 156 -10.08 18.34 5.11
N ALA D 157 -10.92 19.05 4.38
CA ALA D 157 -10.59 20.40 3.98
C ALA D 157 -11.82 21.28 4.02
N GLY D 158 -11.68 22.48 4.58
CA GLY D 158 -12.68 23.52 4.45
C GLY D 158 -12.49 24.18 3.07
N VAL D 159 -13.53 24.17 2.25
CA VAL D 159 -13.41 24.62 0.87
C VAL D 159 -14.45 25.67 0.47
N SER D 160 -14.09 26.53 -0.47
CA SER D 160 -14.97 27.61 -0.89
C SER D 160 -16.28 27.08 -1.47
N ALA D 161 -17.33 27.87 -1.27
CA ALA D 161 -18.65 27.59 -1.84
C ALA D 161 -18.97 28.50 -3.03
N GLY D 162 -17.99 29.30 -3.43
CA GLY D 162 -18.17 30.25 -4.54
C GLY D 162 -17.66 29.67 -5.83
N ARG D 163 -18.53 29.67 -6.85
CA ARG D 163 -18.24 28.97 -8.09
C ARG D 163 -16.89 29.32 -8.72
N GLN D 164 -16.61 30.61 -8.85
CA GLN D 164 -15.35 31.08 -9.41
C GLN D 164 -14.12 30.58 -8.65
N MET D 165 -14.17 30.69 -7.32
CA MET D 165 -13.04 30.29 -6.48
C MET D 165 -12.85 28.77 -6.53
N ILE D 166 -13.96 28.05 -6.60
CA ILE D 166 -13.91 26.58 -6.77
C ILE D 166 -13.19 26.22 -8.07
N ASP D 167 -13.62 26.81 -9.18
CA ASP D 167 -13.01 26.54 -10.48
C ASP D 167 -11.52 26.86 -10.47
N ASN D 168 -11.16 27.98 -9.82
CA ASN D 168 -9.76 28.43 -9.78
C ASN D 168 -8.86 27.55 -8.89
N SER D 169 -9.39 27.11 -7.75
CA SER D 169 -8.57 26.62 -6.64
C SER D 169 -8.35 25.11 -6.63
N TYR D 170 -9.32 24.34 -7.11
CA TYR D 170 -9.37 22.93 -6.77
C TYR D 170 -9.32 21.97 -7.95
N GLN D 171 -8.66 20.83 -7.75
CA GLN D 171 -8.73 19.70 -8.67
C GLN D 171 -9.67 18.71 -8.04
N VAL D 172 -10.94 18.80 -8.41
CA VAL D 172 -12.01 18.28 -7.56
C VAL D 172 -12.05 16.77 -7.50
N GLU D 173 -11.93 16.11 -8.65
CA GLU D 173 -11.98 14.65 -8.64
C GLU D 173 -10.84 14.07 -7.81
N LYS D 174 -9.70 14.74 -7.86
CA LYS D 174 -8.52 14.33 -7.11
C LYS D 174 -8.71 14.48 -5.61
N LEU D 175 -9.27 15.61 -5.21
CA LEU D 175 -9.66 15.87 -3.83
C LEU D 175 -10.62 14.78 -3.31
N ALA D 176 -11.57 14.39 -4.15
CA ALA D 176 -12.54 13.36 -3.79
C ALA D 176 -11.82 12.07 -3.40
N LYS D 177 -10.64 11.87 -3.97
CA LYS D 177 -9.82 10.70 -3.66
C LYS D 177 -9.00 10.86 -2.40
N ASP D 178 -8.40 12.02 -2.21
CA ASP D 178 -7.46 12.24 -1.13
C ASP D 178 -8.10 12.59 0.22
N LEU D 179 -9.31 13.14 0.19
CA LEU D 179 -10.00 13.60 1.40
C LEU D 179 -11.01 12.60 1.91
N ASP D 180 -11.12 12.49 3.24
CA ASP D 180 -12.22 11.78 3.85
C ASP D 180 -13.52 12.53 3.58
N PHE D 181 -13.51 13.86 3.74
CA PHE D 181 -14.66 14.70 3.34
C PHE D 181 -14.31 16.17 3.20
N ILE D 182 -15.16 16.94 2.52
CA ILE D 182 -15.00 18.39 2.57
C ILE D 182 -15.95 19.04 3.58
N ASN D 183 -15.43 20.05 4.26
CA ASN D 183 -16.24 20.98 5.04
C ASN D 183 -16.58 22.15 4.12
N LEU D 184 -17.77 22.08 3.51
CA LEU D 184 -18.18 23.11 2.54
C LEU D 184 -18.53 24.37 3.29
N LEU D 185 -17.82 25.45 2.97
CA LEU D 185 -17.96 26.72 3.67
C LEU D 185 -19.13 27.48 3.01
N SER D 186 -20.34 26.90 3.11
CA SER D 186 -21.54 27.45 2.45
C SER D 186 -22.13 28.59 3.29
N PHE D 187 -21.38 29.67 3.37
CA PHE D 187 -21.79 30.89 4.06
C PHE D 187 -20.85 31.99 3.55
N ASP D 188 -20.97 33.19 4.10
CA ASP D 188 -20.31 34.34 3.52
C ASP D 188 -20.62 34.47 2.03
N PHE D 189 -21.85 34.18 1.65
CA PHE D 189 -22.28 34.38 0.24
C PHE D 189 -22.47 35.86 -0.05
N HIS D 190 -22.84 36.60 0.99
CA HIS D 190 -22.96 38.06 0.90
C HIS D 190 -22.45 38.70 2.17
N GLY D 191 -22.06 39.95 2.05
CA GLY D 191 -21.48 40.68 3.17
C GLY D 191 -20.96 42.03 2.73
N SER D 192 -20.35 42.76 3.65
CA SER D 192 -20.10 44.17 3.41
C SER D 192 -18.86 44.44 2.56
N TRP D 193 -18.20 43.37 2.11
CA TRP D 193 -17.12 43.48 1.14
C TRP D 193 -17.66 43.72 -0.28
N GLU D 194 -18.96 43.51 -0.50
CA GLU D 194 -19.49 43.55 -1.88
C GLU D 194 -19.53 44.94 -2.54
N LYS D 195 -19.46 44.96 -3.87
CA LYS D 195 -19.63 46.17 -4.67
C LYS D 195 -20.46 45.87 -5.92
N PRO D 196 -21.59 46.57 -6.10
CA PRO D 196 -22.01 47.65 -5.19
C PRO D 196 -22.50 47.13 -3.82
N LEU D 197 -22.49 48.00 -2.83
CA LEU D 197 -22.69 47.62 -1.45
C LEU D 197 -24.19 47.60 -1.12
N ILE D 198 -24.79 46.42 -1.13
CA ILE D 198 -26.22 46.28 -0.86
C ILE D 198 -26.48 45.11 0.10
N THR D 199 -27.65 45.07 0.72
CA THR D 199 -27.92 44.00 1.65
C THR D 199 -28.02 42.66 0.93
N GLY D 200 -27.56 41.60 1.59
CA GLY D 200 -27.69 40.24 1.07
C GLY D 200 -27.50 39.28 2.22
N HIS D 201 -28.07 38.09 2.11
CA HIS D 201 -28.04 37.15 3.22
C HIS D 201 -26.74 36.35 3.26
N ASN D 202 -26.22 36.18 4.48
CA ASN D 202 -25.01 35.40 4.72
C ASN D 202 -25.08 34.00 4.11
N SER D 203 -26.22 33.34 4.24
CA SER D 203 -26.28 31.93 3.86
C SER D 203 -27.67 31.50 3.44
N PRO D 204 -28.14 32.03 2.30
CA PRO D 204 -29.43 31.65 1.77
C PRO D 204 -29.38 30.22 1.26
N LEU D 205 -30.43 29.43 1.50
CA LEU D 205 -30.46 28.08 0.97
C LEU D 205 -30.55 28.09 -0.54
N SER D 206 -31.39 28.97 -1.08
CA SER D 206 -31.69 28.95 -2.53
C SER D 206 -31.61 30.34 -3.11
N LYS D 207 -31.51 30.45 -4.44
CA LYS D 207 -31.43 31.78 -5.04
C LYS D 207 -32.74 32.55 -4.87
N GLY D 208 -32.69 33.87 -5.02
CA GLY D 208 -33.91 34.66 -4.94
C GLY D 208 -34.62 34.56 -6.28
N TRP D 209 -35.91 34.82 -6.30
CA TRP D 209 -36.71 34.72 -7.53
C TRP D 209 -36.17 35.65 -8.63
N GLN D 210 -35.60 36.77 -8.22
CA GLN D 210 -35.07 37.76 -9.15
C GLN D 210 -33.63 37.54 -9.54
N ASP D 211 -32.98 36.55 -8.94
CA ASP D 211 -31.58 36.27 -9.26
C ASP D 211 -31.39 35.58 -10.62
N ARG D 212 -30.49 36.12 -11.43
CA ARG D 212 -30.19 35.52 -12.72
C ARG D 212 -28.70 35.60 -13.05
N GLY D 213 -28.24 34.67 -13.88
CA GLY D 213 -26.82 34.63 -14.24
C GLY D 213 -25.99 34.43 -12.98
N PRO D 214 -24.81 35.07 -12.94
CA PRO D 214 -23.86 34.79 -11.86
C PRO D 214 -24.45 35.02 -10.47
N SER D 215 -25.43 35.92 -10.35
CA SER D 215 -26.11 36.18 -9.06
C SER D 215 -26.73 34.88 -8.53
N SER D 216 -27.13 34.00 -9.44
CA SER D 216 -27.81 32.77 -9.02
C SER D 216 -26.87 31.73 -8.41
N TYR D 217 -25.57 31.99 -8.38
CA TYR D 217 -24.62 31.03 -7.80
C TYR D 217 -24.45 31.15 -6.30
N TYR D 218 -24.90 32.27 -5.73
CA TYR D 218 -24.58 32.60 -4.33
C TYR D 218 -25.53 32.03 -3.30
N ASN D 219 -25.66 30.71 -3.26
CA ASN D 219 -26.54 30.05 -2.30
C ASN D 219 -26.10 28.60 -2.03
N VAL D 220 -26.51 28.07 -0.88
CA VAL D 220 -26.13 26.71 -0.49
C VAL D 220 -26.47 25.67 -1.58
N GLU D 221 -27.69 25.76 -2.08
CA GLU D 221 -28.19 24.78 -3.05
C GLU D 221 -27.28 24.75 -4.29
N TYR D 222 -26.91 25.91 -4.82
CA TYR D 222 -26.01 25.91 -5.99
C TYR D 222 -24.63 25.35 -5.66
N ALA D 223 -24.06 25.79 -4.55
CA ALA D 223 -22.70 25.38 -4.17
C ALA D 223 -22.63 23.88 -3.96
N VAL D 224 -23.65 23.32 -3.30
CA VAL D 224 -23.68 21.87 -3.09
C VAL D 224 -23.79 21.14 -4.43
N GLY D 225 -24.72 21.60 -5.28
CA GLY D 225 -24.93 20.95 -6.59
C GLY D 225 -23.68 21.04 -7.45
N TYR D 226 -22.94 22.14 -7.32
CA TYR D 226 -21.74 22.35 -8.10
C TYR D 226 -20.58 21.46 -7.69
N TRP D 227 -20.31 21.37 -6.40
CA TRP D 227 -19.30 20.43 -5.91
C TRP D 227 -19.58 18.99 -6.35
N ILE D 228 -20.84 18.58 -6.25
CA ILE D 228 -21.23 17.23 -6.70
C ILE D 228 -21.01 17.08 -8.21
N HIS D 229 -21.43 18.09 -8.97
CA HIS D 229 -21.26 18.12 -10.42
C HIS D 229 -19.78 18.06 -10.84
N LYS D 230 -18.91 18.62 -10.02
CA LYS D 230 -17.48 18.69 -10.33
C LYS D 230 -16.73 17.42 -9.91
N GLY D 231 -17.43 16.52 -9.22
CA GLY D 231 -16.90 15.19 -8.93
C GLY D 231 -16.76 14.81 -7.46
N MET D 232 -17.28 15.60 -6.54
CA MET D 232 -17.23 15.21 -5.13
C MET D 232 -18.46 14.38 -4.81
N PRO D 233 -18.29 13.13 -4.37
CA PRO D 233 -19.50 12.33 -4.04
C PRO D 233 -20.36 13.02 -2.97
N SER D 234 -21.67 12.93 -3.09
CA SER D 234 -22.54 13.64 -2.15
C SER D 234 -22.20 13.28 -0.70
N GLU D 235 -21.94 12.00 -0.44
CA GLU D 235 -21.69 11.57 0.94
C GLU D 235 -20.39 12.16 1.51
N LYS D 236 -19.52 12.70 0.64
CA LYS D 236 -18.30 13.41 1.10
C LYS D 236 -18.50 14.91 1.22
N VAL D 237 -19.70 15.40 0.92
CA VAL D 237 -19.99 16.80 1.18
C VAL D 237 -20.58 17.01 2.58
N VAL D 238 -19.87 17.70 3.48
CA VAL D 238 -20.45 18.03 4.78
C VAL D 238 -20.82 19.51 4.72
N MET D 239 -22.12 19.80 4.78
CA MET D 239 -22.63 21.12 4.40
C MET D 239 -22.53 22.15 5.52
N GLY D 240 -21.75 23.21 5.31
CA GLY D 240 -21.59 24.25 6.32
C GLY D 240 -22.89 25.02 6.64
N ILE D 241 -23.11 25.27 7.91
CA ILE D 241 -24.21 26.09 8.37
C ILE D 241 -23.61 27.07 9.38
N PRO D 242 -23.92 28.37 9.25
CA PRO D 242 -23.30 29.33 10.16
C PRO D 242 -24.15 29.56 11.42
N THR D 243 -23.50 29.84 12.54
CA THR D 243 -24.21 30.28 13.72
C THR D 243 -24.11 31.81 13.91
N TYR D 244 -23.57 32.50 12.91
CA TYR D 244 -23.49 33.94 12.94
C TYR D 244 -24.31 34.50 11.78
N GLY D 245 -24.53 35.80 11.78
CA GLY D 245 -25.17 36.44 10.65
C GLY D 245 -24.34 37.62 10.20
N HIS D 246 -24.58 38.12 8.98
CA HIS D 246 -23.87 39.32 8.50
C HIS D 246 -24.81 40.53 8.56
N SER D 247 -24.27 41.66 9.02
CA SER D 247 -25.06 42.86 9.28
C SER D 247 -24.62 44.00 8.34
N PHE D 248 -25.53 44.93 8.10
CA PHE D 248 -25.29 46.05 7.21
C PHE D 248 -25.90 47.29 7.85
N THR D 249 -25.28 48.44 7.63
CA THR D 249 -25.91 49.69 7.99
C THR D 249 -26.60 50.19 6.72
N LEU D 250 -27.91 50.39 6.82
CA LEU D 250 -28.76 50.80 5.69
C LEU D 250 -28.50 52.25 5.32
N ALA D 251 -28.41 52.53 4.02
CA ALA D 251 -28.16 53.88 3.54
C ALA D 251 -29.47 54.63 3.24
N SER D 252 -30.60 53.93 3.23
CA SER D 252 -31.88 54.60 2.94
C SER D 252 -33.00 53.98 3.75
N ALA D 253 -34.23 54.41 3.50
CA ALA D 253 -35.40 53.81 4.14
C ALA D 253 -35.71 52.39 3.62
N GLU D 254 -35.15 52.03 2.48
CA GLU D 254 -35.38 50.70 1.88
C GLU D 254 -34.76 49.57 2.75
N THR D 255 -35.50 48.50 3.01
CA THR D 255 -35.03 47.48 3.95
C THR D 255 -35.09 46.03 3.40
N THR D 256 -35.35 45.88 2.12
CA THR D 256 -35.42 44.57 1.53
C THR D 256 -34.03 44.04 1.17
N VAL D 257 -33.99 42.78 0.74
CA VAL D 257 -32.75 42.25 0.17
C VAL D 257 -32.42 43.11 -1.03
N GLY D 258 -31.15 43.55 -1.12
CA GLY D 258 -30.69 44.31 -2.27
C GLY D 258 -30.76 45.81 -2.05
N ALA D 259 -31.15 46.22 -0.83
CA ALA D 259 -31.25 47.64 -0.49
C ALA D 259 -29.87 48.23 -0.29
N PRO D 260 -29.69 49.52 -0.61
CA PRO D 260 -28.37 50.11 -0.47
C PRO D 260 -27.89 50.18 0.99
N ALA D 261 -26.61 49.89 1.20
CA ALA D 261 -26.02 49.95 2.54
C ALA D 261 -24.83 50.91 2.51
N SER D 262 -24.55 51.59 3.62
CA SER D 262 -23.40 52.50 3.66
C SER D 262 -22.14 51.81 4.19
N GLY D 263 -22.30 50.62 4.77
CA GLY D 263 -21.15 49.87 5.31
C GLY D 263 -21.65 48.70 6.14
N PRO D 264 -20.74 48.00 6.86
CA PRO D 264 -21.18 46.89 7.72
C PRO D 264 -22.04 47.37 8.88
N GLY D 265 -22.77 46.46 9.51
CA GLY D 265 -23.59 46.79 10.67
C GLY D 265 -22.73 47.18 11.87
N ALA D 266 -23.35 47.83 12.85
CA ALA D 266 -22.66 48.17 14.09
C ALA D 266 -22.13 46.89 14.74
N ALA D 267 -20.90 46.96 15.25
CA ALA D 267 -20.29 45.83 15.94
C ALA D 267 -21.17 45.38 17.12
N GLY D 268 -21.21 44.07 17.39
CA GLY D 268 -21.93 43.56 18.58
C GLY D 268 -21.13 43.83 19.86
N PRO D 269 -21.82 43.88 21.01
CA PRO D 269 -21.13 44.23 22.25
C PRO D 269 -20.10 43.17 22.67
N ILE D 270 -20.28 41.94 22.19
CA ILE D 270 -19.42 40.81 22.62
C ILE D 270 -18.38 40.42 21.58
N THR D 271 -18.80 40.23 20.34
CA THR D 271 -17.87 39.85 19.25
C THR D 271 -17.05 41.06 18.76
N GLU D 272 -17.56 42.26 19.00
CA GLU D 272 -16.82 43.50 18.70
C GLU D 272 -16.24 43.53 17.29
N SER D 273 -17.02 43.09 16.31
CA SER D 273 -16.54 42.98 14.93
C SER D 273 -17.59 43.50 13.95
N SER D 274 -17.40 44.72 13.49
CA SER D 274 -18.33 45.36 12.58
C SER D 274 -18.61 44.53 11.32
N GLY D 275 -19.86 44.12 11.10
CA GLY D 275 -20.18 43.29 9.93
C GLY D 275 -20.76 41.91 10.24
N PHE D 276 -20.49 41.37 11.43
CA PHE D 276 -21.19 40.15 11.87
C PHE D 276 -21.69 40.22 13.32
N LEU D 277 -22.57 39.29 13.67
CA LEU D 277 -23.04 39.11 15.03
C LEU D 277 -23.15 37.60 15.29
N ALA D 278 -22.78 37.15 16.49
CA ALA D 278 -23.00 35.75 16.88
C ALA D 278 -24.48 35.55 17.19
N TYR D 279 -24.92 34.30 17.19
CA TYR D 279 -26.33 34.06 17.45
C TYR D 279 -26.77 34.57 18.84
N TYR D 280 -25.93 34.44 19.87
CA TYR D 280 -26.33 34.97 21.18
C TYR D 280 -26.49 36.50 21.17
N GLU D 281 -25.84 37.19 20.23
CA GLU D 281 -26.05 38.62 20.02
C GLU D 281 -27.29 38.89 19.17
N ILE D 282 -27.53 38.05 18.17
CA ILE D 282 -28.70 38.19 17.34
C ILE D 282 -29.99 38.12 18.13
N CYS D 283 -30.04 37.21 19.11
CA CYS D 283 -31.25 37.03 19.91
C CYS D 283 -31.60 38.32 20.63
N GLN D 284 -30.59 39.07 21.03
CA GLN D 284 -30.82 40.35 21.70
C GLN D 284 -31.24 41.42 20.68
N PHE D 285 -30.53 41.48 19.56
CA PHE D 285 -30.89 42.37 18.45
C PHE D 285 -32.37 42.19 18.05
N LEU D 286 -32.83 40.95 17.98
CA LEU D 286 -34.20 40.66 17.56
C LEU D 286 -35.27 41.32 18.43
N LYS D 287 -34.95 41.67 19.67
CA LYS D 287 -35.95 42.33 20.52
C LYS D 287 -36.18 43.72 19.98
N GLY D 288 -37.41 44.01 19.56
CA GLY D 288 -37.74 45.27 18.91
C GLY D 288 -37.44 45.31 17.42
N ALA D 289 -37.02 44.20 16.83
CA ALA D 289 -36.75 44.17 15.39
C ALA D 289 -37.95 43.66 14.63
N LYS D 290 -37.97 43.91 13.31
CA LYS D 290 -38.98 43.27 12.44
C LYS D 290 -38.26 42.16 11.71
N ILE D 291 -38.77 40.93 11.82
CA ILE D 291 -38.17 39.76 11.16
C ILE D 291 -38.96 39.48 9.89
N THR D 292 -38.26 39.24 8.79
CA THR D 292 -38.90 38.78 7.55
C THR D 292 -38.28 37.46 7.08
N ARG D 293 -39.12 36.47 6.79
CA ARG D 293 -38.64 35.20 6.27
C ARG D 293 -38.76 35.18 4.74
N LEU D 294 -37.65 35.02 4.05
CA LEU D 294 -37.64 35.00 2.59
C LEU D 294 -38.22 33.68 2.10
N GLN D 295 -39.35 33.77 1.40
CA GLN D 295 -40.03 32.59 0.91
C GLN D 295 -39.21 31.87 -0.15
N ASP D 296 -38.49 32.64 -0.97
CA ASP D 296 -37.64 32.04 -1.99
C ASP D 296 -36.30 31.53 -1.42
N GLN D 297 -35.62 32.36 -0.63
CA GLN D 297 -34.27 31.99 -0.13
C GLN D 297 -34.24 31.06 1.09
N GLN D 298 -35.37 30.97 1.79
CA GLN D 298 -35.64 30.05 2.92
C GLN D 298 -34.90 30.41 4.21
N VAL D 299 -34.58 31.69 4.36
CA VAL D 299 -33.88 32.14 5.54
C VAL D 299 -34.43 33.49 5.96
N PRO D 300 -34.18 33.89 7.22
CA PRO D 300 -34.74 35.16 7.68
C PRO D 300 -33.74 36.32 7.68
N TYR D 301 -34.27 37.54 7.69
CA TYR D 301 -33.43 38.69 8.00
C TYR D 301 -34.20 39.58 8.97
N ALA D 302 -33.51 40.47 9.66
CA ALA D 302 -34.23 41.31 10.62
C ALA D 302 -33.73 42.75 10.55
N VAL D 303 -34.64 43.68 10.79
CA VAL D 303 -34.32 45.08 10.65
C VAL D 303 -34.73 45.78 11.92
N LYS D 304 -33.83 46.62 12.45
CA LYS D 304 -34.15 47.48 13.59
C LYS D 304 -33.33 48.76 13.47
N GLY D 305 -34.02 49.90 13.43
CA GLY D 305 -33.35 51.17 13.16
C GLY D 305 -32.77 51.08 11.75
N ASN D 306 -31.54 51.52 11.57
CA ASN D 306 -30.89 51.42 10.28
C ASN D 306 -29.99 50.17 10.14
N GLN D 307 -30.23 49.18 11.00
CA GLN D 307 -29.43 47.96 11.04
C GLN D 307 -30.16 46.80 10.39
N TRP D 308 -29.49 46.11 9.46
CA TRP D 308 -30.08 45.01 8.71
C TRP D 308 -29.20 43.80 8.95
N VAL D 309 -29.78 42.71 9.45
CA VAL D 309 -29.00 41.51 9.72
C VAL D 309 -29.60 40.26 9.04
N GLY D 310 -28.80 39.55 8.25
CA GLY D 310 -29.26 38.26 7.71
C GLY D 310 -28.63 37.13 8.53
N TYR D 311 -29.43 36.17 8.99
CA TYR D 311 -28.93 35.22 9.96
C TYR D 311 -29.66 33.90 9.81
N ASP D 312 -29.23 32.87 10.56
CA ASP D 312 -29.92 31.58 10.56
C ASP D 312 -30.54 31.35 11.92
N ASP D 313 -31.73 30.73 11.98
CA ASP D 313 -32.35 30.44 13.24
C ASP D 313 -32.79 28.96 13.29
N VAL D 314 -33.50 28.58 14.34
CA VAL D 314 -33.91 27.16 14.44
C VAL D 314 -34.67 26.67 13.19
N LYS D 315 -35.59 27.50 12.70
CA LYS D 315 -36.41 27.13 11.54
C LYS D 315 -35.58 26.96 10.25
N SER D 316 -34.62 27.84 10.02
CA SER D 316 -33.82 27.73 8.79
C SER D 316 -32.91 26.52 8.85
N MET D 317 -32.44 26.18 10.04
CA MET D 317 -31.64 24.98 10.18
C MET D 317 -32.37 23.69 9.95
N GLU D 318 -33.63 23.66 10.34
CA GLU D 318 -34.48 22.52 10.06
C GLU D 318 -34.66 22.33 8.55
N THR D 319 -34.86 23.44 7.84
CA THR D 319 -35.03 23.36 6.40
C THR D 319 -33.72 22.91 5.72
N LYS D 320 -32.60 23.42 6.21
CA LYS D 320 -31.30 23.07 5.66
C LYS D 320 -30.93 21.62 5.92
N VAL D 321 -31.38 21.08 7.05
CA VAL D 321 -31.19 19.67 7.30
C VAL D 321 -32.09 18.84 6.37
N GLN D 322 -33.34 19.23 6.16
CA GLN D 322 -34.17 18.50 5.19
C GLN D 322 -33.51 18.47 3.79
N PHE D 323 -32.96 19.60 3.40
CA PHE D 323 -32.21 19.70 2.14
C PHE D 323 -31.03 18.73 2.10
N LEU D 324 -30.20 18.73 3.14
CA LEU D 324 -28.97 17.91 3.05
C LEU D 324 -29.34 16.43 3.04
N LYS D 325 -30.37 16.06 3.77
CA LYS D 325 -30.79 14.68 3.75
C LYS D 325 -31.33 14.28 2.38
N ASN D 326 -32.09 15.17 1.77
CA ASN D 326 -32.69 14.95 0.46
C ASN D 326 -31.59 14.79 -0.60
N LEU D 327 -30.49 15.51 -0.46
CA LEU D 327 -29.37 15.34 -1.39
C LEU D 327 -28.37 14.27 -0.98
N ASN D 328 -28.67 13.50 0.07
CA ASN D 328 -27.77 12.43 0.53
C ASN D 328 -26.33 12.91 0.77
N LEU D 329 -26.21 14.03 1.46
CA LEU D 329 -24.91 14.58 1.81
C LEU D 329 -24.34 13.85 3.02
N GLY D 330 -23.06 14.06 3.31
CA GLY D 330 -22.44 13.38 4.46
C GLY D 330 -22.90 13.86 5.83
N GLY D 331 -23.46 15.05 5.87
CA GLY D 331 -24.03 15.62 7.08
C GLY D 331 -23.90 17.12 7.12
N ALA D 332 -23.87 17.69 8.32
CA ALA D 332 -23.78 19.13 8.48
C ALA D 332 -22.51 19.51 9.20
N MET D 333 -21.98 20.70 8.88
CA MET D 333 -20.85 21.29 9.57
C MET D 333 -21.28 22.63 10.17
N ILE D 334 -20.77 22.98 11.35
CA ILE D 334 -21.18 24.23 11.99
C ILE D 334 -19.99 25.18 12.12
N TRP D 335 -20.15 26.40 11.63
CA TRP D 335 -19.16 27.46 11.95
C TRP D 335 -19.89 28.58 12.70
N SER D 336 -19.66 28.71 14.02
CA SER D 336 -18.87 27.77 14.83
C SER D 336 -19.64 27.63 16.15
N ILE D 337 -19.38 26.56 16.90
CA ILE D 337 -20.26 26.27 18.04
C ILE D 337 -20.12 27.29 19.16
N ASP D 338 -18.97 27.96 19.22
CA ASP D 338 -18.82 29.05 20.19
C ASP D 338 -19.59 30.34 19.84
N MET D 339 -20.27 30.38 18.69
CA MET D 339 -21.17 31.51 18.41
C MET D 339 -22.66 31.16 18.49
N ASP D 340 -22.96 29.89 18.74
CA ASP D 340 -24.31 29.46 19.12
C ASP D 340 -24.46 29.98 20.55
N ASP D 341 -25.68 30.00 21.08
CA ASP D 341 -25.89 30.33 22.48
C ASP D 341 -25.49 29.12 23.34
N PHE D 342 -24.18 28.88 23.46
CA PHE D 342 -23.67 27.65 24.10
C PHE D 342 -24.07 27.55 25.56
N THR D 343 -24.23 28.67 26.25
CA THR D 343 -24.65 28.67 27.67
C THR D 343 -26.16 28.58 27.87
N GLY D 344 -26.94 28.93 26.85
CA GLY D 344 -28.39 28.92 26.98
C GLY D 344 -28.93 30.14 27.71
N LYS D 345 -28.02 31.07 28.04
CA LYS D 345 -28.41 32.24 28.87
C LYS D 345 -28.82 33.46 28.08
N SER D 346 -28.77 33.38 26.76
CA SER D 346 -29.12 34.54 25.95
C SER D 346 -30.44 34.39 25.20
N CYS D 347 -30.66 33.24 24.59
CA CYS D 347 -31.75 33.09 23.62
C CYS D 347 -33.01 32.38 24.11
N ASN D 348 -33.02 31.95 25.37
CA ASN D 348 -34.21 31.27 25.92
C ASN D 348 -34.62 30.02 25.17
N GLN D 349 -33.64 29.30 24.62
CA GLN D 349 -33.95 28.08 23.88
C GLN D 349 -33.10 26.90 24.36
N GLY D 350 -32.48 27.02 25.53
CA GLY D 350 -31.64 25.98 26.08
C GLY D 350 -30.22 26.09 25.53
N PRO D 351 -29.30 25.26 26.03
CA PRO D 351 -27.94 25.37 25.53
C PRO D 351 -27.81 24.91 24.06
N TYR D 352 -26.94 25.57 23.30
CA TYR D 352 -26.71 25.25 21.88
C TYR D 352 -28.00 25.04 21.10
N PRO D 353 -28.89 26.04 21.10
CA PRO D 353 -30.20 25.86 20.45
C PRO D 353 -30.05 25.62 18.95
N LEU D 354 -29.09 26.28 18.30
CA LEU D 354 -28.95 26.02 16.87
C LEU D 354 -28.40 24.62 16.58
N VAL D 355 -27.31 24.26 17.25
CA VAL D 355 -26.71 22.94 16.99
C VAL D 355 -27.64 21.83 17.44
N GLN D 356 -28.34 22.04 18.56
CA GLN D 356 -29.32 21.04 18.97
C GLN D 356 -30.44 20.89 17.96
N ALA D 357 -30.86 22.01 17.38
CA ALA D 357 -31.88 21.95 16.31
C ALA D 357 -31.37 21.10 15.15
N VAL D 358 -30.12 21.31 14.72
CA VAL D 358 -29.54 20.48 13.68
C VAL D 358 -29.51 19.00 14.12
N LYS D 359 -28.98 18.75 15.31
CA LYS D 359 -28.90 17.38 15.80
C LYS D 359 -30.29 16.70 15.86
N ARG D 360 -31.28 17.41 16.38
CA ARG D 360 -32.64 16.89 16.43
C ARG D 360 -33.13 16.55 15.02
N SER D 361 -32.88 17.43 14.05
CA SER D 361 -33.39 17.20 12.69
C SER D 361 -32.68 16.04 11.99
N LEU D 362 -31.38 15.90 12.24
CA LEU D 362 -30.59 14.82 11.61
C LEU D 362 -31.17 13.42 11.82
N GLY D 363 -31.29 12.94 13.05
CA GLY D 363 -30.39 13.26 14.12
C GLY D 363 -30.06 11.87 14.62
N SER D 364 -30.00 11.70 15.93
CA SER D 364 -29.75 10.36 16.45
C SER D 364 -29.18 10.43 17.87
N ALA E 1 -24.69 0.27 27.49
CA ALA E 1 -25.26 1.65 27.31
C ALA E 1 -26.42 1.89 28.29
N TYR E 2 -26.50 3.08 28.88
CA TYR E 2 -27.62 3.38 29.78
C TYR E 2 -28.96 3.46 29.02
N LYS E 3 -30.04 3.05 29.66
CA LYS E 3 -31.36 3.24 29.09
C LYS E 3 -31.96 4.58 29.53
N LEU E 4 -32.80 5.15 28.67
CA LEU E 4 -33.63 6.30 29.04
C LEU E 4 -35.06 5.90 28.70
N VAL E 5 -35.81 5.55 29.74
CA VAL E 5 -37.13 4.93 29.57
C VAL E 5 -38.17 6.00 29.83
N CYS E 6 -39.01 6.30 28.84
CA CYS E 6 -39.92 7.42 28.94
C CYS E 6 -41.38 7.02 28.91
N TYR E 7 -42.08 7.18 30.03
CA TYR E 7 -43.55 7.00 30.01
C TYR E 7 -44.20 8.24 29.39
N PHE E 8 -45.28 8.03 28.65
CA PHE E 8 -46.16 9.11 28.23
C PHE E 8 -47.58 8.61 28.43
N THR E 9 -48.53 9.51 28.49
CA THR E 9 -49.84 9.12 29.00
C THR E 9 -50.96 9.43 28.01
N ASN E 10 -52.02 8.64 28.05
CA ASN E 10 -53.12 8.85 27.11
C ASN E 10 -53.99 10.06 27.44
N TRP E 11 -53.99 10.51 28.70
CA TRP E 11 -54.89 11.59 29.11
C TRP E 11 -54.35 13.00 28.85
N SER E 12 -53.06 13.12 28.54
CA SER E 12 -52.52 14.47 28.32
C SER E 12 -53.07 15.11 27.03
N GLN E 13 -53.65 14.29 26.16
CA GLN E 13 -54.18 14.84 24.92
C GLN E 13 -55.36 15.78 25.19
N ASP E 14 -55.95 15.64 26.38
CA ASP E 14 -57.14 16.40 26.72
C ASP E 14 -56.85 17.77 27.35
N ARG E 15 -55.59 18.03 27.65
CA ARG E 15 -55.20 19.30 28.26
C ARG E 15 -55.09 20.43 27.23
N GLN E 16 -55.08 21.67 27.71
CA GLN E 16 -54.83 22.85 26.89
C GLN E 16 -53.33 23.20 26.82
N GLU E 17 -52.93 23.99 25.83
CA GLU E 17 -51.51 24.38 25.68
C GLU E 17 -51.05 25.16 26.93
N PRO E 18 -49.78 24.96 27.34
CA PRO E 18 -48.74 24.19 26.65
C PRO E 18 -48.71 22.72 27.06
N GLY E 19 -49.84 22.19 27.54
CA GLY E 19 -49.86 20.82 28.03
C GLY E 19 -50.55 19.81 27.13
N LYS E 20 -51.07 20.27 25.99
CA LYS E 20 -51.79 19.39 25.07
C LYS E 20 -50.78 18.52 24.34
N PHE E 21 -50.74 17.23 24.66
CA PHE E 21 -49.70 16.34 24.15
C PHE E 21 -50.32 15.18 23.39
N THR E 22 -49.75 14.88 22.23
CA THR E 22 -50.08 13.64 21.53
C THR E 22 -48.77 12.93 21.17
N PRO E 23 -48.87 11.67 20.74
CA PRO E 23 -47.69 10.91 20.32
C PRO E 23 -46.86 11.65 19.28
N GLU E 24 -47.50 12.53 18.50
CA GLU E 24 -46.81 13.31 17.49
C GLU E 24 -45.82 14.30 18.13
N ASN E 25 -45.97 14.56 19.42
CA ASN E 25 -45.02 15.41 20.13
C ASN E 25 -43.72 14.70 20.51
N ILE E 26 -43.69 13.38 20.37
CA ILE E 26 -42.50 12.58 20.72
C ILE E 26 -41.36 12.71 19.71
N ASP E 27 -40.16 12.95 20.22
CA ASP E 27 -38.96 12.99 19.40
C ASP E 27 -38.41 11.57 19.39
N PRO E 28 -38.36 10.94 18.21
CA PRO E 28 -38.01 9.51 18.18
C PRO E 28 -36.62 9.17 18.74
N PHE E 29 -35.74 10.16 18.86
CA PHE E 29 -34.38 9.95 19.36
C PHE E 29 -34.15 10.48 20.79
N LEU E 30 -35.21 10.97 21.42
CA LEU E 30 -35.07 11.49 22.77
C LEU E 30 -34.70 10.36 23.77
N CYS E 31 -35.46 9.26 23.71
CA CYS E 31 -35.37 8.19 24.69
C CYS E 31 -34.96 6.88 24.03
N SER E 32 -34.52 5.88 24.80
CA SER E 32 -34.27 4.53 24.23
C SER E 32 -35.54 3.67 24.27
N HIS E 33 -36.42 3.95 25.22
CA HIS E 33 -37.68 3.20 25.37
C HIS E 33 -38.78 4.19 25.65
N LEU E 34 -39.93 4.05 24.98
CA LEU E 34 -41.14 4.80 25.32
C LEU E 34 -42.15 3.83 25.88
N ILE E 35 -42.98 4.28 26.81
CA ILE E 35 -43.99 3.39 27.40
C ILE E 35 -45.34 4.13 27.43
N TYR E 36 -46.32 3.57 26.72
CA TYR E 36 -47.68 4.11 26.73
C TYR E 36 -48.47 3.73 27.98
N SER E 37 -49.08 4.73 28.62
CA SER E 37 -49.85 4.56 29.85
C SER E 37 -51.31 5.04 29.66
N PHE E 38 -52.33 4.21 29.91
CA PHE E 38 -52.22 2.79 30.25
C PHE E 38 -53.25 2.01 29.47
N ALA E 39 -52.95 0.72 29.24
CA ALA E 39 -53.91 -0.20 28.63
C ALA E 39 -54.82 -0.70 29.74
N SER E 40 -55.90 -1.37 29.34
CA SER E 40 -56.83 -1.87 30.30
C SER E 40 -57.10 -3.36 30.08
N ILE E 41 -57.99 -3.93 30.86
CA ILE E 41 -58.35 -5.33 30.70
C ILE E 41 -59.84 -5.43 30.67
N GLU E 42 -60.38 -6.15 29.69
CA GLU E 42 -61.80 -6.36 29.63
C GLU E 42 -62.07 -7.78 29.13
N ASN E 43 -62.92 -8.52 29.83
CA ASN E 43 -63.15 -9.91 29.48
C ASN E 43 -61.83 -10.71 29.47
N ASN E 44 -60.93 -10.38 30.39
CA ASN E 44 -59.64 -11.04 30.49
C ASN E 44 -58.66 -10.78 29.38
N LYS E 45 -58.92 -9.75 28.56
CA LYS E 45 -58.03 -9.48 27.44
C LYS E 45 -57.58 -8.02 27.44
N VAL E 46 -56.34 -7.77 26.99
CA VAL E 46 -55.82 -6.41 26.96
C VAL E 46 -56.60 -5.59 25.94
N ILE E 47 -56.94 -4.34 26.31
CA ILE E 47 -57.51 -3.39 25.35
C ILE E 47 -56.90 -2.02 25.61
N ILE E 48 -56.95 -1.16 24.62
CA ILE E 48 -56.60 0.24 24.84
C ILE E 48 -57.85 1.09 24.68
N LYS E 49 -58.12 1.97 25.64
CA LYS E 49 -59.24 2.89 25.48
C LYS E 49 -58.72 4.30 25.26
N ASP E 50 -58.79 4.75 24.02
CA ASP E 50 -58.14 5.96 23.61
C ASP E 50 -58.87 6.47 22.39
N LYS E 51 -59.47 7.65 22.53
CA LYS E 51 -60.22 8.20 21.40
C LYS E 51 -59.28 8.40 20.23
N SER E 52 -57.97 8.41 20.47
CA SER E 52 -57.04 8.63 19.37
C SER E 52 -56.19 7.40 19.02
N GLU E 53 -56.80 6.22 19.19
CA GLU E 53 -56.12 4.95 19.00
C GLU E 53 -55.46 4.86 17.62
N VAL E 54 -56.19 5.27 16.59
CA VAL E 54 -55.70 5.16 15.22
C VAL E 54 -54.41 5.99 15.01
N MET E 55 -54.39 7.24 15.45
CA MET E 55 -53.14 8.03 15.40
C MET E 55 -52.01 7.38 16.24
N LEU E 56 -52.36 6.81 17.39
CA LEU E 56 -51.35 6.18 18.25
C LEU E 56 -50.55 5.13 17.49
N TYR E 57 -51.25 4.21 16.84
CA TYR E 57 -50.58 3.15 16.11
C TYR E 57 -49.77 3.67 14.91
N GLN E 58 -50.29 4.65 14.19
CA GLN E 58 -49.52 5.20 13.07
C GLN E 58 -48.26 5.87 13.58
N THR E 59 -48.36 6.54 14.73
CA THR E 59 -47.20 7.24 15.26
C THR E 59 -46.17 6.26 15.81
N ILE E 60 -46.62 5.18 16.43
CA ILE E 60 -45.70 4.14 16.84
C ILE E 60 -44.89 3.64 15.64
N ASN E 61 -45.56 3.35 14.53
CA ASN E 61 -44.85 2.90 13.33
C ASN E 61 -43.88 3.96 12.77
N SER E 62 -44.29 5.21 12.69
CA SER E 62 -43.36 6.20 12.12
C SER E 62 -42.17 6.49 13.04
N LEU E 63 -42.40 6.53 14.35
CA LEU E 63 -41.30 6.69 15.30
C LEU E 63 -40.27 5.59 15.09
N LYS E 64 -40.74 4.35 15.02
CA LYS E 64 -39.83 3.21 14.94
C LYS E 64 -39.14 3.09 13.56
N THR E 65 -39.77 3.59 12.51
CA THR E 65 -39.13 3.75 11.21
C THR E 65 -37.98 4.78 11.28
N LYS E 66 -38.26 5.95 11.85
CA LYS E 66 -37.22 6.98 11.99
C LYS E 66 -36.06 6.50 12.86
N ASN E 67 -36.37 5.79 13.95
CA ASN E 67 -35.32 5.26 14.82
C ASN E 67 -35.49 3.77 15.01
N PRO E 68 -34.80 2.97 14.16
CA PRO E 68 -34.91 1.50 14.22
C PRO E 68 -34.46 0.88 15.54
N LYS E 69 -33.76 1.64 16.38
CA LYS E 69 -33.29 1.14 17.67
C LYS E 69 -34.32 1.36 18.77
N LEU E 70 -35.26 2.26 18.52
CA LEU E 70 -36.24 2.65 19.54
C LEU E 70 -37.14 1.48 19.96
N LYS E 71 -37.38 1.33 21.27
CA LYS E 71 -38.32 0.33 21.77
C LYS E 71 -39.58 0.98 22.32
N ILE E 72 -40.75 0.39 22.05
CA ILE E 72 -41.97 0.97 22.55
C ILE E 72 -42.80 -0.09 23.27
N LEU E 73 -43.11 0.18 24.52
CA LEU E 73 -43.80 -0.79 25.34
C LEU E 73 -45.18 -0.31 25.70
N LEU E 74 -46.03 -1.24 26.11
CA LEU E 74 -47.37 -0.94 26.57
C LEU E 74 -47.43 -1.17 28.07
N SER E 75 -47.94 -0.21 28.83
CA SER E 75 -48.05 -0.42 30.26
C SER E 75 -49.49 -0.70 30.65
N ILE E 76 -49.68 -1.65 31.54
CA ILE E 76 -50.96 -1.72 32.23
C ILE E 76 -50.86 -1.58 33.75
N GLY E 77 -51.82 -0.85 34.33
CA GLY E 77 -51.77 -0.59 35.77
C GLY E 77 -51.85 0.89 36.07
N GLY E 78 -51.00 1.36 36.97
CA GLY E 78 -51.03 2.73 37.43
C GLY E 78 -51.93 2.84 38.63
N TYR E 79 -51.89 4.00 39.28
CA TYR E 79 -52.64 4.24 40.53
C TYR E 79 -54.14 4.03 40.47
N LEU E 80 -54.83 4.71 39.55
CA LEU E 80 -56.29 4.57 39.47
C LEU E 80 -56.75 3.13 39.19
N PHE E 81 -56.05 2.41 38.32
CA PHE E 81 -56.36 1.01 38.01
C PHE E 81 -56.31 0.11 39.26
N GLY E 82 -55.33 0.36 40.12
CA GLY E 82 -55.21 -0.34 41.39
C GLY E 82 -55.06 -1.85 41.27
N SER E 83 -55.52 -2.56 42.29
CA SER E 83 -55.57 -4.02 42.27
C SER E 83 -56.85 -4.52 41.61
N LYS E 84 -57.95 -3.77 41.78
CA LYS E 84 -59.22 -4.29 41.26
C LYS E 84 -59.23 -4.43 39.72
N GLY E 85 -58.46 -3.61 39.01
CA GLY E 85 -58.42 -3.77 37.55
C GLY E 85 -57.87 -5.11 37.09
N PHE E 86 -57.06 -5.78 37.93
CA PHE E 86 -56.51 -7.09 37.62
C PHE E 86 -57.43 -8.29 37.93
N HIS E 87 -58.59 -8.02 38.55
CA HIS E 87 -59.61 -9.04 38.82
C HIS E 87 -60.81 -8.86 37.88
N PRO E 88 -61.38 -9.96 37.38
CA PRO E 88 -61.11 -11.35 37.75
C PRO E 88 -60.00 -12.03 36.93
N MET E 89 -59.22 -11.27 36.16
CA MET E 89 -58.24 -11.89 35.26
C MET E 89 -57.22 -12.80 35.99
N VAL E 90 -56.70 -12.32 37.11
CA VAL E 90 -55.65 -13.07 37.85
C VAL E 90 -56.17 -14.24 38.64
N ASP E 91 -57.50 -14.36 38.75
CA ASP E 91 -58.12 -15.29 39.69
C ASP E 91 -58.07 -16.76 39.31
N SER E 92 -57.67 -17.06 38.08
CA SER E 92 -57.58 -18.46 37.66
C SER E 92 -56.52 -18.65 36.59
N SER E 93 -56.03 -19.87 36.53
CA SER E 93 -55.03 -20.28 35.55
C SER E 93 -55.60 -20.01 34.15
N THR E 94 -56.87 -20.30 33.95
CA THR E 94 -57.42 -20.19 32.60
C THR E 94 -57.64 -18.76 32.16
N SER E 95 -58.06 -17.89 33.07
CA SER E 95 -58.18 -16.47 32.75
C SER E 95 -56.83 -15.80 32.58
N ARG E 96 -55.84 -16.17 33.41
CA ARG E 96 -54.50 -15.59 33.21
C ARG E 96 -53.96 -15.98 31.83
N LEU E 97 -54.23 -17.21 31.41
CA LEU E 97 -53.77 -17.68 30.12
C LEU E 97 -54.46 -16.93 28.97
N GLU E 98 -55.76 -16.70 29.08
CA GLU E 98 -56.47 -15.89 28.08
C GLU E 98 -55.80 -14.52 27.95
N PHE E 99 -55.51 -13.91 29.10
CA PHE E 99 -54.86 -12.59 29.13
C PHE E 99 -53.50 -12.61 28.45
N ILE E 100 -52.64 -13.53 28.86
CA ILE E 100 -51.29 -13.63 28.30
C ILE E 100 -51.30 -13.88 26.79
N ASN E 101 -52.21 -14.74 26.31
CA ASN E 101 -52.33 -14.97 24.88
C ASN E 101 -52.77 -13.68 24.18
N SER E 102 -53.68 -12.91 24.78
CA SER E 102 -54.17 -11.67 24.16
C SER E 102 -53.05 -10.64 24.12
N ILE E 103 -52.17 -10.67 25.11
CA ILE E 103 -51.09 -9.70 25.23
C ILE E 103 -50.08 -9.95 24.12
N ILE E 104 -49.66 -11.19 23.96
CA ILE E 104 -48.69 -11.47 22.91
C ILE E 104 -49.24 -11.08 21.51
N LEU E 105 -50.50 -11.44 21.22
CA LEU E 105 -51.17 -11.06 19.96
C LEU E 105 -51.23 -9.52 19.80
N PHE E 106 -51.69 -8.83 20.83
CA PHE E 106 -51.83 -7.37 20.80
C PHE E 106 -50.49 -6.66 20.54
N LEU E 107 -49.47 -7.04 21.28
CA LEU E 107 -48.16 -6.41 21.15
C LEU E 107 -47.56 -6.65 19.75
N ARG E 108 -47.61 -7.89 19.28
CA ARG E 108 -47.15 -8.19 17.92
C ARG E 108 -47.95 -7.45 16.86
N ASN E 109 -49.28 -7.51 16.96
CA ASN E 109 -50.13 -6.84 15.97
C ASN E 109 -49.94 -5.33 15.90
N HIS E 110 -49.56 -4.70 17.01
CA HIS E 110 -49.43 -3.24 16.99
C HIS E 110 -48.00 -2.73 17.10
N ASN E 111 -47.02 -3.60 16.84
CA ASN E 111 -45.63 -3.12 16.74
C ASN E 111 -45.03 -2.63 18.07
N PHE E 112 -45.53 -3.19 19.17
CA PHE E 112 -44.98 -2.94 20.51
C PHE E 112 -43.87 -3.95 20.77
N ASP E 113 -42.86 -3.53 21.52
CA ASP E 113 -41.72 -4.41 21.81
C ASP E 113 -41.81 -5.10 23.17
N GLY E 114 -42.85 -4.79 23.93
CA GLY E 114 -42.96 -5.42 25.25
C GLY E 114 -44.08 -4.87 26.11
N LEU E 115 -44.19 -5.44 27.30
CA LEU E 115 -45.21 -5.11 28.27
C LEU E 115 -44.56 -4.61 29.55
N ASP E 116 -45.12 -3.53 30.11
CA ASP E 116 -44.76 -3.04 31.43
C ASP E 116 -45.97 -3.29 32.33
N VAL E 117 -45.76 -4.03 33.41
CA VAL E 117 -46.83 -4.28 34.36
C VAL E 117 -46.55 -3.36 35.53
N SER E 118 -47.38 -2.35 35.74
CA SER E 118 -47.20 -1.45 36.85
C SER E 118 -48.38 -1.55 37.81
N TRP E 119 -48.37 -2.63 38.61
CA TRP E 119 -49.47 -2.96 39.53
C TRP E 119 -49.28 -2.11 40.78
N ILE E 120 -50.21 -1.19 41.01
CA ILE E 120 -50.10 -0.27 42.14
C ILE E 120 -51.21 -0.56 43.18
N TYR E 121 -50.98 -1.45 44.17
CA TYR E 121 -49.80 -2.27 44.37
C TYR E 121 -50.29 -3.67 44.73
N PRO E 122 -49.45 -4.70 44.57
CA PRO E 122 -49.87 -6.00 45.05
C PRO E 122 -50.09 -6.02 46.58
N ASP E 123 -49.17 -5.43 47.33
CA ASP E 123 -49.26 -5.48 48.80
C ASP E 123 -49.31 -6.96 49.24
N GLN E 124 -49.64 -7.22 50.51
CA GLN E 124 -49.56 -8.58 51.01
C GLN E 124 -50.60 -9.45 50.31
N LYS E 125 -51.79 -8.88 50.16
CA LYS E 125 -52.93 -9.63 49.63
C LYS E 125 -52.70 -10.22 48.22
N GLU E 126 -52.10 -9.44 47.33
CA GLU E 126 -51.94 -9.86 45.94
C GLU E 126 -50.50 -10.22 45.60
N ASN E 127 -49.65 -10.26 46.63
CA ASN E 127 -48.26 -10.70 46.45
C ASN E 127 -48.16 -12.00 45.63
N THR E 128 -48.96 -13.00 45.98
CA THR E 128 -48.91 -14.26 45.25
C THR E 128 -49.40 -14.14 43.79
N HIS E 129 -50.56 -13.51 43.57
CA HIS E 129 -51.09 -13.36 42.19
C HIS E 129 -50.10 -12.61 41.32
N PHE E 130 -49.46 -11.59 41.90
CA PHE E 130 -48.51 -10.79 41.14
C PHE E 130 -47.28 -11.62 40.76
N THR E 131 -46.72 -12.33 41.73
CA THR E 131 -45.54 -13.13 41.43
C THR E 131 -45.85 -14.19 40.35
N VAL E 132 -47.01 -14.83 40.47
CA VAL E 132 -47.42 -15.84 39.50
C VAL E 132 -47.67 -15.26 38.11
N LEU E 133 -48.39 -14.14 38.06
CA LEU E 133 -48.67 -13.50 36.76
C LEU E 133 -47.37 -13.12 36.04
N ILE E 134 -46.45 -12.53 36.76
CA ILE E 134 -45.18 -12.11 36.17
C ILE E 134 -44.40 -13.33 35.68
N HIS E 135 -44.37 -14.40 36.47
CA HIS E 135 -43.59 -15.57 36.07
C HIS E 135 -44.21 -16.19 34.82
N GLU E 136 -45.54 -16.28 34.83
CA GLU E 136 -46.26 -16.85 33.69
C GLU E 136 -46.04 -16.00 32.42
N LEU E 137 -46.07 -14.68 32.56
CA LEU E 137 -45.78 -13.80 31.41
C LEU E 137 -44.36 -14.05 30.87
N ALA E 138 -43.37 -14.08 31.76
CA ALA E 138 -41.98 -14.34 31.37
C ALA E 138 -41.79 -15.66 30.62
N GLU E 139 -42.41 -16.72 31.13
CA GLU E 139 -42.31 -18.04 30.52
C GLU E 139 -42.95 -17.98 29.12
N ALA E 140 -44.10 -17.31 29.02
CA ALA E 140 -44.81 -17.24 27.74
C ALA E 140 -44.04 -16.42 26.70
N PHE E 141 -43.42 -15.34 27.14
CA PHE E 141 -42.62 -14.49 26.27
C PHE E 141 -41.41 -15.28 25.74
N GLN E 142 -40.77 -16.05 26.61
CA GLN E 142 -39.64 -16.91 26.25
C GLN E 142 -40.05 -18.00 25.23
N LYS E 143 -41.15 -18.68 25.52
CA LYS E 143 -41.67 -19.66 24.59
C LYS E 143 -42.03 -19.04 23.23
N ASP E 144 -42.67 -17.87 23.27
CA ASP E 144 -43.03 -17.18 22.04
C ASP E 144 -41.77 -16.90 21.21
N PHE E 145 -40.71 -16.49 21.90
CA PHE E 145 -39.46 -16.16 21.23
C PHE E 145 -38.96 -17.35 20.43
N THR E 146 -38.83 -18.50 21.11
CA THR E 146 -38.27 -19.69 20.47
C THR E 146 -39.11 -20.17 19.30
N LYS E 147 -40.41 -19.92 19.36
CA LYS E 147 -41.30 -20.28 18.25
C LYS E 147 -41.37 -19.26 17.13
N SER E 148 -40.76 -18.09 17.32
CA SER E 148 -40.92 -16.98 16.38
C SER E 148 -39.59 -16.52 15.77
N THR E 149 -39.65 -15.77 14.67
CA THR E 149 -38.46 -15.24 14.01
C THR E 149 -38.06 -13.85 14.54
N LYS E 150 -38.85 -13.33 15.48
CA LYS E 150 -38.72 -11.96 15.95
C LYS E 150 -38.04 -11.90 17.32
N GLU E 151 -37.70 -10.68 17.75
CA GLU E 151 -37.06 -10.47 19.05
C GLU E 151 -38.01 -10.79 20.19
N ARG E 152 -37.48 -11.34 21.27
CA ARG E 152 -38.29 -11.68 22.43
C ARG E 152 -38.97 -10.42 22.96
N LEU E 153 -40.25 -10.52 23.28
CA LEU E 153 -40.95 -9.39 23.91
C LEU E 153 -40.33 -9.10 25.29
N LEU E 154 -40.12 -7.80 25.59
CA LEU E 154 -39.54 -7.39 26.87
C LEU E 154 -40.63 -7.41 27.92
N LEU E 155 -40.25 -7.63 29.16
CA LEU E 155 -41.20 -7.58 30.30
C LEU E 155 -40.59 -6.74 31.41
N THR E 156 -41.26 -5.64 31.75
CA THR E 156 -40.76 -4.75 32.77
C THR E 156 -41.84 -4.53 33.79
N ALA E 157 -41.50 -3.91 34.91
CA ALA E 157 -42.50 -3.55 35.90
C ALA E 157 -42.16 -2.24 36.58
N GLY E 158 -43.18 -1.40 36.76
CA GLY E 158 -43.07 -0.19 37.55
C GLY E 158 -43.35 -0.63 38.98
N VAL E 159 -42.40 -0.39 39.87
CA VAL E 159 -42.51 -0.97 41.23
C VAL E 159 -42.30 0.10 42.29
N SER E 160 -42.86 -0.13 43.49
CA SER E 160 -42.78 0.82 44.59
C SER E 160 -41.34 1.08 45.05
N ALA E 161 -41.12 2.33 45.48
CA ALA E 161 -39.85 2.75 46.05
C ALA E 161 -39.96 2.83 47.57
N GLY E 162 -41.12 2.46 48.11
CA GLY E 162 -41.35 2.55 49.56
C GLY E 162 -41.03 1.25 50.24
N ARG E 163 -40.14 1.27 51.23
CA ARG E 163 -39.70 0.01 51.87
C ARG E 163 -40.82 -0.96 52.32
N GLN E 164 -41.77 -0.47 53.11
CA GLN E 164 -42.82 -1.34 53.59
C GLN E 164 -43.60 -1.99 52.43
N MET E 165 -43.94 -1.21 51.41
CA MET E 165 -44.72 -1.74 50.27
C MET E 165 -43.91 -2.75 49.44
N ILE E 166 -42.61 -2.50 49.32
CA ILE E 166 -41.69 -3.44 48.66
C ILE E 166 -41.68 -4.76 49.43
N ASP E 167 -41.49 -4.67 50.75
CA ASP E 167 -41.52 -5.86 51.60
C ASP E 167 -42.84 -6.64 51.46
N ASN E 168 -43.96 -5.93 51.45
CA ASN E 168 -45.28 -6.58 51.34
C ASN E 168 -45.53 -7.22 49.98
N SER E 169 -45.08 -6.55 48.92
CA SER E 169 -45.56 -6.78 47.57
C SER E 169 -44.80 -7.79 46.75
N TYR E 170 -43.48 -7.81 46.90
CA TYR E 170 -42.60 -8.42 45.89
C TYR E 170 -41.73 -9.58 46.38
N GLN E 171 -41.53 -10.55 45.49
CA GLN E 171 -40.56 -11.62 45.69
C GLN E 171 -39.41 -11.25 44.75
N VAL E 172 -38.42 -10.57 45.32
CA VAL E 172 -37.50 -9.78 44.51
C VAL E 172 -36.53 -10.63 43.70
N GLU E 173 -36.00 -11.69 44.29
CA GLU E 173 -35.04 -12.51 43.55
C GLU E 173 -35.69 -13.14 42.31
N LYS E 174 -36.97 -13.52 42.43
CA LYS E 174 -37.70 -14.08 41.29
C LYS E 174 -37.99 -12.99 40.26
N LEU E 175 -38.38 -11.82 40.73
CA LEU E 175 -38.51 -10.66 39.84
C LEU E 175 -37.24 -10.45 39.03
N ALA E 176 -36.07 -10.54 39.68
CA ALA E 176 -34.82 -10.31 38.96
C ALA E 176 -34.59 -11.33 37.83
N LYS E 177 -35.11 -12.54 38.00
CA LYS E 177 -35.04 -13.56 36.95
C LYS E 177 -36.08 -13.33 35.85
N ASP E 178 -37.28 -12.91 36.22
CA ASP E 178 -38.37 -12.86 35.23
C ASP E 178 -38.41 -11.56 34.42
N LEU E 179 -37.89 -10.47 34.99
CA LEU E 179 -38.00 -9.15 34.35
C LEU E 179 -36.73 -8.77 33.62
N ASP E 180 -36.90 -8.08 32.49
CA ASP E 180 -35.77 -7.45 31.81
C ASP E 180 -35.19 -6.31 32.66
N PHE E 181 -36.08 -5.51 33.27
CA PHE E 181 -35.67 -4.50 34.29
C PHE E 181 -36.88 -4.00 35.07
N ILE E 182 -36.64 -3.35 36.20
CA ILE E 182 -37.73 -2.68 36.91
C ILE E 182 -37.67 -1.19 36.56
N ASN E 183 -38.84 -0.60 36.44
CA ASN E 183 -38.96 0.87 36.40
C ASN E 183 -39.25 1.32 37.85
N LEU E 184 -38.20 1.72 38.56
CA LEU E 184 -38.34 2.09 39.98
C LEU E 184 -39.09 3.40 40.10
N LEU E 185 -40.24 3.36 40.76
CA LEU E 185 -41.08 4.56 40.90
C LEU E 185 -40.54 5.45 42.05
N SER E 186 -39.31 5.95 41.91
CA SER E 186 -38.65 6.70 42.98
C SER E 186 -39.09 8.18 43.01
N PHE E 187 -40.37 8.38 43.37
CA PHE E 187 -41.01 9.66 43.49
C PHE E 187 -42.28 9.43 44.33
N ASP E 188 -43.06 10.48 44.57
CA ASP E 188 -44.13 10.37 45.53
C ASP E 188 -43.65 9.89 46.90
N PHE E 189 -42.45 10.28 47.28
CA PHE E 189 -41.98 9.96 48.62
C PHE E 189 -42.73 10.78 49.68
N HIS E 190 -43.14 11.99 49.29
CA HIS E 190 -43.93 12.87 50.18
C HIS E 190 -45.01 13.51 49.32
N GLY E 191 -46.09 13.91 49.97
CA GLY E 191 -47.23 14.49 49.26
C GLY E 191 -48.32 14.79 50.25
N SER E 192 -49.41 15.40 49.80
CA SER E 192 -50.41 15.88 50.76
C SER E 192 -51.29 14.79 51.39
N TRP E 193 -51.01 13.54 51.05
CA TRP E 193 -51.70 12.39 51.68
C TRP E 193 -51.15 12.09 53.09
N GLU E 194 -50.04 12.71 53.45
CA GLU E 194 -49.35 12.39 54.70
C GLU E 194 -50.04 12.93 55.95
N LYS E 195 -49.84 12.23 57.05
CA LYS E 195 -50.33 12.60 58.36
C LYS E 195 -49.24 12.31 59.38
N PRO E 196 -48.77 13.34 60.13
CA PRO E 196 -49.20 14.73 60.13
C PRO E 196 -48.92 15.37 58.78
N LEU E 197 -49.73 16.34 58.38
CA LEU E 197 -49.58 16.98 57.08
C LEU E 197 -48.53 18.10 57.13
N ILE E 198 -47.34 17.81 56.60
CA ILE E 198 -46.19 18.74 56.64
C ILE E 198 -45.49 18.73 55.27
N THR E 199 -44.76 19.80 54.93
CA THR E 199 -44.05 19.80 53.66
C THR E 199 -42.98 18.72 53.55
N GLY E 200 -42.85 18.16 52.35
CA GLY E 200 -41.80 17.20 52.05
C GLY E 200 -41.61 17.10 50.55
N HIS E 201 -40.41 16.73 50.12
CA HIS E 201 -40.09 16.76 48.71
C HIS E 201 -40.57 15.51 48.00
N ASN E 202 -41.16 15.72 46.82
CA ASN E 202 -41.63 14.62 45.99
C ASN E 202 -40.59 13.51 45.76
N SER E 203 -39.35 13.92 45.50
CA SER E 203 -38.30 12.98 45.03
C SER E 203 -36.89 13.45 45.42
N PRO E 204 -36.60 13.50 46.74
CA PRO E 204 -35.24 13.82 47.22
C PRO E 204 -34.30 12.66 46.93
N LEU E 205 -33.10 12.95 46.50
CA LEU E 205 -32.13 11.91 46.20
C LEU E 205 -31.64 11.26 47.49
N SER E 206 -31.35 12.10 48.48
CA SER E 206 -30.80 11.62 49.75
C SER E 206 -31.68 11.99 50.95
N LYS E 207 -31.43 11.32 52.07
CA LYS E 207 -32.13 11.63 53.32
C LYS E 207 -31.81 13.05 53.82
N GLY E 208 -32.78 13.69 54.48
CA GLY E 208 -32.51 14.94 55.14
C GLY E 208 -31.56 14.73 56.30
N TRP E 209 -30.78 15.76 56.62
CA TRP E 209 -29.84 15.66 57.75
C TRP E 209 -30.51 15.24 59.06
N GLN E 210 -31.76 15.62 59.28
CA GLN E 210 -32.40 15.31 60.54
C GLN E 210 -33.18 14.00 60.48
N ASP E 211 -33.18 13.35 59.33
CA ASP E 211 -33.93 12.11 59.17
C ASP E 211 -33.26 10.93 59.89
N ARG E 212 -34.02 10.22 60.71
CA ARG E 212 -33.55 8.93 61.22
C ARG E 212 -34.68 7.90 61.38
N GLY E 213 -34.29 6.64 61.58
CA GLY E 213 -35.25 5.53 61.56
C GLY E 213 -35.98 5.50 60.23
N PRO E 214 -37.25 5.10 60.26
CA PRO E 214 -38.10 5.05 59.09
C PRO E 214 -38.01 6.28 58.20
N SER E 215 -37.87 7.47 58.79
CA SER E 215 -37.90 8.71 58.00
C SER E 215 -36.86 8.61 56.93
N SER E 216 -35.74 7.96 57.27
CA SER E 216 -34.59 7.90 56.38
C SER E 216 -34.79 6.99 55.19
N TYR E 217 -35.95 6.32 55.10
CA TYR E 217 -36.25 5.44 53.94
C TYR E 217 -36.83 6.17 52.73
N TYR E 218 -37.29 7.40 52.96
CA TYR E 218 -38.10 8.12 51.96
C TYR E 218 -37.25 8.92 51.02
N ASN E 219 -36.36 8.24 50.27
CA ASN E 219 -35.52 8.92 49.28
C ASN E 219 -34.98 7.95 48.21
N VAL E 220 -34.58 8.50 47.07
CA VAL E 220 -34.14 7.70 45.91
C VAL E 220 -32.98 6.79 46.29
N GLU E 221 -32.02 7.33 47.00
CA GLU E 221 -30.82 6.58 47.35
C GLU E 221 -31.18 5.31 48.17
N TYR E 222 -32.05 5.48 49.16
CA TYR E 222 -32.44 4.35 49.98
C TYR E 222 -33.20 3.30 49.17
N ALA E 223 -34.18 3.76 48.39
CA ALA E 223 -34.97 2.83 47.56
C ALA E 223 -34.10 2.03 46.60
N VAL E 224 -33.15 2.71 45.96
CA VAL E 224 -32.24 2.02 45.03
C VAL E 224 -31.42 0.95 45.76
N GLY E 225 -30.85 1.33 46.90
CA GLY E 225 -30.03 0.42 47.69
C GLY E 225 -30.83 -0.76 48.23
N TYR E 226 -32.08 -0.50 48.60
CA TYR E 226 -32.93 -1.55 49.13
C TYR E 226 -33.25 -2.59 48.04
N TRP E 227 -33.66 -2.13 46.87
CA TRP E 227 -33.96 -3.06 45.77
C TRP E 227 -32.74 -3.94 45.46
N ILE E 228 -31.55 -3.34 45.41
CA ILE E 228 -30.34 -4.07 45.11
C ILE E 228 -30.02 -5.08 46.23
N HIS E 229 -30.08 -4.60 47.47
CA HIS E 229 -29.96 -5.46 48.64
C HIS E 229 -30.97 -6.62 48.66
N LYS E 230 -32.20 -6.41 48.18
CA LYS E 230 -33.18 -7.48 48.15
C LYS E 230 -32.95 -8.48 46.99
N GLY E 231 -32.01 -8.19 46.11
CA GLY E 231 -31.68 -9.15 45.05
C GLY E 231 -31.80 -8.68 43.61
N MET E 232 -32.20 -7.42 43.39
CA MET E 232 -32.26 -6.88 42.02
C MET E 232 -30.85 -6.41 41.56
N PRO E 233 -30.31 -7.01 40.50
CA PRO E 233 -28.98 -6.54 40.04
C PRO E 233 -29.04 -5.06 39.72
N SER E 234 -27.97 -4.34 40.04
CA SER E 234 -27.99 -2.89 39.84
C SER E 234 -28.37 -2.53 38.40
N GLU E 235 -27.89 -3.32 37.44
CA GLU E 235 -28.12 -2.96 36.04
C GLU E 235 -29.56 -3.19 35.58
N LYS E 236 -30.36 -3.90 36.38
CA LYS E 236 -31.79 -4.04 36.09
C LYS E 236 -32.61 -2.97 36.80
N VAL E 237 -31.94 -2.11 37.56
CA VAL E 237 -32.69 -0.98 38.16
C VAL E 237 -32.67 0.26 37.24
N VAL E 238 -33.82 0.62 36.69
CA VAL E 238 -33.94 1.86 35.93
C VAL E 238 -34.60 2.89 36.85
N MET E 239 -33.80 3.89 37.22
CA MET E 239 -34.19 4.85 38.28
C MET E 239 -35.19 5.93 37.82
N GLY E 240 -36.39 5.91 38.40
CA GLY E 240 -37.43 6.89 38.07
C GLY E 240 -37.08 8.30 38.48
N ILE E 241 -37.42 9.25 37.64
CA ILE E 241 -37.21 10.69 37.89
C ILE E 241 -38.48 11.38 37.44
N PRO E 242 -39.06 12.24 38.30
CA PRO E 242 -40.33 12.91 37.95
C PRO E 242 -40.15 14.21 37.17
N THR E 243 -41.10 14.54 36.31
CA THR E 243 -41.11 15.84 35.64
C THR E 243 -42.23 16.70 36.23
N TYR E 244 -42.79 16.27 37.34
CA TYR E 244 -43.80 17.02 38.08
C TYR E 244 -43.29 17.22 39.49
N GLY E 245 -43.97 18.08 40.25
CA GLY E 245 -43.65 18.27 41.66
C GLY E 245 -44.90 18.19 42.51
N HIS E 246 -44.73 18.10 43.83
CA HIS E 246 -45.88 18.07 44.71
C HIS E 246 -45.96 19.37 45.49
N SER E 247 -47.17 19.92 45.57
CA SER E 247 -47.36 21.21 46.17
C SER E 247 -48.15 21.12 47.48
N PHE E 248 -47.97 22.12 48.32
CA PHE E 248 -48.67 22.21 49.63
C PHE E 248 -49.13 23.63 49.86
N THR E 249 -50.26 23.80 50.56
CA THR E 249 -50.61 25.11 51.12
C THR E 249 -50.05 25.18 52.54
N LEU E 250 -49.22 26.17 52.83
CA LEU E 250 -48.60 26.28 54.16
C LEU E 250 -49.63 26.70 55.20
N ALA E 251 -49.52 26.15 56.42
CA ALA E 251 -50.44 26.52 57.51
C ALA E 251 -49.89 27.63 58.41
N SER E 252 -48.58 27.87 58.32
CA SER E 252 -47.95 28.92 59.13
C SER E 252 -46.96 29.71 58.28
N ALA E 253 -46.17 30.55 58.93
CA ALA E 253 -45.16 31.31 58.21
C ALA E 253 -43.91 30.48 57.93
N GLU E 254 -43.79 29.30 58.55
CA GLU E 254 -42.63 28.43 58.31
C GLU E 254 -42.64 27.89 56.89
N THR E 255 -41.49 27.88 56.23
CA THR E 255 -41.38 27.50 54.81
C THR E 255 -40.34 26.41 54.55
N THR E 256 -39.77 25.83 55.59
CA THR E 256 -38.77 24.80 55.44
C THR E 256 -39.42 23.45 55.15
N VAL E 257 -38.63 22.43 54.86
CA VAL E 257 -39.13 21.06 54.83
C VAL E 257 -39.63 20.66 56.21
N GLY E 258 -40.76 19.96 56.26
CA GLY E 258 -41.35 19.57 57.53
C GLY E 258 -42.24 20.64 58.18
N ALA E 259 -42.45 21.75 57.50
CA ALA E 259 -43.32 22.80 58.04
C ALA E 259 -44.79 22.38 57.88
N PRO E 260 -45.66 22.88 58.77
CA PRO E 260 -47.07 22.49 58.73
C PRO E 260 -47.78 22.96 57.45
N ALA E 261 -48.58 22.08 56.87
CA ALA E 261 -49.35 22.38 55.67
C ALA E 261 -50.83 22.20 56.00
N SER E 262 -51.68 23.01 55.39
CA SER E 262 -53.11 22.88 55.64
C SER E 262 -53.79 21.98 54.62
N GLY E 263 -53.08 21.66 53.54
CA GLY E 263 -53.60 20.78 52.49
C GLY E 263 -52.73 20.86 51.24
N PRO E 264 -53.20 20.30 50.12
CA PRO E 264 -52.38 20.34 48.91
C PRO E 264 -52.28 21.77 48.42
N GLY E 265 -51.35 22.04 47.49
CA GLY E 265 -51.27 23.36 46.91
C GLY E 265 -52.40 23.56 45.90
N ALA E 266 -52.66 24.82 45.57
CA ALA E 266 -53.64 25.17 44.54
C ALA E 266 -53.36 24.39 43.26
N ALA E 267 -54.42 23.94 42.58
CA ALA E 267 -54.29 23.25 41.31
C ALA E 267 -53.68 24.13 40.20
N GLY E 268 -52.87 23.53 39.33
CA GLY E 268 -52.28 24.30 38.24
C GLY E 268 -53.37 24.55 37.20
N PRO E 269 -53.20 25.59 36.38
CA PRO E 269 -54.26 25.96 35.42
C PRO E 269 -54.44 24.92 34.31
N ILE E 270 -53.42 24.09 34.07
CA ILE E 270 -53.45 23.11 32.98
C ILE E 270 -53.72 21.67 33.46
N THR E 271 -53.00 21.22 34.50
CA THR E 271 -53.20 19.86 35.01
C THR E 271 -54.41 19.75 35.93
N GLU E 272 -54.87 20.89 36.44
CA GLU E 272 -56.08 20.99 37.24
C GLU E 272 -56.18 19.89 38.30
N SER E 273 -55.13 19.73 39.08
CA SER E 273 -55.13 18.69 40.10
C SER E 273 -54.41 19.19 41.34
N SER E 274 -55.20 19.58 42.34
CA SER E 274 -54.66 20.13 43.58
C SER E 274 -53.66 19.14 44.20
N GLY E 275 -52.41 19.56 44.41
CA GLY E 275 -51.39 18.65 44.96
C GLY E 275 -50.17 18.38 44.08
N PHE E 276 -50.33 18.52 42.75
CA PHE E 276 -49.14 18.46 41.87
C PHE E 276 -49.16 19.50 40.77
N LEU E 277 -47.98 19.75 40.20
CA LEU E 277 -47.79 20.68 39.08
C LEU E 277 -46.85 20.01 38.05
N ALA E 278 -47.11 20.19 36.75
CA ALA E 278 -46.18 19.66 35.74
C ALA E 278 -45.04 20.66 35.67
N TYR E 279 -43.91 20.26 35.07
CA TYR E 279 -42.81 21.20 34.93
C TYR E 279 -43.19 22.51 34.17
N TYR E 280 -44.02 22.42 33.12
CA TYR E 280 -44.36 23.62 32.37
C TYR E 280 -45.19 24.56 33.23
N GLU E 281 -45.87 24.03 34.26
CA GLU E 281 -46.57 24.90 35.21
C GLU E 281 -45.58 25.43 36.26
N ILE E 282 -44.66 24.58 36.71
CA ILE E 282 -43.65 24.99 37.68
C ILE E 282 -42.81 26.18 37.21
N CYS E 283 -42.44 26.21 35.93
CA CYS E 283 -41.67 27.37 35.45
C CYS E 283 -42.47 28.67 35.55
N GLN E 284 -43.79 28.59 35.43
CA GLN E 284 -44.61 29.79 35.65
C GLN E 284 -44.70 30.16 37.15
N PHE E 285 -44.88 29.14 37.99
CA PHE E 285 -44.87 29.30 39.46
C PHE E 285 -43.58 29.99 39.94
N LEU E 286 -42.45 29.60 39.36
CA LEU E 286 -41.15 30.08 39.85
C LEU E 286 -40.96 31.57 39.64
N LYS E 287 -41.70 32.16 38.70
CA LYS E 287 -41.68 33.63 38.52
C LYS E 287 -42.20 34.33 39.79
N GLY E 288 -41.32 35.08 40.44
CA GLY E 288 -41.66 35.74 41.70
C GLY E 288 -41.60 34.84 42.93
N ALA E 289 -41.10 33.62 42.77
CA ALA E 289 -40.98 32.69 43.88
C ALA E 289 -39.56 32.72 44.46
N LYS E 290 -39.42 32.25 45.69
CA LYS E 290 -38.08 32.07 46.26
C LYS E 290 -37.69 30.59 46.19
N ILE E 291 -36.57 30.32 45.54
CA ILE E 291 -36.10 28.94 45.35
C ILE E 291 -35.04 28.63 46.37
N THR E 292 -35.14 27.46 47.01
CA THR E 292 -34.13 26.97 47.94
C THR E 292 -33.65 25.57 47.52
N ARG E 293 -32.33 25.40 47.38
CA ARG E 293 -31.75 24.07 47.08
C ARG E 293 -31.47 23.37 48.38
N LEU E 294 -31.99 22.16 48.58
CA LEU E 294 -31.68 21.41 49.79
C LEU E 294 -30.28 20.81 49.64
N GLN E 295 -29.36 21.20 50.51
CA GLN E 295 -27.99 20.73 50.40
C GLN E 295 -27.91 19.25 50.74
N ASP E 296 -28.80 18.81 51.65
CA ASP E 296 -28.74 17.43 52.08
C ASP E 296 -29.51 16.55 51.08
N GLN E 297 -30.66 17.01 50.62
CA GLN E 297 -31.48 16.14 49.76
C GLN E 297 -31.18 16.26 48.26
N GLN E 298 -30.48 17.33 47.88
CA GLN E 298 -29.93 17.55 46.52
C GLN E 298 -31.01 17.93 45.48
N VAL E 299 -32.10 18.51 45.97
CA VAL E 299 -33.24 18.91 45.15
C VAL E 299 -33.79 20.24 45.64
N PRO E 300 -34.50 20.98 44.76
CA PRO E 300 -34.98 22.29 45.10
C PRO E 300 -36.43 22.30 45.57
N TYR E 301 -36.80 23.29 46.36
CA TYR E 301 -38.22 23.61 46.54
C TYR E 301 -38.38 25.10 46.34
N ALA E 302 -39.61 25.55 46.10
CA ALA E 302 -39.85 26.97 45.87
C ALA E 302 -41.05 27.40 46.67
N VAL E 303 -41.03 28.64 47.15
CA VAL E 303 -42.14 29.18 47.94
C VAL E 303 -42.62 30.47 47.32
N LYS E 304 -43.93 30.61 47.17
CA LYS E 304 -44.52 31.88 46.71
C LYS E 304 -45.86 32.08 47.38
N GLY E 305 -46.01 33.21 48.10
CA GLY E 305 -47.19 33.42 48.91
C GLY E 305 -47.23 32.33 49.98
N ASN E 306 -48.31 31.56 50.04
CA ASN E 306 -48.37 30.43 50.99
C ASN E 306 -48.28 29.09 50.27
N GLN E 307 -47.76 29.08 49.04
CA GLN E 307 -47.58 27.86 48.25
C GLN E 307 -46.14 27.36 48.31
N TRP E 308 -46.00 26.06 48.52
CA TRP E 308 -44.72 25.40 48.71
C TRP E 308 -44.72 24.24 47.72
N VAL E 309 -43.75 24.25 46.80
CA VAL E 309 -43.64 23.21 45.77
C VAL E 309 -42.25 22.58 45.78
N GLY E 310 -42.21 21.26 45.97
CA GLY E 310 -40.94 20.52 45.84
C GLY E 310 -40.93 19.92 44.44
N TYR E 311 -39.86 20.15 43.69
CA TYR E 311 -39.85 19.75 42.29
C TYR E 311 -38.44 19.35 41.85
N ASP E 312 -38.33 18.91 40.61
CA ASP E 312 -37.04 18.59 40.03
C ASP E 312 -36.74 19.54 38.88
N ASP E 313 -35.47 19.95 38.76
CA ASP E 313 -35.06 20.88 37.71
C ASP E 313 -33.82 20.39 36.96
N VAL E 314 -33.30 21.19 36.03
CA VAL E 314 -32.15 20.73 35.24
C VAL E 314 -30.94 20.34 36.10
N LYS E 315 -30.65 21.13 37.14
CA LYS E 315 -29.56 20.80 38.03
C LYS E 315 -29.77 19.54 38.87
N SER E 316 -30.99 19.30 39.34
CA SER E 316 -31.17 18.13 40.17
C SER E 316 -31.11 16.89 39.31
N MET E 317 -31.43 17.03 38.03
CA MET E 317 -31.30 15.86 37.19
C MET E 317 -29.88 15.46 36.86
N GLU E 318 -29.00 16.43 36.68
CA GLU E 318 -27.60 16.14 36.56
C GLU E 318 -27.08 15.35 37.75
N THR E 319 -27.49 15.75 38.95
CA THR E 319 -26.98 15.08 40.14
C THR E 319 -27.49 13.65 40.21
N LYS E 320 -28.76 13.47 39.85
CA LYS E 320 -29.36 12.13 39.95
C LYS E 320 -28.76 11.21 38.90
N VAL E 321 -28.39 11.78 37.77
CA VAL E 321 -27.70 10.99 36.75
C VAL E 321 -26.28 10.65 37.21
N GLN E 322 -25.55 11.60 37.78
CA GLN E 322 -24.27 11.23 38.35
C GLN E 322 -24.41 10.05 39.34
N PHE E 323 -25.44 10.12 40.17
CA PHE E 323 -25.73 9.05 41.13
C PHE E 323 -25.97 7.69 40.45
N LEU E 324 -26.89 7.63 39.50
CA LEU E 324 -27.23 6.36 38.88
C LEU E 324 -26.02 5.75 38.18
N LYS E 325 -25.14 6.59 37.61
CA LYS E 325 -23.93 6.10 36.99
C LYS E 325 -22.95 5.52 38.05
N ASN E 326 -22.85 6.20 39.18
CA ASN E 326 -21.92 5.81 40.25
C ASN E 326 -22.39 4.49 40.87
N LEU E 327 -23.70 4.29 40.92
CA LEU E 327 -24.26 3.02 41.38
C LEU E 327 -24.41 1.92 40.29
N ASN E 328 -23.92 2.18 39.08
CA ASN E 328 -24.02 1.22 37.97
C ASN E 328 -25.44 0.75 37.73
N LEU E 329 -26.40 1.67 37.75
CA LEU E 329 -27.79 1.31 37.49
C LEU E 329 -28.02 1.13 35.98
N GLY E 330 -29.19 0.62 35.61
CA GLY E 330 -29.47 0.39 34.17
C GLY E 330 -29.73 1.65 33.36
N GLY E 331 -30.17 2.71 34.03
CA GLY E 331 -30.48 3.96 33.34
C GLY E 331 -31.45 4.80 34.15
N ALA E 332 -32.13 5.73 33.47
CA ALA E 332 -33.14 6.60 34.05
C ALA E 332 -34.50 6.32 33.42
N MET E 333 -35.56 6.46 34.20
CA MET E 333 -36.90 6.36 33.71
C MET E 333 -37.55 7.70 34.01
N ILE E 334 -38.41 8.17 33.13
CA ILE E 334 -39.07 9.47 33.32
C ILE E 334 -40.58 9.29 33.48
N TRP E 335 -41.15 9.78 34.57
CA TRP E 335 -42.61 9.93 34.67
C TRP E 335 -42.95 11.42 34.75
N SER E 336 -43.48 12.03 33.68
CA SER E 336 -43.72 11.41 32.39
C SER E 336 -43.39 12.50 31.37
N ILE E 337 -43.05 12.13 30.14
CA ILE E 337 -42.45 13.14 29.25
C ILE E 337 -43.46 14.19 28.83
N ASP E 338 -44.75 13.84 28.93
CA ASP E 338 -45.78 14.83 28.59
C ASP E 338 -45.99 15.87 29.69
N MET E 339 -45.26 15.75 30.80
CA MET E 339 -45.26 16.82 31.82
C MET E 339 -43.96 17.66 31.84
N ASP E 340 -42.96 17.23 31.08
CA ASP E 340 -41.80 18.11 30.78
C ASP E 340 -42.34 19.22 29.88
N ASP E 341 -41.55 20.29 29.68
CA ASP E 341 -41.96 21.34 28.75
C ASP E 341 -41.68 20.83 27.32
N PHE E 342 -42.51 19.92 26.83
CA PHE E 342 -42.25 19.23 25.56
C PHE E 342 -42.20 20.20 24.37
N THR E 343 -42.99 21.27 24.39
CA THR E 343 -43.00 22.24 23.27
C THR E 343 -41.93 23.34 23.37
N GLY E 344 -41.32 23.49 24.54
CA GLY E 344 -40.32 24.55 24.73
C GLY E 344 -40.95 25.93 24.92
N LYS E 345 -42.28 25.98 24.99
CA LYS E 345 -42.98 27.26 25.00
C LYS E 345 -43.22 27.85 26.40
N SER E 346 -42.87 27.12 27.45
CA SER E 346 -43.16 27.65 28.78
C SER E 346 -41.94 28.02 29.59
N CYS E 347 -40.87 27.25 29.48
CA CYS E 347 -39.80 27.37 30.45
C CYS E 347 -38.56 28.08 29.94
N ASN E 348 -38.57 28.51 28.67
CA ASN E 348 -37.42 29.20 28.10
C ASN E 348 -36.13 28.36 28.15
N GLN E 349 -36.25 27.06 28.01
CA GLN E 349 -35.08 26.17 28.08
C GLN E 349 -35.01 25.20 26.90
N GLY E 350 -35.72 25.50 25.82
CA GLY E 350 -35.84 24.57 24.67
C GLY E 350 -36.85 23.45 24.93
N PRO E 351 -37.08 22.60 23.91
CA PRO E 351 -38.01 21.50 24.03
C PRO E 351 -37.47 20.39 24.94
N TYR E 352 -38.35 19.78 25.74
CA TYR E 352 -37.97 18.71 26.71
C TYR E 352 -36.73 19.08 27.54
N PRO E 353 -36.79 20.21 28.24
CA PRO E 353 -35.56 20.63 28.94
C PRO E 353 -35.13 19.63 30.02
N LEU E 354 -36.07 19.05 30.77
CA LEU E 354 -35.66 18.09 31.81
C LEU E 354 -35.09 16.81 31.19
N VAL E 355 -35.79 16.25 30.22
CA VAL E 355 -35.37 14.96 29.64
C VAL E 355 -34.08 15.16 28.86
N GLN E 356 -34.00 16.25 28.12
CA GLN E 356 -32.76 16.61 27.47
C GLN E 356 -31.58 16.77 28.46
N ALA E 357 -31.84 17.32 29.64
CA ALA E 357 -30.79 17.42 30.65
C ALA E 357 -30.34 16.01 31.11
N VAL E 358 -31.29 15.09 31.30
CA VAL E 358 -30.95 13.69 31.61
C VAL E 358 -30.13 13.05 30.47
N LYS E 359 -30.62 13.21 29.24
CA LYS E 359 -29.94 12.65 28.07
C LYS E 359 -28.51 13.18 27.94
N ARG E 360 -28.34 14.49 28.18
CA ARG E 360 -27.03 15.10 28.11
C ARG E 360 -26.06 14.51 29.15
N SER E 361 -26.54 14.29 30.37
CA SER E 361 -25.69 13.73 31.40
C SER E 361 -25.42 12.23 31.23
N LEU E 362 -26.39 11.48 30.70
CA LEU E 362 -26.22 10.02 30.53
C LEU E 362 -25.10 9.69 29.61
N GLY E 363 -24.94 10.49 28.56
CA GLY E 363 -23.74 10.37 27.78
C GLY E 363 -24.10 9.38 26.71
N SER E 364 -24.74 9.92 25.69
CA SER E 364 -25.38 9.20 24.62
C SER E 364 -26.79 9.56 24.95
N ALA F 1 -71.55 -42.44 -5.24
CA ALA F 1 -70.43 -42.44 -4.25
C ALA F 1 -70.72 -41.49 -3.10
N TYR F 2 -70.27 -41.85 -1.91
CA TYR F 2 -70.41 -40.96 -0.76
C TYR F 2 -69.50 -39.75 -0.94
N LYS F 3 -69.94 -38.61 -0.43
CA LYS F 3 -69.14 -37.39 -0.45
C LYS F 3 -68.29 -37.33 0.80
N LEU F 4 -67.10 -36.74 0.67
CA LEU F 4 -66.30 -36.34 1.83
C LEU F 4 -66.02 -34.85 1.65
N VAL F 5 -66.75 -34.04 2.42
CA VAL F 5 -66.74 -32.60 2.30
C VAL F 5 -65.88 -32.01 3.42
N CYS F 6 -64.84 -31.28 3.04
CA CYS F 6 -63.79 -30.87 3.99
C CYS F 6 -63.65 -29.37 4.07
N TYR F 7 -64.11 -28.77 5.18
CA TYR F 7 -63.85 -27.36 5.41
C TYR F 7 -62.40 -27.15 5.82
N PHE F 8 -61.83 -26.03 5.42
CA PHE F 8 -60.53 -25.61 5.95
C PHE F 8 -60.62 -24.10 6.13
N THR F 9 -59.72 -23.51 6.90
CA THR F 9 -59.96 -22.16 7.38
C THR F 9 -58.80 -21.28 7.04
N ASN F 10 -59.06 -20.01 6.80
CA ASN F 10 -57.95 -19.16 6.49
C ASN F 10 -57.17 -18.67 7.72
N TRP F 11 -57.77 -18.76 8.91
CA TRP F 11 -57.06 -18.27 10.12
C TRP F 11 -56.06 -19.28 10.66
N SER F 12 -56.08 -20.54 10.21
CA SER F 12 -55.06 -21.50 10.65
C SER F 12 -53.65 -21.17 10.13
N GLN F 13 -53.55 -20.30 9.13
CA GLN F 13 -52.24 -19.90 8.62
C GLN F 13 -51.45 -19.13 9.67
N ASP F 14 -52.16 -18.52 10.62
CA ASP F 14 -51.53 -17.69 11.66
C ASP F 14 -50.96 -18.49 12.84
N ARG F 15 -51.27 -19.78 12.92
CA ARG F 15 -50.83 -20.57 14.07
C ARG F 15 -49.37 -21.01 13.96
N GLN F 16 -48.81 -21.40 15.11
CA GLN F 16 -47.45 -21.97 15.24
C GLN F 16 -47.50 -23.47 14.88
N GLU F 17 -46.39 -24.03 14.40
CA GLU F 17 -46.34 -25.46 14.07
C GLU F 17 -46.53 -26.29 15.35
N PRO F 18 -47.19 -27.46 15.27
CA PRO F 18 -47.74 -28.21 14.11
C PRO F 18 -49.13 -27.78 13.63
N GLY F 19 -49.52 -26.55 13.90
CA GLY F 19 -50.86 -26.13 13.52
C GLY F 19 -50.84 -25.14 12.38
N LYS F 20 -49.65 -24.71 11.99
CA LYS F 20 -49.54 -23.71 10.92
C LYS F 20 -50.04 -24.33 9.62
N PHE F 21 -51.17 -23.86 9.13
CA PHE F 21 -51.81 -24.48 7.98
C PHE F 21 -52.06 -23.55 6.81
N THR F 22 -51.79 -24.07 5.63
CA THR F 22 -51.91 -23.31 4.41
C THR F 22 -52.56 -24.22 3.35
N PRO F 23 -53.29 -23.63 2.39
CA PRO F 23 -53.91 -24.50 1.38
C PRO F 23 -52.88 -25.43 0.71
N GLU F 24 -51.60 -25.07 0.74
CA GLU F 24 -50.57 -25.98 0.23
C GLU F 24 -50.46 -27.28 1.03
N ASN F 25 -50.97 -27.29 2.26
CA ASN F 25 -51.01 -28.53 3.04
C ASN F 25 -52.10 -29.49 2.58
N ILE F 26 -52.96 -29.06 1.67
CA ILE F 26 -54.09 -29.89 1.29
C ILE F 26 -53.68 -31.03 0.36
N ASP F 27 -54.13 -32.24 0.68
CA ASP F 27 -53.92 -33.39 -0.18
C ASP F 27 -55.07 -33.38 -1.22
N PRO F 28 -54.74 -33.23 -2.52
CA PRO F 28 -55.81 -33.07 -3.48
C PRO F 28 -56.75 -34.27 -3.62
N PHE F 29 -56.33 -35.46 -3.15
CA PHE F 29 -57.18 -36.65 -3.25
C PHE F 29 -57.82 -37.09 -1.92
N LEU F 30 -57.65 -36.30 -0.87
CA LEU F 30 -58.12 -36.67 0.45
C LEU F 30 -59.65 -36.60 0.46
N CYS F 31 -60.20 -35.50 -0.02
CA CYS F 31 -61.65 -35.29 0.02
C CYS F 31 -62.24 -35.17 -1.39
N SER F 32 -63.58 -35.23 -1.48
CA SER F 32 -64.27 -35.04 -2.76
C SER F 32 -64.59 -33.55 -2.95
N HIS F 33 -64.83 -32.85 -1.85
CA HIS F 33 -65.16 -31.43 -1.88
C HIS F 33 -64.30 -30.73 -0.82
N LEU F 34 -63.77 -29.55 -1.16
CA LEU F 34 -63.11 -28.68 -0.19
C LEU F 34 -63.89 -27.38 -0.04
N ILE F 35 -63.96 -26.82 1.16
CA ILE F 35 -64.68 -25.58 1.33
C ILE F 35 -63.85 -24.58 2.10
N TYR F 36 -63.59 -23.45 1.47
CA TYR F 36 -62.81 -22.40 2.12
C TYR F 36 -63.68 -21.59 3.07
N SER F 37 -63.20 -21.36 4.31
CA SER F 37 -63.90 -20.60 5.36
C SER F 37 -63.05 -19.43 5.85
N PHE F 38 -63.52 -18.18 5.73
CA PHE F 38 -64.81 -17.78 5.17
C PHE F 38 -64.59 -16.50 4.37
N ALA F 39 -65.37 -16.33 3.31
CA ALA F 39 -65.36 -15.08 2.59
C ALA F 39 -66.25 -14.10 3.35
N SER F 40 -66.18 -12.82 2.95
CA SER F 40 -66.97 -11.81 3.63
C SER F 40 -67.79 -11.01 2.60
N ILE F 41 -68.57 -10.04 3.07
CA ILE F 41 -69.37 -9.21 2.18
C ILE F 41 -69.03 -7.77 2.43
N GLU F 42 -68.84 -6.99 1.36
CA GLU F 42 -68.54 -5.59 1.52
C GLU F 42 -69.21 -4.77 0.41
N ASN F 43 -69.95 -3.72 0.77
CA ASN F 43 -70.72 -3.00 -0.24
C ASN F 43 -71.51 -3.99 -1.10
N ASN F 44 -72.10 -4.98 -0.43
CA ASN F 44 -73.00 -5.97 -1.04
C ASN F 44 -72.37 -6.95 -2.02
N LYS F 45 -71.03 -7.00 -2.04
CA LYS F 45 -70.31 -7.92 -2.91
C LYS F 45 -69.43 -8.87 -2.08
N VAL F 46 -69.21 -10.07 -2.60
CA VAL F 46 -68.36 -11.04 -1.93
C VAL F 46 -66.91 -10.56 -1.99
N ILE F 47 -66.14 -10.87 -0.97
CA ILE F 47 -64.76 -10.43 -0.92
C ILE F 47 -63.98 -11.37 0.00
N ILE F 48 -62.72 -11.65 -0.32
CA ILE F 48 -61.94 -12.49 0.59
C ILE F 48 -60.98 -11.60 1.34
N LYS F 49 -60.92 -11.80 2.66
CA LYS F 49 -60.02 -11.05 3.53
C LYS F 49 -58.99 -12.03 4.04
N ASP F 50 -57.85 -12.06 3.37
CA ASP F 50 -56.90 -13.11 3.57
C ASP F 50 -55.61 -12.55 3.01
N LYS F 51 -54.61 -12.38 3.86
CA LYS F 51 -53.32 -11.85 3.42
C LYS F 51 -52.62 -12.79 2.45
N SER F 52 -53.18 -13.99 2.25
CA SER F 52 -52.62 -14.95 1.31
C SER F 52 -53.64 -15.26 0.20
N GLU F 53 -54.49 -14.28 -0.09
CA GLU F 53 -55.53 -14.40 -1.10
C GLU F 53 -55.01 -14.81 -2.47
N VAL F 54 -53.99 -14.11 -2.97
CA VAL F 54 -53.48 -14.44 -4.30
C VAL F 54 -52.97 -15.89 -4.37
N MET F 55 -52.21 -16.32 -3.35
CA MET F 55 -51.76 -17.72 -3.31
C MET F 55 -52.91 -18.74 -3.17
N LEU F 56 -53.99 -18.38 -2.49
CA LEU F 56 -55.16 -19.25 -2.43
C LEU F 56 -55.64 -19.60 -3.84
N TYR F 57 -55.79 -18.60 -4.70
CA TYR F 57 -56.24 -18.87 -6.07
C TYR F 57 -55.29 -19.81 -6.81
N GLN F 58 -54.00 -19.57 -6.66
CA GLN F 58 -52.96 -20.43 -7.26
C GLN F 58 -53.09 -21.88 -6.81
N THR F 59 -53.31 -22.06 -5.51
CA THR F 59 -53.36 -23.39 -4.94
C THR F 59 -54.62 -24.07 -5.42
N ILE F 60 -55.73 -23.35 -5.37
CA ILE F 60 -56.96 -23.87 -5.95
C ILE F 60 -56.70 -24.45 -7.34
N ASN F 61 -56.02 -23.67 -8.19
CA ASN F 61 -55.73 -24.13 -9.54
C ASN F 61 -54.84 -25.37 -9.60
N SER F 62 -53.79 -25.41 -8.78
CA SER F 62 -52.94 -26.60 -8.71
C SER F 62 -53.69 -27.85 -8.27
N LEU F 63 -54.46 -27.71 -7.20
CA LEU F 63 -55.23 -28.82 -6.64
C LEU F 63 -56.15 -29.45 -7.69
N LYS F 64 -56.85 -28.59 -8.43
CA LYS F 64 -57.83 -29.05 -9.43
C LYS F 64 -57.19 -29.58 -10.72
N THR F 65 -55.98 -29.12 -11.03
CA THR F 65 -55.19 -29.74 -12.09
C THR F 65 -54.79 -31.18 -11.73
N LYS F 66 -54.30 -31.37 -10.50
CA LYS F 66 -53.88 -32.70 -10.00
C LYS F 66 -55.04 -33.67 -9.87
N ASN F 67 -56.16 -33.19 -9.34
CA ASN F 67 -57.37 -34.01 -9.26
C ASN F 67 -58.54 -33.34 -9.99
N PRO F 68 -58.69 -33.64 -11.29
CA PRO F 68 -59.69 -32.93 -12.08
C PRO F 68 -61.13 -33.16 -11.61
N LYS F 69 -61.33 -34.09 -10.68
CA LYS F 69 -62.68 -34.38 -10.17
C LYS F 69 -62.98 -33.60 -8.89
N LEU F 70 -61.94 -33.03 -8.28
CA LEU F 70 -62.07 -32.28 -7.03
C LEU F 70 -63.02 -31.08 -7.21
N LYS F 71 -63.89 -30.86 -6.23
CA LYS F 71 -64.73 -29.67 -6.25
C LYS F 71 -64.29 -28.74 -5.11
N ILE F 72 -64.21 -27.45 -5.37
CA ILE F 72 -63.82 -26.51 -4.30
C ILE F 72 -64.86 -25.40 -4.17
N LEU F 73 -65.47 -25.27 -3.00
CA LEU F 73 -66.53 -24.29 -2.81
C LEU F 73 -66.01 -23.18 -1.92
N LEU F 74 -66.69 -22.04 -1.96
CA LEU F 74 -66.44 -20.90 -1.09
C LEU F 74 -67.52 -20.81 -0.02
N SER F 75 -67.14 -20.67 1.25
CA SER F 75 -68.15 -20.50 2.32
C SER F 75 -68.26 -19.06 2.79
N ILE F 76 -69.50 -18.63 3.02
CA ILE F 76 -69.73 -17.37 3.70
C ILE F 76 -70.56 -17.64 4.94
N GLY F 77 -70.15 -17.05 6.07
CA GLY F 77 -70.90 -17.24 7.31
C GLY F 77 -70.03 -17.63 8.48
N GLY F 78 -70.50 -18.59 9.24
CA GLY F 78 -69.76 -19.01 10.42
C GLY F 78 -70.22 -18.26 11.65
N TYR F 79 -69.71 -18.69 12.81
CA TYR F 79 -70.20 -18.22 14.09
C TYR F 79 -69.96 -16.71 14.33
N LEU F 80 -68.72 -16.26 14.14
CA LEU F 80 -68.39 -14.86 14.34
C LEU F 80 -69.08 -13.92 13.34
N PHE F 81 -69.26 -14.37 12.11
CA PHE F 81 -69.93 -13.53 11.11
C PHE F 81 -71.34 -13.25 11.58
N GLY F 82 -71.96 -14.28 12.16
CA GLY F 82 -73.32 -14.15 12.70
C GLY F 82 -74.39 -13.82 11.67
N SER F 83 -75.49 -13.25 12.13
CA SER F 83 -76.51 -12.72 11.25
C SER F 83 -76.06 -11.36 10.74
N LYS F 84 -75.33 -10.62 11.58
CA LYS F 84 -74.95 -9.24 11.26
C LYS F 84 -74.25 -9.10 9.91
N GLY F 85 -73.32 -10.00 9.60
CA GLY F 85 -72.54 -9.89 8.36
C GLY F 85 -73.38 -9.97 7.09
N PHE F 86 -74.60 -10.51 7.21
CA PHE F 86 -75.51 -10.60 6.07
C PHE F 86 -76.32 -9.31 5.79
N HIS F 87 -76.21 -8.32 6.69
CA HIS F 87 -76.87 -7.02 6.52
C HIS F 87 -75.85 -5.93 6.19
N PRO F 88 -76.20 -4.99 5.29
CA PRO F 88 -77.51 -4.79 4.65
C PRO F 88 -77.74 -5.54 3.33
N MET F 89 -76.88 -6.51 3.01
CA MET F 89 -77.00 -7.18 1.70
C MET F 89 -78.36 -7.85 1.51
N VAL F 90 -78.88 -8.57 2.53
CA VAL F 90 -80.16 -9.27 2.35
C VAL F 90 -81.40 -8.37 2.42
N ASP F 91 -81.19 -7.12 2.80
CA ASP F 91 -82.24 -6.14 3.14
C ASP F 91 -83.16 -5.68 1.99
N SER F 92 -82.71 -5.85 0.73
CA SER F 92 -83.53 -5.49 -0.43
C SER F 92 -83.19 -6.37 -1.64
N SER F 93 -84.11 -6.43 -2.60
CA SER F 93 -83.85 -7.25 -3.77
C SER F 93 -82.69 -6.66 -4.58
N THR F 94 -82.54 -5.33 -4.58
CA THR F 94 -81.43 -4.73 -5.34
C THR F 94 -80.07 -5.05 -4.73
N SER F 95 -79.95 -4.99 -3.40
CA SER F 95 -78.70 -5.38 -2.74
C SER F 95 -78.42 -6.88 -2.89
N ARG F 96 -79.45 -7.71 -2.82
CA ARG F 96 -79.23 -9.15 -3.06
C ARG F 96 -78.79 -9.44 -4.50
N LEU F 97 -79.39 -8.75 -5.47
CA LEU F 97 -78.97 -8.93 -6.85
C LEU F 97 -77.51 -8.52 -7.04
N GLU F 98 -77.13 -7.38 -6.48
CA GLU F 98 -75.72 -6.99 -6.51
C GLU F 98 -74.83 -8.13 -5.98
N PHE F 99 -75.25 -8.71 -4.88
CA PHE F 99 -74.43 -9.74 -4.25
C PHE F 99 -74.38 -10.99 -5.11
N ILE F 100 -75.55 -11.44 -5.54
CA ILE F 100 -75.64 -12.64 -6.33
C ILE F 100 -74.83 -12.50 -7.63
N ASN F 101 -74.95 -11.37 -8.31
CA ASN F 101 -74.14 -11.16 -9.53
C ASN F 101 -72.64 -11.22 -9.22
N SER F 102 -72.23 -10.61 -8.12
CA SER F 102 -70.82 -10.65 -7.73
C SER F 102 -70.39 -12.07 -7.38
N ILE F 103 -71.30 -12.87 -6.82
CA ILE F 103 -70.98 -14.23 -6.45
C ILE F 103 -70.70 -15.09 -7.69
N ILE F 104 -71.53 -14.96 -8.70
CA ILE F 104 -71.38 -15.78 -9.90
C ILE F 104 -70.05 -15.42 -10.63
N LEU F 105 -69.76 -14.14 -10.75
CA LEU F 105 -68.51 -13.68 -11.38
C LEU F 105 -67.28 -14.18 -10.62
N PHE F 106 -67.33 -14.00 -9.30
CA PHE F 106 -66.21 -14.35 -8.44
C PHE F 106 -65.92 -15.87 -8.47
N LEU F 107 -66.96 -16.68 -8.31
CA LEU F 107 -66.78 -18.12 -8.31
C LEU F 107 -66.23 -18.59 -9.67
N ARG F 108 -66.77 -18.07 -10.77
CA ARG F 108 -66.29 -18.43 -12.11
C ARG F 108 -64.86 -17.97 -12.34
N ASN F 109 -64.57 -16.73 -11.96
CA ASN F 109 -63.26 -16.17 -12.18
C ASN F 109 -62.13 -16.78 -11.37
N HIS F 110 -62.46 -17.41 -10.25
CA HIS F 110 -61.45 -18.00 -9.37
C HIS F 110 -61.51 -19.53 -9.32
N ASN F 111 -62.30 -20.12 -10.22
CA ASN F 111 -62.30 -21.56 -10.37
C ASN F 111 -62.93 -22.26 -9.16
N PHE F 112 -63.92 -21.61 -8.55
CA PHE F 112 -64.72 -22.27 -7.53
C PHE F 112 -65.90 -23.03 -8.15
N ASP F 113 -66.31 -24.13 -7.53
CA ASP F 113 -67.42 -24.93 -8.06
C ASP F 113 -68.79 -24.59 -7.46
N GLY F 114 -68.80 -23.67 -6.51
CA GLY F 114 -70.06 -23.33 -5.84
C GLY F 114 -69.89 -22.56 -4.54
N LEU F 115 -71.04 -22.31 -3.89
CA LEU F 115 -71.12 -21.48 -2.70
C LEU F 115 -71.75 -22.25 -1.55
N ASP F 116 -71.13 -22.16 -0.37
CA ASP F 116 -71.71 -22.69 0.88
C ASP F 116 -72.16 -21.47 1.73
N VAL F 117 -73.44 -21.41 2.08
CA VAL F 117 -73.91 -20.32 2.93
C VAL F 117 -74.14 -20.89 4.33
N SER F 118 -73.25 -20.59 5.28
CA SER F 118 -73.39 -21.17 6.61
C SER F 118 -73.77 -20.07 7.57
N TRP F 119 -75.03 -19.69 7.51
CA TRP F 119 -75.54 -18.59 8.31
C TRP F 119 -75.80 -19.09 9.74
N ILE F 120 -75.05 -18.55 10.70
CA ILE F 120 -75.16 -18.94 12.10
C ILE F 120 -75.72 -17.80 12.96
N TYR F 121 -77.04 -17.72 13.21
CA TYR F 121 -78.09 -18.57 12.64
C TYR F 121 -79.22 -17.65 12.18
N PRO F 122 -80.07 -18.13 11.25
CA PRO F 122 -81.22 -17.33 10.87
C PRO F 122 -82.13 -17.07 12.08
N ASP F 123 -82.42 -18.14 12.82
CA ASP F 123 -83.29 -18.07 14.00
C ASP F 123 -84.70 -17.62 13.61
N GLN F 124 -85.54 -17.34 14.60
CA GLN F 124 -86.91 -16.94 14.28
C GLN F 124 -86.92 -15.61 13.53
N LYS F 125 -86.02 -14.71 13.93
CA LYS F 125 -86.01 -13.34 13.42
C LYS F 125 -85.73 -13.32 11.91
N GLU F 126 -84.80 -14.16 11.46
CA GLU F 126 -84.34 -14.08 10.06
C GLU F 126 -84.49 -15.34 9.23
N ASN F 127 -85.35 -16.23 9.72
CA ASN F 127 -85.73 -17.42 8.99
C ASN F 127 -86.15 -17.06 7.55
N THR F 128 -86.96 -16.03 7.38
CA THR F 128 -87.41 -15.64 6.02
C THR F 128 -86.30 -14.99 5.16
N HIS F 129 -85.40 -14.24 5.79
CA HIS F 129 -84.33 -13.59 5.05
C HIS F 129 -83.47 -14.67 4.42
N PHE F 130 -83.16 -15.70 5.20
CA PHE F 130 -82.31 -16.82 4.78
C PHE F 130 -82.98 -17.58 3.64
N THR F 131 -84.26 -17.90 3.82
CA THR F 131 -85.03 -18.62 2.80
C THR F 131 -85.02 -17.88 1.46
N VAL F 132 -85.26 -16.58 1.51
CA VAL F 132 -85.25 -15.73 0.32
C VAL F 132 -83.86 -15.72 -0.34
N LEU F 133 -82.82 -15.51 0.46
CA LEU F 133 -81.46 -15.47 -0.06
C LEU F 133 -81.09 -16.78 -0.77
N ILE F 134 -81.37 -17.90 -0.11
CA ILE F 134 -81.07 -19.21 -0.67
C ILE F 134 -81.86 -19.42 -1.96
N HIS F 135 -83.13 -19.06 -1.95
CA HIS F 135 -83.94 -19.26 -3.12
C HIS F 135 -83.42 -18.43 -4.29
N GLU F 136 -83.11 -17.16 -4.04
CA GLU F 136 -82.66 -16.32 -5.14
C GLU F 136 -81.29 -16.77 -5.66
N LEU F 137 -80.41 -17.22 -4.79
CA LEU F 137 -79.14 -17.80 -5.23
C LEU F 137 -79.38 -19.03 -6.13
N ALA F 138 -80.22 -19.96 -5.66
CA ALA F 138 -80.47 -21.18 -6.43
C ALA F 138 -81.04 -20.86 -7.82
N GLU F 139 -82.05 -20.00 -7.84
CA GLU F 139 -82.63 -19.55 -9.12
C GLU F 139 -81.55 -18.92 -10.05
N ALA F 140 -80.67 -18.09 -9.48
CA ALA F 140 -79.62 -17.44 -10.29
C ALA F 140 -78.56 -18.41 -10.80
N PHE F 141 -78.22 -19.41 -9.97
CA PHE F 141 -77.27 -20.44 -10.39
C PHE F 141 -77.85 -21.26 -11.54
N GLN F 142 -79.14 -21.56 -11.48
CA GLN F 142 -79.76 -22.35 -12.54
C GLN F 142 -79.78 -21.54 -13.85
N LYS F 143 -80.22 -20.30 -13.76
CA LYS F 143 -80.20 -19.41 -14.90
C LYS F 143 -78.79 -19.32 -15.51
N ASP F 144 -77.79 -19.17 -14.67
CA ASP F 144 -76.43 -19.05 -15.16
C ASP F 144 -76.01 -20.32 -15.89
N PHE F 145 -76.49 -21.46 -15.40
CA PHE F 145 -76.19 -22.75 -16.01
C PHE F 145 -76.70 -22.85 -17.46
N THR F 146 -77.98 -22.54 -17.67
CA THR F 146 -78.56 -22.62 -19.02
C THR F 146 -77.88 -21.64 -19.96
N LYS F 147 -77.04 -20.79 -19.40
CA LYS F 147 -76.44 -19.72 -20.16
C LYS F 147 -74.95 -19.97 -20.25
N SER F 148 -74.56 -21.18 -19.89
CA SER F 148 -73.15 -21.46 -19.69
C SER F 148 -72.79 -22.82 -20.31
N THR F 149 -71.55 -22.92 -20.78
CA THR F 149 -71.01 -24.19 -21.22
C THR F 149 -70.27 -24.89 -20.06
N LYS F 150 -70.59 -24.52 -18.83
CA LYS F 150 -69.97 -25.11 -17.64
C LYS F 150 -71.02 -25.79 -16.77
N GLU F 151 -70.58 -26.60 -15.80
CA GLU F 151 -71.47 -27.22 -14.84
C GLU F 151 -72.15 -26.17 -13.96
N ARG F 152 -73.35 -26.47 -13.48
CA ARG F 152 -74.05 -25.53 -12.61
C ARG F 152 -73.22 -25.36 -11.33
N LEU F 153 -73.07 -24.11 -10.88
CA LEU F 153 -72.48 -23.82 -9.56
C LEU F 153 -73.30 -24.52 -8.48
N LEU F 154 -72.63 -25.13 -7.50
CA LEU F 154 -73.33 -25.80 -6.42
C LEU F 154 -73.74 -24.81 -5.35
N LEU F 155 -74.84 -25.13 -4.66
CA LEU F 155 -75.27 -24.33 -3.51
C LEU F 155 -75.51 -25.26 -2.32
N THR F 156 -74.75 -25.02 -1.25
CA THR F 156 -74.88 -25.81 -0.03
C THR F 156 -75.09 -24.87 1.16
N ALA F 157 -75.33 -25.43 2.34
CA ALA F 157 -75.49 -24.65 3.55
C ALA F 157 -75.06 -25.48 4.73
N GLY F 158 -74.21 -24.90 5.56
CA GLY F 158 -73.93 -25.38 6.91
C GLY F 158 -75.14 -25.05 7.79
N VAL F 159 -75.76 -26.07 8.38
CA VAL F 159 -76.98 -25.83 9.15
C VAL F 159 -76.92 -26.45 10.55
N SER F 160 -77.68 -25.85 11.46
CA SER F 160 -77.67 -26.25 12.84
C SER F 160 -78.15 -27.68 12.98
N ALA F 161 -77.58 -28.38 13.98
CA ALA F 161 -78.02 -29.72 14.32
C ALA F 161 -78.91 -29.75 15.58
N GLY F 162 -79.25 -28.58 16.12
CA GLY F 162 -80.02 -28.50 17.38
C GLY F 162 -81.49 -28.33 17.11
N ARG F 163 -82.31 -29.25 17.64
CA ARG F 163 -83.73 -29.22 17.27
C ARG F 163 -84.37 -27.83 17.42
N GLN F 164 -84.13 -27.15 18.54
CA GLN F 164 -84.79 -25.83 18.71
C GLN F 164 -84.39 -24.84 17.61
N MET F 165 -83.09 -24.72 17.34
CA MET F 165 -82.60 -23.80 16.32
C MET F 165 -83.06 -24.17 14.91
N ILE F 166 -83.16 -25.46 14.65
CA ILE F 166 -83.71 -25.97 13.38
C ILE F 166 -85.17 -25.53 13.19
N ASP F 167 -85.99 -25.70 14.23
CA ASP F 167 -87.39 -25.24 14.20
C ASP F 167 -87.44 -23.71 14.03
N ASN F 168 -86.55 -22.98 14.69
CA ASN F 168 -86.58 -21.51 14.57
C ASN F 168 -86.20 -21.02 13.15
N SER F 169 -85.20 -21.68 12.56
CA SER F 169 -84.40 -21.11 11.46
C SER F 169 -84.78 -21.51 10.03
N TYR F 170 -85.25 -22.74 9.84
CA TYR F 170 -85.26 -23.36 8.52
C TYR F 170 -86.64 -23.77 8.01
N GLN F 171 -86.90 -23.46 6.74
CA GLN F 171 -88.06 -24.03 6.06
C GLN F 171 -87.53 -25.20 5.22
N VAL F 172 -87.56 -26.39 5.84
CA VAL F 172 -86.72 -27.50 5.36
C VAL F 172 -87.14 -28.00 3.98
N GLU F 173 -88.45 -28.11 3.76
CA GLU F 173 -88.96 -28.51 2.46
C GLU F 173 -88.51 -27.54 1.35
N LYS F 174 -88.56 -26.24 1.60
CA LYS F 174 -88.06 -25.30 0.58
C LYS F 174 -86.56 -25.43 0.36
N LEU F 175 -85.81 -25.56 1.46
CA LEU F 175 -84.35 -25.72 1.37
C LEU F 175 -83.97 -26.98 0.61
N ALA F 176 -84.74 -28.05 0.79
CA ALA F 176 -84.44 -29.28 0.08
C ALA F 176 -84.49 -29.09 -1.44
N LYS F 177 -85.36 -28.24 -1.91
CA LYS F 177 -85.46 -27.99 -3.35
C LYS F 177 -84.33 -27.13 -3.87
N ASP F 178 -83.84 -26.22 -3.03
CA ASP F 178 -82.86 -25.24 -3.48
C ASP F 178 -81.39 -25.64 -3.29
N LEU F 179 -81.13 -26.50 -2.31
CA LEU F 179 -79.75 -26.86 -2.01
C LEU F 179 -79.37 -28.19 -2.62
N ASP F 180 -78.14 -28.27 -3.09
CA ASP F 180 -77.62 -29.52 -3.56
C ASP F 180 -77.40 -30.46 -2.38
N PHE F 181 -76.95 -29.91 -1.26
CA PHE F 181 -76.85 -30.66 -0.02
C PHE F 181 -76.67 -29.75 1.19
N ILE F 182 -76.93 -30.29 2.38
CA ILE F 182 -76.66 -29.55 3.60
C ILE F 182 -75.44 -30.16 4.25
N ASN F 183 -74.61 -29.28 4.81
CA ASN F 183 -73.49 -29.68 5.66
C ASN F 183 -74.00 -29.59 7.09
N LEU F 184 -74.42 -30.72 7.65
CA LEU F 184 -75.09 -30.71 8.97
C LEU F 184 -74.01 -30.49 9.98
N LEU F 185 -74.15 -29.44 10.80
CA LEU F 185 -73.12 -29.07 11.79
C LEU F 185 -73.32 -29.92 13.07
N SER F 186 -73.19 -31.24 12.92
CA SER F 186 -73.53 -32.15 14.02
C SER F 186 -72.37 -32.24 15.03
N PHE F 187 -72.10 -31.11 15.65
CA PHE F 187 -71.12 -31.01 16.71
C PHE F 187 -71.51 -29.76 17.52
N ASP F 188 -70.70 -29.36 18.51
CA ASP F 188 -71.12 -28.34 19.47
C ASP F 188 -72.47 -28.68 20.12
N PHE F 189 -72.74 -29.96 20.38
CA PHE F 189 -73.97 -30.34 21.11
C PHE F 189 -73.87 -29.96 22.58
N HIS F 190 -72.64 -29.92 23.08
CA HIS F 190 -72.42 -29.57 24.47
C HIS F 190 -71.16 -28.73 24.56
N GLY F 191 -71.08 -27.90 25.58
CA GLY F 191 -69.95 -26.98 25.71
C GLY F 191 -70.12 -26.08 26.90
N SER F 192 -69.11 -25.23 27.13
CA SER F 192 -69.06 -24.50 28.39
C SER F 192 -70.07 -23.37 28.46
N TRP F 193 -70.83 -23.14 27.36
CA TRP F 193 -71.91 -22.16 27.38
C TRP F 193 -73.17 -22.64 28.14
N GLU F 194 -73.26 -23.92 28.45
CA GLU F 194 -74.49 -24.50 29.03
C GLU F 194 -74.75 -24.13 30.50
N LYS F 195 -76.03 -24.07 30.88
CA LYS F 195 -76.41 -23.92 32.29
C LYS F 195 -77.46 -25.00 32.58
N PRO F 196 -77.27 -25.77 33.66
CA PRO F 196 -76.13 -25.70 34.56
C PRO F 196 -74.88 -26.06 33.78
N LEU F 197 -73.73 -25.61 34.26
CA LEU F 197 -72.47 -25.86 33.59
C LEU F 197 -71.95 -27.22 34.05
N ILE F 198 -72.11 -28.24 33.21
CA ILE F 198 -71.66 -29.59 33.51
C ILE F 198 -70.96 -30.14 32.25
N THR F 199 -70.10 -31.14 32.41
CA THR F 199 -69.44 -31.75 31.25
C THR F 199 -70.45 -32.43 30.31
N GLY F 200 -70.14 -32.40 29.02
CA GLY F 200 -70.97 -33.04 28.00
C GLY F 200 -70.07 -33.19 26.79
N HIS F 201 -70.35 -34.18 25.96
CA HIS F 201 -69.53 -34.41 24.75
C HIS F 201 -69.88 -33.48 23.57
N ASN F 202 -68.85 -32.98 22.90
CA ASN F 202 -68.98 -32.16 21.70
C ASN F 202 -69.89 -32.80 20.63
N SER F 203 -69.73 -34.10 20.44
CA SER F 203 -70.37 -34.73 19.29
C SER F 203 -70.70 -36.22 19.55
N PRO F 204 -71.62 -36.47 20.48
CA PRO F 204 -72.04 -37.87 20.71
C PRO F 204 -72.87 -38.38 19.55
N LEU F 205 -72.61 -39.61 19.11
CA LEU F 205 -73.42 -40.22 18.07
C LEU F 205 -74.84 -40.43 18.57
N SER F 206 -75.00 -40.90 19.81
CA SER F 206 -76.33 -41.29 20.30
C SER F 206 -76.61 -40.69 21.67
N LYS F 207 -77.86 -40.69 22.11
CA LYS F 207 -78.16 -40.13 23.43
C LYS F 207 -77.55 -40.97 24.54
N GLY F 208 -77.34 -40.35 25.68
CA GLY F 208 -76.98 -41.08 26.89
C GLY F 208 -78.17 -41.96 27.28
N TRP F 209 -77.86 -43.08 27.92
CA TRP F 209 -78.90 -43.96 28.41
C TRP F 209 -79.85 -43.23 29.38
N GLN F 210 -79.32 -42.29 30.16
CA GLN F 210 -80.17 -41.54 31.10
C GLN F 210 -80.93 -40.36 30.49
N ASP F 211 -80.66 -40.04 29.22
CA ASP F 211 -81.30 -38.88 28.59
C ASP F 211 -82.79 -39.07 28.28
N ARG F 212 -83.61 -38.13 28.73
CA ARG F 212 -85.02 -38.11 28.31
C ARG F 212 -85.51 -36.73 27.92
N GLY F 213 -86.66 -36.66 27.25
CA GLY F 213 -87.21 -35.37 26.84
C GLY F 213 -86.21 -34.60 26.01
N PRO F 214 -86.17 -33.27 26.16
CA PRO F 214 -85.29 -32.46 25.32
C PRO F 214 -83.81 -32.85 25.42
N SER F 215 -83.42 -33.45 26.54
CA SER F 215 -82.03 -33.94 26.70
C SER F 215 -81.66 -34.88 25.58
N SER F 216 -82.62 -35.68 25.15
CA SER F 216 -82.32 -36.71 24.18
C SER F 216 -82.19 -36.19 22.74
N TYR F 217 -82.28 -34.87 22.52
CA TYR F 217 -82.14 -34.34 21.16
C TYR F 217 -80.67 -34.05 20.81
N TYR F 218 -79.81 -34.06 21.83
CA TYR F 218 -78.45 -33.52 21.69
C TYR F 218 -77.46 -34.55 21.18
N ASN F 219 -77.73 -35.09 19.98
CA ASN F 219 -76.81 -36.10 19.43
C ASN F 219 -76.94 -36.20 17.94
N VAL F 220 -75.94 -36.79 17.30
CA VAL F 220 -75.86 -36.81 15.86
C VAL F 220 -77.06 -37.56 15.32
N GLU F 221 -77.35 -38.70 15.92
CA GLU F 221 -78.40 -39.59 15.45
C GLU F 221 -79.71 -38.82 15.38
N TYR F 222 -80.04 -38.13 16.46
CA TYR F 222 -81.30 -37.40 16.50
C TYR F 222 -81.33 -36.26 15.47
N ALA F 223 -80.22 -35.53 15.35
CA ALA F 223 -80.13 -34.42 14.39
C ALA F 223 -80.39 -34.89 12.96
N VAL F 224 -79.74 -35.98 12.58
CA VAL F 224 -79.92 -36.54 11.24
C VAL F 224 -81.36 -36.99 11.02
N GLY F 225 -81.91 -37.71 12.01
CA GLY F 225 -83.29 -38.16 11.99
C GLY F 225 -84.27 -37.02 11.81
N TYR F 226 -84.01 -35.94 12.52
CA TYR F 226 -84.92 -34.81 12.54
C TYR F 226 -84.95 -34.09 11.19
N TRP F 227 -83.77 -33.83 10.64
CA TRP F 227 -83.68 -33.24 9.29
C TRP F 227 -84.39 -34.03 8.22
N ILE F 228 -84.24 -35.36 8.25
CA ILE F 228 -84.91 -36.22 7.26
C ILE F 228 -86.41 -36.19 7.48
N HIS F 229 -86.80 -36.22 8.74
CA HIS F 229 -88.22 -36.19 9.10
C HIS F 229 -88.88 -34.88 8.64
N LYS F 230 -88.14 -33.79 8.71
CA LYS F 230 -88.67 -32.49 8.29
C LYS F 230 -88.66 -32.30 6.76
N GLY F 231 -88.01 -33.19 6.04
CA GLY F 231 -88.15 -33.21 4.58
C GLY F 231 -86.86 -33.23 3.77
N MET F 232 -85.71 -33.20 4.43
CA MET F 232 -84.45 -33.30 3.68
C MET F 232 -84.24 -34.76 3.26
N PRO F 233 -84.15 -35.02 1.95
CA PRO F 233 -83.82 -36.38 1.52
C PRO F 233 -82.51 -36.83 2.18
N SER F 234 -82.46 -38.09 2.61
CA SER F 234 -81.30 -38.63 3.31
C SER F 234 -79.99 -38.39 2.53
N GLU F 235 -80.04 -38.53 1.22
CA GLU F 235 -78.85 -38.40 0.41
C GLU F 235 -78.32 -36.97 0.28
N LYS F 236 -79.15 -35.98 0.64
CA LYS F 236 -78.70 -34.57 0.70
C LYS F 236 -78.13 -34.22 2.06
N VAL F 237 -78.08 -35.17 2.99
CA VAL F 237 -77.55 -34.84 4.32
C VAL F 237 -76.12 -35.28 4.32
N VAL F 238 -75.20 -34.34 4.49
CA VAL F 238 -73.81 -34.69 4.64
C VAL F 238 -73.50 -34.42 6.11
N MET F 239 -73.10 -35.47 6.81
CA MET F 239 -73.08 -35.48 8.26
C MET F 239 -71.77 -35.00 8.80
N GLY F 240 -71.81 -33.90 9.52
CA GLY F 240 -70.59 -33.32 10.06
C GLY F 240 -69.92 -34.16 11.17
N ILE F 241 -68.60 -34.16 11.10
CA ILE F 241 -67.76 -34.80 12.09
C ILE F 241 -66.64 -33.83 12.48
N PRO F 242 -66.42 -33.64 13.79
CA PRO F 242 -65.44 -32.63 14.21
C PRO F 242 -64.04 -33.20 14.38
N THR F 243 -63.01 -32.42 14.08
CA THR F 243 -61.65 -32.88 14.37
C THR F 243 -61.15 -32.14 15.61
N TYR F 244 -62.05 -31.57 16.39
CA TYR F 244 -61.65 -30.88 17.62
C TYR F 244 -62.54 -31.43 18.73
N GLY F 245 -62.21 -31.16 19.99
CA GLY F 245 -63.10 -31.53 21.11
C GLY F 245 -63.39 -30.33 21.99
N HIS F 246 -64.42 -30.41 22.84
CA HIS F 246 -64.69 -29.36 23.79
C HIS F 246 -64.17 -29.75 25.15
N SER F 247 -63.55 -28.79 25.81
CA SER F 247 -62.90 -29.04 27.08
C SER F 247 -63.59 -28.28 28.18
N PHE F 248 -63.44 -28.78 29.42
CA PHE F 248 -64.02 -28.14 30.60
C PHE F 248 -63.03 -28.19 31.73
N THR F 249 -63.05 -27.18 32.60
CA THR F 249 -62.42 -27.29 33.90
C THR F 249 -63.42 -27.81 34.94
N LEU F 250 -63.05 -28.90 35.61
CA LEU F 250 -63.91 -29.59 36.58
C LEU F 250 -64.02 -28.80 37.88
N ALA F 251 -65.21 -28.71 38.44
CA ALA F 251 -65.44 -27.99 39.68
C ALA F 251 -65.35 -28.87 40.94
N SER F 252 -65.12 -30.16 40.78
CA SER F 252 -65.05 -31.05 41.94
C SER F 252 -64.28 -32.30 41.55
N ALA F 253 -64.19 -33.27 42.44
CA ALA F 253 -63.53 -34.52 42.08
C ALA F 253 -64.31 -35.39 41.08
N GLU F 254 -65.57 -35.09 40.83
CA GLU F 254 -66.34 -35.91 39.86
C GLU F 254 -65.84 -35.73 38.40
N THR F 255 -65.75 -36.82 37.64
CA THR F 255 -65.11 -36.78 36.31
C THR F 255 -65.95 -37.42 35.20
N THR F 256 -67.21 -37.75 35.52
CA THR F 256 -68.08 -38.45 34.58
C THR F 256 -68.74 -37.43 33.65
N VAL F 257 -69.41 -37.91 32.61
CA VAL F 257 -70.32 -37.05 31.86
C VAL F 257 -71.36 -36.42 32.77
N GLY F 258 -71.62 -35.13 32.59
CA GLY F 258 -72.59 -34.44 33.45
C GLY F 258 -72.04 -34.04 34.82
N ALA F 259 -70.72 -34.14 35.00
CA ALA F 259 -70.10 -33.64 36.23
C ALA F 259 -70.02 -32.10 36.26
N PRO F 260 -70.04 -31.50 37.47
CA PRO F 260 -69.96 -30.06 37.64
C PRO F 260 -68.68 -29.48 37.00
N ALA F 261 -68.82 -28.38 36.25
CA ALA F 261 -67.67 -27.71 35.64
C ALA F 261 -67.64 -26.26 36.07
N SER F 262 -66.44 -25.72 36.26
CA SER F 262 -66.33 -24.33 36.69
C SER F 262 -66.20 -23.38 35.49
N GLY F 263 -65.85 -23.94 34.32
CA GLY F 263 -65.66 -23.13 33.13
C GLY F 263 -65.13 -23.98 31.99
N PRO F 264 -64.75 -23.32 30.89
CA PRO F 264 -64.11 -24.06 29.82
C PRO F 264 -62.75 -24.55 30.29
N GLY F 265 -62.18 -25.49 29.54
CA GLY F 265 -60.86 -26.02 29.81
C GLY F 265 -59.82 -25.00 29.38
N ALA F 266 -58.59 -25.21 29.80
CA ALA F 266 -57.51 -24.30 29.47
C ALA F 266 -57.26 -24.29 27.95
N ALA F 267 -56.99 -23.11 27.41
CA ALA F 267 -56.64 -22.98 25.98
C ALA F 267 -55.51 -23.94 25.62
N GLY F 268 -55.53 -24.49 24.41
CA GLY F 268 -54.41 -25.31 23.95
C GLY F 268 -53.24 -24.41 23.57
N PRO F 269 -52.02 -24.98 23.51
CA PRO F 269 -50.82 -24.18 23.19
C PRO F 269 -50.79 -23.65 21.74
N ILE F 270 -51.52 -24.29 20.83
CA ILE F 270 -51.49 -23.89 19.40
C ILE F 270 -52.73 -23.13 18.97
N THR F 271 -53.91 -23.65 19.30
CA THR F 271 -55.15 -23.00 18.92
C THR F 271 -55.54 -21.88 19.89
N GLU F 272 -54.91 -21.84 21.07
CA GLU F 272 -55.05 -20.70 22.00
C GLU F 272 -56.49 -20.22 22.23
N SER F 273 -57.42 -21.14 22.42
CA SER F 273 -58.81 -20.75 22.62
C SER F 273 -59.48 -21.55 23.74
N SER F 274 -59.81 -20.91 24.85
CA SER F 274 -60.40 -21.64 25.98
C SER F 274 -61.62 -22.41 25.56
N GLY F 275 -61.67 -23.70 25.84
CA GLY F 275 -62.90 -24.44 25.57
C GLY F 275 -62.84 -25.47 24.45
N PHE F 276 -61.80 -25.40 23.62
CA PHE F 276 -61.58 -26.41 22.58
C PHE F 276 -60.12 -26.74 22.34
N LEU F 277 -59.90 -27.90 21.73
CA LEU F 277 -58.56 -28.39 21.40
C LEU F 277 -58.66 -29.05 20.04
N ALA F 278 -57.67 -28.77 19.19
CA ALA F 278 -57.54 -29.45 17.90
C ALA F 278 -57.04 -30.88 18.14
N TYR F 279 -57.32 -31.79 17.22
CA TYR F 279 -56.90 -33.17 17.46
C TYR F 279 -55.39 -33.26 17.66
N TYR F 280 -54.61 -32.45 16.95
CA TYR F 280 -53.17 -32.53 17.17
C TYR F 280 -52.78 -32.10 18.58
N GLU F 281 -53.63 -31.31 19.22
CA GLU F 281 -53.41 -30.96 20.65
C GLU F 281 -53.96 -32.04 21.57
N ILE F 282 -55.06 -32.65 21.17
CA ILE F 282 -55.62 -33.75 21.96
C ILE F 282 -54.64 -34.94 22.10
N CYS F 283 -53.91 -35.27 21.05
CA CYS F 283 -52.93 -36.35 21.16
C CYS F 283 -51.91 -36.10 22.25
N GLN F 284 -51.54 -34.84 22.44
CA GLN F 284 -50.56 -34.53 23.48
C GLN F 284 -51.25 -34.58 24.84
N PHE F 285 -52.43 -34.01 24.91
CA PHE F 285 -53.23 -34.03 26.13
C PHE F 285 -53.43 -35.44 26.68
N LEU F 286 -53.69 -36.40 25.79
CA LEU F 286 -53.98 -37.78 26.19
C LEU F 286 -52.80 -38.46 26.88
N LYS F 287 -51.57 -37.98 26.68
CA LYS F 287 -50.43 -38.54 27.41
C LYS F 287 -50.55 -38.21 28.90
N GLY F 288 -50.72 -39.25 29.71
CA GLY F 288 -50.89 -39.06 31.13
C GLY F 288 -52.37 -38.91 31.50
N ALA F 289 -53.25 -38.95 30.52
CA ALA F 289 -54.69 -38.82 30.79
C ALA F 289 -55.35 -40.18 30.96
N LYS F 290 -56.59 -40.19 31.46
CA LYS F 290 -57.38 -41.41 31.49
C LYS F 290 -58.54 -41.27 30.51
N ILE F 291 -58.64 -42.21 29.57
CA ILE F 291 -59.63 -42.19 28.51
C ILE F 291 -60.78 -43.14 28.88
N THR F 292 -62.02 -42.69 28.70
CA THR F 292 -63.20 -43.51 28.94
C THR F 292 -64.10 -43.48 27.70
N ARG F 293 -64.47 -44.65 27.19
CA ARG F 293 -65.31 -44.78 26.00
C ARG F 293 -66.76 -44.89 26.47
N LEU F 294 -67.63 -44.00 26.02
CA LEU F 294 -69.01 -44.08 26.43
C LEU F 294 -69.75 -45.11 25.60
N GLN F 295 -70.27 -46.16 26.23
CA GLN F 295 -70.90 -47.23 25.49
C GLN F 295 -72.22 -46.81 24.83
N ASP F 296 -72.94 -45.90 25.50
CA ASP F 296 -74.22 -45.44 24.99
C ASP F 296 -74.01 -44.40 23.90
N GLN F 297 -73.11 -43.44 24.15
CA GLN F 297 -72.93 -42.33 23.22
C GLN F 297 -71.96 -42.61 22.08
N GLN F 298 -71.15 -43.64 22.24
CA GLN F 298 -70.26 -44.15 21.20
C GLN F 298 -69.02 -43.29 20.93
N VAL F 299 -68.61 -42.53 21.94
CA VAL F 299 -67.53 -41.58 21.79
C VAL F 299 -66.73 -41.52 23.08
N PRO F 300 -65.46 -41.08 22.98
CA PRO F 300 -64.58 -41.01 24.15
C PRO F 300 -64.53 -39.66 24.82
N TYR F 301 -64.12 -39.66 26.08
CA TYR F 301 -63.68 -38.43 26.74
C TYR F 301 -62.44 -38.78 27.53
N ALA F 302 -61.67 -37.77 27.91
CA ALA F 302 -60.43 -38.02 28.66
C ALA F 302 -60.29 -37.00 29.77
N VAL F 303 -59.67 -37.40 30.88
CA VAL F 303 -59.52 -36.56 32.07
C VAL F 303 -58.05 -36.58 32.46
N LYS F 304 -57.51 -35.40 32.76
CA LYS F 304 -56.17 -35.30 33.29
C LYS F 304 -56.19 -34.09 34.20
N GLY F 305 -55.90 -34.30 35.49
CA GLY F 305 -56.02 -33.23 36.48
C GLY F 305 -57.47 -32.76 36.53
N ASN F 306 -57.68 -31.45 36.50
CA ASN F 306 -59.03 -30.94 36.53
C ASN F 306 -59.57 -30.61 35.13
N GLN F 307 -58.98 -31.22 34.09
CA GLN F 307 -59.35 -30.94 32.72
C GLN F 307 -60.09 -32.14 32.11
N TRP F 308 -61.21 -31.86 31.44
CA TRP F 308 -62.09 -32.92 30.95
C TRP F 308 -62.31 -32.58 29.49
N VAL F 309 -62.03 -33.51 28.59
CA VAL F 309 -62.11 -33.21 27.15
C VAL F 309 -62.94 -34.29 26.48
N GLY F 310 -64.03 -33.89 25.83
CA GLY F 310 -64.80 -34.79 24.98
C GLY F 310 -64.41 -34.60 23.51
N TYR F 311 -64.04 -35.68 22.83
CA TYR F 311 -63.43 -35.53 21.50
C TYR F 311 -63.78 -36.73 20.63
N ASP F 312 -63.33 -36.69 19.37
CA ASP F 312 -63.52 -37.82 18.45
C ASP F 312 -62.16 -38.39 18.04
N ASP F 313 -62.10 -39.71 17.89
CA ASP F 313 -60.84 -40.33 17.45
C ASP F 313 -61.16 -41.26 16.30
N VAL F 314 -60.17 -42.02 15.87
CA VAL F 314 -60.37 -42.88 14.72
C VAL F 314 -61.54 -43.87 14.93
N LYS F 315 -61.61 -44.50 16.09
CA LYS F 315 -62.67 -45.48 16.37
C LYS F 315 -64.06 -44.87 16.35
N SER F 316 -64.23 -43.74 17.03
CA SER F 316 -65.55 -43.09 17.00
C SER F 316 -65.91 -42.67 15.56
N MET F 317 -64.94 -42.24 14.78
CA MET F 317 -65.29 -41.83 13.43
C MET F 317 -65.67 -43.00 12.52
N GLU F 318 -65.07 -44.16 12.76
CA GLU F 318 -65.44 -45.37 12.01
C GLU F 318 -66.88 -45.75 12.34
N THR F 319 -67.24 -45.61 13.62
CA THR F 319 -68.62 -45.91 14.01
C THR F 319 -69.56 -44.92 13.34
N LYS F 320 -69.19 -43.63 13.32
CA LYS F 320 -70.05 -42.63 12.71
C LYS F 320 -70.23 -42.83 11.24
N VAL F 321 -69.20 -43.35 10.57
CA VAL F 321 -69.33 -43.64 9.16
C VAL F 321 -70.25 -44.86 8.96
N GLN F 322 -70.17 -45.86 9.83
CA GLN F 322 -71.07 -47.01 9.64
C GLN F 322 -72.51 -46.52 9.72
N PHE F 323 -72.76 -45.64 10.69
CA PHE F 323 -74.06 -45.04 10.90
C PHE F 323 -74.57 -44.29 9.65
N LEU F 324 -73.75 -43.40 9.11
CA LEU F 324 -74.20 -42.58 7.97
C LEU F 324 -74.50 -43.46 6.75
N LYS F 325 -73.76 -44.55 6.59
CA LYS F 325 -74.06 -45.47 5.48
C LYS F 325 -75.38 -46.20 5.75
N ASN F 326 -75.58 -46.65 6.98
CA ASN F 326 -76.79 -47.38 7.34
C ASN F 326 -78.04 -46.50 7.12
N LEU F 327 -77.87 -45.19 7.29
CA LEU F 327 -78.98 -44.23 7.09
C LEU F 327 -79.02 -43.65 5.67
N ASN F 328 -78.20 -44.20 4.76
CA ASN F 328 -78.17 -43.74 3.37
C ASN F 328 -77.97 -42.23 3.24
N LEU F 329 -77.06 -41.67 4.03
CA LEU F 329 -76.77 -40.23 3.95
C LEU F 329 -75.90 -39.92 2.73
N GLY F 330 -75.74 -38.63 2.42
CA GLY F 330 -74.92 -38.23 1.27
C GLY F 330 -73.42 -38.41 1.46
N GLY F 331 -72.97 -38.38 2.72
CA GLY F 331 -71.57 -38.64 3.04
C GLY F 331 -71.21 -37.99 4.36
N ALA F 332 -69.92 -37.70 4.55
CA ALA F 332 -69.45 -37.09 5.79
C ALA F 332 -68.88 -35.72 5.46
N MET F 333 -69.01 -34.77 6.40
CA MET F 333 -68.39 -33.44 6.29
C MET F 333 -67.41 -33.31 7.48
N ILE F 334 -66.29 -32.63 7.30
CA ILE F 334 -65.28 -32.49 8.36
C ILE F 334 -65.14 -31.03 8.72
N TRP F 335 -65.30 -30.68 10.00
CA TRP F 335 -64.89 -29.37 10.50
C TRP F 335 -63.76 -29.56 11.52
N SER F 336 -62.51 -29.21 11.18
CA SER F 336 -62.06 -28.80 9.84
C SER F 336 -60.72 -29.48 9.61
N ILE F 337 -60.29 -29.64 8.37
CA ILE F 337 -59.17 -30.53 8.15
C ILE F 337 -57.89 -29.95 8.68
N ASP F 338 -57.87 -28.64 8.89
CA ASP F 338 -56.69 -28.01 9.44
C ASP F 338 -56.55 -28.22 10.95
N MET F 339 -57.51 -28.93 11.55
CA MET F 339 -57.37 -29.30 12.97
C MET F 339 -57.11 -30.78 13.15
N ASP F 340 -57.13 -31.54 12.05
CA ASP F 340 -56.66 -32.90 12.07
C ASP F 340 -55.12 -32.76 12.20
N ASP F 341 -54.42 -33.85 12.46
CA ASP F 341 -52.94 -33.82 12.47
C ASP F 341 -52.42 -33.87 11.03
N PHE F 342 -52.60 -32.76 10.32
CA PHE F 342 -52.38 -32.76 8.89
C PHE F 342 -50.93 -33.07 8.52
N THR F 343 -49.97 -32.68 9.36
CA THR F 343 -48.55 -32.97 9.05
C THR F 343 -48.11 -34.37 9.48
N GLY F 344 -48.92 -35.01 10.30
CA GLY F 344 -48.55 -36.29 10.87
C GLY F 344 -47.54 -36.17 12.00
N LYS F 345 -47.11 -34.94 12.30
CA LYS F 345 -46.01 -34.75 13.27
C LYS F 345 -46.42 -34.89 14.75
N SER F 346 -47.69 -34.70 15.07
CA SER F 346 -48.10 -34.72 16.46
C SER F 346 -48.56 -36.08 16.98
N CYS F 347 -49.36 -36.79 16.19
CA CYS F 347 -50.05 -37.96 16.72
C CYS F 347 -49.44 -39.32 16.38
N ASN F 348 -48.38 -39.34 15.57
CA ASN F 348 -47.76 -40.59 15.23
C ASN F 348 -48.74 -41.56 14.57
N GLN F 349 -49.67 -41.05 13.77
CA GLN F 349 -50.66 -41.90 13.12
C GLN F 349 -50.65 -41.69 11.59
N GLY F 350 -49.62 -41.02 11.08
CA GLY F 350 -49.56 -40.61 9.66
C GLY F 350 -50.32 -39.31 9.39
N PRO F 351 -50.20 -38.76 8.17
CA PRO F 351 -50.87 -37.48 7.86
C PRO F 351 -52.38 -37.57 7.81
N TYR F 352 -53.05 -36.56 8.37
CA TYR F 352 -54.50 -36.56 8.38
C TYR F 352 -55.09 -37.87 8.91
N PRO F 353 -54.69 -38.29 10.13
CA PRO F 353 -55.19 -39.59 10.62
C PRO F 353 -56.74 -39.66 10.73
N LEU F 354 -57.41 -38.58 11.13
CA LEU F 354 -58.87 -38.67 11.28
C LEU F 354 -59.56 -38.71 9.92
N VAL F 355 -59.21 -37.77 9.06
CA VAL F 355 -59.82 -37.70 7.74
C VAL F 355 -59.49 -38.92 6.88
N GLN F 356 -58.24 -39.39 6.93
CA GLN F 356 -57.91 -40.62 6.22
C GLN F 356 -58.80 -41.75 6.69
N ALA F 357 -59.03 -41.84 7.99
CA ALA F 357 -59.85 -42.91 8.54
C ALA F 357 -61.28 -42.81 8.02
N VAL F 358 -61.85 -41.60 8.01
CA VAL F 358 -63.18 -41.43 7.45
C VAL F 358 -63.18 -41.82 5.97
N LYS F 359 -62.21 -41.33 5.22
CA LYS F 359 -62.13 -41.70 3.80
C LYS F 359 -62.07 -43.23 3.61
N ARG F 360 -61.18 -43.90 4.35
CA ARG F 360 -61.08 -45.36 4.21
C ARG F 360 -62.41 -46.04 4.54
N SER F 361 -63.01 -45.62 5.64
CA SER F 361 -64.23 -46.23 6.13
C SER F 361 -65.39 -45.97 5.14
N LEU F 362 -65.41 -44.79 4.54
CA LEU F 362 -66.41 -44.51 3.50
C LEU F 362 -66.22 -45.42 2.27
N GLY F 363 -64.97 -45.65 1.88
CA GLY F 363 -64.70 -46.39 0.66
C GLY F 363 -64.68 -47.88 0.91
N SER F 364 -64.80 -48.31 2.15
CA SER F 364 -64.65 -49.73 2.44
C SER F 364 -65.98 -50.45 2.58
N ALA G 1 -1.61 6.66 -54.24
CA ALA G 1 -0.49 6.49 -53.27
C ALA G 1 -0.67 7.38 -52.05
N TYR G 2 -0.31 6.89 -50.86
CA TYR G 2 -0.29 7.72 -49.67
C TYR G 2 0.80 8.78 -49.82
N LYS G 3 0.52 9.97 -49.29
CA LYS G 3 1.51 11.05 -49.26
C LYS G 3 2.33 10.98 -47.96
N LEU G 4 3.59 11.42 -48.04
CA LEU G 4 4.40 11.67 -46.85
C LEU G 4 4.92 13.10 -47.00
N VAL G 5 4.29 14.03 -46.29
CA VAL G 5 4.50 15.46 -46.47
C VAL G 5 5.39 15.91 -45.34
N CYS G 6 6.50 16.57 -45.67
CA CYS G 6 7.51 16.78 -44.64
C CYS G 6 7.87 18.23 -44.54
N TYR G 7 7.57 18.86 -43.41
CA TYR G 7 8.02 20.23 -43.20
C TYR G 7 9.47 20.22 -42.76
N PHE G 8 10.23 21.23 -43.20
CA PHE G 8 11.53 21.48 -42.63
C PHE G 8 11.59 22.98 -42.43
N THR G 9 12.50 23.44 -41.57
CA THR G 9 12.45 24.83 -41.11
C THR G 9 13.75 25.58 -41.38
N ASN G 10 13.64 26.88 -41.59
CA ASN G 10 14.81 27.70 -41.85
C ASN G 10 15.70 27.90 -40.64
N TRP G 11 15.12 27.86 -39.43
CA TRP G 11 15.88 28.24 -38.23
C TRP G 11 16.73 27.09 -37.68
N SER G 12 16.54 25.88 -38.17
CA SER G 12 17.34 24.74 -37.68
C SER G 12 18.81 24.86 -38.09
N GLN G 13 19.09 25.68 -39.10
CA GLN G 13 20.46 25.88 -39.55
C GLN G 13 21.33 26.56 -38.47
N ASP G 14 20.69 27.25 -37.53
CA ASP G 14 21.43 28.02 -36.51
C ASP G 14 21.75 27.20 -35.26
N ARG G 15 21.26 25.96 -35.20
CA ARG G 15 21.48 25.10 -34.05
C ARG G 15 22.85 24.43 -34.10
N GLN G 16 23.30 23.92 -32.95
CA GLN G 16 24.53 23.13 -32.86
C GLN G 16 24.28 21.65 -33.16
N GLU G 17 25.33 20.91 -33.53
CA GLU G 17 25.23 19.47 -33.77
C GLU G 17 24.71 18.75 -32.53
N PRO G 18 23.88 17.71 -32.70
CA PRO G 18 23.45 17.10 -33.96
C PRO G 18 22.12 17.66 -34.48
N GLY G 19 21.82 18.90 -34.13
CA GLY G 19 20.61 19.54 -34.59
C GLY G 19 20.83 20.55 -35.72
N LYS G 20 22.07 20.72 -36.13
CA LYS G 20 22.37 21.68 -37.19
C LYS G 20 21.90 21.12 -38.56
N PHE G 21 20.86 21.72 -39.12
CA PHE G 21 20.20 21.23 -40.33
C PHE G 21 20.20 22.29 -41.43
N THR G 22 20.58 21.89 -42.64
CA THR G 22 20.43 22.71 -43.83
C THR G 22 19.75 21.82 -44.88
N PRO G 23 19.24 22.42 -45.99
CA PRO G 23 18.55 21.59 -46.99
C PRO G 23 19.44 20.47 -47.56
N GLU G 24 20.75 20.59 -47.43
CA GLU G 24 21.63 19.51 -47.89
C GLU G 24 21.50 18.24 -47.05
N ASN G 25 20.89 18.36 -45.87
CA ASN G 25 20.67 17.17 -45.03
C ASN G 25 19.43 16.38 -45.47
N ILE G 26 18.67 16.95 -46.40
CA ILE G 26 17.44 16.30 -46.88
C ILE G 26 17.71 15.11 -47.79
N ASP G 27 17.08 13.99 -47.51
CA ASP G 27 17.16 12.82 -48.38
C ASP G 27 16.05 13.02 -49.39
N PRO G 28 16.40 13.13 -50.68
CA PRO G 28 15.41 13.38 -51.73
C PRO G 28 14.30 12.32 -51.83
N PHE G 29 14.57 11.10 -51.36
CA PHE G 29 13.60 10.01 -51.48
C PHE G 29 12.86 9.71 -50.16
N LEU G 30 13.13 10.51 -49.14
CA LEU G 30 12.50 10.29 -47.83
C LEU G 30 11.00 10.54 -47.91
N CYS G 31 10.63 11.66 -48.52
CA CYS G 31 9.23 12.15 -48.52
C CYS G 31 8.67 12.29 -49.96
N SER G 32 7.35 12.39 -50.08
CA SER G 32 6.73 12.68 -51.39
C SER G 32 6.57 14.21 -51.58
N HIS G 33 6.41 14.95 -50.48
CA HIS G 33 6.35 16.40 -50.53
C HIS G 33 7.22 16.97 -49.42
N LEU G 34 8.03 17.98 -49.75
CA LEU G 34 8.77 18.74 -48.74
C LEU G 34 8.16 20.13 -48.62
N ILE G 35 8.12 20.69 -47.41
CA ILE G 35 7.58 22.04 -47.24
C ILE G 35 8.53 22.95 -46.45
N TYR G 36 8.97 24.03 -47.08
CA TYR G 36 9.89 25.00 -46.47
C TYR G 36 9.15 25.95 -45.53
N SER G 37 9.61 26.06 -44.28
CA SER G 37 8.94 26.92 -43.29
C SER G 37 9.94 27.97 -42.76
N PHE G 38 9.62 29.27 -42.87
CA PHE G 38 8.44 29.80 -43.52
C PHE G 38 8.88 31.03 -44.33
N ALA G 39 8.16 31.33 -45.41
CA ALA G 39 8.39 32.58 -46.11
C ALA G 39 7.66 33.68 -45.36
N SER G 40 8.00 34.92 -45.68
CA SER G 40 7.31 36.06 -45.08
C SER G 40 6.60 36.90 -46.16
N ILE G 41 5.99 38.00 -45.72
CA ILE G 41 5.32 38.92 -46.61
C ILE G 41 5.79 40.33 -46.36
N GLU G 42 6.33 40.99 -47.38
CA GLU G 42 6.73 42.41 -47.28
C GLU G 42 6.21 43.25 -48.42
N ASN G 43 5.59 44.39 -48.09
CA ASN G 43 4.98 45.24 -49.12
C ASN G 43 4.04 44.40 -49.99
N ASN G 44 3.26 43.53 -49.35
CA ASN G 44 2.28 42.66 -50.02
C ASN G 44 2.84 41.64 -51.01
N LYS G 45 4.14 41.37 -50.92
CA LYS G 45 4.75 40.37 -51.81
C LYS G 45 5.45 39.28 -51.01
N VAL G 46 5.49 38.07 -51.56
CA VAL G 46 6.17 36.98 -50.87
C VAL G 46 7.69 37.20 -50.89
N ILE G 47 8.34 37.00 -49.75
CA ILE G 47 9.79 36.97 -49.70
C ILE G 47 10.29 35.88 -48.76
N ILE G 48 11.48 35.37 -49.07
CA ILE G 48 12.16 34.45 -48.19
C ILE G 48 13.29 35.20 -47.48
N LYS G 49 13.28 35.18 -46.15
CA LYS G 49 14.29 35.83 -45.34
C LYS G 49 15.16 34.74 -44.73
N ASP G 50 16.28 34.44 -45.38
CA ASP G 50 17.04 33.26 -45.00
C ASP G 50 18.48 33.57 -45.36
N LYS G 51 19.39 33.46 -44.39
CA LYS G 51 20.78 33.81 -44.69
C LYS G 51 21.41 32.82 -45.66
N SER G 52 20.72 31.71 -45.91
CA SER G 52 21.26 30.73 -46.87
C SER G 52 20.35 30.56 -48.08
N GLU G 53 19.74 31.65 -48.54
CA GLU G 53 18.77 31.63 -49.63
C GLU G 53 19.34 31.04 -50.94
N VAL G 54 20.59 31.37 -51.26
CA VAL G 54 21.24 30.83 -52.46
C VAL G 54 21.33 29.31 -52.44
N MET G 55 21.96 28.76 -51.41
CA MET G 55 22.03 27.31 -51.21
C MET G 55 20.64 26.65 -51.27
N LEU G 56 19.61 27.30 -50.71
CA LEU G 56 18.25 26.72 -50.74
C LEU G 56 17.76 26.45 -52.16
N TYR G 57 17.86 27.46 -53.03
CA TYR G 57 17.40 27.31 -54.40
C TYR G 57 18.25 26.26 -55.13
N GLN G 58 19.55 26.25 -54.87
CA GLN G 58 20.41 25.24 -55.48
C GLN G 58 20.05 23.84 -54.99
N THR G 59 19.75 23.70 -53.70
CA THR G 59 19.39 22.39 -53.17
C THR G 59 18.01 21.97 -53.69
N ILE G 60 17.06 22.89 -53.70
CA ILE G 60 15.76 22.57 -54.28
C ILE G 60 15.94 21.99 -55.69
N ASN G 61 16.82 22.59 -56.47
CA ASN G 61 17.01 22.15 -57.85
C ASN G 61 17.63 20.78 -57.90
N SER G 62 18.65 20.59 -57.08
CA SER G 62 19.35 19.33 -56.99
C SER G 62 18.43 18.17 -56.52
N LEU G 63 17.67 18.40 -55.45
CA LEU G 63 16.76 17.38 -54.91
C LEU G 63 15.79 16.90 -55.99
N LYS G 64 15.27 17.85 -56.76
CA LYS G 64 14.20 17.55 -57.71
C LYS G 64 14.71 16.89 -58.97
N THR G 65 15.94 17.22 -59.36
CA THR G 65 16.56 16.50 -60.47
C THR G 65 16.89 15.06 -60.06
N LYS G 66 17.33 14.84 -58.82
CA LYS G 66 17.60 13.49 -58.31
C LYS G 66 16.32 12.64 -58.19
N ASN G 67 15.27 13.25 -57.66
CA ASN G 67 13.98 12.59 -57.57
C ASN G 67 12.92 13.39 -58.33
N PRO G 68 12.73 13.08 -59.63
CA PRO G 68 11.76 13.84 -60.44
C PRO G 68 10.31 13.72 -60.00
N LYS G 69 9.99 12.85 -59.04
CA LYS G 69 8.60 12.79 -58.56
C LYS G 69 8.38 13.73 -57.37
N LEU G 70 9.46 14.23 -56.80
CA LEU G 70 9.41 14.99 -55.54
C LEU G 70 8.67 16.32 -55.77
N LYS G 71 7.81 16.71 -54.82
CA LYS G 71 7.19 18.02 -54.82
C LYS G 71 7.74 18.84 -53.68
N ILE G 72 8.06 20.10 -53.94
CA ILE G 72 8.52 20.99 -52.87
C ILE G 72 7.61 22.22 -52.79
N LEU G 73 7.02 22.45 -51.60
CA LEU G 73 6.14 23.59 -51.41
C LEU G 73 6.77 24.64 -50.52
N LEU G 74 6.29 25.87 -50.66
CA LEU G 74 6.65 26.98 -49.79
C LEU G 74 5.51 27.21 -48.79
N SER G 75 5.82 27.27 -47.50
CA SER G 75 4.78 27.56 -46.48
C SER G 75 4.89 29.01 -45.98
N ILE G 76 3.75 29.63 -45.74
CA ILE G 76 3.72 30.93 -45.08
C ILE G 76 2.77 30.81 -43.89
N GLY G 77 3.18 31.34 -42.75
CA GLY G 77 2.36 31.24 -41.55
C GLY G 77 3.16 30.73 -40.35
N GLY G 78 2.53 29.86 -39.59
CA GLY G 78 3.14 29.31 -38.38
C GLY G 78 2.80 30.13 -37.14
N TYR G 79 3.11 29.57 -35.97
CA TYR G 79 2.73 30.15 -34.68
C TYR G 79 3.20 31.60 -34.46
N LEU G 80 4.49 31.85 -34.68
CA LEU G 80 5.05 33.19 -34.44
C LEU G 80 4.57 34.27 -35.43
N PHE G 81 4.40 33.89 -36.69
CA PHE G 81 3.82 34.80 -37.68
C PHE G 81 2.40 35.25 -37.27
N GLY G 82 1.62 34.33 -36.70
CA GLY G 82 0.27 34.67 -36.23
C GLY G 82 -0.65 35.14 -37.33
N SER G 83 -1.67 35.93 -36.97
CA SER G 83 -2.55 36.56 -37.91
C SER G 83 -1.94 37.86 -38.43
N LYS G 84 -1.21 38.57 -37.56
CA LYS G 84 -0.75 39.89 -37.93
C LYS G 84 0.20 39.87 -39.12
N GLY G 85 0.91 38.77 -39.32
CA GLY G 85 1.81 38.67 -40.49
C GLY G 85 1.03 38.82 -41.81
N PHE G 86 -0.24 38.43 -41.79
CA PHE G 86 -1.06 38.48 -43.01
C PHE G 86 -1.67 39.85 -43.32
N HIS G 87 -1.48 40.84 -42.45
CA HIS G 87 -1.98 42.20 -42.65
C HIS G 87 -0.81 43.13 -42.91
N PRO G 88 -1.02 44.14 -43.79
CA PRO G 88 -2.29 44.52 -44.39
C PRO G 88 -2.61 43.78 -45.71
N MET G 89 -1.80 42.80 -46.08
CA MET G 89 -2.00 42.10 -47.35
C MET G 89 -3.45 41.66 -47.59
N VAL G 90 -4.09 41.06 -46.59
CA VAL G 90 -5.41 40.44 -46.83
C VAL G 90 -6.55 41.44 -46.87
N ASP G 91 -6.24 42.70 -46.56
CA ASP G 91 -7.31 43.67 -46.25
C ASP G 91 -7.96 44.41 -47.42
N SER G 92 -7.50 44.14 -48.65
CA SER G 92 -8.10 44.69 -49.86
C SER G 92 -7.85 43.75 -51.03
N SER G 93 -8.73 43.77 -52.02
CA SER G 93 -8.59 42.89 -53.18
C SER G 93 -7.31 43.26 -53.96
N THR G 94 -6.98 44.54 -53.95
CA THR G 94 -5.81 44.99 -54.70
C THR G 94 -4.51 44.48 -54.05
N SER G 95 -4.41 44.51 -52.74
CA SER G 95 -3.20 43.99 -52.11
C SER G 95 -3.16 42.46 -52.15
N ARG G 96 -4.33 41.83 -52.10
CA ARG G 96 -4.35 40.39 -52.24
C ARG G 96 -3.85 40.01 -53.64
N LEU G 97 -4.31 40.72 -54.67
CA LEU G 97 -3.88 40.41 -56.03
C LEU G 97 -2.38 40.62 -56.20
N GLU G 98 -1.85 41.69 -55.62
CA GLU G 98 -0.42 41.90 -55.66
C GLU G 98 0.32 40.73 -55.01
N PHE G 99 -0.22 40.24 -53.89
CA PHE G 99 0.40 39.11 -53.22
C PHE G 99 0.30 37.84 -54.08
N ILE G 100 -0.88 37.59 -54.62
CA ILE G 100 -1.12 36.37 -55.39
C ILE G 100 -0.27 36.34 -56.67
N ASN G 101 -0.20 37.45 -57.40
CA ASN G 101 0.68 37.53 -58.57
C ASN G 101 2.15 37.31 -58.18
N SER G 102 2.56 37.84 -57.03
CA SER G 102 3.95 37.67 -56.59
C SER G 102 4.22 36.21 -56.21
N ILE G 103 3.20 35.53 -55.72
CA ILE G 103 3.33 34.13 -55.33
C ILE G 103 3.59 33.25 -56.54
N ILE G 104 2.77 33.43 -57.57
CA ILE G 104 2.82 32.59 -58.75
C ILE G 104 4.19 32.75 -59.40
N LEU G 105 4.61 34.00 -59.55
CA LEU G 105 5.92 34.29 -60.14
C LEU G 105 7.06 33.67 -59.31
N PHE G 106 6.99 33.84 -58.00
CA PHE G 106 8.05 33.35 -57.10
C PHE G 106 8.12 31.81 -57.13
N LEU G 107 6.97 31.18 -57.07
CA LEU G 107 6.94 29.72 -57.02
C LEU G 107 7.52 29.14 -58.31
N ARG G 108 7.10 29.70 -59.46
CA ARG G 108 7.55 29.21 -60.75
C ARG G 108 9.06 29.45 -60.90
N ASN G 109 9.50 30.66 -60.56
CA ASN G 109 10.92 31.03 -60.74
C ASN G 109 11.88 30.21 -59.89
N HIS G 110 11.42 29.79 -58.72
CA HIS G 110 12.29 29.05 -57.81
C HIS G 110 12.00 27.56 -57.73
N ASN G 111 11.19 27.08 -58.66
CA ASN G 111 11.02 25.65 -58.84
C ASN G 111 10.21 25.02 -57.70
N PHE G 112 9.24 25.76 -57.19
CA PHE G 112 8.32 25.25 -56.17
C PHE G 112 7.05 24.72 -56.83
N ASP G 113 6.44 23.74 -56.20
CA ASP G 113 5.26 23.08 -56.75
C ASP G 113 3.95 23.59 -56.19
N GLY G 114 4.02 24.40 -55.14
CA GLY G 114 2.81 24.95 -54.57
C GLY G 114 3.03 25.75 -53.31
N LEU G 115 1.93 26.19 -52.72
CA LEU G 115 1.94 27.01 -51.53
C LEU G 115 1.16 26.36 -50.40
N ASP G 116 1.72 26.40 -49.19
CA ASP G 116 1.05 25.94 -47.97
C ASP G 116 0.74 27.18 -47.14
N VAL G 117 -0.54 27.43 -46.84
CA VAL G 117 -0.89 28.58 -46.03
C VAL G 117 -1.27 28.08 -44.63
N SER G 118 -0.34 28.16 -43.67
CA SER G 118 -0.59 27.66 -42.33
C SER G 118 -0.83 28.82 -41.38
N TRP G 119 -2.03 29.37 -41.46
CA TRP G 119 -2.37 30.57 -40.71
C TRP G 119 -2.76 30.14 -39.31
N ILE G 120 -1.98 30.58 -38.33
CA ILE G 120 -2.15 30.14 -36.94
C ILE G 120 -2.60 31.30 -36.05
N TYR G 121 -3.91 31.52 -35.86
CA TYR G 121 -5.03 30.89 -36.55
C TYR G 121 -5.99 32.00 -36.97
N PRO G 122 -6.84 31.71 -37.95
CA PRO G 122 -7.86 32.67 -38.33
C PRO G 122 -8.77 32.99 -37.13
N ASP G 123 -9.20 31.96 -36.40
CA ASP G 123 -10.08 32.16 -35.24
C ASP G 123 -11.38 32.85 -35.67
N GLN G 124 -12.22 33.24 -34.71
CA GLN G 124 -13.49 33.88 -35.05
C GLN G 124 -13.32 35.19 -35.80
N LYS G 125 -12.33 35.98 -35.40
CA LYS G 125 -12.15 37.32 -35.96
C LYS G 125 -11.81 37.29 -37.45
N GLU G 126 -10.94 36.38 -37.84
CA GLU G 126 -10.42 36.40 -39.20
C GLU G 126 -10.68 35.13 -40.01
N ASN G 127 -11.62 34.31 -39.53
CA ASN G 127 -12.22 33.25 -40.33
C ASN G 127 -12.47 33.71 -41.78
N THR G 128 -13.16 34.83 -41.94
CA THR G 128 -13.49 35.28 -43.30
C THR G 128 -12.29 35.74 -44.14
N HIS G 129 -11.34 36.41 -43.51
CA HIS G 129 -10.13 36.86 -44.22
C HIS G 129 -9.42 35.64 -44.79
N PHE G 130 -9.32 34.58 -43.97
CA PHE G 130 -8.65 33.34 -44.38
C PHE G 130 -9.39 32.73 -45.53
N THR G 131 -10.70 32.61 -45.38
CA THR G 131 -11.53 32.00 -46.41
C THR G 131 -11.36 32.66 -47.77
N VAL G 132 -11.36 33.99 -47.80
CA VAL G 132 -11.28 34.62 -49.12
C VAL G 132 -9.86 34.60 -49.67
N LEU G 133 -8.85 34.65 -48.79
CA LEU G 133 -7.47 34.50 -49.28
C LEU G 133 -7.28 33.14 -49.96
N ILE G 134 -7.69 32.07 -49.27
CA ILE G 134 -7.58 30.72 -49.81
C ILE G 134 -8.33 30.63 -51.14
N HIS G 135 -9.55 31.15 -51.15
CA HIS G 135 -10.39 31.07 -52.35
C HIS G 135 -9.76 31.77 -53.56
N GLU G 136 -9.17 32.93 -53.31
CA GLU G 136 -8.64 33.71 -54.42
C GLU G 136 -7.34 33.07 -54.88
N LEU G 137 -6.61 32.45 -53.96
CA LEU G 137 -5.42 31.71 -54.35
C LEU G 137 -5.77 30.52 -55.23
N ALA G 138 -6.73 29.71 -54.78
CA ALA G 138 -7.13 28.53 -55.54
C ALA G 138 -7.55 28.93 -56.94
N GLU G 139 -8.35 29.98 -57.02
CA GLU G 139 -8.86 30.50 -58.29
C GLU G 139 -7.75 30.99 -59.24
N ALA G 140 -6.81 31.78 -58.70
CA ALA G 140 -5.66 32.22 -59.49
C ALA G 140 -4.70 31.06 -59.91
N PHE G 141 -4.58 30.03 -59.09
CA PHE G 141 -3.73 28.89 -59.44
C PHE G 141 -4.38 28.13 -60.62
N GLN G 142 -5.69 27.93 -60.56
CA GLN G 142 -6.44 27.35 -61.68
C GLN G 142 -6.25 28.18 -62.94
N LYS G 143 -6.51 29.49 -62.86
CA LYS G 143 -6.36 30.32 -64.06
C LYS G 143 -4.95 30.22 -64.65
N ASP G 144 -3.94 30.24 -63.79
CA ASP G 144 -2.54 30.12 -64.24
C ASP G 144 -2.26 28.77 -64.90
N PHE G 145 -2.93 27.73 -64.43
CA PHE G 145 -2.83 26.40 -65.01
C PHE G 145 -3.29 26.35 -66.46
N THR G 146 -4.46 26.94 -66.74
CA THR G 146 -5.06 26.90 -68.07
C THR G 146 -4.34 27.80 -69.07
N LYS G 147 -3.36 28.56 -68.59
CA LYS G 147 -2.59 29.46 -69.44
C LYS G 147 -1.13 29.01 -69.54
N SER G 148 -0.82 27.91 -68.89
CA SER G 148 0.55 27.47 -68.71
C SER G 148 0.68 26.05 -69.26
N THR G 149 1.91 25.61 -69.51
CA THR G 149 2.16 24.23 -69.93
C THR G 149 2.46 23.30 -68.75
N LYS G 150 2.77 23.89 -67.59
CA LYS G 150 3.17 23.09 -66.43
C LYS G 150 1.98 22.66 -65.59
N GLU G 151 2.27 21.88 -64.56
CA GLU G 151 1.22 21.38 -63.70
C GLU G 151 0.64 22.50 -62.83
N ARG G 152 -0.63 22.37 -62.46
CA ARG G 152 -1.23 23.35 -61.57
C ARG G 152 -0.43 23.41 -60.26
N LEU G 153 -0.08 24.63 -59.87
CA LEU G 153 0.47 24.86 -58.52
C LEU G 153 -0.46 24.29 -57.45
N LEU G 154 0.12 23.61 -56.45
CA LEU G 154 -0.67 23.05 -55.35
C LEU G 154 -1.03 24.10 -54.29
N LEU G 155 -2.18 23.94 -53.65
CA LEU G 155 -2.54 24.79 -52.51
C LEU G 155 -2.90 23.91 -51.31
N THR G 156 -2.18 24.06 -50.21
CA THR G 156 -2.43 23.26 -49.03
C THR G 156 -2.56 24.18 -47.83
N ALA G 157 -3.03 23.65 -46.69
CA ALA G 157 -3.05 24.45 -45.46
C ALA G 157 -2.79 23.59 -44.22
N GLY G 158 -1.89 24.08 -43.36
CA GLY G 158 -1.74 23.49 -42.03
C GLY G 158 -2.87 24.04 -41.19
N VAL G 159 -3.68 23.17 -40.63
CA VAL G 159 -4.87 23.59 -39.90
C VAL G 159 -4.96 22.96 -38.50
N SER G 160 -5.65 23.66 -37.60
CA SER G 160 -5.80 23.25 -36.22
C SER G 160 -6.49 21.89 -36.13
N ALA G 161 -6.06 21.12 -35.13
CA ALA G 161 -6.66 19.86 -34.78
C ALA G 161 -7.60 19.99 -33.57
N GLY G 162 -7.77 21.21 -33.04
CA GLY G 162 -8.55 21.44 -31.84
C GLY G 162 -9.99 21.84 -32.13
N ARG G 163 -10.95 21.07 -31.61
CA ARG G 163 -12.34 21.28 -32.05
C ARG G 163 -12.80 22.73 -31.96
N GLN G 164 -12.55 23.37 -30.82
CA GLN G 164 -13.00 24.75 -30.64
C GLN G 164 -12.40 25.68 -31.69
N MET G 165 -11.10 25.56 -31.93
CA MET G 165 -10.43 26.45 -32.88
C MET G 165 -10.87 26.12 -34.32
N ILE G 166 -11.12 24.84 -34.59
CA ILE G 166 -11.69 24.43 -35.89
C ILE G 166 -13.04 25.10 -36.15
N ASP G 167 -13.93 25.04 -35.16
CA ASP G 167 -15.22 25.64 -35.26
C ASP G 167 -15.07 27.17 -35.44
N ASN G 168 -14.14 27.78 -34.71
CA ASN G 168 -13.94 29.22 -34.80
C ASN G 168 -13.43 29.65 -36.18
N SER G 169 -12.48 28.88 -36.71
CA SER G 169 -11.63 29.34 -37.79
C SER G 169 -12.04 29.00 -39.22
N TYR G 170 -12.71 27.86 -39.43
CA TYR G 170 -12.75 27.26 -40.77
C TYR G 170 -14.13 27.06 -41.35
N GLN G 171 -14.31 27.40 -42.62
CA GLN G 171 -15.54 27.02 -43.33
C GLN G 171 -15.13 25.80 -44.13
N VAL G 172 -15.38 24.62 -43.55
CA VAL G 172 -14.73 23.38 -44.00
C VAL G 172 -15.14 22.92 -45.40
N GLU G 173 -16.42 23.08 -45.76
CA GLU G 173 -16.87 22.68 -47.08
C GLU G 173 -16.22 23.57 -48.14
N LYS G 174 -16.05 24.84 -47.82
CA LYS G 174 -15.39 25.76 -48.77
C LYS G 174 -13.92 25.39 -48.98
N LEU G 175 -13.22 25.14 -47.89
CA LEU G 175 -11.83 24.68 -47.93
C LEU G 175 -11.62 23.39 -48.71
N ALA G 176 -12.53 22.44 -48.51
CA ALA G 176 -12.46 21.18 -49.21
C ALA G 176 -12.43 21.40 -50.73
N LYS G 177 -13.08 22.46 -51.22
CA LYS G 177 -13.12 22.69 -52.66
C LYS G 177 -11.87 23.40 -53.12
N ASP G 178 -11.34 24.26 -52.27
CA ASP G 178 -10.22 25.12 -52.65
C ASP G 178 -8.85 24.50 -52.44
N LEU G 179 -8.72 23.63 -51.43
CA LEU G 179 -7.42 23.05 -51.11
C LEU G 179 -7.24 21.70 -51.77
N ASP G 180 -6.02 21.43 -52.23
CA ASP G 180 -5.67 20.09 -52.65
C ASP G 180 -5.67 19.12 -51.48
N PHE G 181 -5.12 19.56 -50.33
CA PHE G 181 -5.22 18.80 -49.10
C PHE G 181 -4.93 19.68 -47.88
N ILE G 182 -5.37 19.24 -46.70
CA ILE G 182 -4.94 19.86 -45.46
C ILE G 182 -3.81 19.05 -44.79
N ASN G 183 -2.91 19.78 -44.14
CA ASN G 183 -1.88 19.24 -43.27
C ASN G 183 -2.45 19.42 -41.87
N LEU G 184 -3.05 18.35 -41.35
CA LEU G 184 -3.75 18.46 -40.07
C LEU G 184 -2.69 18.53 -38.98
N LEU G 185 -2.71 19.61 -38.20
CA LEU G 185 -1.68 19.79 -37.16
C LEU G 185 -2.09 18.99 -35.91
N SER G 186 -2.12 17.67 -36.03
CA SER G 186 -2.60 16.83 -34.93
C SER G 186 -1.50 16.55 -33.87
N PHE G 187 -1.08 17.62 -33.18
CA PHE G 187 -0.13 17.55 -32.09
C PHE G 187 -0.38 18.83 -31.30
N ASP G 188 0.45 19.13 -30.31
CA ASP G 188 0.15 20.19 -29.37
C ASP G 188 -1.24 20.04 -28.72
N PHE G 189 -1.66 18.80 -28.47
CA PHE G 189 -2.94 18.61 -27.78
C PHE G 189 -2.88 18.98 -26.31
N HIS G 190 -1.70 18.86 -25.69
CA HIS G 190 -1.53 19.20 -24.29
C HIS G 190 -0.18 19.89 -24.19
N GLY G 191 -0.01 20.72 -23.17
CA GLY G 191 1.22 21.52 -23.02
C GLY G 191 1.10 22.40 -21.79
N SER G 192 2.15 23.16 -21.50
CA SER G 192 2.20 23.82 -20.20
C SER G 192 1.34 25.08 -20.15
N TRP G 193 0.57 25.34 -21.21
CA TRP G 193 -0.43 26.42 -21.19
C TRP G 193 -1.72 26.05 -20.44
N GLU G 194 -1.92 24.77 -20.12
CA GLU G 194 -3.19 24.33 -19.52
C GLU G 194 -3.38 24.75 -18.07
N LYS G 195 -4.64 24.96 -17.69
CA LYS G 195 -4.98 25.24 -16.29
C LYS G 195 -6.07 24.28 -15.86
N PRO G 196 -5.84 23.50 -14.80
CA PRO G 196 -4.66 23.44 -13.95
C PRO G 196 -3.50 22.85 -14.75
N LEU G 197 -2.27 23.14 -14.35
CA LEU G 197 -1.10 22.69 -15.10
C LEU G 197 -0.77 21.25 -14.69
N ILE G 198 -1.11 20.30 -15.55
CA ILE G 198 -0.87 18.88 -15.24
C ILE G 198 -0.27 18.25 -16.49
N THR G 199 0.41 17.12 -16.35
CA THR G 199 1.01 16.45 -17.52
C THR G 199 -0.08 15.96 -18.48
N GLY G 200 0.25 15.98 -19.77
CA GLY G 200 -0.62 15.43 -20.82
C GLY G 200 0.23 15.19 -22.06
N HIS G 201 -0.18 14.25 -22.90
CA HIS G 201 0.65 13.91 -24.07
C HIS G 201 0.49 14.86 -25.26
N ASN G 202 1.61 15.18 -25.90
CA ASN G 202 1.64 16.05 -27.09
C ASN G 202 0.68 15.58 -28.18
N SER G 203 0.63 14.28 -28.39
CA SER G 203 -0.05 13.79 -29.58
C SER G 203 -0.58 12.37 -29.37
N PRO G 204 -1.54 12.22 -28.46
CA PRO G 204 -2.13 10.89 -28.26
C PRO G 204 -2.98 10.49 -29.46
N LEU G 205 -2.89 9.23 -29.87
CA LEU G 205 -3.71 8.76 -30.96
C LEU G 205 -5.19 8.75 -30.54
N SER G 206 -5.45 8.28 -29.32
CA SER G 206 -6.84 8.05 -28.88
C SER G 206 -7.14 8.71 -27.54
N LYS G 207 -8.42 8.85 -27.22
CA LYS G 207 -8.77 9.40 -25.92
C LYS G 207 -8.22 8.55 -24.78
N GLY G 208 -7.88 9.20 -23.67
CA GLY G 208 -7.54 8.50 -22.44
C GLY G 208 -8.76 7.84 -21.86
N TRP G 209 -8.56 6.76 -21.11
CA TRP G 209 -9.67 6.00 -20.57
C TRP G 209 -10.57 6.87 -19.68
N GLN G 210 -9.97 7.81 -18.97
CA GLN G 210 -10.71 8.71 -18.06
C GLN G 210 -11.38 9.89 -18.78
N ASP G 211 -10.88 10.25 -19.96
CA ASP G 211 -11.40 11.39 -20.71
C ASP G 211 -12.91 11.32 -21.00
N ARG G 212 -13.63 12.35 -20.54
CA ARG G 212 -15.02 12.52 -20.92
C ARG G 212 -15.28 13.97 -21.29
N GLY G 213 -16.43 14.22 -21.91
CA GLY G 213 -16.80 15.59 -22.30
C GLY G 213 -15.79 16.14 -23.28
N PRO G 214 -15.41 17.41 -23.11
CA PRO G 214 -14.49 18.10 -24.01
C PRO G 214 -13.09 17.53 -23.96
N SER G 215 -12.71 16.89 -22.85
CA SER G 215 -11.33 16.41 -22.75
C SER G 215 -11.16 15.30 -23.77
N SER G 216 -12.27 14.70 -24.16
CA SER G 216 -12.23 13.62 -25.12
C SER G 216 -11.98 14.11 -26.56
N TYR G 217 -11.91 15.43 -26.76
CA TYR G 217 -11.60 15.99 -28.08
C TYR G 217 -10.11 15.99 -28.41
N TYR G 218 -9.30 15.87 -27.36
CA TYR G 218 -7.88 16.20 -27.50
C TYR G 218 -7.02 14.99 -27.90
N ASN G 219 -7.27 14.44 -29.08
CA ASN G 219 -6.48 13.32 -29.61
C ASN G 219 -6.60 13.30 -31.13
N VAL G 220 -5.67 12.61 -31.78
CA VAL G 220 -5.61 12.54 -33.25
C VAL G 220 -6.88 11.91 -33.84
N GLU G 221 -7.38 10.82 -33.27
CA GLU G 221 -8.61 10.21 -33.84
C GLU G 221 -9.74 11.21 -33.88
N TYR G 222 -9.94 11.92 -32.77
CA TYR G 222 -11.09 12.84 -32.71
C TYR G 222 -10.98 13.94 -33.78
N ALA G 223 -9.78 14.50 -33.90
CA ALA G 223 -9.52 15.60 -34.83
C ALA G 223 -9.75 15.15 -36.27
N VAL G 224 -9.23 13.97 -36.59
CA VAL G 224 -9.41 13.43 -37.91
C VAL G 224 -10.89 13.20 -38.17
N GLY G 225 -11.58 12.61 -37.20
CA GLY G 225 -12.99 12.33 -37.39
C GLY G 225 -13.82 13.60 -37.58
N TYR G 226 -13.43 14.66 -36.87
CA TYR G 226 -14.18 15.92 -36.87
C TYR G 226 -14.05 16.66 -38.21
N TRP G 227 -12.83 16.77 -38.70
CA TRP G 227 -12.60 17.32 -40.05
C TRP G 227 -13.43 16.58 -41.13
N ILE G 228 -13.51 15.27 -41.02
CA ILE G 228 -14.23 14.51 -42.02
C ILE G 228 -15.71 14.78 -41.83
N HIS G 229 -16.11 14.85 -40.56
CA HIS G 229 -17.53 15.05 -40.26
C HIS G 229 -17.98 16.43 -40.72
N LYS G 230 -17.08 17.41 -40.66
CA LYS G 230 -17.39 18.76 -41.15
C LYS G 230 -17.32 18.91 -42.67
N GLY G 231 -16.92 17.86 -43.39
CA GLY G 231 -16.94 17.91 -44.86
C GLY G 231 -15.64 17.75 -45.64
N MET G 232 -14.51 17.58 -44.94
CA MET G 232 -13.24 17.29 -45.64
C MET G 232 -13.17 15.83 -46.10
N PRO G 233 -13.08 15.61 -47.42
CA PRO G 233 -12.98 14.20 -47.82
C PRO G 233 -11.78 13.59 -47.13
N SER G 234 -11.89 12.32 -46.75
CA SER G 234 -10.84 11.68 -45.95
C SER G 234 -9.52 11.64 -46.71
N GLU G 235 -9.59 11.48 -48.04
CA GLU G 235 -8.35 11.37 -48.81
C GLU G 235 -7.61 12.72 -48.87
N LYS G 236 -8.27 13.80 -48.48
CA LYS G 236 -7.65 15.11 -48.41
C LYS G 236 -7.09 15.43 -47.03
N VAL G 237 -7.29 14.55 -46.05
CA VAL G 237 -6.68 14.75 -44.72
C VAL G 237 -5.32 14.12 -44.69
N VAL G 238 -4.27 14.92 -44.56
CA VAL G 238 -2.95 14.39 -44.36
C VAL G 238 -2.64 14.54 -42.88
N MET G 239 -2.47 13.42 -42.18
CA MET G 239 -2.46 13.39 -40.73
C MET G 239 -1.10 13.73 -40.12
N GLY G 240 -1.03 14.86 -39.40
CA GLY G 240 0.22 15.31 -38.79
C GLY G 240 0.74 14.35 -37.71
N ILE G 241 2.05 14.15 -37.72
CA ILE G 241 2.78 13.37 -36.71
C ILE G 241 4.03 14.16 -36.27
N PRO G 242 4.23 14.33 -34.95
CA PRO G 242 5.33 15.17 -34.50
C PRO G 242 6.60 14.37 -34.28
N THR G 243 7.75 15.00 -34.54
CA THR G 243 9.01 14.37 -34.21
C THR G 243 9.58 15.01 -32.95
N TYR G 244 8.77 15.75 -32.20
CA TYR G 244 9.20 16.35 -30.95
C TYR G 244 8.19 15.91 -29.89
N GLY G 245 8.51 16.11 -28.61
CA GLY G 245 7.55 15.78 -27.52
C GLY G 245 7.41 17.02 -26.66
N HIS G 246 6.35 17.10 -25.85
CA HIS G 246 6.25 18.20 -24.90
C HIS G 246 6.69 17.74 -23.51
N SER G 247 7.45 18.59 -22.83
CA SER G 247 8.00 18.26 -21.52
C SER G 247 7.35 19.10 -20.41
N PHE G 248 7.36 18.55 -19.19
CA PHE G 248 6.79 19.20 -18.00
C PHE G 248 7.77 19.00 -16.86
N THR G 249 7.91 19.99 -16.00
CA THR G 249 8.56 19.78 -14.72
C THR G 249 7.50 19.38 -13.69
N LEU G 250 7.69 18.22 -13.08
CA LEU G 250 6.75 17.68 -12.10
C LEU G 250 6.79 18.42 -10.78
N ALA G 251 5.61 18.62 -10.19
CA ALA G 251 5.48 19.39 -8.97
C ALA G 251 5.51 18.51 -7.72
N SER G 252 5.51 17.21 -7.92
CA SER G 252 5.48 16.25 -6.83
C SER G 252 6.07 14.94 -7.33
N ALA G 253 6.01 13.92 -6.47
CA ALA G 253 6.46 12.58 -6.83
C ALA G 253 5.50 11.82 -7.79
N GLU G 254 4.29 12.36 -8.01
CA GLU G 254 3.40 11.70 -8.96
C GLU G 254 3.93 11.84 -10.39
N THR G 255 3.87 10.77 -11.18
CA THR G 255 4.48 10.75 -12.49
C THR G 255 3.53 10.29 -13.60
N THR G 256 2.25 10.11 -13.27
CA THR G 256 1.28 9.60 -14.24
C THR G 256 0.80 10.71 -15.17
N VAL G 257 0.04 10.34 -16.20
CA VAL G 257 -0.65 11.35 -16.99
C VAL G 257 -1.56 12.13 -16.06
N GLY G 258 -1.60 13.45 -16.19
CA GLY G 258 -2.46 14.28 -15.33
C GLY G 258 -1.88 14.62 -13.96
N ALA G 259 -0.61 14.29 -13.74
CA ALA G 259 0.07 14.61 -12.48
C ALA G 259 0.36 16.10 -12.43
N PRO G 260 0.43 16.65 -11.21
CA PRO G 260 0.69 18.09 -11.04
C PRO G 260 2.04 18.49 -11.66
N ALA G 261 2.08 19.61 -12.36
CA ALA G 261 3.35 20.06 -12.93
C ALA G 261 3.55 21.52 -12.56
N SER G 262 4.81 21.89 -12.30
CA SER G 262 5.18 23.26 -11.92
C SER G 262 5.28 24.17 -13.14
N GLY G 263 5.52 23.57 -14.30
CA GLY G 263 5.77 24.35 -15.50
C GLY G 263 6.27 23.47 -16.62
N PRO G 264 6.68 24.10 -17.73
CA PRO G 264 7.32 23.34 -18.80
C PRO G 264 8.57 22.59 -18.30
N GLY G 265 8.98 21.58 -19.06
CA GLY G 265 10.21 20.86 -18.79
C GLY G 265 11.44 21.73 -19.00
N ALA G 266 12.56 21.27 -18.47
CA ALA G 266 13.85 21.93 -18.75
C ALA G 266 14.05 22.04 -20.27
N ALA G 267 14.43 23.22 -20.77
CA ALA G 267 14.75 23.38 -22.19
C ALA G 267 15.86 22.39 -22.59
N GLY G 268 15.81 21.89 -23.82
CA GLY G 268 16.87 21.02 -24.34
C GLY G 268 18.15 21.81 -24.62
N PRO G 269 19.32 21.14 -24.64
CA PRO G 269 20.55 21.90 -24.85
C PRO G 269 20.71 22.36 -26.30
N ILE G 270 20.03 21.69 -27.22
CA ILE G 270 20.15 22.04 -28.65
C ILE G 270 18.99 22.93 -29.12
N THR G 271 17.76 22.59 -28.75
CA THR G 271 16.62 23.38 -29.20
C THR G 271 16.29 24.57 -28.28
N GLU G 272 16.75 24.54 -27.03
CA GLU G 272 16.74 25.73 -26.17
C GLU G 272 15.35 26.37 -26.03
N SER G 273 14.33 25.54 -25.88
CA SER G 273 12.95 26.04 -25.82
C SER G 273 12.15 25.24 -24.79
N SER G 274 12.03 25.81 -23.60
CA SER G 274 11.38 25.13 -22.47
C SER G 274 10.00 24.61 -22.84
N GLY G 275 9.77 23.32 -22.68
CA GLY G 275 8.45 22.78 -23.03
C GLY G 275 8.45 21.84 -24.21
N PHE G 276 9.50 21.86 -25.03
CA PHE G 276 9.66 20.79 -26.02
C PHE G 276 11.06 20.23 -26.14
N LEU G 277 11.16 19.04 -26.73
CA LEU G 277 12.44 18.43 -27.04
C LEU G 277 12.35 17.80 -28.41
N ALA G 278 13.36 18.02 -29.25
CA ALA G 278 13.50 17.27 -30.50
C ALA G 278 13.78 15.79 -30.21
N TYR G 279 13.45 14.91 -31.16
CA TYR G 279 13.75 13.49 -30.97
C TYR G 279 15.22 13.22 -30.69
N TYR G 280 16.13 13.95 -31.34
CA TYR G 280 17.55 13.70 -31.06
C TYR G 280 17.93 14.05 -29.62
N GLU G 281 17.19 14.97 -29.02
CA GLU G 281 17.33 15.26 -27.58
C GLU G 281 16.65 14.18 -26.73
N ILE G 282 15.49 13.71 -27.19
CA ILE G 282 14.74 12.71 -26.44
C ILE G 282 15.55 11.43 -26.27
N CYS G 283 16.18 10.96 -27.33
CA CYS G 283 17.06 9.79 -27.22
C CYS G 283 18.09 9.92 -26.12
N GLN G 284 18.60 11.14 -25.91
CA GLN G 284 19.57 11.34 -24.83
C GLN G 284 18.83 11.34 -23.50
N PHE G 285 17.68 11.99 -23.47
CA PHE G 285 16.87 12.02 -22.24
C PHE G 285 16.55 10.59 -21.78
N LEU G 286 16.23 9.71 -22.71
CA LEU G 286 15.76 8.34 -22.39
C LEU G 286 16.80 7.50 -21.66
N LYS G 287 18.07 7.89 -21.78
CA LYS G 287 19.12 7.19 -21.06
C LYS G 287 19.00 7.49 -19.57
N GLY G 288 18.69 6.46 -18.79
CA GLY G 288 18.46 6.66 -17.36
C GLY G 288 17.00 6.95 -17.01
N ALA G 289 16.12 6.94 -18.01
CA ALA G 289 14.72 7.31 -17.80
C ALA G 289 13.85 6.06 -17.75
N LYS G 290 12.64 6.21 -17.18
CA LYS G 290 11.66 5.14 -17.19
C LYS G 290 10.59 5.43 -18.24
N ILE G 291 10.42 4.51 -19.18
CA ILE G 291 9.47 4.69 -20.28
C ILE G 291 8.17 3.96 -19.95
N THR G 292 7.03 4.62 -20.15
CA THR G 292 5.72 3.98 -19.97
C THR G 292 4.91 4.12 -21.26
N ARG G 293 4.42 3.02 -21.80
CA ARG G 293 3.57 3.13 -22.99
C ARG G 293 2.11 3.18 -22.54
N LEU G 294 1.39 4.21 -22.95
CA LEU G 294 -0.02 4.38 -22.61
C LEU G 294 -0.87 3.43 -23.44
N GLN G 295 -1.55 2.49 -22.80
CA GLN G 295 -2.32 1.50 -23.55
C GLN G 295 -3.59 2.08 -24.16
N ASP G 296 -4.12 3.13 -23.54
CA ASP G 296 -5.32 3.79 -24.07
C ASP G 296 -4.98 4.75 -25.22
N GLN G 297 -3.98 5.58 -24.98
CA GLN G 297 -3.62 6.62 -25.91
C GLN G 297 -2.63 6.19 -26.98
N GLN G 298 -2.01 5.04 -26.79
CA GLN G 298 -1.17 4.39 -27.82
C GLN G 298 0.17 5.10 -28.07
N VAL G 299 0.68 5.79 -27.06
CA VAL G 299 1.90 6.59 -27.20
C VAL G 299 2.68 6.52 -25.88
N PRO G 300 4.01 6.72 -25.94
CA PRO G 300 4.81 6.65 -24.73
C PRO G 300 5.01 7.97 -24.00
N TYR G 301 5.32 7.91 -22.71
CA TYR G 301 5.94 9.06 -22.07
C TYR G 301 7.14 8.53 -21.29
N ALA G 302 8.07 9.41 -20.90
CA ALA G 302 9.24 9.00 -20.11
C ALA G 302 9.45 9.94 -18.94
N VAL G 303 9.99 9.41 -17.86
CA VAL G 303 10.22 10.20 -16.65
C VAL G 303 11.68 10.02 -16.19
N LYS G 304 12.36 11.13 -15.86
CA LYS G 304 13.69 11.06 -15.28
C LYS G 304 13.83 12.24 -14.34
N GLY G 305 14.13 11.95 -13.08
CA GLY G 305 14.07 12.95 -12.03
C GLY G 305 12.70 13.63 -12.05
N ASN G 306 12.66 14.95 -11.97
CA ASN G 306 11.37 15.66 -12.00
C ASN G 306 10.92 16.03 -13.42
N GLN G 307 11.52 15.39 -14.43
CA GLN G 307 11.18 15.72 -15.83
C GLN G 307 10.28 14.65 -16.47
N TRP G 308 9.21 15.10 -17.13
CA TRP G 308 8.21 14.20 -17.73
C TRP G 308 8.06 14.62 -19.19
N VAL G 309 8.19 13.67 -20.11
CA VAL G 309 8.22 13.98 -21.54
C VAL G 309 7.28 13.04 -22.27
N GLY G 310 6.31 13.60 -22.96
CA GLY G 310 5.39 12.79 -23.81
C GLY G 310 5.81 13.00 -25.25
N TYR G 311 6.06 11.90 -25.97
CA TYR G 311 6.74 11.94 -27.27
C TYR G 311 6.26 10.81 -28.16
N ASP G 312 6.74 10.80 -29.40
CA ASP G 312 6.39 9.73 -30.35
C ASP G 312 7.66 8.97 -30.70
N ASP G 313 7.54 7.65 -30.77
CA ASP G 313 8.67 6.83 -31.19
C ASP G 313 8.27 5.94 -32.36
N VAL G 314 9.16 5.04 -32.78
CA VAL G 314 8.90 4.22 -33.98
C VAL G 314 7.59 3.42 -33.83
N LYS G 315 7.45 2.78 -32.68
CA LYS G 315 6.25 1.98 -32.38
C LYS G 315 4.95 2.80 -32.46
N SER G 316 4.95 3.98 -31.86
CA SER G 316 3.70 4.76 -31.87
C SER G 316 3.37 5.28 -33.26
N MET G 317 4.40 5.57 -34.04
CA MET G 317 4.16 6.00 -35.41
C MET G 317 3.64 4.86 -36.30
N GLU G 318 4.09 3.64 -36.05
CA GLU G 318 3.56 2.53 -36.82
C GLU G 318 2.06 2.34 -36.58
N THR G 319 1.63 2.44 -35.32
CA THR G 319 0.21 2.39 -35.01
C THR G 319 -0.57 3.56 -35.65
N LYS G 320 -0.01 4.78 -35.60
CA LYS G 320 -0.63 5.93 -36.29
C LYS G 320 -0.80 5.71 -37.80
N VAL G 321 0.19 5.07 -38.41
CA VAL G 321 0.05 4.77 -39.83
C VAL G 321 -1.03 3.71 -40.03
N GLN G 322 -1.06 2.69 -39.18
CA GLN G 322 -2.15 1.72 -39.32
C GLN G 322 -3.51 2.42 -39.25
N PHE G 323 -3.62 3.37 -38.32
CA PHE G 323 -4.85 4.15 -38.16
C PHE G 323 -5.22 4.93 -39.44
N LEU G 324 -4.25 5.64 -40.00
CA LEU G 324 -4.55 6.52 -41.13
C LEU G 324 -4.96 5.74 -42.36
N LYS G 325 -4.38 4.55 -42.51
CA LYS G 325 -4.77 3.67 -43.59
C LYS G 325 -6.18 3.15 -43.39
N ASN G 326 -6.51 2.75 -42.16
CA ASN G 326 -7.87 2.27 -41.86
C ASN G 326 -8.96 3.30 -42.11
N LEU G 327 -8.62 4.56 -41.92
CA LEU G 327 -9.56 5.65 -42.14
C LEU G 327 -9.48 6.28 -43.51
N ASN G 328 -8.72 5.65 -44.41
CA ASN G 328 -8.60 6.08 -45.81
C ASN G 328 -8.18 7.55 -45.97
N LEU G 329 -7.20 7.95 -45.16
CA LEU G 329 -6.71 9.32 -45.17
C LEU G 329 -5.71 9.46 -46.34
N GLY G 330 -5.30 10.69 -46.61
CA GLY G 330 -4.42 10.93 -47.75
C GLY G 330 -2.98 10.54 -47.48
N GLY G 331 -2.60 10.51 -46.20
CA GLY G 331 -1.25 10.10 -45.85
C GLY G 331 -0.84 10.73 -44.54
N ALA G 332 0.47 10.87 -44.33
CA ALA G 332 0.99 11.42 -43.07
C ALA G 332 1.79 12.69 -43.34
N MET G 333 1.78 13.61 -42.39
CA MET G 333 2.62 14.81 -42.48
C MET G 333 3.54 14.80 -41.28
N ILE G 334 4.74 15.37 -41.42
CA ILE G 334 5.72 15.37 -40.35
C ILE G 334 6.08 16.79 -39.95
N TRP G 335 5.92 17.12 -38.67
CA TRP G 335 6.50 18.36 -38.16
C TRP G 335 7.51 17.99 -37.05
N SER G 336 8.80 18.14 -37.30
CA SER G 336 9.37 18.49 -38.61
C SER G 336 10.60 17.60 -38.83
N ILE G 337 10.97 17.37 -40.09
CA ILE G 337 12.03 16.39 -40.33
C ILE G 337 13.37 16.77 -39.72
N ASP G 338 13.60 18.09 -39.54
CA ASP G 338 14.83 18.58 -38.93
C ASP G 338 14.91 18.37 -37.42
N MET G 339 13.85 17.82 -36.82
CA MET G 339 13.88 17.40 -35.39
C MET G 339 13.85 15.88 -35.22
N ASP G 340 13.73 15.13 -36.32
CA ASP G 340 14.05 13.70 -36.32
C ASP G 340 15.56 13.66 -36.12
N ASP G 341 16.11 12.47 -35.83
CA ASP G 341 17.57 12.30 -35.77
C ASP G 341 18.13 12.21 -37.20
N PHE G 342 18.19 13.33 -37.90
CA PHE G 342 18.45 13.31 -39.33
C PHE G 342 19.85 12.79 -39.69
N THR G 343 20.82 13.01 -38.81
CA THR G 343 22.19 12.54 -39.07
C THR G 343 22.40 11.10 -38.64
N GLY G 344 21.48 10.58 -37.83
CA GLY G 344 21.67 9.25 -37.23
C GLY G 344 22.66 9.26 -36.07
N LYS G 345 23.24 10.42 -35.77
CA LYS G 345 24.32 10.45 -34.76
C LYS G 345 23.87 10.39 -33.30
N SER G 346 22.60 10.65 -33.03
CA SER G 346 22.14 10.71 -31.65
C SER G 346 21.47 9.42 -31.16
N CYS G 347 20.64 8.80 -32.00
CA CYS G 347 19.76 7.74 -31.50
C CYS G 347 20.19 6.31 -31.82
N ASN G 348 21.26 6.17 -32.60
CA ASN G 348 21.76 4.84 -32.98
C ASN G 348 20.70 4.03 -33.72
N GLN G 349 19.81 4.69 -34.47
CA GLN G 349 18.75 4.00 -35.21
C GLN G 349 18.90 4.29 -36.71
N GLY G 350 20.05 4.84 -37.12
CA GLY G 350 20.26 5.20 -38.53
C GLY G 350 19.69 6.60 -38.86
N PRO G 351 19.93 7.09 -40.08
CA PRO G 351 19.40 8.45 -40.31
C PRO G 351 17.87 8.47 -40.43
N TYR G 352 17.25 9.55 -39.95
CA TYR G 352 15.79 9.69 -39.95
C TYR G 352 15.01 8.45 -39.41
N PRO G 353 15.32 8.03 -38.19
CA PRO G 353 14.67 6.78 -37.77
C PRO G 353 13.15 6.94 -37.71
N LEU G 354 12.64 8.10 -37.31
CA LEU G 354 11.17 8.26 -37.17
C LEU G 354 10.50 8.33 -38.53
N VAL G 355 11.01 9.19 -39.40
CA VAL G 355 10.37 9.36 -40.70
C VAL G 355 10.54 8.11 -41.59
N GLN G 356 11.70 7.44 -41.50
CA GLN G 356 11.88 6.19 -42.25
C GLN G 356 10.86 5.15 -41.81
N ALA G 357 10.60 5.08 -40.50
CA ALA G 357 9.58 4.17 -39.98
C ALA G 357 8.19 4.46 -40.59
N VAL G 358 7.80 5.73 -40.62
CA VAL G 358 6.55 6.14 -41.27
C VAL G 358 6.54 5.77 -42.75
N LYS G 359 7.65 6.06 -43.45
CA LYS G 359 7.73 5.74 -44.88
C LYS G 359 7.55 4.25 -45.12
N ARG G 360 8.27 3.46 -44.35
CA ARG G 360 8.19 2.00 -44.46
C ARG G 360 6.75 1.50 -44.23
N SER G 361 6.08 2.02 -43.20
CA SER G 361 4.72 1.55 -42.88
C SER G 361 3.75 1.94 -43.99
N LEU G 362 3.90 3.16 -44.51
CA LEU G 362 3.03 3.63 -45.61
C LEU G 362 3.18 2.77 -46.85
N GLY G 363 4.42 2.43 -47.21
CA GLY G 363 4.69 1.68 -48.44
C GLY G 363 4.32 0.22 -48.30
N SER G 364 4.23 -0.25 -47.05
CA SER G 364 3.84 -1.61 -46.79
C SER G 364 2.32 -1.69 -46.74
N ALA H 1 -43.22 -46.10 10.57
CA ALA H 1 -41.91 -45.48 10.21
C ALA H 1 -40.84 -46.50 9.80
N TYR H 2 -40.61 -46.60 8.48
CA TYR H 2 -39.56 -47.47 7.95
C TYR H 2 -38.19 -47.02 8.44
N LYS H 3 -37.31 -47.98 8.67
CA LYS H 3 -35.95 -47.69 9.07
C LYS H 3 -35.07 -47.62 7.84
N LEU H 4 -34.02 -46.79 7.91
CA LEU H 4 -32.99 -46.79 6.89
C LEU H 4 -31.68 -46.99 7.64
N VAL H 5 -31.19 -48.22 7.61
CA VAL H 5 -30.05 -48.63 8.41
C VAL H 5 -28.81 -48.66 7.53
N CYS H 6 -27.81 -47.88 7.90
CA CYS H 6 -26.62 -47.68 7.08
C CYS H 6 -25.32 -48.11 7.73
N TYR H 7 -24.70 -49.16 7.18
CA TYR H 7 -23.36 -49.55 7.59
C TYR H 7 -22.35 -48.62 6.95
N PHE H 8 -21.30 -48.30 7.70
CA PHE H 8 -20.12 -47.70 7.09
C PHE H 8 -18.90 -48.42 7.64
N THR H 9 -17.77 -48.28 6.95
CA THR H 9 -16.63 -49.12 7.31
C THR H 9 -15.40 -48.35 7.74
N ASN H 10 -14.61 -49.00 8.59
CA ASN H 10 -13.35 -48.43 9.06
C ASN H 10 -12.31 -48.29 7.94
N TRP H 11 -12.30 -49.24 7.00
CA TRP H 11 -11.16 -49.36 6.09
C TRP H 11 -11.26 -48.42 4.89
N SER H 12 -12.44 -47.85 4.67
CA SER H 12 -12.62 -46.93 3.56
C SER H 12 -11.78 -45.65 3.74
N GLN H 13 -11.27 -45.40 4.94
CA GLN H 13 -10.46 -44.21 5.19
C GLN H 13 -9.11 -44.33 4.48
N ASP H 14 -8.74 -45.57 4.15
CA ASP H 14 -7.44 -45.84 3.54
C ASP H 14 -7.42 -45.74 2.00
N ARG H 15 -8.58 -45.50 1.40
CA ARG H 15 -8.66 -45.37 -0.07
C ARG H 15 -8.34 -43.97 -0.56
N GLN H 16 -7.98 -43.84 -1.85
CA GLN H 16 -7.76 -42.52 -2.47
C GLN H 16 -9.09 -41.94 -3.00
N GLU H 17 -9.15 -40.64 -3.34
CA GLU H 17 -10.46 -40.02 -3.71
C GLU H 17 -11.00 -40.40 -5.10
N PRO H 18 -12.33 -40.38 -5.30
CA PRO H 18 -13.50 -40.11 -4.44
C PRO H 18 -13.92 -41.29 -3.61
N GLY H 19 -12.98 -42.10 -3.15
CA GLY H 19 -13.33 -43.25 -2.35
C GLY H 19 -12.90 -43.07 -0.91
N LYS H 20 -12.08 -42.06 -0.65
CA LYS H 20 -11.59 -41.80 0.69
C LYS H 20 -12.74 -41.39 1.59
N PHE H 21 -13.10 -42.23 2.55
CA PHE H 21 -14.27 -41.93 3.38
C PHE H 21 -13.89 -41.88 4.85
N THR H 22 -14.41 -40.89 5.57
CA THR H 22 -14.29 -40.88 7.03
C THR H 22 -15.66 -40.57 7.63
N PRO H 23 -15.82 -40.80 8.94
CA PRO H 23 -17.11 -40.47 9.56
C PRO H 23 -17.54 -39.01 9.32
N GLU H 24 -16.60 -38.11 9.08
CA GLU H 24 -16.97 -36.74 8.70
C GLU H 24 -17.73 -36.64 7.35
N ASN H 25 -17.61 -37.64 6.48
CA ASN H 25 -18.39 -37.64 5.24
C ASN H 25 -19.83 -38.03 5.45
N ILE H 26 -20.17 -38.44 6.68
CA ILE H 26 -21.53 -38.87 6.99
C ILE H 26 -22.50 -37.69 7.10
N ASP H 27 -23.63 -37.81 6.40
CA ASP H 27 -24.72 -36.85 6.49
C ASP H 27 -25.64 -37.29 7.61
N PRO H 28 -25.76 -36.47 8.67
CA PRO H 28 -26.45 -36.92 9.87
C PRO H 28 -27.94 -37.21 9.69
N PHE H 29 -28.57 -36.66 8.64
CA PHE H 29 -29.99 -36.88 8.37
C PHE H 29 -30.29 -37.87 7.24
N LEU H 30 -29.26 -38.52 6.73
CA LEU H 30 -29.39 -39.42 5.58
C LEU H 30 -30.13 -40.68 6.03
N CYS H 31 -29.68 -41.25 7.14
CA CYS H 31 -30.21 -42.53 7.63
C CYS H 31 -30.86 -42.42 9.01
N SER H 32 -31.66 -43.41 9.41
CA SER H 32 -32.21 -43.43 10.77
C SER H 32 -31.22 -44.10 11.74
N HIS H 33 -30.46 -45.07 11.24
CA HIS H 33 -29.46 -45.80 12.03
C HIS H 33 -28.15 -45.85 11.25
N LEU H 34 -27.04 -45.56 11.92
CA LEU H 34 -25.73 -45.77 11.32
C LEU H 34 -25.08 -46.94 12.05
N ILE H 35 -24.29 -47.75 11.34
CA ILE H 35 -23.61 -48.86 12.01
C ILE H 35 -22.14 -48.92 11.62
N TYR H 36 -21.26 -48.78 12.62
CA TYR H 36 -19.82 -48.82 12.40
C TYR H 36 -19.30 -50.26 12.25
N SER H 37 -18.52 -50.49 11.19
CA SER H 37 -17.95 -51.81 10.87
C SER H 37 -16.41 -51.76 10.81
N PHE H 38 -15.70 -52.58 11.60
CA PHE H 38 -16.24 -53.50 12.60
C PHE H 38 -15.39 -53.39 13.86
N ALA H 39 -15.97 -53.60 15.03
CA ALA H 39 -15.18 -53.79 16.25
C ALA H 39 -14.60 -55.20 16.30
N SER H 40 -13.63 -55.42 17.17
CA SER H 40 -13.04 -56.73 17.37
C SER H 40 -13.20 -57.22 18.82
N ILE H 41 -12.66 -58.40 19.12
CA ILE H 41 -12.69 -58.92 20.48
C ILE H 41 -11.27 -59.34 20.85
N GLU H 42 -10.81 -58.92 22.01
CA GLU H 42 -9.50 -59.29 22.49
C GLU H 42 -9.58 -59.58 24.00
N ASN H 43 -9.08 -60.74 24.41
CA ASN H 43 -9.18 -61.14 25.81
C ASN H 43 -10.62 -61.05 26.27
N ASN H 44 -11.53 -61.47 25.39
CA ASN H 44 -12.95 -61.55 25.73
C ASN H 44 -13.68 -60.20 25.81
N LYS H 45 -13.01 -59.11 25.43
CA LYS H 45 -13.56 -57.76 25.57
C LYS H 45 -13.65 -57.06 24.22
N VAL H 46 -14.65 -56.20 24.06
CA VAL H 46 -14.81 -55.50 22.81
C VAL H 46 -13.69 -54.49 22.66
N ILE H 47 -13.07 -54.42 21.49
CA ILE H 47 -12.10 -53.39 21.20
C ILE H 47 -12.36 -52.81 19.83
N ILE H 48 -11.93 -51.58 19.64
CA ILE H 48 -11.97 -50.97 18.33
C ILE H 48 -10.54 -50.79 17.86
N LYS H 49 -10.24 -51.22 16.64
CA LYS H 49 -8.91 -51.12 16.07
C LYS H 49 -8.98 -50.16 14.87
N ASP H 50 -8.64 -48.89 15.11
CA ASP H 50 -8.91 -47.83 14.14
C ASP H 50 -7.93 -46.71 14.48
N LYS H 51 -6.98 -46.44 13.60
CA LYS H 51 -6.03 -45.40 13.87
C LYS H 51 -6.69 -44.02 13.94
N SER H 52 -7.94 -43.91 13.49
CA SER H 52 -8.69 -42.65 13.67
C SER H 52 -9.75 -42.73 14.77
N GLU H 53 -9.45 -43.50 15.82
CA GLU H 53 -10.43 -43.77 16.89
C GLU H 53 -10.87 -42.45 17.56
N VAL H 54 -9.91 -41.56 17.79
CA VAL H 54 -10.21 -40.26 18.44
C VAL H 54 -11.24 -39.45 17.65
N MET H 55 -11.05 -39.30 16.34
CA MET H 55 -11.98 -38.57 15.49
C MET H 55 -13.31 -39.29 15.43
N LEU H 56 -13.27 -40.61 15.53
CA LEU H 56 -14.48 -41.41 15.46
C LEU H 56 -15.45 -41.06 16.58
N TYR H 57 -14.96 -41.08 17.82
CA TYR H 57 -15.79 -40.75 18.97
C TYR H 57 -16.30 -39.30 18.93
N GLN H 58 -15.43 -38.38 18.50
CA GLN H 58 -15.84 -36.98 18.41
C GLN H 58 -16.93 -36.83 17.35
N THR H 59 -16.79 -37.58 16.26
CA THR H 59 -17.77 -37.48 15.19
C THR H 59 -19.12 -38.11 15.57
N ILE H 60 -19.08 -39.25 16.26
CA ILE H 60 -20.30 -39.79 16.81
C ILE H 60 -21.06 -38.74 17.61
N ASN H 61 -20.38 -38.03 18.51
CA ASN H 61 -21.04 -37.04 19.35
C ASN H 61 -21.64 -35.90 18.54
N SER H 62 -20.88 -35.45 17.56
CA SER H 62 -21.30 -34.33 16.74
C SER H 62 -22.53 -34.72 15.88
N LEU H 63 -22.52 -35.91 15.31
CA LEU H 63 -23.65 -36.39 14.50
C LEU H 63 -24.91 -36.45 15.34
N LYS H 64 -24.79 -37.00 16.55
CA LYS H 64 -25.94 -37.16 17.44
C LYS H 64 -26.47 -35.84 18.02
N THR H 65 -25.58 -34.85 18.15
CA THR H 65 -25.98 -33.49 18.52
C THR H 65 -26.74 -32.83 17.38
N LYS H 66 -26.27 -33.00 16.15
CA LYS H 66 -26.96 -32.42 15.00
C LYS H 66 -28.31 -33.06 14.78
N ASN H 67 -28.40 -34.37 15.00
CA ASN H 67 -29.62 -35.12 14.82
C ASN H 67 -29.96 -36.00 16.03
N PRO H 68 -30.61 -35.42 17.03
CA PRO H 68 -30.88 -36.12 18.29
C PRO H 68 -31.69 -37.41 18.14
N LYS H 69 -32.32 -37.61 16.98
CA LYS H 69 -33.08 -38.84 16.68
C LYS H 69 -32.23 -39.97 16.10
N LEU H 70 -31.01 -39.63 15.67
CA LEU H 70 -30.10 -40.60 15.03
C LEU H 70 -29.57 -41.67 15.99
N LYS H 71 -29.65 -42.94 15.59
CA LYS H 71 -29.09 -44.04 16.38
C LYS H 71 -27.78 -44.49 15.74
N ILE H 72 -26.75 -44.68 16.56
CA ILE H 72 -25.48 -45.19 16.03
C ILE H 72 -25.08 -46.45 16.78
N LEU H 73 -24.93 -47.53 16.03
CA LEU H 73 -24.62 -48.81 16.61
C LEU H 73 -23.22 -49.25 16.22
N LEU H 74 -22.68 -50.17 17.01
CA LEU H 74 -21.37 -50.72 16.76
C LEU H 74 -21.55 -52.16 16.28
N SER H 75 -20.96 -52.52 15.14
CA SER H 75 -21.05 -53.91 14.68
C SER H 75 -19.80 -54.72 15.02
N ILE H 76 -20.00 -55.99 15.41
CA ILE H 76 -18.86 -56.93 15.55
C ILE H 76 -19.13 -58.14 14.69
N GLY H 77 -18.13 -58.58 13.95
CA GLY H 77 -18.35 -59.70 13.02
C GLY H 77 -17.88 -59.35 11.62
N GLY H 78 -18.65 -59.77 10.63
CA GLY H 78 -18.24 -59.55 9.24
C GLY H 78 -17.48 -60.74 8.71
N TYR H 79 -17.20 -60.73 7.41
CA TYR H 79 -16.66 -61.90 6.75
C TYR H 79 -15.26 -62.27 7.25
N LEU H 80 -14.37 -61.29 7.29
CA LEU H 80 -12.99 -61.60 7.68
C LEU H 80 -12.88 -62.03 9.14
N PHE H 81 -13.64 -61.40 10.03
CA PHE H 81 -13.67 -61.82 11.45
C PHE H 81 -14.10 -63.29 11.56
N GLY H 82 -15.16 -63.66 10.85
CA GLY H 82 -15.54 -65.06 10.72
C GLY H 82 -16.05 -65.59 12.04
N SER H 83 -15.85 -66.89 12.26
CA SER H 83 -16.24 -67.53 13.50
C SER H 83 -15.09 -67.47 14.49
N LYS H 84 -13.86 -67.46 13.97
CA LYS H 84 -12.68 -67.50 14.84
C LYS H 84 -12.62 -66.31 15.81
N GLY H 85 -13.07 -65.16 15.34
CA GLY H 85 -13.07 -63.94 16.16
C GLY H 85 -13.85 -64.10 17.45
N PHE H 86 -14.91 -64.90 17.40
CA PHE H 86 -15.79 -65.10 18.56
C PHE H 86 -15.31 -66.13 19.58
N HIS H 87 -14.17 -66.77 19.31
CA HIS H 87 -13.61 -67.80 20.18
C HIS H 87 -12.33 -67.26 20.79
N PRO H 88 -12.08 -67.52 22.07
CA PRO H 88 -12.83 -68.39 22.99
C PRO H 88 -13.95 -67.68 23.73
N MET H 89 -14.28 -66.46 23.33
CA MET H 89 -15.28 -65.69 24.09
C MET H 89 -16.60 -66.46 24.28
N VAL H 90 -17.12 -67.10 23.25
CA VAL H 90 -18.43 -67.73 23.35
C VAL H 90 -18.38 -69.08 24.08
N ASP H 91 -17.18 -69.53 24.42
CA ASP H 91 -16.99 -70.92 24.82
C ASP H 91 -17.26 -71.28 26.27
N SER H 92 -17.53 -70.28 27.11
CA SER H 92 -17.92 -70.54 28.50
C SER H 92 -18.75 -69.39 29.04
N SER H 93 -19.51 -69.65 30.10
CA SER H 93 -20.39 -68.60 30.64
C SER H 93 -19.56 -67.47 31.27
N THR H 94 -18.41 -67.79 31.83
CA THR H 94 -17.60 -66.74 32.44
C THR H 94 -17.02 -65.77 31.39
N SER H 95 -16.56 -66.27 30.25
CA SER H 95 -16.03 -65.37 29.23
C SER H 95 -17.15 -64.59 28.52
N ARG H 96 -18.32 -65.22 28.36
CA ARG H 96 -19.45 -64.50 27.78
C ARG H 96 -19.88 -63.36 28.73
N LEU H 97 -19.86 -63.62 30.03
CA LEU H 97 -20.24 -62.59 31.01
C LEU H 97 -19.28 -61.42 30.92
N GLU H 98 -17.99 -61.73 30.82
CA GLU H 98 -16.97 -60.70 30.68
C GLU H 98 -17.13 -59.88 29.40
N PHE H 99 -17.43 -60.54 28.29
CA PHE H 99 -17.63 -59.82 27.04
C PHE H 99 -18.87 -58.90 27.17
N ILE H 100 -19.96 -59.45 27.70
CA ILE H 100 -21.23 -58.75 27.75
C ILE H 100 -21.16 -57.52 28.67
N ASN H 101 -20.43 -57.64 29.78
CA ASN H 101 -20.20 -56.50 30.67
C ASN H 101 -19.37 -55.42 29.97
N SER H 102 -18.35 -55.85 29.23
CA SER H 102 -17.49 -54.92 28.51
C SER H 102 -18.29 -54.22 27.43
N ILE H 103 -19.21 -54.95 26.79
CA ILE H 103 -20.05 -54.38 25.75
C ILE H 103 -20.92 -53.21 26.24
N ILE H 104 -21.71 -53.44 27.28
CA ILE H 104 -22.59 -52.40 27.83
C ILE H 104 -21.77 -51.17 28.23
N LEU H 105 -20.63 -51.40 28.86
CA LEU H 105 -19.78 -50.29 29.29
C LEU H 105 -19.23 -49.50 28.12
N PHE H 106 -18.72 -50.21 27.13
CA PHE H 106 -18.12 -49.58 25.96
C PHE H 106 -19.13 -48.74 25.19
N LEU H 107 -20.30 -49.31 24.96
CA LEU H 107 -21.32 -48.60 24.20
C LEU H 107 -21.73 -47.36 24.96
N ARG H 108 -21.99 -47.49 26.27
CA ARG H 108 -22.38 -46.32 27.08
C ARG H 108 -21.26 -45.30 27.19
N ASN H 109 -20.03 -45.76 27.36
CA ASN H 109 -18.89 -44.85 27.45
C ASN H 109 -18.63 -44.08 26.17
N HIS H 110 -19.13 -44.56 25.03
CA HIS H 110 -18.79 -43.95 23.73
C HIS H 110 -20.01 -43.47 22.96
N ASN H 111 -21.14 -43.36 23.65
CA ASN H 111 -22.33 -42.79 23.02
C ASN H 111 -22.90 -43.63 21.86
N PHE H 112 -22.74 -44.95 21.91
CA PHE H 112 -23.44 -45.83 20.95
C PHE H 112 -24.81 -46.18 21.50
N ASP H 113 -25.74 -46.47 20.59
CA ASP H 113 -27.10 -46.79 20.96
C ASP H 113 -27.41 -48.28 20.91
N GLY H 114 -26.42 -49.11 20.59
CA GLY H 114 -26.70 -50.54 20.47
C GLY H 114 -25.59 -51.33 19.80
N LEU H 115 -25.79 -52.64 19.74
CA LEU H 115 -24.80 -53.56 19.20
C LEU H 115 -25.41 -54.32 18.05
N ASP H 116 -24.65 -54.43 16.98
CA ASP H 116 -25.03 -55.30 15.86
C ASP H 116 -24.06 -56.48 15.88
N VAL H 117 -24.57 -57.70 16.03
CA VAL H 117 -23.71 -58.88 15.99
C VAL H 117 -23.84 -59.46 14.57
N SER H 118 -22.78 -59.36 13.75
CA SER H 118 -22.87 -59.90 12.38
C SER H 118 -21.93 -61.06 12.20
N TRP H 119 -22.31 -62.19 12.79
CA TRP H 119 -21.49 -63.38 12.79
C TRP H 119 -21.64 -64.09 11.47
N ILE H 120 -20.55 -64.18 10.72
CA ILE H 120 -20.51 -64.76 9.39
C ILE H 120 -19.63 -66.02 9.44
N TYR H 121 -20.19 -67.21 9.71
CA TYR H 121 -21.59 -67.45 10.13
C TYR H 121 -21.49 -68.48 11.25
N PRO H 122 -22.55 -68.61 12.07
CA PRO H 122 -22.52 -69.65 13.10
C PRO H 122 -22.47 -71.04 12.44
N ASP H 123 -23.30 -71.26 11.43
CA ASP H 123 -23.39 -72.55 10.79
C ASP H 123 -23.85 -73.55 11.85
N GLN H 124 -23.74 -74.83 11.54
CA GLN H 124 -24.32 -75.87 12.38
C GLN H 124 -23.58 -75.97 13.70
N LYS H 125 -22.26 -75.83 13.63
CA LYS H 125 -21.42 -76.03 14.79
C LYS H 125 -21.65 -74.99 15.91
N GLU H 126 -21.98 -73.77 15.54
CA GLU H 126 -22.02 -72.64 16.51
C GLU H 126 -23.45 -72.08 16.62
N ASN H 127 -24.40 -72.80 16.03
CA ASN H 127 -25.79 -72.43 16.08
C ASN H 127 -26.25 -72.14 17.51
N THR H 128 -25.92 -73.06 18.41
CA THR H 128 -26.28 -72.92 19.82
C THR H 128 -25.56 -71.78 20.51
N HIS H 129 -24.24 -71.67 20.28
CA HIS H 129 -23.45 -70.59 20.88
C HIS H 129 -23.98 -69.21 20.47
N PHE H 130 -24.40 -69.08 19.23
CA PHE H 130 -24.96 -67.81 18.75
C PHE H 130 -26.31 -67.53 19.42
N THR H 131 -27.17 -68.55 19.51
CA THR H 131 -28.46 -68.36 20.17
C THR H 131 -28.27 -67.86 21.60
N VAL H 132 -27.41 -68.54 22.35
CA VAL H 132 -27.17 -68.19 23.77
C VAL H 132 -26.50 -66.83 23.90
N LEU H 133 -25.56 -66.55 23.02
CA LEU H 133 -24.89 -65.25 23.08
C LEU H 133 -25.91 -64.12 22.86
N ILE H 134 -26.72 -64.23 21.82
CA ILE H 134 -27.78 -63.26 21.58
C ILE H 134 -28.76 -63.18 22.77
N HIS H 135 -29.18 -64.34 23.29
CA HIS H 135 -30.10 -64.34 24.44
C HIS H 135 -29.52 -63.60 25.65
N GLU H 136 -28.29 -63.93 26.02
CA GLU H 136 -27.65 -63.28 27.17
C GLU H 136 -27.40 -61.77 26.95
N LEU H 137 -27.05 -61.37 25.72
CA LEU H 137 -26.92 -59.94 25.42
C LEU H 137 -28.26 -59.22 25.66
N ALA H 138 -29.33 -59.76 25.11
CA ALA H 138 -30.63 -59.12 25.24
C ALA H 138 -31.09 -59.03 26.69
N GLU H 139 -30.90 -60.10 27.46
CA GLU H 139 -31.21 -60.08 28.89
C GLU H 139 -30.42 -59.01 29.62
N ALA H 140 -29.12 -58.95 29.34
CA ALA H 140 -28.26 -57.93 29.93
C ALA H 140 -28.62 -56.50 29.51
N PHE H 141 -29.03 -56.33 28.26
CA PHE H 141 -29.45 -55.00 27.78
C PHE H 141 -30.74 -54.59 28.49
N GLN H 142 -31.64 -55.55 28.69
CA GLN H 142 -32.89 -55.28 29.42
C GLN H 142 -32.61 -54.92 30.89
N LYS H 143 -31.75 -55.71 31.53
CA LYS H 143 -31.31 -55.42 32.90
C LYS H 143 -30.62 -54.04 33.01
N ASP H 144 -29.72 -53.72 32.09
CA ASP H 144 -29.07 -52.39 32.05
C ASP H 144 -30.10 -51.28 31.91
N PHE H 145 -31.22 -51.58 31.25
CA PHE H 145 -32.26 -50.58 31.01
C PHE H 145 -33.00 -50.22 32.29
N THR H 146 -33.32 -51.23 33.09
CA THR H 146 -34.04 -51.00 34.35
C THR H 146 -33.19 -50.18 35.31
N LYS H 147 -31.87 -50.39 35.23
CA LYS H 147 -30.90 -49.70 36.09
C LYS H 147 -30.43 -48.41 35.45
N SER H 148 -31.16 -47.95 34.45
CA SER H 148 -30.75 -46.77 33.71
C SER H 148 -31.91 -45.80 33.47
N THR H 149 -31.58 -44.60 33.01
CA THR H 149 -32.61 -43.63 32.65
C THR H 149 -32.46 -43.26 31.17
N LYS H 150 -31.55 -43.95 30.49
CA LYS H 150 -31.45 -43.80 29.05
C LYS H 150 -32.18 -44.96 28.38
N GLU H 151 -32.40 -44.87 27.08
CA GLU H 151 -33.15 -45.90 26.38
C GLU H 151 -32.38 -47.21 26.38
N ARG H 152 -33.10 -48.31 26.29
CA ARG H 152 -32.48 -49.63 26.23
C ARG H 152 -31.54 -49.69 25.03
N LEU H 153 -30.31 -50.14 25.23
CA LEU H 153 -29.40 -50.43 24.11
C LEU H 153 -30.09 -51.35 23.10
N LEU H 154 -29.95 -51.05 21.81
CA LEU H 154 -30.51 -51.87 20.75
C LEU H 154 -29.64 -53.12 20.52
N LEU H 155 -30.28 -54.22 20.16
CA LEU H 155 -29.56 -55.43 19.74
C LEU H 155 -30.02 -55.86 18.34
N THR H 156 -29.10 -55.89 17.38
CA THR H 156 -29.45 -56.33 16.03
C THR H 156 -28.47 -57.38 15.52
N ALA H 157 -28.77 -58.00 14.40
CA ALA H 157 -27.86 -58.96 13.83
C ALA H 157 -27.89 -58.90 12.32
N GLY H 158 -26.71 -58.81 11.69
CA GLY H 158 -26.57 -59.07 10.26
C GLY H 158 -26.59 -60.58 10.06
N VAL H 159 -27.52 -61.07 9.24
CA VAL H 159 -27.76 -62.51 9.09
C VAL H 159 -27.84 -62.94 7.64
N SER H 160 -27.51 -64.21 7.42
CA SER H 160 -27.44 -64.75 6.06
C SER H 160 -28.80 -64.70 5.37
N ALA H 161 -28.76 -64.49 4.07
CA ALA H 161 -29.94 -64.56 3.21
C ALA H 161 -29.95 -65.87 2.39
N GLY H 162 -29.00 -66.78 2.67
CA GLY H 162 -28.93 -68.06 1.94
C GLY H 162 -29.65 -69.17 2.69
N ARG H 163 -30.64 -69.78 2.05
CA ARG H 163 -31.47 -70.79 2.72
C ARG H 163 -30.67 -71.85 3.49
N GLN H 164 -29.65 -72.43 2.87
CA GLN H 164 -28.92 -73.49 3.56
C GLN H 164 -28.23 -72.96 4.82
N MET H 165 -27.57 -71.82 4.71
CA MET H 165 -26.88 -71.24 5.85
C MET H 165 -27.89 -70.80 6.93
N ILE H 166 -29.06 -70.30 6.54
CA ILE H 166 -30.10 -69.94 7.52
C ILE H 166 -30.52 -71.17 8.32
N ASP H 167 -30.87 -72.24 7.60
CA ASP H 167 -31.21 -73.50 8.25
C ASP H 167 -30.10 -73.97 9.20
N ASN H 168 -28.85 -73.91 8.73
CA ASN H 168 -27.72 -74.35 9.54
C ASN H 168 -27.56 -73.51 10.82
N SER H 169 -27.69 -72.18 10.68
CA SER H 169 -27.21 -71.23 11.69
C SER H 169 -28.19 -70.74 12.75
N TYR H 170 -29.46 -70.61 12.40
CA TYR H 170 -30.37 -69.78 13.20
C TYR H 170 -31.58 -70.49 13.72
N GLN H 171 -31.83 -70.35 15.02
CA GLN H 171 -33.13 -70.72 15.59
C GLN H 171 -33.96 -69.44 15.57
N VAL H 172 -34.75 -69.28 14.51
CA VAL H 172 -35.35 -68.00 14.13
C VAL H 172 -36.36 -67.50 15.17
N GLU H 173 -37.21 -68.40 15.67
CA GLU H 173 -38.15 -68.04 16.74
C GLU H 173 -37.50 -67.53 18.03
N LYS H 174 -36.43 -68.17 18.48
CA LYS H 174 -35.70 -67.71 19.67
C LYS H 174 -35.10 -66.35 19.40
N LEU H 175 -34.44 -66.22 18.25
CA LEU H 175 -33.85 -64.98 17.81
C LEU H 175 -34.84 -63.81 17.68
N ALA H 176 -36.03 -64.08 17.18
CA ALA H 176 -37.01 -63.01 16.97
C ALA H 176 -37.42 -62.37 18.31
N LYS H 177 -37.36 -63.16 19.36
CA LYS H 177 -37.73 -62.65 20.67
C LYS H 177 -36.65 -61.75 21.26
N ASP H 178 -35.40 -62.00 20.89
CA ASP H 178 -34.28 -61.30 21.52
C ASP H 178 -33.78 -60.09 20.72
N LEU H 179 -33.97 -60.10 19.40
CA LEU H 179 -33.42 -59.04 18.55
C LEU H 179 -34.44 -57.95 18.27
N ASP H 180 -34.01 -56.69 18.31
CA ASP H 180 -34.87 -55.58 17.91
C ASP H 180 -35.17 -55.70 16.42
N PHE H 181 -34.18 -56.10 15.62
CA PHE H 181 -34.43 -56.45 14.21
C PHE H 181 -33.23 -57.14 13.60
N ILE H 182 -33.43 -57.78 12.46
CA ILE H 182 -32.31 -58.29 11.70
C ILE H 182 -31.94 -57.39 10.55
N ASN H 183 -30.66 -57.38 10.25
CA ASN H 183 -30.16 -56.75 9.05
C ASN H 183 -29.90 -57.88 8.04
N LEU H 184 -30.86 -58.09 7.15
CA LEU H 184 -30.79 -59.22 6.24
C LEU H 184 -29.75 -58.98 5.18
N LEU H 185 -28.76 -59.86 5.10
CA LEU H 185 -27.64 -59.65 4.19
C LEU H 185 -27.99 -60.14 2.78
N SER H 186 -29.02 -59.52 2.20
CA SER H 186 -29.55 -59.96 0.92
C SER H 186 -28.74 -59.45 -0.29
N PHE H 187 -27.53 -59.95 -0.40
CA PHE H 187 -26.61 -59.67 -1.50
C PHE H 187 -25.59 -60.80 -1.42
N ASP H 188 -24.53 -60.72 -2.23
CA ASP H 188 -23.65 -61.85 -2.43
C ASP H 188 -24.40 -63.14 -2.76
N PHE H 189 -25.46 -63.03 -3.55
CA PHE H 189 -26.20 -64.23 -3.96
C PHE H 189 -25.41 -64.97 -5.03
N HIS H 190 -24.59 -64.24 -5.78
CA HIS H 190 -23.69 -64.85 -6.79
C HIS H 190 -22.35 -64.11 -6.77
N GLY H 191 -21.30 -64.78 -7.23
CA GLY H 191 -19.98 -64.14 -7.22
C GLY H 191 -18.96 -65.11 -7.76
N SER H 192 -17.71 -64.67 -7.86
CA SER H 192 -16.68 -65.50 -8.49
C SER H 192 -16.18 -66.65 -7.63
N TRP H 193 -16.74 -66.81 -6.42
CA TRP H 193 -16.46 -68.01 -5.63
C TRP H 193 -17.20 -69.24 -6.16
N GLU H 194 -18.17 -69.05 -7.05
CA GLU H 194 -19.05 -70.16 -7.46
C GLU H 194 -18.38 -71.22 -8.35
N LYS H 195 -18.85 -72.47 -8.22
CA LYS H 195 -18.45 -73.58 -9.09
C LYS H 195 -19.72 -74.29 -9.57
N PRO H 196 -19.94 -74.34 -10.89
CA PRO H 196 -19.04 -73.81 -11.90
C PRO H 196 -18.99 -72.30 -11.88
N LEU H 197 -17.92 -71.74 -12.41
CA LEU H 197 -17.73 -70.30 -12.32
C LEU H 197 -18.45 -69.66 -13.52
N ILE H 198 -19.64 -69.12 -13.27
CA ILE H 198 -20.45 -68.52 -14.32
C ILE H 198 -20.98 -67.17 -13.86
N THR H 199 -21.36 -66.28 -14.78
CA THR H 199 -21.86 -65.00 -14.31
C THR H 199 -23.19 -65.12 -13.56
N GLY H 200 -23.41 -64.24 -12.59
CA GLY H 200 -24.68 -64.22 -11.86
C GLY H 200 -24.76 -62.89 -11.13
N HIS H 201 -25.97 -62.43 -10.85
CA HIS H 201 -26.15 -61.11 -10.24
C HIS H 201 -25.91 -61.09 -8.73
N ASN H 202 -25.13 -60.11 -8.24
CA ASN H 202 -24.96 -59.92 -6.78
C ASN H 202 -26.26 -59.92 -5.93
N SER H 203 -27.31 -59.27 -6.42
CA SER H 203 -28.49 -59.03 -5.59
C SER H 203 -29.75 -58.93 -6.43
N PRO H 204 -30.14 -60.04 -7.08
CA PRO H 204 -31.39 -59.99 -7.85
C PRO H 204 -32.61 -59.96 -6.92
N LEU H 205 -33.60 -59.11 -7.22
CA LEU H 205 -34.85 -59.10 -6.44
C LEU H 205 -35.59 -60.44 -6.53
N SER H 206 -35.69 -60.96 -7.74
CA SER H 206 -36.53 -62.13 -7.98
C SER H 206 -35.78 -63.26 -8.67
N LYS H 207 -36.35 -64.45 -8.64
CA LYS H 207 -35.73 -65.59 -9.33
C LYS H 207 -35.65 -65.37 -10.84
N GLY H 208 -34.65 -65.97 -11.48
CA GLY H 208 -34.58 -65.98 -12.94
C GLY H 208 -35.73 -66.80 -13.47
N TRP H 209 -36.21 -66.45 -14.66
CA TRP H 209 -37.29 -67.22 -15.27
C TRP H 209 -36.95 -68.71 -15.35
N GLN H 210 -35.68 -69.01 -15.61
CA GLN H 210 -35.22 -70.40 -15.77
C GLN H 210 -34.94 -71.12 -14.45
N ASP H 211 -34.97 -70.39 -13.34
CA ASP H 211 -34.65 -70.95 -12.03
C ASP H 211 -35.72 -71.86 -11.50
N ARG H 212 -35.25 -73.02 -11.08
CA ARG H 212 -36.11 -74.00 -10.46
C ARG H 212 -35.21 -74.65 -9.42
N GLY H 213 -35.82 -75.26 -8.41
CA GLY H 213 -35.09 -75.96 -7.37
C GLY H 213 -34.41 -74.97 -6.44
N PRO H 214 -33.23 -75.35 -5.93
CA PRO H 214 -32.45 -74.54 -4.99
C PRO H 214 -31.86 -73.30 -5.63
N SER H 215 -31.72 -73.30 -6.96
CA SER H 215 -31.28 -72.06 -7.62
C SER H 215 -32.36 -70.99 -7.49
N SER H 216 -33.61 -71.40 -7.30
CA SER H 216 -34.68 -70.42 -7.08
C SER H 216 -34.65 -69.76 -5.66
N TYR H 217 -33.69 -70.14 -4.83
CA TYR H 217 -33.56 -69.55 -3.48
C TYR H 217 -32.67 -68.33 -3.49
N TYR H 218 -31.88 -68.16 -4.55
CA TYR H 218 -30.81 -67.15 -4.56
C TYR H 218 -31.31 -65.76 -5.00
N ASN H 219 -32.27 -65.22 -4.27
CA ASN H 219 -32.77 -63.88 -4.54
C ASN H 219 -33.37 -63.24 -3.29
N VAL H 220 -33.59 -61.93 -3.34
CA VAL H 220 -33.99 -61.17 -2.17
C VAL H 220 -35.37 -61.60 -1.72
N GLU H 221 -36.26 -61.72 -2.68
CA GLU H 221 -37.64 -62.08 -2.43
C GLU H 221 -37.71 -63.41 -1.67
N TYR H 222 -36.94 -64.39 -2.13
CA TYR H 222 -37.01 -65.68 -1.45
C TYR H 222 -36.46 -65.62 -0.01
N ALA H 223 -35.34 -64.93 0.15
CA ALA H 223 -34.71 -64.77 1.48
C ALA H 223 -35.66 -64.10 2.45
N VAL H 224 -36.28 -63.02 1.97
CA VAL H 224 -37.23 -62.29 2.80
C VAL H 224 -38.40 -63.21 3.20
N GLY H 225 -38.96 -63.92 2.23
CA GLY H 225 -40.06 -64.83 2.50
C GLY H 225 -39.66 -65.92 3.47
N TYR H 226 -38.43 -66.40 3.36
CA TYR H 226 -37.99 -67.52 4.15
C TYR H 226 -37.83 -67.18 5.63
N TRP H 227 -37.23 -66.01 5.90
CA TRP H 227 -37.09 -65.49 7.27
C TRP H 227 -38.46 -65.31 7.95
N ILE H 228 -39.42 -64.76 7.19
CA ILE H 228 -40.77 -64.59 7.71
C ILE H 228 -41.42 -65.93 7.97
N HIS H 229 -41.33 -66.82 6.99
CA HIS H 229 -41.83 -68.18 7.14
C HIS H 229 -41.22 -68.87 8.38
N LYS H 230 -39.91 -68.70 8.63
CA LYS H 230 -39.30 -69.29 9.81
C LYS H 230 -39.71 -68.63 11.13
N GLY H 231 -40.41 -67.50 11.07
CA GLY H 231 -40.99 -66.89 12.28
C GLY H 231 -40.51 -65.47 12.62
N MET H 232 -39.74 -64.84 11.75
CA MET H 232 -39.34 -63.44 12.00
C MET H 232 -40.50 -62.50 11.61
N PRO H 233 -41.01 -61.69 12.56
CA PRO H 233 -42.11 -60.79 12.15
C PRO H 233 -41.62 -59.92 11.00
N SER H 234 -42.48 -59.62 10.04
CA SER H 234 -42.01 -58.89 8.84
C SER H 234 -41.42 -57.54 9.23
N GLU H 235 -41.96 -56.93 10.27
CA GLU H 235 -41.52 -55.60 10.65
C GLU H 235 -40.10 -55.60 11.26
N LYS H 236 -39.65 -56.79 11.69
CA LYS H 236 -38.28 -56.97 12.19
C LYS H 236 -37.27 -57.29 11.09
N VAL H 237 -37.74 -57.40 9.86
CA VAL H 237 -36.82 -57.70 8.75
C VAL H 237 -36.42 -56.39 8.08
N VAL H 238 -35.15 -56.01 8.19
CA VAL H 238 -34.67 -54.84 7.49
C VAL H 238 -33.84 -55.34 6.33
N MET H 239 -34.32 -55.07 5.13
CA MET H 239 -33.84 -55.72 3.90
C MET H 239 -32.58 -55.07 3.36
N GLY H 240 -31.51 -55.84 3.27
CA GLY H 240 -30.23 -55.29 2.82
C GLY H 240 -30.20 -55.00 1.33
N ILE H 241 -29.56 -53.91 0.98
CA ILE H 241 -29.40 -53.47 -0.41
C ILE H 241 -27.92 -53.09 -0.57
N PRO H 242 -27.25 -53.55 -1.64
CA PRO H 242 -25.82 -53.31 -1.79
C PRO H 242 -25.56 -52.06 -2.62
N THR H 243 -24.47 -51.36 -2.34
CA THR H 243 -24.09 -50.25 -3.19
C THR H 243 -22.89 -50.67 -4.05
N TYR H 244 -22.53 -51.95 -4.02
CA TYR H 244 -21.39 -52.44 -4.81
C TYR H 244 -21.97 -53.47 -5.78
N GLY H 245 -21.19 -53.88 -6.78
CA GLY H 245 -21.60 -54.98 -7.67
C GLY H 245 -20.52 -56.03 -7.69
N HIS H 246 -20.83 -57.23 -8.20
CA HIS H 246 -19.80 -58.26 -8.35
C HIS H 246 -19.48 -58.40 -9.83
N SER H 247 -18.19 -58.50 -10.10
CA SER H 247 -17.69 -58.52 -11.45
C SER H 247 -17.10 -59.89 -11.82
N PHE H 248 -17.10 -60.19 -13.14
CA PHE H 248 -16.44 -61.37 -13.66
C PHE H 248 -15.64 -61.04 -14.91
N THR H 249 -14.56 -61.79 -15.11
CA THR H 249 -13.95 -61.87 -16.41
C THR H 249 -14.58 -63.02 -17.22
N LEU H 250 -15.13 -62.67 -18.38
CA LEU H 250 -15.75 -63.62 -19.30
C LEU H 250 -14.72 -64.57 -19.94
N ALA H 251 -15.09 -65.84 -20.07
CA ALA H 251 -14.20 -66.82 -20.65
C ALA H 251 -14.50 -67.11 -22.13
N SER H 252 -15.49 -66.43 -22.69
CA SER H 252 -15.86 -66.69 -24.09
C SER H 252 -16.64 -65.48 -24.59
N ALA H 253 -17.19 -65.62 -25.79
CA ALA H 253 -17.99 -64.54 -26.39
C ALA H 253 -19.36 -64.36 -25.71
N GLU H 254 -19.81 -65.34 -24.94
CA GLU H 254 -21.14 -65.26 -24.30
C GLU H 254 -21.16 -64.25 -23.17
N THR H 255 -22.20 -63.43 -23.11
CA THR H 255 -22.24 -62.30 -22.17
C THR H 255 -23.53 -62.27 -21.34
N THR H 256 -24.32 -63.33 -21.42
CA THR H 256 -25.61 -63.40 -20.70
C THR H 256 -25.42 -63.80 -19.24
N VAL H 257 -26.50 -63.78 -18.46
CA VAL H 257 -26.47 -64.34 -17.12
C VAL H 257 -26.16 -65.84 -17.25
N GLY H 258 -25.22 -66.32 -16.44
CA GLY H 258 -24.84 -67.74 -16.45
C GLY H 258 -23.81 -68.08 -17.50
N ALA H 259 -23.21 -67.06 -18.12
CA ALA H 259 -22.14 -67.33 -19.11
C ALA H 259 -20.86 -67.78 -18.40
N PRO H 260 -20.02 -68.53 -19.13
CA PRO H 260 -18.73 -68.98 -18.58
C PRO H 260 -17.84 -67.79 -18.19
N ALA H 261 -17.21 -67.85 -17.01
CA ALA H 261 -16.24 -66.83 -16.58
C ALA H 261 -14.94 -67.49 -16.16
N SER H 262 -13.84 -66.80 -16.41
CA SER H 262 -12.53 -67.32 -16.11
C SER H 262 -12.09 -66.97 -14.69
N GLY H 263 -12.73 -65.99 -14.06
CA GLY H 263 -12.35 -65.55 -12.71
C GLY H 263 -13.09 -64.27 -12.36
N PRO H 264 -12.71 -63.60 -11.26
CA PRO H 264 -13.39 -62.34 -10.95
C PRO H 264 -13.05 -61.28 -11.98
N GLY H 265 -13.80 -60.20 -12.00
CA GLY H 265 -13.49 -59.09 -12.90
C GLY H 265 -12.25 -58.36 -12.42
N ALA H 266 -11.63 -57.55 -13.30
CA ALA H 266 -10.46 -56.78 -12.91
C ALA H 266 -10.78 -55.85 -11.73
N ALA H 267 -9.82 -55.69 -10.82
CA ALA H 267 -9.96 -54.80 -9.67
C ALA H 267 -10.32 -53.37 -10.11
N GLY H 268 -11.13 -52.67 -9.31
CA GLY H 268 -11.39 -51.27 -9.59
C GLY H 268 -10.18 -50.45 -9.16
N PRO H 269 -10.04 -49.24 -9.70
CA PRO H 269 -8.86 -48.42 -9.41
C PRO H 269 -8.81 -47.88 -7.97
N ILE H 270 -9.96 -47.81 -7.29
CA ILE H 270 -10.05 -47.28 -5.93
C ILE H 270 -10.24 -48.39 -4.87
N THR H 271 -11.15 -49.31 -5.12
CA THR H 271 -11.40 -50.38 -4.16
C THR H 271 -10.33 -51.47 -4.22
N GLU H 272 -9.70 -51.64 -5.39
CA GLU H 272 -8.53 -52.52 -5.52
C GLU H 272 -8.76 -53.96 -5.05
N SER H 273 -9.91 -54.52 -5.42
CA SER H 273 -10.24 -55.89 -5.01
C SER H 273 -10.95 -56.60 -6.18
N SER H 274 -10.21 -57.43 -6.93
CA SER H 274 -10.82 -58.17 -8.05
C SER H 274 -12.11 -58.85 -7.61
N GLY H 275 -13.22 -58.57 -8.27
CA GLY H 275 -14.47 -59.27 -7.96
C GLY H 275 -15.61 -58.38 -7.54
N PHE H 276 -15.29 -57.18 -7.04
CA PHE H 276 -16.34 -56.21 -6.79
C PHE H 276 -15.92 -54.81 -7.17
N LEU H 277 -16.90 -53.91 -7.29
CA LEU H 277 -16.66 -52.51 -7.58
C LEU H 277 -17.65 -51.69 -6.80
N ALA H 278 -17.21 -50.53 -6.32
CA ALA H 278 -18.10 -49.61 -5.64
C ALA H 278 -18.97 -48.90 -6.68
N TYR H 279 -20.08 -48.32 -6.25
CA TYR H 279 -20.95 -47.62 -7.21
C TYR H 279 -20.21 -46.48 -7.91
N TYR H 280 -19.35 -45.78 -7.19
CA TYR H 280 -18.64 -44.69 -7.80
C TYR H 280 -17.66 -45.18 -8.87
N GLU H 281 -17.28 -46.46 -8.82
CA GLU H 281 -16.45 -47.10 -9.86
C GLU H 281 -17.34 -47.62 -10.98
N ILE H 282 -18.51 -48.11 -10.61
CA ILE H 282 -19.42 -48.62 -11.61
C ILE H 282 -19.86 -47.55 -12.60
N CYS H 283 -20.21 -46.37 -12.11
CA CYS H 283 -20.58 -45.27 -13.01
C CYS H 283 -19.51 -44.99 -14.07
N GLN H 284 -18.25 -45.16 -13.69
CA GLN H 284 -17.18 -44.96 -14.66
C GLN H 284 -17.12 -46.15 -15.63
N PHE H 285 -17.27 -47.36 -15.08
CA PHE H 285 -17.27 -48.58 -15.92
C PHE H 285 -18.37 -48.50 -16.98
N LEU H 286 -19.53 -47.97 -16.60
CA LEU H 286 -20.68 -47.95 -17.49
C LEU H 286 -20.44 -47.13 -18.76
N LYS H 287 -19.45 -46.26 -18.74
CA LYS H 287 -19.17 -45.43 -19.91
C LYS H 287 -18.54 -46.29 -20.98
N GLY H 288 -19.22 -46.43 -22.11
CA GLY H 288 -18.78 -47.33 -23.17
C GLY H 288 -19.22 -48.77 -22.95
N ALA H 289 -20.01 -49.01 -21.90
CA ALA H 289 -20.50 -50.35 -21.62
C ALA H 289 -21.90 -50.55 -22.20
N LYS H 290 -22.33 -51.80 -22.30
CA LYS H 290 -23.71 -52.07 -22.68
C LYS H 290 -24.48 -52.56 -21.46
N ILE H 291 -25.59 -51.90 -21.16
CA ILE H 291 -26.40 -52.21 -19.99
C ILE H 291 -27.61 -53.05 -20.42
N THR H 292 -27.90 -54.10 -19.66
CA THR H 292 -29.08 -54.91 -19.90
C THR H 292 -29.86 -54.99 -18.60
N ARG H 293 -31.14 -54.61 -18.62
CA ARG H 293 -31.95 -54.73 -17.41
C ARG H 293 -32.66 -56.07 -17.43
N LEU H 294 -32.44 -56.89 -16.41
CA LEU H 294 -33.05 -58.23 -16.39
C LEU H 294 -34.54 -58.09 -16.09
N GLN H 295 -35.37 -58.52 -17.03
CA GLN H 295 -36.80 -58.43 -16.91
C GLN H 295 -37.38 -59.33 -15.81
N ASP H 296 -36.73 -60.47 -15.58
CA ASP H 296 -37.15 -61.38 -14.51
C ASP H 296 -36.61 -60.94 -13.14
N GLN H 297 -35.34 -60.64 -13.09
CA GLN H 297 -34.70 -60.40 -11.78
C GLN H 297 -34.79 -58.97 -11.31
N GLN H 298 -35.19 -58.08 -12.21
CA GLN H 298 -35.42 -56.66 -11.89
C GLN H 298 -34.17 -55.88 -11.53
N VAL H 299 -33.05 -56.29 -12.06
CA VAL H 299 -31.80 -55.58 -11.80
C VAL H 299 -30.95 -55.59 -13.07
N PRO H 300 -29.99 -54.67 -13.15
CA PRO H 300 -29.17 -54.55 -14.35
C PRO H 300 -27.82 -55.26 -14.26
N TYR H 301 -27.28 -55.60 -15.42
CA TYR H 301 -25.85 -55.90 -15.52
C TYR H 301 -25.30 -55.14 -16.73
N ALA H 302 -23.98 -55.04 -16.79
CA ALA H 302 -23.34 -54.32 -17.89
C ALA H 302 -22.08 -55.06 -18.30
N VAL H 303 -21.79 -54.95 -19.60
CA VAL H 303 -20.72 -55.67 -20.24
C VAL H 303 -19.84 -54.68 -21.00
N LYS H 304 -18.54 -54.77 -20.83
CA LYS H 304 -17.63 -53.95 -21.60
C LYS H 304 -16.38 -54.78 -21.78
N GLY H 305 -16.00 -55.04 -23.03
CA GLY H 305 -14.90 -55.96 -23.30
C GLY H 305 -15.21 -57.31 -22.68
N ASN H 306 -14.23 -57.90 -21.99
CA ASN H 306 -14.47 -59.19 -21.36
C ASN H 306 -14.96 -59.08 -19.91
N GLN H 307 -15.39 -57.88 -19.53
CA GLN H 307 -15.83 -57.59 -18.15
C GLN H 307 -17.34 -57.56 -18.01
N TRP H 308 -17.84 -58.24 -16.99
CA TRP H 308 -19.29 -58.40 -16.77
C TRP H 308 -19.53 -58.00 -15.33
N VAL H 309 -20.43 -57.05 -15.11
CA VAL H 309 -20.71 -56.48 -13.78
C VAL H 309 -22.20 -56.49 -13.46
N GLY H 310 -22.57 -57.19 -12.40
CA GLY H 310 -23.95 -57.19 -11.89
C GLY H 310 -23.99 -56.20 -10.74
N TYR H 311 -24.89 -55.21 -10.80
CA TYR H 311 -24.83 -54.12 -9.83
C TYR H 311 -26.24 -53.59 -9.59
N ASP H 312 -26.38 -52.67 -8.62
CA ASP H 312 -27.67 -52.02 -8.36
C ASP H 312 -27.60 -50.54 -8.73
N ASP H 313 -28.72 -49.98 -9.19
CA ASP H 313 -28.78 -48.56 -9.57
C ASP H 313 -30.03 -47.90 -9.01
N VAL H 314 -30.26 -46.62 -9.32
CA VAL H 314 -31.39 -45.91 -8.72
C VAL H 314 -32.70 -46.63 -9.05
N LYS H 315 -32.84 -47.09 -10.29
CA LYS H 315 -34.09 -47.78 -10.68
C LYS H 315 -34.30 -49.11 -9.93
N SER H 316 -33.24 -49.89 -9.76
CA SER H 316 -33.41 -51.14 -9.04
C SER H 316 -33.69 -50.87 -7.55
N MET H 317 -33.12 -49.81 -7.00
CA MET H 317 -33.43 -49.43 -5.63
C MET H 317 -34.90 -49.10 -5.43
N GLU H 318 -35.45 -48.33 -6.37
CA GLU H 318 -36.85 -47.94 -6.33
C GLU H 318 -37.74 -49.18 -6.35
N THR H 319 -37.45 -50.14 -7.24
CA THR H 319 -38.24 -51.38 -7.27
C THR H 319 -38.12 -52.15 -5.96
N LYS H 320 -36.89 -52.26 -5.46
CA LYS H 320 -36.67 -52.98 -4.20
C LYS H 320 -37.40 -52.36 -3.00
N VAL H 321 -37.49 -51.05 -2.97
CA VAL H 321 -38.26 -50.37 -1.93
C VAL H 321 -39.77 -50.60 -2.09
N GLN H 322 -40.27 -50.54 -3.32
CA GLN H 322 -41.71 -50.86 -3.51
C GLN H 322 -41.99 -52.26 -2.97
N PHE H 323 -41.05 -53.17 -3.24
CA PHE H 323 -41.19 -54.54 -2.74
C PHE H 323 -41.23 -54.56 -1.20
N LEU H 324 -40.24 -53.93 -0.56
CA LEU H 324 -40.22 -53.99 0.91
C LEU H 324 -41.49 -53.41 1.55
N LYS H 325 -42.05 -52.36 0.95
CA LYS H 325 -43.26 -51.77 1.49
C LYS H 325 -44.41 -52.74 1.31
N ASN H 326 -44.47 -53.36 0.13
CA ASN H 326 -45.52 -54.34 -0.14
C ASN H 326 -45.51 -55.47 0.86
N LEU H 327 -44.32 -55.89 1.28
CA LEU H 327 -44.25 -56.95 2.29
C LEU H 327 -44.28 -56.49 3.76
N ASN H 328 -44.52 -55.20 3.98
CA ASN H 328 -44.55 -54.64 5.34
C ASN H 328 -43.28 -54.95 6.12
N LEU H 329 -42.13 -54.76 5.48
CA LEU H 329 -40.85 -54.97 6.17
C LEU H 329 -40.53 -53.78 7.08
N GLY H 330 -39.52 -53.96 7.93
CA GLY H 330 -39.13 -52.89 8.83
C GLY H 330 -38.46 -51.72 8.12
N GLY H 331 -37.91 -51.96 6.93
CA GLY H 331 -37.17 -50.91 6.21
C GLY H 331 -36.07 -51.49 5.33
N ALA H 332 -35.09 -50.65 5.00
CA ALA H 332 -33.96 -51.06 4.17
C ALA H 332 -32.64 -50.89 4.93
N MET H 333 -31.68 -51.76 4.68
CA MET H 333 -30.32 -51.61 5.21
C MET H 333 -29.37 -51.44 4.03
N ILE H 334 -28.27 -50.70 4.21
CA ILE H 334 -27.35 -50.44 3.10
C ILE H 334 -25.97 -50.96 3.42
N TRP H 335 -25.42 -51.84 2.57
CA TRP H 335 -24.00 -52.20 2.62
C TRP H 335 -23.28 -51.76 1.34
N SER H 336 -22.43 -50.72 1.40
CA SER H 336 -22.29 -49.83 2.56
C SER H 336 -22.27 -48.38 2.02
N ILE H 337 -22.58 -47.40 2.87
CA ILE H 337 -22.72 -46.04 2.34
C ILE H 337 -21.42 -45.45 1.83
N ASP H 338 -20.29 -45.94 2.34
CA ASP H 338 -19.00 -45.49 1.85
C ASP H 338 -18.65 -46.03 0.45
N MET H 339 -19.48 -46.92 -0.10
CA MET H 339 -19.34 -47.36 -1.50
C MET H 339 -20.40 -46.78 -2.44
N ASP H 340 -21.40 -46.05 -1.90
CA ASP H 340 -22.25 -45.19 -2.72
C ASP H 340 -21.37 -44.02 -3.22
N ASP H 341 -21.87 -43.23 -4.18
CA ASP H 341 -21.12 -42.03 -4.62
C ASP H 341 -21.30 -40.92 -3.60
N PHE H 342 -20.68 -41.09 -2.44
CA PHE H 342 -20.97 -40.24 -1.30
C PHE H 342 -20.63 -38.76 -1.54
N THR H 343 -19.56 -38.47 -2.29
CA THR H 343 -19.23 -37.06 -2.59
C THR H 343 -20.08 -36.46 -3.70
N GLY H 344 -20.65 -37.33 -4.53
CA GLY H 344 -21.43 -36.86 -5.67
C GLY H 344 -20.56 -36.54 -6.87
N LYS H 345 -19.24 -36.74 -6.72
CA LYS H 345 -18.27 -36.33 -7.75
C LYS H 345 -18.10 -37.28 -8.94
N SER H 346 -18.59 -38.52 -8.81
CA SER H 346 -18.37 -39.50 -9.87
C SER H 346 -19.56 -39.71 -10.81
N CYS H 347 -20.75 -39.85 -10.26
CA CYS H 347 -21.87 -40.38 -11.02
C CYS H 347 -22.83 -39.34 -11.60
N ASN H 348 -22.59 -38.07 -11.30
CA ASN H 348 -23.48 -36.97 -11.71
C ASN H 348 -24.94 -37.22 -11.32
N GLN H 349 -25.14 -37.69 -10.09
CA GLN H 349 -26.48 -37.94 -9.60
C GLN H 349 -26.73 -37.29 -8.24
N GLY H 350 -25.85 -36.40 -7.80
CA GLY H 350 -25.91 -35.84 -6.45
C GLY H 350 -25.22 -36.75 -5.44
N PRO H 351 -25.04 -36.28 -4.18
CA PRO H 351 -24.33 -37.07 -3.16
C PRO H 351 -25.20 -38.24 -2.69
N TYR H 352 -24.57 -39.40 -2.45
CA TYR H 352 -25.29 -40.62 -2.01
C TYR H 352 -26.49 -40.92 -2.87
N PRO H 353 -26.28 -41.01 -4.20
CA PRO H 353 -27.44 -41.12 -5.10
C PRO H 353 -28.24 -42.40 -4.83
N LEU H 354 -27.55 -43.48 -4.49
CA LEU H 354 -28.24 -44.75 -4.20
C LEU H 354 -29.04 -44.66 -2.89
N VAL H 355 -28.38 -44.20 -1.84
CA VAL H 355 -29.05 -44.12 -0.52
C VAL H 355 -30.16 -43.08 -0.55
N GLN H 356 -29.90 -41.97 -1.24
CA GLN H 356 -30.93 -40.98 -1.42
C GLN H 356 -32.18 -41.54 -2.15
N ALA H 357 -31.97 -42.40 -3.14
CA ALA H 357 -33.07 -43.00 -3.90
C ALA H 357 -33.91 -43.86 -2.96
N VAL H 358 -33.22 -44.55 -2.06
CA VAL H 358 -33.90 -45.40 -1.11
C VAL H 358 -34.69 -44.52 -0.11
N LYS H 359 -34.03 -43.50 0.39
CA LYS H 359 -34.67 -42.59 1.38
C LYS H 359 -35.92 -41.96 0.79
N ARG H 360 -35.78 -41.45 -0.42
CA ARG H 360 -36.89 -40.81 -1.10
C ARG H 360 -38.04 -41.81 -1.30
N SER H 361 -37.72 -43.00 -1.80
CA SER H 361 -38.76 -44.02 -2.05
C SER H 361 -39.46 -44.44 -0.75
N LEU H 362 -38.69 -44.52 0.34
CA LEU H 362 -39.28 -44.87 1.64
C LEU H 362 -40.26 -43.82 2.12
N GLY H 363 -39.94 -42.56 1.90
CA GLY H 363 -40.83 -41.48 2.31
C GLY H 363 -41.91 -41.28 1.26
N SER H 364 -41.59 -41.62 0.02
CA SER H 364 -42.61 -41.65 -1.00
C SER H 364 -43.66 -42.66 -0.56
N ALA I 1 -26.03 -18.64 28.47
CA ALA I 1 -25.35 -19.97 28.42
C ALA I 1 -24.24 -20.07 29.45
N TYR I 2 -24.13 -21.20 30.14
CA TYR I 2 -23.01 -21.42 31.04
C TYR I 2 -21.69 -21.59 30.29
N LYS I 3 -20.60 -21.10 30.87
CA LYS I 3 -19.27 -21.31 30.30
C LYS I 3 -18.68 -22.62 30.84
N LEU I 4 -17.83 -23.26 30.06
CA LEU I 4 -17.01 -24.38 30.53
C LEU I 4 -15.58 -23.98 30.18
N VAL I 5 -14.86 -23.54 31.20
CA VAL I 5 -13.56 -22.93 31.04
C VAL I 5 -12.48 -23.94 31.44
N CYS I 6 -11.60 -24.27 30.50
CA CYS I 6 -10.70 -25.42 30.66
C CYS I 6 -9.23 -25.03 30.58
N TYR I 7 -8.53 -25.14 31.71
CA TYR I 7 -7.11 -24.90 31.69
C TYR I 7 -6.41 -26.14 31.16
N PHE I 8 -5.33 -25.93 30.41
CA PHE I 8 -4.43 -27.02 30.10
C PHE I 8 -2.99 -26.52 30.29
N THR I 9 -2.05 -27.45 30.40
CA THR I 9 -0.71 -27.07 30.86
C THR I 9 0.42 -27.46 29.94
N ASN I 10 1.47 -26.65 29.98
CA ASN I 10 2.60 -26.88 29.10
C ASN I 10 3.50 -28.05 29.53
N TRP I 11 3.46 -28.41 30.80
CA TRP I 11 4.36 -29.44 31.33
C TRP I 11 3.85 -30.88 31.21
N SER I 12 2.56 -31.06 30.93
CA SER I 12 1.98 -32.40 30.79
C SER I 12 2.56 -33.18 29.61
N GLN I 13 3.16 -32.48 28.65
CA GLN I 13 3.71 -33.15 27.49
C GLN I 13 4.91 -34.04 27.82
N ASP I 14 5.50 -33.84 29.00
CA ASP I 14 6.68 -34.58 29.43
C ASP I 14 6.36 -35.87 30.20
N ARG I 15 5.11 -36.05 30.60
CA ARG I 15 4.72 -37.26 31.33
C ARG I 15 4.61 -38.47 30.39
N GLN I 16 4.50 -39.67 30.94
CA GLN I 16 4.32 -40.89 30.13
C GLN I 16 2.83 -41.20 30.03
N GLU I 17 2.45 -42.09 29.11
CA GLU I 17 1.03 -42.46 28.99
C GLU I 17 0.59 -43.17 30.26
N PRO I 18 -0.69 -43.01 30.66
CA PRO I 18 -1.71 -42.23 29.95
C PRO I 18 -1.75 -40.74 30.28
N GLY I 19 -0.63 -40.18 30.73
CA GLY I 19 -0.57 -38.77 31.13
C GLY I 19 0.12 -37.81 30.17
N LYS I 20 0.68 -38.32 29.07
CA LYS I 20 1.35 -37.47 28.07
C LYS I 20 0.35 -36.66 27.25
N PHE I 21 0.27 -35.36 27.52
CA PHE I 21 -0.75 -34.52 26.93
C PHE I 21 -0.11 -33.46 26.06
N THR I 22 -0.70 -33.29 24.89
CA THR I 22 -0.27 -32.29 23.93
C THR I 22 -1.53 -31.49 23.53
N PRO I 23 -1.37 -30.25 23.05
CA PRO I 23 -2.54 -29.55 22.53
C PRO I 23 -3.31 -30.37 21.48
N GLU I 24 -2.64 -31.28 20.79
CA GLU I 24 -3.34 -32.10 19.80
C GLU I 24 -4.38 -33.03 20.43
N ASN I 25 -4.26 -33.25 21.75
CA ASN I 25 -5.26 -34.01 22.52
C ASN I 25 -6.53 -33.22 22.81
N ILE I 26 -6.54 -31.94 22.49
CA ILE I 26 -7.71 -31.11 22.82
C ILE I 26 -8.88 -31.34 21.88
N ASP I 27 -10.04 -31.57 22.46
CA ASP I 27 -11.27 -31.70 21.67
C ASP I 27 -11.88 -30.30 21.47
N PRO I 28 -12.00 -29.82 20.22
CA PRO I 28 -12.45 -28.43 19.99
C PRO I 28 -13.89 -28.11 20.42
N PHE I 29 -14.73 -29.12 20.63
CA PHE I 29 -16.12 -28.89 21.07
C PHE I 29 -16.41 -29.30 22.53
N LEU I 30 -15.38 -29.67 23.26
CA LEU I 30 -15.52 -30.06 24.67
C LEU I 30 -15.82 -28.84 25.57
N CYS I 31 -15.02 -27.80 25.47
CA CYS I 31 -15.14 -26.63 26.35
C CYS I 31 -15.55 -25.39 25.55
N SER I 32 -16.06 -24.35 26.22
CA SER I 32 -16.29 -23.07 25.54
C SER I 32 -15.04 -22.20 25.51
N HIS I 33 -14.18 -22.35 26.51
CA HIS I 33 -12.95 -21.55 26.62
C HIS I 33 -11.82 -22.48 27.00
N LEU I 34 -10.65 -22.27 26.40
CA LEU I 34 -9.45 -23.01 26.77
C LEU I 34 -8.43 -22.01 27.27
N ILE I 35 -7.63 -22.38 28.26
CA ILE I 35 -6.63 -21.46 28.79
C ILE I 35 -5.30 -22.18 28.92
N TYR I 36 -4.28 -21.65 28.21
CA TYR I 36 -2.94 -22.23 28.21
C TYR I 36 -2.15 -21.72 29.42
N SER I 37 -1.54 -22.65 30.16
CA SER I 37 -0.76 -22.34 31.36
C SER I 37 0.69 -22.81 31.22
N PHE I 38 1.70 -21.93 31.41
CA PHE I 38 1.55 -20.50 31.70
C PHE I 38 2.60 -19.77 30.85
N ALA I 39 2.28 -18.56 30.38
CA ALA I 39 3.27 -17.71 29.74
C ALA I 39 4.18 -17.11 30.80
N SER I 40 5.29 -16.53 30.38
CA SER I 40 6.20 -15.89 31.32
C SER I 40 6.47 -14.44 30.91
N ILE I 41 7.31 -13.73 31.69
CA ILE I 41 7.67 -12.34 31.40
C ILE I 41 9.19 -12.18 31.34
N GLU I 42 9.69 -11.58 30.25
CA GLU I 42 11.12 -11.35 30.09
C GLU I 42 11.36 -9.95 29.55
N ASN I 43 12.25 -9.22 30.19
CA ASN I 43 12.49 -7.82 29.85
C ASN I 43 11.19 -7.02 29.81
N ASN I 44 10.26 -7.34 30.71
CA ASN I 44 8.94 -6.73 30.68
C ASN I 44 8.08 -7.06 29.45
N LYS I 45 8.36 -8.14 28.74
CA LYS I 45 7.48 -8.56 27.66
C LYS I 45 7.02 -9.98 27.89
N VAL I 46 5.80 -10.27 27.47
CA VAL I 46 5.24 -11.61 27.54
C VAL I 46 6.00 -12.57 26.62
N ILE I 47 6.35 -13.75 27.15
CA ILE I 47 6.99 -14.78 26.35
C ILE I 47 6.36 -16.14 26.70
N ILE I 48 6.31 -17.06 25.73
CA ILE I 48 5.96 -18.43 26.02
C ILE I 48 7.22 -19.31 25.99
N LYS I 49 7.68 -19.71 27.19
CA LYS I 49 8.80 -20.64 27.29
C LYS I 49 8.23 -22.03 27.20
N ASP I 50 8.20 -22.55 25.99
CA ASP I 50 7.57 -23.84 25.72
C ASP I 50 8.30 -24.49 24.56
N LYS I 51 8.93 -25.63 24.82
CA LYS I 51 9.71 -26.25 23.77
C LYS I 51 8.80 -26.73 22.62
N SER I 52 7.49 -26.74 22.83
CA SER I 52 6.59 -27.04 21.70
C SER I 52 5.78 -25.83 21.26
N GLU I 53 6.42 -24.67 21.31
CA GLU I 53 5.76 -23.40 21.02
C GLU I 53 5.03 -23.47 19.68
N VAL I 54 5.68 -24.07 18.69
CA VAL I 54 5.20 -24.01 17.32
C VAL I 54 3.92 -24.81 17.10
N MET I 55 3.89 -26.03 17.61
CA MET I 55 2.69 -26.86 17.56
C MET I 55 1.52 -26.25 18.37
N LEU I 56 1.86 -25.51 19.43
CA LEU I 56 0.84 -24.79 20.20
C LEU I 56 0.10 -23.78 19.32
N TYR I 57 0.85 -22.91 18.64
CA TYR I 57 0.23 -21.90 17.79
C TYR I 57 -0.54 -22.54 16.65
N GLN I 58 0.05 -23.57 16.06
CA GLN I 58 -0.59 -24.29 14.98
C GLN I 58 -1.90 -24.93 15.43
N THR I 59 -1.90 -25.52 16.62
CA THR I 59 -3.10 -26.17 17.12
C THR I 59 -4.16 -25.14 17.56
N ILE I 60 -3.72 -24.03 18.14
CA ILE I 60 -4.68 -22.96 18.43
C ILE I 60 -5.46 -22.66 17.16
N ASN I 61 -4.75 -22.53 16.03
CA ASN I 61 -5.37 -22.15 14.77
C ASN I 61 -6.37 -23.17 14.21
N SER I 62 -6.00 -24.45 14.22
CA SER I 62 -6.92 -25.48 13.73
C SER I 62 -8.10 -25.73 14.68
N LEU I 63 -7.91 -25.50 15.98
CA LEU I 63 -9.00 -25.66 16.93
C LEU I 63 -10.09 -24.64 16.61
N LYS I 64 -9.66 -23.41 16.36
CA LYS I 64 -10.58 -22.30 16.18
C LYS I 64 -11.15 -22.28 14.78
N THR I 65 -10.47 -22.97 13.87
CA THR I 65 -10.97 -23.18 12.51
C THR I 65 -12.10 -24.20 12.57
N LYS I 66 -11.90 -25.25 13.36
CA LYS I 66 -12.89 -26.31 13.50
C LYS I 66 -14.07 -25.85 14.32
N ASN I 67 -13.80 -25.05 15.35
CA ASN I 67 -14.88 -24.49 16.15
C ASN I 67 -14.75 -22.97 16.27
N PRO I 68 -15.44 -22.24 15.38
CA PRO I 68 -15.36 -20.78 15.31
C PRO I 68 -15.88 -20.08 16.56
N LYS I 69 -16.70 -20.75 17.38
CA LYS I 69 -17.20 -20.14 18.63
C LYS I 69 -16.21 -20.31 19.80
N LEU I 70 -15.13 -21.06 19.57
CA LEU I 70 -14.26 -21.43 20.67
C LEU I 70 -13.37 -20.26 21.07
N LYS I 71 -13.23 -20.03 22.37
CA LYS I 71 -12.30 -19.00 22.82
C LYS I 71 -11.05 -19.62 23.45
N ILE I 72 -9.89 -19.04 23.17
CA ILE I 72 -8.63 -19.53 23.72
C ILE I 72 -7.86 -18.38 24.35
N LEU I 73 -7.57 -18.52 25.64
CA LEU I 73 -6.88 -17.47 26.39
C LEU I 73 -5.47 -17.91 26.75
N LEU I 74 -4.63 -16.93 27.08
CA LEU I 74 -3.27 -17.18 27.56
C LEU I 74 -3.18 -16.81 29.03
N SER I 75 -2.66 -17.71 29.86
CA SER I 75 -2.55 -17.42 31.30
C SER I 75 -1.13 -17.08 31.74
N ILE I 76 -0.99 -16.03 32.52
CA ILE I 76 0.28 -15.74 33.17
C ILE I 76 0.09 -15.85 34.67
N GLY I 77 1.01 -16.55 35.33
CA GLY I 77 0.96 -16.69 36.77
C GLY I 77 1.07 -18.14 37.21
N GLY I 78 0.25 -18.52 38.19
CA GLY I 78 0.33 -19.85 38.75
C GLY I 78 1.23 -19.87 39.97
N TYR I 79 1.11 -20.94 40.75
CA TYR I 79 1.84 -21.09 42.00
C TYR I 79 3.37 -20.84 41.92
N LEU I 80 4.06 -21.51 41.00
CA LEU I 80 5.54 -21.40 40.92
C LEU I 80 6.04 -20.03 40.47
N PHE I 81 5.29 -19.37 39.61
CA PHE I 81 5.61 -18.02 39.14
C PHE I 81 5.54 -17.06 40.33
N GLY I 82 4.55 -17.25 41.19
CA GLY I 82 4.45 -16.47 42.43
C GLY I 82 4.24 -14.99 42.17
N SER I 83 4.70 -14.16 43.11
CA SER I 83 4.74 -12.71 42.89
C SER I 83 6.08 -12.32 42.27
N LYS I 84 7.11 -13.09 42.58
CA LYS I 84 8.44 -12.86 42.00
C LYS I 84 8.40 -12.56 40.51
N GLY I 85 7.75 -13.44 39.77
CA GLY I 85 7.73 -13.33 38.32
C GLY I 85 7.13 -12.05 37.76
N PHE I 86 6.37 -11.31 38.57
CA PHE I 86 5.73 -10.10 38.08
C PHE I 86 6.61 -8.89 38.32
N HIS I 87 7.68 -9.08 39.08
CA HIS I 87 8.69 -8.03 39.25
C HIS I 87 9.85 -8.25 38.27
N PRO I 88 10.44 -7.15 37.75
CA PRO I 88 10.19 -5.73 38.03
C PRO I 88 9.11 -5.09 37.15
N MET I 89 8.41 -5.89 36.34
CA MET I 89 7.42 -5.35 35.39
C MET I 89 6.41 -4.38 36.02
N VAL I 90 5.85 -4.76 37.17
CA VAL I 90 4.82 -3.96 37.83
C VAL I 90 5.33 -2.73 38.60
N ASP I 91 6.64 -2.53 38.63
CA ASP I 91 7.24 -1.53 39.54
C ASP I 91 7.28 -0.10 39.05
N SER I 92 6.92 0.12 37.78
CA SER I 92 6.83 1.47 37.24
C SER I 92 5.78 1.44 36.15
N SER I 93 5.28 2.61 35.77
CA SER I 93 4.21 2.69 34.76
C SER I 93 4.74 2.47 33.36
N THR I 94 6.00 2.83 33.12
CA THR I 94 6.55 2.60 31.79
C THR I 94 6.77 1.13 31.50
N SER I 95 7.31 0.37 32.47
CA SER I 95 7.48 -1.06 32.28
C SER I 95 6.14 -1.81 32.12
N ARG I 96 5.14 -1.42 32.91
CA ARG I 96 3.82 -1.95 32.75
C ARG I 96 3.25 -1.63 31.37
N LEU I 97 3.50 -0.42 30.90
CA LEU I 97 2.97 0.03 29.61
C LEU I 97 3.63 -0.76 28.48
N GLU I 98 4.92 -1.02 28.62
CA GLU I 98 5.64 -1.90 27.73
C GLU I 98 5.03 -3.30 27.72
N PHE I 99 4.76 -3.84 28.90
CA PHE I 99 4.15 -5.16 29.01
C PHE I 99 2.77 -5.20 28.33
N ILE I 100 1.96 -4.19 28.58
CA ILE I 100 0.58 -4.25 28.11
C ILE I 100 0.56 -4.19 26.59
N ASN I 101 1.41 -3.33 26.05
CA ASN I 101 1.59 -3.27 24.61
C ASN I 101 2.09 -4.59 24.02
N SER I 102 3.01 -5.26 24.70
CA SER I 102 3.50 -6.55 24.21
C SER I 102 2.39 -7.60 24.25
N ILE I 103 1.60 -7.58 25.32
CA ILE I 103 0.48 -8.51 25.48
C ILE I 103 -0.51 -8.46 24.31
N ILE I 104 -1.02 -7.25 24.05
CA ILE I 104 -1.97 -7.02 22.98
C ILE I 104 -1.45 -7.48 21.62
N LEU I 105 -0.20 -7.16 21.32
CA LEU I 105 0.40 -7.58 20.05
C LEU I 105 0.52 -9.12 20.04
N PHE I 106 1.03 -9.69 21.14
CA PHE I 106 1.21 -11.14 21.24
C PHE I 106 -0.12 -11.90 21.09
N LEU I 107 -1.15 -11.46 21.80
CA LEU I 107 -2.44 -12.12 21.71
C LEU I 107 -3.02 -12.07 20.30
N ARG I 108 -3.01 -10.89 19.69
CA ARG I 108 -3.53 -10.71 18.34
C ARG I 108 -2.72 -11.57 17.36
N ASN I 109 -1.40 -11.48 17.48
CA ASN I 109 -0.50 -12.16 16.54
C ASN I 109 -0.64 -13.68 16.58
N HIS I 110 -0.88 -14.24 17.77
CA HIS I 110 -0.98 -15.69 17.92
C HIS I 110 -2.42 -16.15 18.11
N ASN I 111 -3.39 -15.29 17.76
CA ASN I 111 -4.78 -15.74 17.69
C ASN I 111 -5.42 -16.15 19.01
N PHE I 112 -5.00 -15.53 20.13
CA PHE I 112 -5.62 -15.74 21.43
C PHE I 112 -6.78 -14.74 21.59
N ASP I 113 -7.81 -15.11 22.34
CA ASP I 113 -8.95 -14.22 22.55
C ASP I 113 -8.87 -13.37 23.81
N GLY I 114 -7.85 -13.59 24.63
CA GLY I 114 -7.73 -12.83 25.87
C GLY I 114 -6.59 -13.30 26.76
N LEU I 115 -6.52 -12.69 27.93
CA LEU I 115 -5.46 -12.94 28.91
C LEU I 115 -6.06 -13.30 30.27
N ASP I 116 -5.53 -14.36 30.86
CA ASP I 116 -5.90 -14.76 32.22
C ASP I 116 -4.74 -14.37 33.08
N VAL I 117 -5.00 -13.59 34.12
CA VAL I 117 -3.93 -13.21 35.03
C VAL I 117 -4.17 -13.97 36.31
N SER I 118 -3.37 -15.00 36.54
CA SER I 118 -3.52 -15.82 37.74
C SER I 118 -2.39 -15.61 38.72
N TRP I 119 -2.41 -14.47 39.39
CA TRP I 119 -1.32 -14.09 40.28
C TRP I 119 -1.54 -14.77 41.64
N ILE I 120 -0.62 -15.66 41.99
CA ILE I 120 -0.72 -16.48 43.20
C ILE I 120 0.38 -16.12 44.24
N TYR I 121 0.13 -15.20 45.17
CA TYR I 121 -1.03 -14.33 45.23
C TYR I 121 -0.54 -12.91 45.46
N PRO I 122 -1.39 -11.91 45.20
CA PRO I 122 -0.96 -10.56 45.54
C PRO I 122 -0.74 -10.38 47.05
N ASP I 123 -1.64 -10.92 47.86
CA ASP I 123 -1.56 -10.71 49.31
C ASP I 123 -1.56 -9.21 49.66
N GLN I 124 -1.22 -8.85 50.89
CA GLN I 124 -1.31 -7.45 51.27
C GLN I 124 -0.27 -6.64 50.52
N LYS I 125 0.94 -7.20 50.39
CA LYS I 125 2.07 -6.46 49.81
C LYS I 125 1.85 -6.07 48.33
N GLU I 126 1.24 -6.96 47.54
CA GLU I 126 1.06 -6.68 46.11
C GLU I 126 -0.38 -6.34 45.70
N ASN I 127 -1.29 -6.26 46.68
CA ASN I 127 -2.69 -5.86 46.43
C ASN I 127 -2.75 -4.65 45.48
N THR I 128 -2.05 -3.58 45.84
CA THR I 128 -2.02 -2.38 45.00
C THR I 128 -1.49 -2.61 43.57
N HIS I 129 -0.30 -3.19 43.44
CA HIS I 129 0.24 -3.52 42.10
C HIS I 129 -0.75 -4.37 41.28
N PHE I 130 -1.35 -5.37 41.91
CA PHE I 130 -2.29 -6.22 41.20
C PHE I 130 -3.51 -5.42 40.71
N THR I 131 -4.10 -4.64 41.60
CA THR I 131 -5.28 -3.87 41.22
C THR I 131 -4.99 -2.94 40.03
N VAL I 132 -3.90 -2.20 40.12
CA VAL I 132 -3.49 -1.29 39.05
C VAL I 132 -3.22 -2.05 37.75
N LEU I 133 -2.44 -3.13 37.84
CA LEU I 133 -2.16 -3.93 36.66
C LEU I 133 -3.44 -4.39 35.94
N ILE I 134 -4.41 -4.89 36.71
CA ILE I 134 -5.67 -5.33 36.12
C ILE I 134 -6.41 -4.15 35.49
N HIS I 135 -6.43 -3.01 36.17
CA HIS I 135 -7.19 -1.88 35.66
C HIS I 135 -6.57 -1.38 34.37
N GLU I 136 -5.24 -1.26 34.35
CA GLU I 136 -4.54 -0.83 33.15
C GLU I 136 -4.72 -1.80 31.98
N LEU I 137 -4.70 -3.11 32.25
CA LEU I 137 -4.98 -4.07 31.19
C LEU I 137 -6.38 -3.88 30.64
N ALA I 138 -7.36 -3.79 31.54
CA ALA I 138 -8.76 -3.60 31.15
C ALA I 138 -8.93 -2.36 30.26
N GLU I 139 -8.33 -1.24 30.66
CA GLU I 139 -8.45 0.00 29.90
C GLU I 139 -7.85 -0.16 28.52
N ALA I 140 -6.68 -0.78 28.46
CA ALA I 140 -6.00 -0.92 27.16
C ALA I 140 -6.75 -1.87 26.22
N PHE I 141 -7.30 -2.95 26.77
CA PHE I 141 -8.11 -3.86 25.98
C PHE I 141 -9.34 -3.16 25.41
N GLN I 142 -9.94 -2.27 26.18
CA GLN I 142 -11.11 -1.52 25.69
C GLN I 142 -10.68 -0.53 24.60
N LYS I 143 -9.56 0.13 24.81
CA LYS I 143 -9.04 1.11 23.89
C LYS I 143 -8.70 0.45 22.55
N ASP I 144 -8.05 -0.70 22.62
CA ASP I 144 -7.76 -1.52 21.46
C ASP I 144 -9.03 -1.93 20.72
N PHE I 145 -10.09 -2.21 21.49
CA PHE I 145 -11.37 -2.58 20.89
C PHE I 145 -11.96 -1.35 20.21
N THR I 146 -11.80 -0.22 20.87
CA THR I 146 -12.25 1.07 20.39
C THR I 146 -11.76 1.28 18.96
N LYS I 147 -10.48 1.02 18.73
CA LYS I 147 -9.85 1.26 17.43
C LYS I 147 -9.62 0.00 16.59
N SER I 148 -10.65 -0.83 16.43
CA SER I 148 -10.43 -2.16 15.86
C SER I 148 -11.72 -2.76 15.29
N THR I 149 -11.57 -3.76 14.42
CA THR I 149 -12.73 -4.45 13.85
C THR I 149 -12.99 -5.81 14.53
N LYS I 150 -11.99 -6.36 15.21
CA LYS I 150 -12.18 -7.62 15.93
C LYS I 150 -12.90 -7.40 17.26
N GLU I 151 -13.30 -8.52 17.89
CA GLU I 151 -13.93 -8.44 19.19
C GLU I 151 -12.90 -8.06 20.25
N ARG I 152 -13.38 -7.47 21.34
CA ARG I 152 -12.49 -7.02 22.39
C ARG I 152 -11.78 -8.20 23.06
N LEU I 153 -10.49 -8.04 23.35
CA LEU I 153 -9.75 -9.05 24.13
C LEU I 153 -10.34 -9.25 25.53
N LEU I 154 -10.52 -10.51 25.92
CA LEU I 154 -11.08 -10.82 27.23
C LEU I 154 -10.01 -10.73 28.33
N LEU I 155 -10.42 -10.30 29.52
CA LEU I 155 -9.52 -10.31 30.65
C LEU I 155 -10.14 -11.10 31.79
N THR I 156 -9.46 -12.13 32.23
CA THR I 156 -9.94 -12.95 33.34
C THR I 156 -8.83 -13.08 34.39
N ALA I 157 -9.17 -13.62 35.55
CA ALA I 157 -8.20 -13.90 36.61
C ALA I 157 -8.57 -15.15 37.39
N GLY I 158 -7.58 -16.01 37.57
CA GLY I 158 -7.71 -17.12 38.50
C GLY I 158 -7.42 -16.52 39.85
N VAL I 159 -8.33 -16.71 40.81
CA VAL I 159 -8.27 -16.00 42.08
C VAL I 159 -8.48 -16.96 43.25
N SER I 160 -7.92 -16.63 44.41
CA SER I 160 -8.04 -17.45 45.61
C SER I 160 -9.48 -17.68 46.06
N ALA I 161 -9.71 -18.88 46.60
CA ALA I 161 -10.98 -19.23 47.20
C ALA I 161 -10.90 -19.23 48.73
N GLY I 162 -9.75 -18.81 49.27
CA GLY I 162 -9.56 -18.79 50.74
C GLY I 162 -9.83 -17.40 51.28
N ARG I 163 -10.75 -17.30 52.23
CA ARG I 163 -11.22 -15.99 52.68
C ARG I 163 -10.11 -15.02 53.07
N GLN I 164 -9.16 -15.49 53.88
CA GLN I 164 -8.11 -14.61 54.37
C GLN I 164 -7.31 -14.04 53.21
N MET I 165 -6.97 -14.91 52.27
CA MET I 165 -6.21 -14.46 51.12
C MET I 165 -7.06 -13.55 50.22
N ILE I 166 -8.35 -13.86 50.11
CA ILE I 166 -9.26 -12.98 49.36
C ILE I 166 -9.25 -11.55 49.97
N ASP I 167 -9.41 -11.46 51.29
CA ASP I 167 -9.42 -10.15 51.97
C ASP I 167 -8.12 -9.39 51.73
N ASN I 168 -7.01 -10.09 51.86
CA ASN I 168 -5.68 -9.49 51.69
C ASN I 168 -5.37 -8.99 50.27
N SER I 169 -5.75 -9.78 49.28
CA SER I 169 -5.27 -9.60 47.91
C SER I 169 -6.07 -8.66 47.02
N TYR I 170 -7.40 -8.70 47.15
CA TYR I 170 -8.30 -8.20 46.10
C TYR I 170 -9.16 -7.00 46.48
N GLN I 171 -9.32 -6.10 45.50
CA GLN I 171 -10.32 -5.04 45.60
C GLN I 171 -11.46 -5.48 44.69
N VAL I 172 -12.45 -6.09 45.30
CA VAL I 172 -13.39 -6.94 44.59
C VAL I 172 -14.38 -6.21 43.67
N GLU I 173 -14.95 -5.09 44.14
CA GLU I 173 -15.87 -4.36 43.27
C GLU I 173 -15.17 -3.80 42.03
N LYS I 174 -13.90 -3.40 42.19
CA LYS I 174 -13.15 -2.91 41.05
C LYS I 174 -12.90 -4.05 40.08
N LEU I 175 -12.55 -5.22 40.62
CA LEU I 175 -12.31 -6.41 39.83
C LEU I 175 -13.58 -6.80 39.03
N ALA I 176 -14.75 -6.63 39.65
CA ALA I 176 -16.01 -6.94 38.97
C ALA I 176 -16.26 -6.09 37.73
N LYS I 177 -15.74 -4.87 37.70
CA LYS I 177 -15.86 -4.00 36.52
C LYS I 177 -14.75 -4.30 35.52
N ASP I 178 -13.56 -4.58 36.01
CA ASP I 178 -12.40 -4.72 35.12
C ASP I 178 -12.33 -6.08 34.45
N LEU I 179 -12.81 -7.13 35.10
CA LEU I 179 -12.69 -8.48 34.53
C LEU I 179 -13.95 -8.91 33.81
N ASP I 180 -13.81 -9.75 32.79
CA ASP I 180 -14.96 -10.38 32.18
C ASP I 180 -15.52 -11.46 33.09
N PHE I 181 -14.63 -12.17 33.78
CA PHE I 181 -15.02 -13.11 34.83
C PHE I 181 -13.84 -13.55 35.66
N ILE I 182 -14.11 -14.14 36.82
CA ILE I 182 -13.04 -14.79 37.57
C ILE I 182 -13.07 -16.29 37.37
N ASN I 183 -11.89 -16.90 37.41
CA ASN I 183 -11.77 -18.34 37.48
C ASN I 183 -11.50 -18.63 38.95
N LEU I 184 -12.56 -18.96 39.70
CA LEU I 184 -12.45 -19.16 41.14
C LEU I 184 -11.66 -20.45 41.40
N LEU I 185 -10.49 -20.33 42.03
CA LEU I 185 -9.66 -21.50 42.31
C LEU I 185 -10.20 -22.26 43.54
N SER I 186 -11.40 -22.81 43.38
CA SER I 186 -12.09 -23.49 44.48
C SER I 186 -11.64 -24.96 44.62
N PHE I 187 -10.36 -25.12 44.96
CA PHE I 187 -9.75 -26.40 45.27
C PHE I 187 -8.49 -26.06 46.07
N ASP I 188 -7.70 -27.06 46.43
CA ASP I 188 -6.58 -26.82 47.37
C ASP I 188 -7.08 -26.25 48.70
N PHE I 189 -8.27 -26.64 49.12
CA PHE I 189 -8.75 -26.20 50.44
C PHE I 189 -8.00 -26.91 51.57
N HIS I 190 -7.55 -28.13 51.29
CA HIS I 190 -6.81 -28.95 52.28
C HIS I 190 -5.71 -29.70 51.53
N GLY I 191 -4.61 -29.99 52.23
CA GLY I 191 -3.44 -30.62 51.61
C GLY I 191 -2.28 -30.68 52.60
N SER I 192 -1.15 -31.24 52.18
CA SER I 192 -0.08 -31.53 53.15
C SER I 192 0.72 -30.31 53.62
N TRP I 193 0.29 -29.11 53.24
CA TRP I 193 0.93 -27.91 53.72
C TRP I 193 0.38 -27.51 55.09
N GLU I 194 -0.72 -28.13 55.49
CA GLU I 194 -1.43 -27.70 56.71
C GLU I 194 -0.77 -28.15 58.00
N LYS I 195 -0.94 -27.34 59.05
CA LYS I 195 -0.50 -27.67 60.41
C LYS I 195 -1.59 -27.31 61.42
N PRO I 196 -1.97 -28.27 62.29
CA PRO I 196 -1.35 -29.59 62.33
C PRO I 196 -1.72 -30.39 61.08
N LEU I 197 -0.92 -31.40 60.75
CA LEU I 197 -1.11 -32.15 59.52
C LEU I 197 -2.12 -33.28 59.68
N ILE I 198 -3.34 -33.05 59.18
CA ILE I 198 -4.45 -33.99 59.28
C ILE I 198 -5.12 -34.10 57.90
N THR I 199 -5.84 -35.20 57.66
CA THR I 199 -6.49 -35.39 56.37
C THR I 199 -7.62 -34.38 56.20
N GLY I 200 -7.77 -33.88 54.98
CA GLY I 200 -8.88 -33.03 54.60
C GLY I 200 -9.08 -33.18 53.11
N HIS I 201 -10.26 -32.84 52.61
CA HIS I 201 -10.55 -32.99 51.19
C HIS I 201 -10.07 -31.79 50.37
N ASN I 202 -9.44 -32.06 49.23
CA ASN I 202 -9.02 -31.01 48.28
C ASN I 202 -10.08 -29.95 47.90
N SER I 203 -11.32 -30.40 47.69
CA SER I 203 -12.37 -29.51 47.18
C SER I 203 -13.76 -29.95 47.63
N PRO I 204 -14.05 -29.77 48.94
CA PRO I 204 -15.39 -30.15 49.40
C PRO I 204 -16.38 -29.09 48.96
N LEU I 205 -17.59 -29.52 48.60
CA LEU I 205 -18.60 -28.54 48.22
C LEU I 205 -19.07 -27.73 49.42
N SER I 206 -19.23 -28.39 50.56
CA SER I 206 -19.83 -27.78 51.74
C SER I 206 -18.99 -28.08 52.97
N LYS I 207 -19.22 -27.35 54.05
CA LYS I 207 -18.47 -27.58 55.30
C LYS I 207 -18.85 -28.92 55.90
N GLY I 208 -17.99 -29.43 56.78
CA GLY I 208 -18.35 -30.63 57.52
C GLY I 208 -19.32 -30.26 58.61
N TRP I 209 -20.21 -31.18 58.95
CA TRP I 209 -21.14 -30.93 60.03
C TRP I 209 -20.47 -30.36 61.30
N GLN I 210 -19.24 -30.81 61.60
CA GLN I 210 -18.54 -30.39 62.82
C GLN I 210 -17.81 -29.03 62.75
N ASP I 211 -17.72 -28.46 61.55
CA ASP I 211 -16.97 -27.23 61.31
C ASP I 211 -17.64 -25.97 61.87
N ARG I 212 -16.88 -25.25 62.70
CA ARG I 212 -17.28 -23.97 63.25
C ARG I 212 -16.17 -22.96 63.03
N GLY I 213 -16.52 -21.67 63.06
CA GLY I 213 -15.53 -20.61 62.99
C GLY I 213 -14.83 -20.61 61.65
N PRO I 214 -13.52 -20.30 61.63
CA PRO I 214 -12.81 -20.20 60.36
C PRO I 214 -12.69 -21.52 59.59
N SER I 215 -12.81 -22.65 60.29
CA SER I 215 -12.74 -23.92 59.57
C SER I 215 -13.94 -24.08 58.63
N SER I 216 -15.03 -23.36 58.89
CA SER I 216 -16.20 -23.44 57.99
C SER I 216 -16.03 -22.64 56.69
N TYR I 217 -14.90 -21.96 56.52
CA TYR I 217 -14.61 -21.23 55.26
C TYR I 217 -14.03 -22.10 54.16
N TYR I 218 -13.55 -23.29 54.49
CA TYR I 218 -12.76 -24.08 53.56
C TYR I 218 -13.57 -25.02 52.66
N ASN I 219 -14.44 -24.43 51.84
CA ASN I 219 -15.27 -25.19 50.95
C ASN I 219 -15.79 -24.33 49.83
N VAL I 220 -16.21 -24.97 48.74
CA VAL I 220 -16.62 -24.26 47.54
C VAL I 220 -17.77 -23.30 47.83
N GLU I 221 -18.80 -23.80 48.49
CA GLU I 221 -19.99 -23.05 48.83
C GLU I 221 -19.62 -21.74 49.52
N TYR I 222 -18.77 -21.81 50.55
CA TYR I 222 -18.39 -20.58 51.23
C TYR I 222 -17.63 -19.62 50.31
N ALA I 223 -16.67 -20.15 49.56
CA ALA I 223 -15.85 -19.29 48.71
C ALA I 223 -16.72 -18.56 47.69
N VAL I 224 -17.63 -19.31 47.07
CA VAL I 224 -18.55 -18.70 46.11
C VAL I 224 -19.41 -17.62 46.76
N GLY I 225 -20.02 -17.94 47.90
CA GLY I 225 -20.83 -16.94 48.60
C GLY I 225 -20.04 -15.70 49.03
N TYR I 226 -18.79 -15.90 49.44
CA TYR I 226 -17.95 -14.77 49.88
C TYR I 226 -17.57 -13.83 48.73
N TRP I 227 -17.14 -14.38 47.59
CA TRP I 227 -16.92 -13.55 46.39
C TRP I 227 -18.15 -12.72 45.97
N ILE I 228 -19.33 -13.35 46.00
CA ILE I 228 -20.57 -12.64 45.67
C ILE I 228 -20.83 -11.54 46.71
N HIS I 229 -20.70 -11.89 47.98
CA HIS I 229 -20.91 -10.91 49.04
C HIS I 229 -19.94 -9.72 48.88
N LYS I 230 -18.71 -9.98 48.46
CA LYS I 230 -17.73 -8.90 48.32
C LYS I 230 -17.95 -8.02 47.07
N GLY I 231 -18.83 -8.46 46.17
CA GLY I 231 -19.28 -7.61 45.06
C GLY I 231 -19.11 -8.21 43.67
N MET I 232 -18.71 -9.47 43.57
CA MET I 232 -18.59 -10.07 42.25
C MET I 232 -19.99 -10.58 41.88
N PRO I 233 -20.56 -10.13 40.73
CA PRO I 233 -21.83 -10.69 40.26
C PRO I 233 -21.73 -12.20 40.11
N SER I 234 -22.80 -12.90 40.49
CA SER I 234 -22.76 -14.34 40.42
C SER I 234 -22.40 -14.79 38.99
N GLU I 235 -22.86 -14.04 37.99
CA GLU I 235 -22.65 -14.47 36.60
C GLU I 235 -21.20 -14.37 36.18
N LYS I 236 -20.42 -13.56 36.91
CA LYS I 236 -18.99 -13.48 36.64
C LYS I 236 -18.15 -14.49 37.41
N VAL I 237 -18.79 -15.28 38.27
CA VAL I 237 -18.03 -16.32 38.97
C VAL I 237 -18.04 -17.62 38.15
N VAL I 238 -16.88 -18.04 37.66
CA VAL I 238 -16.81 -19.35 37.04
C VAL I 238 -16.14 -20.29 38.02
N MET I 239 -16.90 -21.31 38.46
CA MET I 239 -16.52 -22.10 39.63
C MET I 239 -15.53 -23.22 39.30
N GLY I 240 -14.36 -23.17 39.93
CA GLY I 240 -13.31 -24.15 39.72
C GLY I 240 -13.66 -25.53 40.22
N ILE I 241 -13.32 -26.53 39.41
CA ILE I 241 -13.50 -27.95 39.73
C ILE I 241 -12.20 -28.68 39.39
N PRO I 242 -11.66 -29.48 40.32
CA PRO I 242 -10.36 -30.11 40.05
C PRO I 242 -10.50 -31.51 39.46
N THR I 243 -9.53 -31.90 38.63
CA THR I 243 -9.50 -33.25 38.10
C THR I 243 -8.40 -34.04 38.82
N TYR I 244 -7.81 -33.45 39.85
CA TYR I 244 -6.81 -34.14 40.65
C TYR I 244 -7.34 -34.24 42.09
N GLY I 245 -6.72 -35.07 42.92
CA GLY I 245 -7.06 -35.12 44.34
C GLY I 245 -5.81 -34.89 45.17
N HIS I 246 -5.98 -34.65 46.48
CA HIS I 246 -4.80 -34.55 47.37
C HIS I 246 -4.75 -35.76 48.27
N SER I 247 -3.54 -36.29 48.42
CA SER I 247 -3.29 -37.53 49.12
C SER I 247 -2.44 -37.31 50.39
N PHE I 248 -2.65 -38.18 51.37
CA PHE I 248 -1.91 -38.13 52.63
C PHE I 248 -1.42 -39.52 52.95
N THR I 249 -0.32 -39.60 53.68
CA THR I 249 0.07 -40.82 54.37
C THR I 249 -0.48 -40.80 55.79
N LEU I 250 -1.25 -41.83 56.18
CA LEU I 250 -1.88 -41.82 57.52
C LEU I 250 -0.87 -42.15 58.60
N ALA I 251 -0.92 -41.42 59.71
CA ALA I 251 0.00 -41.65 60.81
C ALA I 251 -0.52 -42.65 61.83
N SER I 252 -1.78 -43.08 61.71
CA SER I 252 -2.37 -44.01 62.68
C SER I 252 -3.40 -44.90 62.01
N ALA I 253 -4.13 -45.65 62.83
CA ALA I 253 -5.21 -46.54 62.35
C ALA I 253 -6.45 -45.78 61.86
N GLU I 254 -6.59 -44.53 62.30
CA GLU I 254 -7.74 -43.70 62.01
C GLU I 254 -7.78 -43.30 60.53
N THR I 255 -8.94 -43.45 59.89
CA THR I 255 -9.02 -43.24 58.44
C THR I 255 -10.03 -42.15 58.03
N THR I 256 -10.58 -41.44 59.01
CA THR I 256 -11.63 -40.45 58.77
C THR I 256 -11.05 -39.10 58.34
N VAL I 257 -11.93 -38.16 57.97
CA VAL I 257 -11.51 -36.78 57.76
C VAL I 257 -10.94 -36.28 59.08
N GLY I 258 -9.85 -35.50 59.02
CA GLY I 258 -9.22 -34.99 60.25
C GLY I 258 -8.32 -35.99 60.97
N ALA I 259 -8.15 -37.17 60.39
CA ALA I 259 -7.24 -38.14 61.00
C ALA I 259 -5.80 -37.64 60.84
N PRO I 260 -4.91 -38.00 61.79
CA PRO I 260 -3.52 -37.53 61.68
C PRO I 260 -2.76 -38.13 60.48
N ALA I 261 -1.88 -37.32 59.89
CA ALA I 261 -1.11 -37.77 58.75
C ALA I 261 0.36 -37.44 58.99
N SER I 262 1.25 -38.29 58.47
CA SER I 262 2.70 -38.10 58.63
C SER I 262 3.31 -37.24 57.52
N GLY I 263 2.57 -37.01 56.43
CA GLY I 263 3.10 -36.28 55.27
C GLY I 263 2.20 -36.46 54.07
N PRO I 264 2.69 -36.10 52.87
CA PRO I 264 1.85 -36.28 51.66
C PRO I 264 1.72 -37.78 51.35
N GLY I 265 0.75 -38.16 50.52
CA GLY I 265 0.66 -39.53 50.06
C GLY I 265 1.80 -39.84 49.11
N ALA I 266 2.05 -41.13 48.87
CA ALA I 266 3.10 -41.51 47.92
C ALA I 266 2.82 -40.88 46.56
N ALA I 267 3.87 -40.46 45.87
CA ALA I 267 3.74 -39.92 44.51
C ALA I 267 3.10 -40.96 43.59
N GLY I 268 2.28 -40.50 42.65
CA GLY I 268 1.77 -41.37 41.58
C GLY I 268 2.83 -41.70 40.52
N PRO I 269 2.67 -42.82 39.81
CA PRO I 269 3.70 -43.21 38.86
C PRO I 269 3.83 -42.28 37.64
N ILE I 270 2.81 -41.47 37.36
CA ILE I 270 2.82 -40.60 36.17
C ILE I 270 3.08 -39.13 36.51
N THR I 271 2.38 -38.59 37.51
CA THR I 271 2.58 -37.20 37.89
C THR I 271 3.81 -37.02 38.78
N GLU I 272 4.25 -38.08 39.46
CA GLU I 272 5.49 -38.05 40.24
C GLU I 272 5.61 -36.83 41.16
N SER I 273 4.56 -36.58 41.93
CA SER I 273 4.55 -35.44 42.83
C SER I 273 3.81 -35.77 44.12
N SER I 274 4.56 -36.11 45.17
CA SER I 274 3.96 -36.56 46.41
C SER I 274 3.01 -35.51 46.92
N GLY I 275 1.74 -35.88 47.13
CA GLY I 275 0.74 -34.91 47.60
C GLY I 275 -0.50 -34.80 46.72
N PHE I 276 -0.35 -35.13 45.44
CA PHE I 276 -1.52 -35.17 44.56
C PHE I 276 -1.46 -36.30 43.55
N LEU I 277 -2.61 -36.58 42.93
CA LEU I 277 -2.74 -37.61 41.91
C LEU I 277 -3.66 -37.03 40.84
N ALA I 278 -3.38 -37.33 39.57
CA ALA I 278 -4.32 -36.98 38.51
C ALA I 278 -5.45 -37.99 38.54
N TYR I 279 -6.59 -37.68 37.94
CA TYR I 279 -7.70 -38.59 37.91
C TYR I 279 -7.36 -39.95 37.27
N TYR I 280 -6.56 -39.93 36.20
CA TYR I 280 -6.20 -41.19 35.57
C TYR I 280 -5.34 -42.06 36.50
N GLU I 281 -4.78 -41.48 37.55
CA GLU I 281 -4.05 -42.25 38.55
C GLU I 281 -4.99 -42.67 39.68
N ILE I 282 -5.94 -41.79 40.00
CA ILE I 282 -6.91 -42.10 41.04
C ILE I 282 -7.71 -43.35 40.68
N CYS I 283 -8.11 -43.46 39.41
CA CYS I 283 -8.86 -44.64 38.93
C CYS I 283 -8.08 -45.92 39.22
N GLN I 284 -6.78 -45.87 39.10
CA GLN I 284 -5.95 -47.03 39.45
C GLN I 284 -5.90 -47.25 40.98
N PHE I 285 -5.63 -46.18 41.72
CA PHE I 285 -5.59 -46.23 43.20
C PHE I 285 -6.87 -46.86 43.79
N LEU I 286 -8.02 -46.54 43.23
CA LEU I 286 -9.31 -46.98 43.77
C LEU I 286 -9.50 -48.48 43.74
N LYS I 287 -8.75 -49.15 42.88
CA LYS I 287 -8.81 -50.61 42.82
C LYS I 287 -8.20 -51.19 44.09
N GLY I 288 -9.04 -51.88 44.87
CA GLY I 288 -8.60 -52.39 46.16
C GLY I 288 -8.83 -51.44 47.31
N ALA I 289 -9.31 -50.22 47.01
CA ALA I 289 -9.50 -49.16 48.00
C ALA I 289 -10.91 -49.18 48.57
N LYS I 290 -11.07 -48.57 49.75
CA LYS I 290 -12.40 -48.37 50.29
C LYS I 290 -12.80 -46.91 50.10
N ILE I 291 -13.94 -46.71 49.45
CA ILE I 291 -14.46 -45.39 49.13
C ILE I 291 -15.54 -45.01 50.14
N THR I 292 -15.43 -43.79 50.66
CA THR I 292 -16.46 -43.22 51.52
C THR I 292 -16.93 -41.91 50.91
N ARG I 293 -18.24 -41.74 50.79
CA ARG I 293 -18.79 -40.46 50.34
C ARG I 293 -19.24 -39.64 51.55
N LEU I 294 -18.70 -38.43 51.70
CA LEU I 294 -19.07 -37.56 52.80
C LEU I 294 -20.46 -36.97 52.55
N GLN I 295 -21.41 -37.28 53.42
CA GLN I 295 -22.77 -36.81 53.24
C GLN I 295 -22.85 -35.31 53.43
N ASP I 296 -22.03 -34.79 54.33
CA ASP I 296 -22.02 -33.37 54.58
C ASP I 296 -21.25 -32.62 53.49
N GLN I 297 -20.05 -33.07 53.17
CA GLN I 297 -19.22 -32.31 52.24
C GLN I 297 -19.53 -32.58 50.76
N GLN I 298 -20.23 -33.68 50.50
CA GLN I 298 -20.75 -34.03 49.16
C GLN I 298 -19.66 -34.49 48.19
N VAL I 299 -18.57 -35.03 48.74
CA VAL I 299 -17.44 -35.50 47.94
C VAL I 299 -16.86 -36.78 48.53
N PRO I 300 -16.14 -37.55 47.71
CA PRO I 300 -15.59 -38.82 48.18
C PRO I 300 -14.15 -38.75 48.66
N TYR I 301 -13.79 -39.68 49.53
CA TYR I 301 -12.38 -39.97 49.76
C TYR I 301 -12.19 -41.47 49.73
N ALA I 302 -10.96 -41.90 49.50
CA ALA I 302 -10.66 -43.33 49.41
C ALA I 302 -9.45 -43.66 50.25
N VAL I 303 -9.46 -44.86 50.83
CA VAL I 303 -8.34 -45.32 51.63
C VAL I 303 -7.86 -46.67 51.14
N LYS I 304 -6.55 -46.86 51.09
CA LYS I 304 -5.97 -48.16 50.76
C LYS I 304 -4.65 -48.23 51.51
N GLY I 305 -4.47 -49.25 52.34
CA GLY I 305 -3.29 -49.32 53.20
C GLY I 305 -3.24 -48.07 54.07
N ASN I 306 -2.09 -47.39 54.08
CA ASN I 306 -1.97 -46.14 54.83
C ASN I 306 -2.07 -44.89 53.94
N GLN I 307 -2.62 -45.05 52.74
CA GLN I 307 -2.82 -43.94 51.82
C GLN I 307 -4.27 -43.44 51.87
N TRP I 308 -4.43 -42.12 51.92
CA TRP I 308 -5.74 -41.49 52.04
C TRP I 308 -5.81 -40.43 50.94
N VAL I 309 -6.82 -40.53 50.09
CA VAL I 309 -6.95 -39.61 48.97
C VAL I 309 -8.34 -38.98 48.90
N GLY I 310 -8.41 -37.65 48.91
CA GLY I 310 -9.67 -36.94 48.66
C GLY I 310 -9.69 -36.46 47.21
N TYR I 311 -10.76 -36.78 46.47
CA TYR I 311 -10.79 -36.51 45.03
C TYR I 311 -12.20 -36.19 44.57
N ASP I 312 -12.34 -35.83 43.29
CA ASP I 312 -13.67 -35.62 42.71
C ASP I 312 -13.95 -36.67 41.67
N ASP I 313 -15.21 -37.08 41.54
CA ASP I 313 -15.59 -38.06 40.53
C ASP I 313 -16.83 -37.58 39.77
N VAL I 314 -17.33 -38.38 38.85
CA VAL I 314 -18.52 -37.99 38.09
C VAL I 314 -19.68 -37.55 39.01
N LYS I 315 -19.95 -38.30 40.07
CA LYS I 315 -21.05 -37.95 40.98
C LYS I 315 -20.82 -36.64 41.72
N SER I 316 -19.61 -36.42 42.21
CA SER I 316 -19.37 -35.17 42.94
C SER I 316 -19.44 -33.96 41.98
N MET I 317 -19.01 -34.15 40.75
CA MET I 317 -19.06 -33.06 39.81
C MET I 317 -20.48 -32.73 39.35
N GLU I 318 -21.32 -33.74 39.19
CA GLU I 318 -22.74 -33.49 38.93
C GLU I 318 -23.41 -32.67 40.04
N THR I 319 -23.14 -33.02 41.30
CA THR I 319 -23.67 -32.26 42.42
C THR I 319 -23.13 -30.82 42.37
N LYS I 320 -21.84 -30.65 42.10
CA LYS I 320 -21.29 -29.31 41.99
C LYS I 320 -21.89 -28.49 40.87
N VAL I 321 -22.22 -29.14 39.75
CA VAL I 321 -22.86 -28.42 38.66
C VAL I 321 -24.30 -28.00 39.04
N GLN I 322 -25.02 -28.86 39.76
CA GLN I 322 -26.36 -28.48 40.25
C GLN I 322 -26.25 -27.22 41.12
N PHE I 323 -25.27 -27.23 42.00
CA PHE I 323 -24.99 -26.08 42.86
C PHE I 323 -24.78 -24.80 42.04
N LEU I 324 -23.86 -24.84 41.07
CA LEU I 324 -23.50 -23.62 40.35
C LEU I 324 -24.71 -23.08 39.59
N LYS I 325 -25.53 -23.98 39.05
CA LYS I 325 -26.74 -23.53 38.39
C LYS I 325 -27.67 -22.88 39.39
N ASN I 326 -27.77 -23.45 40.59
CA ASN I 326 -28.72 -22.94 41.58
C ASN I 326 -28.31 -21.56 42.06
N LEU I 327 -27.01 -21.30 42.05
CA LEU I 327 -26.50 -20.00 42.46
C LEU I 327 -26.30 -19.01 41.32
N ASN I 328 -26.81 -19.35 40.13
CA ASN I 328 -26.73 -18.46 38.96
C ASN I 328 -25.29 -18.04 38.63
N LEU I 329 -24.35 -18.98 38.71
CA LEU I 329 -22.95 -18.67 38.42
C LEU I 329 -22.69 -18.67 36.91
N GLY I 330 -21.53 -18.21 36.49
CA GLY I 330 -21.29 -18.03 35.07
C GLY I 330 -21.00 -19.38 34.42
N GLY I 331 -20.65 -20.36 35.24
CA GLY I 331 -20.34 -21.70 34.71
C GLY I 331 -19.30 -22.42 35.53
N ALA I 332 -18.60 -23.38 34.91
CA ALA I 332 -17.57 -24.17 35.57
C ALA I 332 -16.21 -23.98 34.92
N MET I 333 -15.18 -24.03 35.74
CA MET I 333 -13.82 -24.05 35.26
C MET I 333 -13.14 -25.34 35.69
N ILE I 334 -12.23 -25.83 34.85
CA ILE I 334 -11.55 -27.09 35.13
C ILE I 334 -10.04 -26.89 35.28
N TRP I 335 -9.51 -27.30 36.42
CA TRP I 335 -8.05 -27.45 36.57
C TRP I 335 -7.72 -28.93 36.83
N SER I 336 -7.17 -29.63 35.84
CA SER I 336 -6.96 -29.13 34.49
C SER I 336 -7.31 -30.30 33.54
N ILE I 337 -7.66 -30.00 32.29
CA ILE I 337 -8.18 -31.05 31.44
C ILE I 337 -7.10 -32.09 31.09
N ASP I 338 -5.82 -31.70 31.15
CA ASP I 338 -4.77 -32.73 30.98
C ASP I 338 -4.65 -33.73 32.17
N MET I 339 -5.46 -33.55 33.21
CA MET I 339 -5.45 -34.50 34.34
C MET I 339 -6.74 -35.35 34.46
N ASP I 340 -7.73 -35.05 33.62
CA ASP I 340 -8.82 -35.98 33.35
C ASP I 340 -8.22 -37.16 32.56
N ASP I 341 -8.95 -38.26 32.41
CA ASP I 341 -8.52 -39.35 31.53
C ASP I 341 -8.79 -38.95 30.09
N PHE I 342 -8.00 -38.02 29.57
CA PHE I 342 -8.23 -37.44 28.25
C PHE I 342 -8.14 -38.46 27.11
N THR I 343 -7.24 -39.42 27.22
CA THR I 343 -7.18 -40.51 26.25
C THR I 343 -8.28 -41.56 26.44
N GLY I 344 -8.83 -41.66 27.65
CA GLY I 344 -9.79 -42.73 27.95
C GLY I 344 -9.16 -44.09 28.22
N LYS I 345 -7.83 -44.16 28.22
CA LYS I 345 -7.16 -45.46 28.35
C LYS I 345 -6.81 -45.91 29.77
N SER I 346 -7.29 -45.21 30.80
CA SER I 346 -7.00 -45.63 32.17
C SER I 346 -8.24 -46.00 33.00
N CYS I 347 -9.27 -45.16 32.95
CA CYS I 347 -10.39 -45.28 33.87
C CYS I 347 -11.59 -46.08 33.38
N ASN I 348 -11.58 -46.47 32.12
CA ASN I 348 -12.68 -47.24 31.61
C ASN I 348 -14.01 -46.47 31.71
N GLN I 349 -13.95 -45.18 31.37
CA GLN I 349 -15.16 -44.34 31.35
C GLN I 349 -15.22 -43.50 30.08
N GLY I 350 -14.49 -43.88 29.03
CA GLY I 350 -14.46 -43.12 27.78
C GLY I 350 -13.52 -41.92 27.89
N PRO I 351 -13.30 -41.20 26.77
CA PRO I 351 -12.42 -40.03 26.82
C PRO I 351 -13.01 -38.87 27.64
N TYR I 352 -12.13 -38.16 28.34
CA TYR I 352 -12.53 -37.02 29.16
C TYR I 352 -13.79 -37.29 30.00
N PRO I 353 -13.78 -38.35 30.83
CA PRO I 353 -15.00 -38.70 31.58
C PRO I 353 -15.44 -37.59 32.54
N LEU I 354 -14.49 -36.94 33.21
CA LEU I 354 -14.90 -35.91 34.18
C LEU I 354 -15.41 -34.67 33.45
N VAL I 355 -14.69 -34.23 32.42
CA VAL I 355 -15.09 -33.00 31.76
C VAL I 355 -16.37 -33.20 30.96
N GLN I 356 -16.54 -34.39 30.39
CA GLN I 356 -17.76 -34.69 29.65
C GLN I 356 -18.97 -34.73 30.58
N ALA I 357 -18.78 -35.26 31.79
CA ALA I 357 -19.82 -35.25 32.82
C ALA I 357 -20.24 -33.81 33.19
N VAL I 358 -19.26 -32.92 33.32
CA VAL I 358 -19.52 -31.51 33.59
C VAL I 358 -20.27 -30.87 32.42
N LYS I 359 -19.78 -31.12 31.20
CA LYS I 359 -20.42 -30.55 30.02
C LYS I 359 -21.87 -31.00 29.93
N ARG I 360 -22.08 -32.28 30.18
CA ARG I 360 -23.42 -32.89 30.14
C ARG I 360 -24.35 -32.28 31.18
N SER I 361 -23.83 -32.07 32.38
CA SER I 361 -24.65 -31.52 33.45
C SER I 361 -25.00 -30.06 33.17
N LEU I 362 -24.07 -29.32 32.57
CA LEU I 362 -24.30 -27.93 32.25
C LEU I 362 -25.35 -27.73 31.15
N GLY I 363 -25.41 -28.67 30.22
CA GLY I 363 -26.23 -28.48 29.02
C GLY I 363 -27.63 -28.98 29.16
N SER I 364 -27.96 -29.58 30.29
CA SER I 364 -29.32 -30.08 30.47
C SER I 364 -30.10 -29.29 31.51
N ALA J 1 40.10 52.32 -21.15
CA ALA J 1 39.33 53.61 -21.23
C ALA J 1 38.11 53.57 -20.32
N TYR J 2 37.87 54.68 -19.63
CA TYR J 2 36.72 54.75 -18.75
C TYR J 2 35.39 54.59 -19.48
N LYS J 3 34.45 53.93 -18.83
CA LYS J 3 33.10 53.80 -19.35
C LYS J 3 32.23 54.97 -18.87
N LEU J 4 31.23 55.32 -19.67
CA LEU J 4 30.18 56.24 -19.26
C LEU J 4 28.85 55.54 -19.54
N VAL J 5 28.28 55.01 -18.47
CA VAL J 5 27.10 54.17 -18.56
C VAL J 5 25.85 54.96 -18.22
N CYS J 6 24.93 55.05 -19.17
CA CYS J 6 23.80 55.94 -19.01
C CYS J 6 22.45 55.22 -19.01
N TYR J 7 21.80 55.21 -17.85
CA TYR J 7 20.43 54.72 -17.78
C TYR J 7 19.48 55.77 -18.40
N PHE J 8 18.46 55.30 -19.11
CA PHE J 8 17.33 56.12 -19.51
C PHE J 8 16.05 55.34 -19.21
N THR J 9 14.91 56.03 -19.12
CA THR J 9 13.72 55.41 -18.52
C THR J 9 12.54 55.46 -19.48
N ASN J 10 11.64 54.50 -19.34
CA ASN J 10 10.55 54.42 -20.26
C ASN J 10 9.44 55.39 -19.88
N TRP J 11 9.31 55.68 -18.58
CA TRP J 11 8.19 56.54 -18.11
C TRP J 11 8.39 58.04 -18.35
N SER J 12 9.60 58.44 -18.75
CA SER J 12 9.85 59.87 -18.96
C SER J 12 9.10 60.39 -20.18
N GLN J 13 8.64 59.48 -21.04
CA GLN J 13 7.89 59.88 -22.24
C GLN J 13 6.55 60.52 -21.87
N ASP J 14 6.05 60.22 -20.67
CA ASP J 14 4.75 60.72 -20.22
C ASP J 14 4.80 62.08 -19.53
N ARG J 15 6.00 62.63 -19.36
CA ARG J 15 6.15 64.00 -18.83
C ARG J 15 5.93 65.04 -19.94
N GLN J 16 5.84 66.32 -19.56
CA GLN J 16 5.72 67.45 -20.49
C GLN J 16 7.06 68.20 -20.56
N GLU J 17 7.26 69.08 -21.55
CA GLU J 17 8.55 69.79 -21.68
C GLU J 17 8.86 70.73 -20.51
N PRO J 18 10.16 70.85 -20.15
CA PRO J 18 11.28 70.23 -20.86
C PRO J 18 11.60 68.81 -20.40
N GLY J 19 10.56 68.07 -20.00
CA GLY J 19 10.76 66.74 -19.40
C GLY J 19 10.35 65.54 -20.23
N LYS J 20 9.58 65.77 -21.29
CA LYS J 20 9.15 64.67 -22.17
C LYS J 20 10.36 64.14 -22.93
N PHE J 21 10.72 62.89 -22.62
CA PHE J 21 11.90 62.28 -23.21
C PHE J 21 11.53 61.01 -23.96
N THR J 22 12.04 60.87 -25.19
CA THR J 22 12.00 59.58 -25.87
C THR J 22 13.42 59.22 -26.32
N PRO J 23 13.62 57.95 -26.73
CA PRO J 23 14.94 57.51 -27.19
C PRO J 23 15.49 58.39 -28.31
N GLU J 24 14.63 59.05 -29.07
CA GLU J 24 15.10 59.97 -30.11
C GLU J 24 15.85 61.17 -29.55
N ASN J 25 15.70 61.43 -28.24
CA ASN J 25 16.41 62.55 -27.62
C ASN J 25 17.86 62.19 -27.31
N ILE J 26 18.21 60.93 -27.53
CA ILE J 26 19.50 60.40 -27.12
C ILE J 26 20.58 60.75 -28.12
N ASP J 27 21.70 61.24 -27.62
CA ASP J 27 22.86 61.56 -28.42
C ASP J 27 23.71 60.30 -28.50
N PRO J 28 23.94 59.79 -29.71
CA PRO J 28 24.63 58.49 -29.84
C PRO J 28 26.09 58.50 -29.40
N PHE J 29 26.71 59.67 -29.32
CA PHE J 29 28.10 59.77 -28.90
C PHE J 29 28.25 60.28 -27.47
N LEU J 30 27.14 60.44 -26.75
CA LEU J 30 27.19 60.96 -25.38
C LEU J 30 27.88 59.97 -24.42
N CYS J 31 27.41 58.74 -24.44
CA CYS J 31 27.78 57.72 -23.48
C CYS J 31 28.45 56.55 -24.24
N SER J 32 29.17 55.69 -23.52
CA SER J 32 29.71 54.46 -24.11
C SER J 32 28.71 53.32 -24.04
N HIS J 33 27.83 53.36 -23.02
CA HIS J 33 26.83 52.33 -22.83
C HIS J 33 25.51 53.01 -22.45
N LEU J 34 24.41 52.60 -23.07
CA LEU J 34 23.10 53.07 -22.68
C LEU J 34 22.32 51.92 -22.07
N ILE J 35 21.47 52.20 -21.09
CA ILE J 35 20.66 51.13 -20.50
C ILE J 35 19.19 51.54 -20.41
N TYR J 36 18.33 50.74 -21.04
CA TYR J 36 16.88 50.97 -21.05
C TYR J 36 16.27 50.44 -19.76
N SER J 37 15.48 51.28 -19.08
CA SER J 37 14.84 50.90 -17.81
C SER J 37 13.33 51.04 -17.91
N PHE J 38 12.54 50.00 -17.60
CA PHE J 38 12.96 48.64 -17.31
C PHE J 38 12.07 47.69 -18.11
N ALA J 39 12.64 46.52 -18.45
CA ALA J 39 11.86 45.41 -18.98
C ALA J 39 11.12 44.75 -17.82
N SER J 40 10.16 43.91 -18.14
CA SER J 40 9.45 43.16 -17.12
C SER J 40 9.54 41.65 -17.40
N ILE J 41 8.79 40.86 -16.64
CA ILE J 41 8.80 39.42 -16.80
C ILE J 41 7.37 38.93 -16.73
N GLU J 42 6.95 38.20 -17.74
CA GLU J 42 5.62 37.65 -17.79
C GLU J 42 5.72 36.20 -18.22
N ASN J 43 5.08 35.31 -17.48
CA ASN J 43 5.17 33.89 -17.79
C ASN J 43 6.63 33.44 -17.88
N ASN J 44 7.44 33.94 -16.94
CA ASN J 44 8.87 33.65 -16.84
C ASN J 44 9.72 34.07 -18.04
N LYS J 45 9.23 34.98 -18.88
CA LYS J 45 10.03 35.39 -20.02
C LYS J 45 10.15 36.90 -20.06
N VAL J 46 11.21 37.41 -20.67
CA VAL J 46 11.40 38.85 -20.70
C VAL J 46 10.39 39.48 -21.65
N ILE J 47 9.82 40.61 -21.25
CA ILE J 47 8.97 41.39 -22.14
C ILE J 47 9.26 42.86 -21.88
N ILE J 48 8.97 43.70 -22.86
CA ILE J 48 9.00 45.15 -22.64
C ILE J 48 7.55 45.64 -22.69
N LYS J 49 7.09 46.33 -21.65
CA LYS J 49 5.79 46.97 -21.76
C LYS J 49 6.00 48.45 -21.96
N ASP J 50 5.86 48.86 -23.22
CA ASP J 50 6.14 50.23 -23.61
C ASP J 50 5.25 50.54 -24.78
N LYS J 51 4.45 51.59 -24.67
CA LYS J 51 3.61 51.91 -25.82
C LYS J 51 4.43 52.43 -27.00
N SER J 52 5.69 52.80 -26.76
CA SER J 52 6.56 53.21 -27.86
C SER J 52 7.56 52.14 -28.26
N GLU J 53 7.19 50.88 -28.04
CA GLU J 53 8.12 49.78 -28.27
C GLU J 53 8.70 49.77 -29.69
N VAL J 54 7.86 50.08 -30.67
CA VAL J 54 8.27 50.06 -32.08
C VAL J 54 9.34 51.14 -32.38
N MET J 55 9.09 52.35 -31.89
CA MET J 55 10.06 53.44 -31.99
C MET J 55 11.35 53.05 -31.24
N LEU J 56 11.22 52.44 -30.08
CA LEU J 56 12.42 52.04 -29.32
C LEU J 56 13.38 51.22 -30.19
N TYR J 57 12.88 50.15 -30.80
CA TYR J 57 13.77 49.25 -31.54
C TYR J 57 14.38 49.97 -32.74
N GLN J 58 13.57 50.77 -33.43
CA GLN J 58 14.04 51.57 -34.54
C GLN J 58 15.12 52.55 -34.10
N THR J 59 14.94 53.16 -32.93
CA THR J 59 15.92 54.11 -32.43
C THR J 59 17.21 53.41 -32.00
N ILE J 60 17.09 52.26 -31.32
CA ILE J 60 18.28 51.45 -30.99
C ILE J 60 19.15 51.17 -32.24
N ASN J 61 18.51 50.75 -33.32
CA ASN J 61 19.24 50.44 -34.56
C ASN J 61 19.91 51.69 -35.16
N SER J 62 19.14 52.77 -35.23
CA SER J 62 19.64 54.08 -35.66
C SER J 62 20.88 54.54 -34.86
N LEU J 63 20.76 54.53 -33.53
CA LEU J 63 21.86 54.95 -32.66
C LEU J 63 23.14 54.13 -32.91
N LYS J 64 22.99 52.82 -33.07
CA LYS J 64 24.14 51.92 -33.19
C LYS J 64 24.77 51.95 -34.59
N THR J 65 23.97 52.31 -35.59
CA THR J 65 24.47 52.57 -36.94
C THR J 65 25.34 53.83 -36.88
N LYS J 66 24.78 54.88 -36.29
CA LYS J 66 25.52 56.14 -36.17
C LYS J 66 26.81 55.97 -35.37
N ASN J 67 26.75 55.23 -34.28
CA ASN J 67 27.93 55.00 -33.47
C ASN J 67 28.15 53.51 -33.23
N PRO J 68 28.98 52.90 -34.07
CA PRO J 68 29.19 51.44 -34.14
C PRO J 68 29.84 50.86 -32.87
N LYS J 69 30.38 51.73 -32.04
CA LYS J 69 31.05 51.32 -30.82
C LYS J 69 30.09 51.33 -29.65
N LEU J 70 28.95 52.00 -29.81
CA LEU J 70 27.95 52.12 -28.74
C LEU J 70 27.39 50.76 -28.30
N LYS J 71 27.27 50.55 -26.98
CA LYS J 71 26.62 49.34 -26.45
C LYS J 71 25.28 49.74 -25.83
N ILE J 72 24.26 48.94 -26.04
CA ILE J 72 22.96 49.24 -25.45
C ILE J 72 22.46 48.02 -24.69
N LEU J 73 22.21 48.16 -23.39
CA LEU J 73 21.75 47.06 -22.57
C LEU J 73 20.29 47.23 -22.19
N LEU J 74 19.66 46.12 -21.78
CA LEU J 74 18.31 46.13 -21.26
C LEU J 74 18.39 45.91 -19.76
N SER J 75 17.67 46.70 -18.97
CA SER J 75 17.74 46.48 -17.52
C SER J 75 16.44 45.90 -17.03
N ILE J 76 16.51 44.99 -16.08
CA ILE J 76 15.30 44.64 -15.40
C ILE J 76 15.42 44.74 -13.87
N GLY J 77 14.37 45.26 -13.24
CA GLY J 77 14.38 45.50 -11.83
C GLY J 77 13.98 46.93 -11.49
N GLY J 78 14.73 47.56 -10.60
CA GLY J 78 14.38 48.89 -10.13
C GLY J 78 13.52 48.83 -8.89
N TYR J 79 13.29 50.00 -8.29
CA TYR J 79 12.62 50.09 -7.00
C TYR J 79 11.20 49.52 -6.97
N LEU J 80 10.36 49.94 -7.91
CA LEU J 80 8.97 49.52 -7.92
C LEU J 80 8.82 48.03 -8.27
N PHE J 81 9.70 47.50 -9.10
CA PHE J 81 9.66 46.07 -9.42
C PHE J 81 9.91 45.24 -8.15
N GLY J 82 10.84 45.70 -7.32
CA GLY J 82 11.09 45.05 -6.03
C GLY J 82 11.57 43.63 -6.21
N SER J 83 11.35 42.80 -5.20
CA SER J 83 11.58 41.36 -5.30
C SER J 83 10.40 40.65 -5.96
N LYS J 84 9.20 41.20 -5.77
CA LYS J 84 7.95 40.62 -6.27
C LYS J 84 8.05 40.26 -7.75
N GLY J 85 8.62 41.17 -8.52
CA GLY J 85 8.65 40.99 -9.97
C GLY J 85 9.43 39.78 -10.43
N PHE J 86 10.29 39.27 -9.55
CA PHE J 86 11.24 38.22 -9.92
C PHE J 86 10.65 36.84 -9.62
N HIS J 87 9.52 36.84 -8.91
CA HIS J 87 8.76 35.61 -8.63
C HIS J 87 7.59 35.47 -9.59
N PRO J 88 7.29 34.21 -10.02
CA PRO J 88 7.92 32.96 -9.64
C PRO J 88 9.12 32.58 -10.53
N MET J 89 9.57 33.50 -11.38
CA MET J 89 10.67 33.19 -12.31
C MET J 89 11.89 32.56 -11.59
N VAL J 90 12.28 33.12 -10.44
CA VAL J 90 13.52 32.67 -9.80
C VAL J 90 13.42 31.38 -8.99
N ASP J 91 12.19 30.88 -8.80
CA ASP J 91 11.91 29.87 -7.78
C ASP J 91 12.57 28.52 -8.07
N SER J 92 12.79 28.21 -9.34
CA SER J 92 13.45 26.96 -9.66
C SER J 92 14.39 27.06 -10.85
N SER J 93 15.25 26.05 -10.94
CA SER J 93 16.24 25.94 -11.99
C SER J 93 15.59 26.01 -13.38
N THR J 94 14.46 25.33 -13.52
CA THR J 94 13.77 25.26 -14.81
C THR J 94 13.04 26.55 -15.19
N SER J 95 12.45 27.23 -14.22
CA SER J 95 11.78 28.50 -14.53
C SER J 95 12.86 29.54 -14.82
N ARG J 96 14.01 29.45 -14.16
CA ARG J 96 15.10 30.39 -14.44
C ARG J 96 15.67 30.15 -15.84
N LEU J 97 15.75 28.88 -16.23
CA LEU J 97 16.22 28.53 -17.57
C LEU J 97 15.27 29.08 -18.64
N GLU J 98 13.97 28.97 -18.42
CA GLU J 98 13.03 29.57 -19.38
C GLU J 98 13.31 31.09 -19.58
N PHE J 99 13.50 31.80 -18.46
CA PHE J 99 13.81 33.20 -18.50
C PHE J 99 15.13 33.47 -19.23
N ILE J 100 16.16 32.74 -18.85
CA ILE J 100 17.49 32.95 -19.39
C ILE J 100 17.51 32.74 -20.92
N ASN J 101 16.87 31.69 -21.39
CA ASN J 101 16.84 31.47 -22.82
C ASN J 101 16.07 32.57 -23.54
N SER J 102 14.99 33.02 -22.90
CA SER J 102 14.18 34.09 -23.46
C SER J 102 15.01 35.37 -23.60
N ILE J 103 15.88 35.62 -22.62
CA ILE J 103 16.72 36.81 -22.58
C ILE J 103 17.72 36.80 -23.72
N ILE J 104 18.38 35.65 -23.90
CA ILE J 104 19.37 35.55 -24.97
C ILE J 104 18.74 35.79 -26.34
N LEU J 105 17.62 35.14 -26.59
CA LEU J 105 16.90 35.31 -27.86
C LEU J 105 16.48 36.78 -28.07
N PHE J 106 15.87 37.36 -27.04
CA PHE J 106 15.35 38.74 -27.11
C PHE J 106 16.45 39.78 -27.34
N LEU J 107 17.52 39.69 -26.56
CA LEU J 107 18.64 40.61 -26.71
C LEU J 107 19.24 40.51 -28.13
N ARG J 108 19.50 39.29 -28.60
CA ARG J 108 20.01 39.15 -29.97
C ARG J 108 19.00 39.67 -30.99
N ASN J 109 17.74 39.29 -30.84
CA ASN J 109 16.75 39.70 -31.83
C ASN J 109 16.55 41.22 -31.91
N HIS J 110 16.76 41.91 -30.80
CA HIS J 110 16.52 43.36 -30.80
C HIS J 110 17.78 44.21 -30.71
N ASN J 111 18.93 43.59 -31.00
CA ASN J 111 20.18 44.35 -31.13
C ASN J 111 20.69 44.97 -29.81
N PHE J 112 20.35 44.33 -28.68
CA PHE J 112 20.90 44.72 -27.38
C PHE J 112 22.21 43.99 -27.15
N ASP J 113 23.12 44.60 -26.40
CA ASP J 113 24.45 44.02 -26.18
C ASP J 113 24.61 43.31 -24.84
N GLY J 114 23.57 43.34 -24.01
CA GLY J 114 23.71 42.82 -22.66
C GLY J 114 22.49 43.03 -21.79
N LEU J 115 22.51 42.43 -20.61
CA LEU J 115 21.43 42.56 -19.63
C LEU J 115 21.99 43.19 -18.36
N ASP J 116 21.24 44.12 -17.80
CA ASP J 116 21.53 44.69 -16.49
C ASP J 116 20.47 44.19 -15.51
N VAL J 117 20.88 43.47 -14.48
CA VAL J 117 19.92 43.04 -13.48
C VAL J 117 20.02 44.00 -12.30
N SER J 118 19.01 44.86 -12.11
CA SER J 118 19.01 45.76 -10.96
C SER J 118 17.94 45.35 -9.98
N TRP J 119 18.23 44.32 -9.20
CA TRP J 119 17.28 43.78 -8.25
C TRP J 119 17.34 44.65 -6.99
N ILE J 120 16.22 45.30 -6.66
CA ILE J 120 16.19 46.25 -5.53
C ILE J 120 15.20 45.76 -4.49
N TYR J 121 15.60 44.97 -3.47
CA TYR J 121 16.95 44.44 -3.25
C TYR J 121 16.80 42.95 -2.90
N PRO J 122 17.85 42.15 -3.11
CA PRO J 122 17.68 40.75 -2.69
C PRO J 122 17.51 40.68 -1.16
N ASP J 123 18.31 41.48 -0.45
CA ASP J 123 18.31 41.41 1.00
C ASP J 123 18.60 39.97 1.46
N GLN J 124 18.51 39.73 2.76
CA GLN J 124 18.84 38.41 3.29
C GLN J 124 17.96 37.34 2.65
N LYS J 125 16.69 37.69 2.43
CA LYS J 125 15.71 36.69 1.97
C LYS J 125 15.95 36.17 0.56
N GLU J 126 16.39 37.03 -0.35
CA GLU J 126 16.56 36.67 -1.77
C GLU J 126 18.01 36.62 -2.20
N ASN J 127 18.92 36.76 -1.24
CA ASN J 127 20.36 36.67 -1.49
C ASN J 127 20.70 35.43 -2.35
N THR J 128 20.21 34.27 -1.93
CA THR J 128 20.48 33.04 -2.68
C THR J 128 19.89 33.06 -4.10
N HIS J 129 18.61 33.43 -4.23
CA HIS J 129 17.96 33.48 -5.58
C HIS J 129 18.70 34.41 -6.52
N PHE J 130 19.06 35.59 -6.03
CA PHE J 130 19.84 36.54 -6.81
C PHE J 130 21.19 35.95 -7.23
N THR J 131 21.94 35.41 -6.28
CA THR J 131 23.24 34.83 -6.55
C THR J 131 23.16 33.73 -7.62
N VAL J 132 22.16 32.87 -7.51
CA VAL J 132 21.99 31.76 -8.44
C VAL J 132 21.54 32.25 -9.81
N LEU J 133 20.65 33.23 -9.83
CA LEU J 133 20.17 33.77 -11.11
C LEU J 133 21.36 34.34 -11.87
N ILE J 134 22.17 35.15 -11.18
CA ILE J 134 23.31 35.78 -11.83
C ILE J 134 24.30 34.75 -12.34
N HIS J 135 24.56 33.72 -11.53
CA HIS J 135 25.49 32.68 -11.92
C HIS J 135 25.02 31.96 -13.18
N GLU J 136 23.74 31.59 -13.18
CA GLU J 136 23.14 30.89 -14.32
C GLU J 136 23.12 31.75 -15.62
N LEU J 137 22.84 33.03 -15.47
CA LEU J 137 22.95 33.96 -16.59
C LEU J 137 24.38 34.03 -17.17
N ALA J 138 25.36 34.21 -16.29
CA ALA J 138 26.75 34.29 -16.73
C ALA J 138 27.16 33.03 -17.47
N GLU J 139 26.82 31.87 -16.93
CA GLU J 139 27.11 30.62 -17.60
C GLU J 139 26.43 30.54 -18.96
N ALA J 140 25.16 30.91 -19.03
CA ALA J 140 24.42 30.83 -20.30
C ALA J 140 24.96 31.80 -21.35
N PHE J 141 25.32 33.00 -20.93
CA PHE J 141 25.91 33.98 -21.84
C PHE J 141 27.25 33.47 -22.41
N GLN J 142 28.03 32.79 -21.56
CA GLN J 142 29.29 32.21 -22.01
C GLN J 142 29.03 31.07 -23.00
N LYS J 143 28.06 30.20 -22.68
CA LYS J 143 27.68 29.16 -23.65
C LYS J 143 27.31 29.78 -25.00
N ASP J 144 26.49 30.82 -24.99
CA ASP J 144 26.00 31.48 -26.22
C ASP J 144 27.19 32.01 -27.02
N PHE J 145 28.15 32.62 -26.31
CA PHE J 145 29.33 33.18 -26.94
C PHE J 145 30.12 32.15 -27.76
N THR J 146 30.30 30.94 -27.22
CA THR J 146 31.11 29.94 -27.90
C THR J 146 30.43 29.45 -29.16
N LYS J 147 29.11 29.36 -29.11
CA LYS J 147 28.41 28.70 -30.18
C LYS J 147 28.00 29.72 -31.21
N SER J 148 28.34 30.98 -30.97
CA SER J 148 28.06 32.01 -31.97
C SER J 148 29.33 32.72 -32.45
N THR J 149 29.21 33.71 -33.33
CA THR J 149 30.37 34.47 -33.79
C THR J 149 30.44 35.90 -33.24
N LYS J 150 29.39 36.32 -32.53
CA LYS J 150 29.30 37.71 -32.09
C LYS J 150 30.07 37.94 -30.79
N GLU J 151 30.06 39.18 -30.32
CA GLU J 151 30.64 39.49 -29.02
C GLU J 151 29.73 38.89 -27.96
N ARG J 152 30.32 38.47 -26.83
CA ARG J 152 29.55 37.90 -25.72
C ARG J 152 28.60 38.93 -25.14
N LEU J 153 27.38 38.50 -24.83
CA LEU J 153 26.40 39.38 -24.18
C LEU J 153 26.97 39.82 -22.85
N LEU J 154 26.91 41.12 -22.58
CA LEU J 154 27.37 41.66 -21.31
C LEU J 154 26.38 41.36 -20.20
N LEU J 155 26.89 41.22 -18.97
CA LEU J 155 26.00 41.06 -17.81
C LEU J 155 26.41 42.02 -16.71
N THR J 156 25.51 42.93 -16.34
CA THR J 156 25.83 43.87 -15.27
C THR J 156 24.75 43.80 -14.20
N ALA J 157 24.94 44.52 -13.10
CA ALA J 157 23.94 44.61 -12.05
C ALA J 157 23.99 45.98 -11.36
N GLY J 158 22.84 46.60 -11.21
CA GLY J 158 22.73 47.81 -10.39
C GLY J 158 22.61 47.31 -8.97
N VAL J 159 23.55 47.74 -8.10
CA VAL J 159 23.67 47.22 -6.74
C VAL J 159 23.65 48.34 -5.70
N SER J 160 23.14 48.01 -4.51
CA SER J 160 23.06 48.94 -3.39
C SER J 160 24.43 49.48 -3.02
N ALA J 161 24.46 50.75 -2.59
CA ALA J 161 25.67 51.39 -2.09
C ALA J 161 25.64 51.53 -0.56
N GLY J 162 24.63 50.92 0.06
CA GLY J 162 24.48 50.99 1.52
C GLY J 162 25.03 49.74 2.19
N ARG J 163 25.95 49.94 3.13
CA ARG J 163 26.70 48.83 3.77
C ARG J 163 25.84 47.66 4.24
N GLN J 164 24.79 47.96 5.01
CA GLN J 164 23.96 46.90 5.59
C GLN J 164 23.26 46.07 4.50
N MET J 165 22.77 46.76 3.48
CA MET J 165 22.08 46.08 2.37
C MET J 165 23.07 45.30 1.50
N ILE J 166 24.26 45.83 1.33
CA ILE J 166 25.31 45.06 0.65
C ILE J 166 25.62 43.75 1.39
N ASP J 167 25.79 43.82 2.71
CA ASP J 167 26.10 42.64 3.51
C ASP J 167 24.98 41.63 3.42
N ASN J 168 23.74 42.12 3.42
CA ASN J 168 22.60 41.24 3.41
C ASN J 168 22.37 40.57 2.06
N SER J 169 22.60 41.31 0.96
CA SER J 169 22.12 40.90 -0.36
C SER J 169 23.08 40.08 -1.23
N TYR J 170 24.38 40.30 -1.08
CA TYR J 170 25.31 39.92 -2.15
C TYR J 170 26.43 39.00 -1.70
N GLN J 171 26.79 38.05 -2.57
CA GLN J 171 28.01 37.26 -2.40
C GLN J 171 29.01 37.88 -3.36
N VAL J 172 29.80 38.80 -2.83
CA VAL J 172 30.59 39.72 -3.64
C VAL J 172 31.67 39.07 -4.49
N GLU J 173 32.45 38.15 -3.93
CA GLU J 173 33.54 37.60 -4.73
C GLU J 173 32.98 36.80 -5.89
N LYS J 174 31.84 36.17 -5.64
CA LYS J 174 31.20 35.40 -6.67
C LYS J 174 30.68 36.33 -7.76
N LEU J 175 30.06 37.43 -7.35
CA LEU J 175 29.55 38.45 -8.25
C LEU J 175 30.67 39.01 -9.15
N ALA J 176 31.85 39.23 -8.57
CA ALA J 176 33.04 39.66 -9.28
C ALA J 176 33.43 38.73 -10.46
N LYS J 177 33.20 37.43 -10.34
CA LYS J 177 33.52 36.50 -11.40
C LYS J 177 32.42 36.46 -12.46
N ASP J 178 31.17 36.63 -12.03
CA ASP J 178 30.03 36.47 -12.93
C ASP J 178 29.68 37.72 -13.72
N LEU J 179 29.99 38.90 -13.19
CA LEU J 179 29.58 40.17 -13.83
C LEU J 179 30.70 40.82 -14.63
N ASP J 180 30.32 41.45 -15.73
CA ASP J 180 31.25 42.32 -16.44
C ASP J 180 31.58 43.57 -15.63
N PHE J 181 30.57 44.14 -14.99
CA PHE J 181 30.78 45.26 -14.04
C PHE J 181 29.54 45.48 -13.18
N ILE J 182 29.69 46.18 -12.05
CA ILE J 182 28.53 46.65 -11.29
C ILE J 182 28.26 48.09 -11.62
N ASN J 183 26.97 48.43 -11.66
CA ASN J 183 26.53 49.81 -11.71
C ASN J 183 26.22 50.17 -10.28
N LEU J 184 27.18 50.83 -9.63
CA LEU J 184 27.00 51.14 -8.22
C LEU J 184 25.98 52.26 -8.04
N LEU J 185 24.91 51.98 -7.31
CA LEU J 185 23.85 52.95 -7.07
C LEU J 185 24.23 53.89 -5.91
N SER J 186 25.31 54.64 -6.12
CA SER J 186 25.86 55.52 -5.12
C SER J 186 25.11 56.85 -5.06
N PHE J 187 23.83 56.75 -4.74
CA PHE J 187 22.95 57.88 -4.49
C PHE J 187 21.83 57.36 -3.60
N ASP J 188 20.82 58.20 -3.37
CA ASP J 188 19.79 57.91 -2.37
C ASP J 188 20.40 57.57 -1.01
N PHE J 189 21.51 58.22 -0.67
CA PHE J 189 22.09 57.98 0.66
C PHE J 189 21.23 58.61 1.76
N HIS J 190 20.52 59.68 1.40
CA HIS J 190 19.62 60.36 2.31
C HIS J 190 18.37 60.76 1.56
N GLY J 191 17.27 60.94 2.29
CA GLY J 191 15.99 61.32 1.68
C GLY J 191 14.89 61.29 2.72
N SER J 192 13.66 61.54 2.30
CA SER J 192 12.56 61.71 3.26
C SER J 192 12.03 60.44 3.90
N TRP J 193 12.56 59.28 3.51
CA TRP J 193 12.19 58.04 4.15
C TRP J 193 12.78 57.94 5.56
N GLU J 194 13.81 58.75 5.83
CA GLU J 194 14.57 58.61 7.09
C GLU J 194 13.78 58.99 8.34
N LYS J 195 14.06 58.28 9.45
CA LYS J 195 13.56 58.63 10.78
C LYS J 195 14.73 58.60 11.76
N PRO J 196 15.00 59.72 12.44
CA PRO J 196 14.20 60.95 12.41
C PRO J 196 14.35 61.68 11.07
N LEU J 197 13.32 62.41 10.67
CA LEU J 197 13.31 63.03 9.35
C LEU J 197 14.07 64.35 9.43
N ILE J 198 15.30 64.34 8.90
CA ILE J 198 16.20 65.50 8.92
C ILE J 198 16.84 65.63 7.56
N THR J 199 17.32 66.82 7.21
CA THR J 199 17.91 67.00 5.88
C THR J 199 19.20 66.17 5.74
N GLY J 200 19.46 65.68 4.52
CA GLY J 200 20.68 64.90 4.21
C GLY J 200 20.88 64.95 2.69
N HIS J 201 22.12 64.85 2.24
CA HIS J 201 22.40 64.96 0.82
C HIS J 201 22.18 63.61 0.11
N ASN J 202 21.53 63.68 -1.04
CA ASN J 202 21.28 62.51 -1.89
C ASN J 202 22.57 61.73 -2.20
N SER J 203 23.65 62.45 -2.47
CA SER J 203 24.84 61.76 -2.96
C SER J 203 26.16 62.44 -2.58
N PRO J 204 26.46 62.48 -1.27
CA PRO J 204 27.69 63.18 -0.88
C PRO J 204 28.89 62.32 -1.25
N LEU J 205 29.98 62.93 -1.68
CA LEU J 205 31.19 62.17 -2.00
C LEU J 205 31.75 61.55 -0.73
N SER J 206 31.75 62.32 0.35
CA SER J 206 32.44 61.92 1.58
C SER J 206 31.59 62.10 2.83
N LYS J 207 32.00 61.49 3.94
CA LYS J 207 31.23 61.64 5.17
C LYS J 207 31.33 63.08 5.65
N GLY J 208 30.33 63.50 6.41
CA GLY J 208 30.39 64.78 7.12
C GLY J 208 31.40 64.66 8.24
N TRP J 209 32.04 65.77 8.58
CA TRP J 209 33.01 65.77 9.64
C TRP J 209 32.43 65.23 10.96
N GLN J 210 31.17 65.51 11.23
CA GLN J 210 30.59 65.06 12.49
C GLN J 210 30.03 63.65 12.43
N ASP J 211 30.04 63.03 11.27
CA ASP J 211 29.48 61.69 11.15
C ASP J 211 30.35 60.65 11.83
N ARG J 212 29.74 59.76 12.61
CA ARG J 212 30.46 58.54 12.95
C ARG J 212 29.52 57.35 13.20
N GLY J 213 30.11 56.19 13.43
CA GLY J 213 29.33 54.95 13.44
C GLY J 213 28.66 54.75 12.09
N PRO J 214 27.46 54.18 12.09
CA PRO J 214 26.77 53.83 10.86
C PRO J 214 26.59 55.02 9.91
N SER J 215 26.44 56.23 10.46
CA SER J 215 26.18 57.38 9.62
C SER J 215 27.37 57.62 8.70
N SER J 216 28.55 57.20 9.14
CA SER J 216 29.76 57.43 8.33
C SER J 216 29.79 56.59 7.05
N TYR J 217 28.85 55.66 6.87
CA TYR J 217 28.87 54.78 5.69
C TYR J 217 28.12 55.34 4.50
N TYR J 218 27.30 56.36 4.74
CA TYR J 218 26.36 56.84 3.70
C TYR J 218 26.96 57.89 2.77
N ASN J 219 27.96 57.48 2.00
CA ASN J 219 28.62 58.38 1.08
C ASN J 219 29.34 57.55 0.00
N VAL J 220 29.61 58.19 -1.14
CA VAL J 220 30.19 57.47 -2.28
C VAL J 220 31.55 56.85 -1.92
N GLU J 221 32.38 57.62 -1.24
CA GLU J 221 33.73 57.18 -0.90
C GLU J 221 33.70 55.89 -0.08
N TYR J 222 32.84 55.85 0.94
CA TYR J 222 32.74 54.64 1.74
C TYR J 222 32.23 53.45 0.91
N ALA J 223 31.15 53.66 0.17
CA ALA J 223 30.51 52.61 -0.60
C ALA J 223 31.46 51.97 -1.61
N VAL J 224 32.20 52.81 -2.34
CA VAL J 224 33.17 52.29 -3.30
C VAL J 224 34.27 51.50 -2.58
N GLY J 225 34.82 52.06 -1.51
CA GLY J 225 35.82 51.34 -0.69
C GLY J 225 35.31 50.00 -0.17
N TYR J 226 34.05 49.96 0.24
CA TYR J 226 33.47 48.75 0.79
C TYR J 226 33.30 47.66 -0.27
N TRP J 227 32.80 48.04 -1.45
CA TRP J 227 32.69 47.07 -2.54
C TRP J 227 34.05 46.47 -2.93
N ILE J 228 35.06 47.33 -3.03
CA ILE J 228 36.40 46.86 -3.35
C ILE J 228 36.93 45.95 -2.23
N HIS J 229 36.77 46.40 -0.99
CA HIS J 229 37.16 45.58 0.16
C HIS J 229 36.47 44.21 0.14
N LYS J 230 35.18 44.17 -0.20
CA LYS J 230 34.42 42.91 -0.21
C LYS J 230 34.79 41.99 -1.39
N GLY J 231 35.59 42.48 -2.34
CA GLY J 231 36.08 41.63 -3.42
C GLY J 231 35.79 42.05 -4.86
N MET J 232 35.10 43.17 -5.09
CA MET J 232 34.91 43.65 -6.48
C MET J 232 36.18 44.40 -6.94
N PRO J 233 36.84 43.93 -8.01
CA PRO J 233 38.03 44.68 -8.44
C PRO J 233 37.60 46.08 -8.80
N SER J 234 38.48 47.05 -8.55
CA SER J 234 38.15 48.44 -8.76
C SER J 234 37.68 48.69 -10.20
N GLU J 235 38.34 48.07 -11.18
CA GLU J 235 37.96 48.32 -12.59
C GLU J 235 36.56 47.78 -12.98
N LYS J 236 35.94 46.95 -12.14
CA LYS J 236 34.57 46.50 -12.37
C LYS J 236 33.54 47.36 -11.64
N VAL J 237 34.02 48.37 -10.92
CA VAL J 237 33.11 49.31 -10.25
C VAL J 237 32.85 50.50 -11.19
N VAL J 238 31.61 50.63 -11.65
CA VAL J 238 31.18 51.80 -12.39
C VAL J 238 30.32 52.65 -11.45
N MET J 239 30.87 53.81 -11.12
CA MET J 239 30.35 54.65 -10.04
C MET J 239 29.13 55.50 -10.44
N GLY J 240 27.99 55.26 -9.77
CA GLY J 240 26.73 55.96 -10.05
C GLY J 240 26.74 57.42 -9.65
N ILE J 241 26.20 58.26 -10.53
CA ILE J 241 26.09 59.70 -10.29
C ILE J 241 24.69 60.14 -10.66
N PRO J 242 24.00 60.85 -9.75
CA PRO J 242 22.61 61.18 -10.01
C PRO J 242 22.48 62.50 -10.76
N THR J 243 21.44 62.60 -11.58
CA THR J 243 21.10 63.88 -12.21
C THR J 243 19.90 64.52 -11.52
N TYR J 244 19.47 63.95 -10.39
CA TYR J 244 18.34 64.48 -9.63
C TYR J 244 18.87 64.75 -8.22
N GLY J 245 18.09 65.44 -7.41
CA GLY J 245 18.46 65.67 -6.00
C GLY J 245 17.26 65.30 -5.15
N HIS J 246 17.47 65.20 -3.83
CA HIS J 246 16.35 64.96 -2.93
C HIS J 246 16.00 66.25 -2.18
N SER J 247 14.72 66.52 -2.06
CA SER J 247 14.22 67.74 -1.44
C SER J 247 13.52 67.43 -0.10
N PHE J 248 13.53 68.42 0.79
CA PHE J 248 12.84 68.33 2.07
C PHE J 248 12.12 69.64 2.30
N THR J 249 11.01 69.58 3.05
CA THR J 249 10.37 70.77 3.60
C THR J 249 10.90 70.97 5.03
N LEU J 250 11.48 72.14 5.30
CA LEU J 250 12.09 72.43 6.60
C LEU J 250 11.02 72.64 7.66
N ALA J 251 11.22 72.07 8.84
CA ALA J 251 10.29 72.27 9.97
C ALA J 251 10.68 73.45 10.87
N SER J 252 11.87 74.01 10.66
CA SER J 252 12.38 75.10 11.51
C SER J 252 13.16 76.10 10.68
N ALA J 253 13.68 77.16 11.30
CA ALA J 253 14.50 78.16 10.59
C ALA J 253 15.90 77.62 10.31
N GLU J 254 16.20 76.46 10.84
CA GLU J 254 17.51 75.86 10.69
C GLU J 254 17.62 75.27 9.27
N THR J 255 18.74 75.53 8.59
CA THR J 255 18.86 75.19 7.17
C THR J 255 20.09 74.37 6.78
N THR J 256 20.80 73.86 7.78
CA THR J 256 22.02 73.12 7.55
C THR J 256 21.71 71.65 7.33
N VAL J 257 22.74 70.88 6.98
CA VAL J 257 22.62 69.41 6.94
C VAL J 257 22.21 68.93 8.32
N GLY J 258 21.24 68.03 8.39
CA GLY J 258 20.76 67.56 9.70
C GLY J 258 19.66 68.38 10.35
N ALA J 259 19.21 69.43 9.68
CA ALA J 259 18.11 70.22 10.24
C ALA J 259 16.78 69.43 10.14
N PRO J 260 15.84 69.71 11.06
CA PRO J 260 14.55 69.04 11.09
C PRO J 260 13.71 69.31 9.84
N ALA J 261 13.02 68.27 9.35
CA ALA J 261 12.15 68.42 8.18
C ALA J 261 10.77 67.87 8.53
N SER J 262 9.72 68.46 7.97
CA SER J 262 8.35 67.97 8.20
C SER J 262 7.88 66.97 7.14
N GLY J 263 8.66 66.79 6.09
CA GLY J 263 8.32 65.84 5.02
C GLY J 263 9.17 66.14 3.82
N PRO J 264 8.86 65.51 2.67
CA PRO J 264 9.59 65.74 1.42
C PRO J 264 9.39 67.16 0.94
N GLY J 265 10.18 67.60 -0.03
CA GLY J 265 10.02 68.92 -0.59
C GLY J 265 8.84 68.89 -1.56
N ALA J 266 8.32 70.06 -1.90
CA ALA J 266 7.18 70.17 -2.83
C ALA J 266 7.59 69.47 -4.12
N ALA J 267 6.66 68.70 -4.69
CA ALA J 267 6.88 68.03 -5.96
C ALA J 267 7.32 69.06 -7.01
N GLY J 268 8.21 68.70 -7.93
CA GLY J 268 8.53 69.56 -9.07
C GLY J 268 7.34 69.55 -10.04
N PRO J 269 7.20 70.60 -10.85
CA PRO J 269 6.02 70.78 -11.73
C PRO J 269 5.98 69.72 -12.82
N ILE J 270 7.13 69.15 -13.14
CA ILE J 270 7.27 68.18 -14.22
C ILE J 270 7.34 66.75 -13.72
N THR J 271 8.12 66.50 -12.68
CA THR J 271 8.35 65.14 -12.22
C THR J 271 7.23 64.73 -11.25
N GLU J 272 6.58 65.71 -10.63
CA GLU J 272 5.38 65.44 -9.85
C GLU J 272 5.60 64.37 -8.80
N SER J 273 6.74 64.39 -8.12
CA SER J 273 7.00 63.42 -7.07
C SER J 273 7.60 64.11 -5.85
N SER J 274 6.78 64.42 -4.85
CA SER J 274 7.31 65.10 -3.67
C SER J 274 8.53 64.33 -3.18
N GLY J 275 9.66 65.00 -3.01
CA GLY J 275 10.85 64.32 -2.48
C GLY J 275 12.06 64.28 -3.40
N PHE J 276 11.84 64.41 -4.70
CA PHE J 276 12.99 64.57 -5.62
C PHE J 276 12.70 65.61 -6.70
N LEU J 277 13.77 66.07 -7.35
CA LEU J 277 13.66 67.03 -8.45
C LEU J 277 14.67 66.63 -9.52
N ALA J 278 14.25 66.68 -10.78
CA ALA J 278 15.17 66.47 -11.90
C ALA J 278 16.06 67.67 -12.02
N TYR J 279 17.23 67.48 -12.60
CA TYR J 279 18.14 68.62 -12.74
C TYR J 279 17.47 69.80 -13.41
N TYR J 280 16.71 69.56 -14.47
CA TYR J 280 16.11 70.68 -15.19
C TYR J 280 15.07 71.42 -14.35
N GLU J 281 14.56 70.76 -13.31
CA GLU J 281 13.76 71.46 -12.30
C GLU J 281 14.62 72.19 -11.25
N ILE J 282 15.74 71.57 -10.87
CA ILE J 282 16.70 72.16 -9.94
C ILE J 282 17.22 73.52 -10.44
N CYS J 283 17.53 73.62 -11.72
CA CYS J 283 17.96 74.90 -12.32
C CYS J 283 16.96 76.03 -12.10
N GLN J 284 15.68 75.70 -12.13
CA GLN J 284 14.68 76.73 -11.90
C GLN J 284 14.62 77.06 -10.41
N PHE J 285 14.71 76.01 -9.59
CA PHE J 285 14.67 76.16 -8.13
C PHE J 285 15.79 77.06 -7.64
N LEU J 286 16.96 76.96 -8.26
CA LEU J 286 18.13 77.73 -7.82
C LEU J 286 17.99 79.22 -8.03
N LYS J 287 17.07 79.65 -8.90
CA LYS J 287 16.95 81.10 -9.09
C LYS J 287 16.26 81.66 -7.84
N GLY J 288 16.95 82.55 -7.13
CA GLY J 288 16.43 83.05 -5.86
C GLY J 288 16.80 82.20 -4.65
N ALA J 289 17.56 81.13 -4.88
CA ALA J 289 17.93 80.25 -3.78
C ALA J 289 19.32 80.61 -3.24
N LYS J 290 19.65 80.13 -2.05
CA LYS J 290 21.01 80.24 -1.52
C LYS J 290 21.72 78.90 -1.62
N ILE J 291 22.84 78.86 -2.32
CA ILE J 291 23.61 77.63 -2.49
C ILE J 291 24.74 77.58 -1.46
N THR J 292 24.90 76.41 -0.84
CA THR J 292 26.02 76.16 0.06
C THR J 292 26.74 74.90 -0.37
N ARG J 293 28.06 75.00 -0.42
CA ARG J 293 28.92 73.91 -0.84
C ARG J 293 29.51 73.31 0.42
N LEU J 294 29.32 72.00 0.64
CA LEU J 294 29.85 71.37 1.83
C LEU J 294 31.32 71.09 1.62
N GLN J 295 32.20 71.64 2.47
CA GLN J 295 33.63 71.44 2.33
C GLN J 295 33.98 69.99 2.64
N ASP J 296 33.25 69.39 3.58
CA ASP J 296 33.55 68.00 3.90
C ASP J 296 32.97 67.04 2.88
N GLN J 297 31.69 67.23 2.54
CA GLN J 297 31.00 66.25 1.71
C GLN J 297 31.20 66.44 0.19
N GLN J 298 31.69 67.63 -0.18
CA GLN J 298 32.09 67.97 -1.55
C GLN J 298 30.91 68.06 -2.54
N VAL J 299 29.76 68.45 -2.01
CA VAL J 299 28.57 68.61 -2.83
C VAL J 299 27.74 69.78 -2.33
N PRO J 300 26.89 70.33 -3.20
CA PRO J 300 26.09 71.50 -2.83
C PRO J 300 24.67 71.13 -2.34
N TYR J 301 24.09 72.00 -1.52
CA TYR J 301 22.64 71.98 -1.31
C TYR J 301 22.16 73.40 -1.45
N ALA J 302 20.87 73.55 -1.69
CA ALA J 302 20.30 74.88 -1.84
C ALA J 302 19.01 75.02 -1.05
N VAL J 303 18.80 76.23 -0.53
CA VAL J 303 17.61 76.58 0.22
C VAL J 303 16.90 77.79 -0.41
N LYS J 304 15.58 77.68 -0.52
CA LYS J 304 14.73 78.81 -0.85
C LYS J 304 13.41 78.64 -0.10
N GLY J 305 13.07 79.61 0.74
CA GLY J 305 11.90 79.49 1.64
C GLY J 305 12.08 78.28 2.55
N ASN J 306 11.05 77.45 2.68
CA ASN J 306 11.17 76.25 3.51
C ASN J 306 11.63 75.02 2.74
N GLN J 307 12.17 75.24 1.55
CA GLN J 307 12.58 74.12 0.69
C GLN J 307 14.10 73.95 0.68
N TRP J 308 14.54 72.71 0.89
CA TRP J 308 15.97 72.39 1.01
C TRP J 308 16.21 71.27 0.02
N VAL J 309 17.15 71.48 -0.91
CA VAL J 309 17.46 70.51 -1.96
C VAL J 309 18.96 70.21 -2.02
N GLY J 310 19.28 68.92 -1.90
CA GLY J 310 20.66 68.45 -2.05
C GLY J 310 20.75 67.82 -3.41
N TYR J 311 21.75 68.22 -4.18
CA TYR J 311 21.81 67.85 -5.58
C TYR J 311 23.26 67.83 -6.03
N ASP J 312 23.48 67.40 -7.27
CA ASP J 312 24.81 67.46 -7.88
C ASP J 312 24.85 68.44 -9.02
N ASP J 313 25.98 69.12 -9.15
CA ASP J 313 26.13 70.05 -10.28
C ASP J 313 27.40 69.79 -11.06
N VAL J 314 27.73 70.67 -11.99
CA VAL J 314 28.92 70.43 -12.82
C VAL J 314 30.15 70.28 -11.95
N LYS J 315 30.28 71.17 -10.98
CA LYS J 315 31.41 71.18 -10.06
C LYS J 315 31.51 69.88 -9.22
N SER J 316 30.40 69.43 -8.65
CA SER J 316 30.48 68.21 -7.82
C SER J 316 30.80 66.97 -8.66
N MET J 317 30.35 66.97 -9.90
CA MET J 317 30.56 65.82 -10.74
C MET J 317 32.01 65.75 -11.23
N GLU J 318 32.62 66.91 -11.41
CA GLU J 318 34.04 66.97 -11.76
C GLU J 318 34.91 66.42 -10.63
N THR J 319 34.56 66.72 -9.38
CA THR J 319 35.28 66.16 -8.23
C THR J 319 35.06 64.64 -8.12
N LYS J 320 33.84 64.19 -8.39
CA LYS J 320 33.54 62.77 -8.34
C LYS J 320 34.32 62.01 -9.42
N VAL J 321 34.48 62.63 -10.58
CA VAL J 321 35.28 62.03 -11.63
C VAL J 321 36.76 61.96 -11.21
N GLN J 322 37.26 63.00 -10.58
CA GLN J 322 38.64 62.94 -10.07
C GLN J 322 38.79 61.77 -9.10
N PHE J 323 37.77 61.55 -8.28
CA PHE J 323 37.76 60.47 -7.32
C PHE J 323 37.79 59.09 -8.00
N LEU J 324 36.90 58.89 -8.96
CA LEU J 324 36.87 57.61 -9.67
C LEU J 324 38.15 57.33 -10.48
N LYS J 325 38.77 58.35 -11.05
CA LYS J 325 40.07 58.14 -11.66
C LYS J 325 41.11 57.78 -10.61
N ASN J 326 41.08 58.48 -9.47
CA ASN J 326 42.09 58.22 -8.45
C ASN J 326 42.00 56.77 -7.92
N LEU J 327 40.78 56.24 -7.84
CA LEU J 327 40.59 54.87 -7.37
C LEU J 327 40.67 53.81 -8.48
N ASN J 328 40.99 54.22 -9.69
CA ASN J 328 41.04 53.28 -10.82
C ASN J 328 39.74 52.49 -11.00
N LEU J 329 38.61 53.20 -10.98
CA LEU J 329 37.31 52.56 -11.19
C LEU J 329 37.08 52.34 -12.68
N GLY J 330 36.03 51.63 -13.03
CA GLY J 330 35.76 51.30 -14.44
C GLY J 330 35.19 52.48 -15.22
N GLY J 331 34.62 53.44 -14.49
CA GLY J 331 34.02 54.62 -15.10
C GLY J 331 32.89 55.23 -14.25
N ALA J 332 32.05 56.04 -14.87
CA ALA J 332 30.87 56.61 -14.19
C ALA J 332 29.58 56.05 -14.76
N MET J 333 28.55 56.00 -13.94
CA MET J 333 27.24 55.63 -14.44
C MET J 333 26.29 56.79 -14.09
N ILE J 334 25.27 57.03 -14.92
CA ILE J 334 24.34 58.12 -14.70
C ILE J 334 22.93 57.59 -14.49
N TRP J 335 22.31 57.95 -13.37
CA TRP J 335 20.87 57.79 -13.21
C TRP J 335 20.23 59.17 -13.12
N SER J 336 19.52 59.64 -14.16
CA SER J 336 19.41 58.98 -15.47
C SER J 336 19.46 60.14 -16.48
N ILE J 337 19.90 59.86 -17.69
CA ILE J 337 20.12 60.95 -18.62
C ILE J 337 18.83 61.73 -18.94
N ASP J 338 17.66 61.12 -18.73
CA ASP J 338 16.42 61.84 -19.04
C ASP J 338 16.00 62.80 -17.91
N MET J 339 16.81 62.88 -16.87
CA MET J 339 16.61 63.89 -15.83
C MET J 339 17.67 65.00 -15.82
N ASP J 340 18.68 64.83 -16.68
CA ASP J 340 19.58 65.92 -17.05
C ASP J 340 18.77 66.91 -17.91
N ASP J 341 19.29 68.11 -18.17
CA ASP J 341 18.57 69.02 -19.06
C ASP J 341 18.88 68.59 -20.49
N PHE J 342 18.25 67.51 -20.93
CA PHE J 342 18.60 66.87 -22.20
C PHE J 342 18.35 67.78 -23.41
N THR J 343 17.35 68.66 -23.33
CA THR J 343 17.04 69.60 -24.43
C THR J 343 17.86 70.86 -24.32
N GLY J 344 18.41 71.12 -23.15
CA GLY J 344 19.14 72.36 -22.93
C GLY J 344 18.23 73.57 -22.80
N LYS J 345 16.92 73.34 -22.79
CA LYS J 345 15.95 74.45 -22.71
C LYS J 345 15.69 75.03 -21.32
N SER J 346 16.13 74.36 -20.27
CA SER J 346 15.81 74.84 -18.92
C SER J 346 16.97 75.59 -18.27
N CYS J 347 18.17 75.03 -18.42
CA CYS J 347 19.31 75.44 -17.62
C CYS J 347 20.24 76.43 -18.31
N ASN J 348 20.08 76.63 -19.61
CA ASN J 348 20.94 77.55 -20.35
C ASN J 348 22.45 77.18 -20.31
N GLN J 349 22.74 75.88 -20.31
CA GLN J 349 24.12 75.39 -20.29
C GLN J 349 24.31 74.44 -21.47
N GLY J 350 23.41 74.48 -22.44
CA GLY J 350 23.45 73.54 -23.57
C GLY J 350 22.83 72.18 -23.23
N PRO J 351 22.74 71.28 -24.22
CA PRO J 351 22.12 69.99 -24.03
C PRO J 351 22.98 69.10 -23.15
N TYR J 352 22.36 68.36 -22.23
CA TYR J 352 23.07 67.41 -21.36
C TYR J 352 24.25 68.06 -20.62
N PRO J 353 24.00 69.21 -19.96
CA PRO J 353 25.14 69.85 -19.30
C PRO J 353 25.83 68.95 -18.26
N LEU J 354 25.08 68.17 -17.50
CA LEU J 354 25.71 67.35 -16.48
C LEU J 354 26.48 66.20 -17.13
N VAL J 355 25.83 65.46 -18.02
CA VAL J 355 26.48 64.30 -18.62
C VAL J 355 27.65 64.70 -19.56
N GLN J 356 27.50 65.82 -20.28
CA GLN J 356 28.64 66.33 -21.05
C GLN J 356 29.85 66.69 -20.17
N ALA J 357 29.60 67.29 -19.02
CA ALA J 357 30.70 67.61 -18.11
C ALA J 357 31.42 66.33 -17.68
N VAL J 358 30.66 65.29 -17.37
CA VAL J 358 31.28 64.03 -17.00
C VAL J 358 32.08 63.42 -18.12
N LYS J 359 31.50 63.39 -19.33
CA LYS J 359 32.20 62.87 -20.51
C LYS J 359 33.51 63.64 -20.74
N ARG J 360 33.47 64.97 -20.59
CA ARG J 360 34.67 65.79 -20.74
C ARG J 360 35.76 65.45 -19.69
N SER J 361 35.39 65.35 -18.41
CA SER J 361 36.39 65.02 -17.37
C SER J 361 36.96 63.62 -17.53
N LEU J 362 36.11 62.67 -17.95
CA LEU J 362 36.56 61.30 -18.16
C LEU J 362 37.68 61.24 -19.18
N GLY J 363 37.52 61.97 -20.28
CA GLY J 363 38.43 61.86 -21.41
C GLY J 363 39.60 62.81 -21.34
N SER J 364 39.50 63.86 -20.53
CA SER J 364 40.52 64.90 -20.55
C SER J 364 41.95 64.36 -20.62
N ALA K 1 19.18 -13.68 5.47
CA ALA K 1 18.58 -14.79 6.26
C ALA K 1 19.08 -16.16 5.82
N TYR K 2 19.49 -16.99 6.76
CA TYR K 2 19.81 -18.39 6.45
C TYR K 2 18.64 -19.06 5.76
N LYS K 3 18.95 -19.91 4.79
CA LYS K 3 17.92 -20.69 4.15
C LYS K 3 17.80 -22.01 4.89
N LEU K 4 16.60 -22.57 4.88
CA LEU K 4 16.39 -23.91 5.38
C LEU K 4 15.62 -24.64 4.28
N VAL K 5 16.37 -25.46 3.54
CA VAL K 5 15.88 -26.14 2.34
C VAL K 5 15.54 -27.59 2.64
N CYS K 6 14.27 -27.97 2.43
CA CYS K 6 13.80 -29.30 2.80
C CYS K 6 13.27 -30.13 1.63
N TYR K 7 13.96 -31.23 1.32
CA TYR K 7 13.48 -32.20 0.36
C TYR K 7 12.40 -33.06 1.01
N PHE K 8 11.40 -33.44 0.23
CA PHE K 8 10.46 -34.50 0.61
C PHE K 8 10.26 -35.39 -0.59
N THR K 9 9.78 -36.61 -0.38
CA THR K 9 9.82 -37.61 -1.44
C THR K 9 8.45 -38.10 -1.82
N ASN K 10 8.35 -38.63 -3.03
CA ASN K 10 7.08 -39.12 -3.49
C ASN K 10 6.81 -40.55 -2.99
N TRP K 11 7.86 -41.30 -2.68
CA TRP K 11 7.68 -42.72 -2.28
C TRP K 11 7.26 -42.99 -0.81
N SER K 12 7.39 -42.01 0.06
CA SER K 12 7.10 -42.27 1.47
C SER K 12 5.61 -42.52 1.65
N GLN K 13 4.81 -42.10 0.67
CA GLN K 13 3.36 -42.22 0.77
C GLN K 13 2.93 -43.66 0.85
N ASP K 14 3.83 -44.55 0.43
CA ASP K 14 3.54 -45.97 0.34
C ASP K 14 3.86 -46.72 1.62
N ARG K 15 4.48 -46.05 2.58
CA ARG K 15 4.87 -46.69 3.84
C ARG K 15 3.70 -46.76 4.83
N GLN K 16 3.80 -47.67 5.79
CA GLN K 16 2.84 -47.76 6.90
C GLN K 16 3.12 -46.67 7.94
N GLU K 17 2.14 -46.42 8.81
CA GLU K 17 2.33 -45.44 9.90
C GLU K 17 3.32 -45.97 10.92
N PRO K 18 4.12 -45.08 11.52
CA PRO K 18 4.12 -43.62 11.32
C PRO K 18 5.07 -43.11 10.22
N GLY K 19 5.35 -43.96 9.24
CA GLY K 19 6.16 -43.57 8.07
C GLY K 19 5.38 -42.94 6.94
N LYS K 20 4.06 -43.16 6.93
CA LYS K 20 3.20 -42.66 5.87
C LYS K 20 3.19 -41.13 5.79
N PHE K 21 3.93 -40.60 4.80
CA PHE K 21 4.03 -39.16 4.57
C PHE K 21 3.31 -38.77 3.28
N THR K 22 2.58 -37.66 3.31
CA THR K 22 2.13 -37.00 2.09
C THR K 22 2.44 -35.51 2.22
N PRO K 23 2.36 -34.76 1.11
CA PRO K 23 2.46 -33.28 1.18
C PRO K 23 1.49 -32.61 2.21
N GLU K 24 0.46 -33.34 2.64
CA GLU K 24 -0.45 -32.82 3.68
C GLU K 24 0.24 -32.66 5.04
N ASN K 25 1.36 -33.37 5.23
CA ASN K 25 2.16 -33.29 6.46
C ASN K 25 3.07 -32.06 6.54
N ILE K 26 3.25 -31.39 5.42
CA ILE K 26 4.17 -30.29 5.35
C ILE K 26 3.57 -29.08 6.06
N ASP K 27 4.28 -28.65 7.08
CA ASP K 27 3.98 -27.39 7.78
C ASP K 27 4.58 -26.25 6.96
N PRO K 28 3.71 -25.31 6.49
CA PRO K 28 4.11 -24.24 5.56
C PRO K 28 5.12 -23.23 6.09
N PHE K 29 5.29 -23.18 7.41
CA PHE K 29 6.27 -22.23 7.98
C PHE K 29 7.56 -22.87 8.47
N LEU K 30 7.70 -24.18 8.27
CA LEU K 30 8.88 -24.90 8.69
C LEU K 30 10.10 -24.38 7.95
N CYS K 31 10.05 -24.51 6.63
CA CYS K 31 11.22 -24.35 5.78
C CYS K 31 11.16 -23.08 4.95
N SER K 32 12.29 -22.62 4.41
CA SER K 32 12.26 -21.48 3.49
C SER K 32 12.03 -22.01 2.07
N HIS K 33 12.49 -23.24 1.84
CA HIS K 33 12.27 -23.91 0.57
C HIS K 33 11.87 -25.37 0.77
N LEU K 34 10.87 -25.83 0.02
CA LEU K 34 10.59 -27.25 -0.07
C LEU K 34 10.99 -27.74 -1.45
N ILE K 35 11.40 -29.00 -1.53
CA ILE K 35 11.75 -29.59 -2.82
C ILE K 35 11.14 -30.98 -2.98
N TYR K 36 10.28 -31.17 -3.99
CA TYR K 36 9.69 -32.50 -4.28
C TYR K 36 10.68 -33.39 -5.04
N SER K 37 10.78 -34.65 -4.60
CA SER K 37 11.68 -35.66 -5.18
C SER K 37 10.91 -36.90 -5.59
N PHE K 38 10.96 -37.34 -6.85
CA PHE K 38 11.70 -36.73 -7.97
C PHE K 38 10.81 -36.77 -9.22
N ALA K 39 10.93 -35.77 -10.08
CA ALA K 39 10.35 -35.80 -11.42
C ALA K 39 11.26 -36.66 -12.32
N SER K 40 10.75 -37.17 -13.45
CA SER K 40 11.62 -37.78 -14.46
C SER K 40 11.54 -37.13 -15.83
N ILE K 41 12.04 -37.85 -16.82
CA ILE K 41 12.12 -37.33 -18.16
C ILE K 41 11.69 -38.41 -19.13
N GLU K 42 10.78 -38.04 -20.02
CA GLU K 42 10.22 -38.96 -20.97
C GLU K 42 10.12 -38.17 -22.26
N ASN K 43 10.71 -38.71 -23.34
CA ASN K 43 10.79 -37.98 -24.62
C ASN K 43 11.21 -36.52 -24.43
N ASN K 44 12.19 -36.30 -23.56
CA ASN K 44 12.78 -34.96 -23.35
C ASN K 44 11.97 -33.99 -22.49
N LYS K 45 10.80 -34.41 -22.04
CA LYS K 45 9.93 -33.51 -21.31
C LYS K 45 9.83 -33.95 -19.86
N VAL K 46 9.78 -32.99 -18.95
CA VAL K 46 9.72 -33.31 -17.54
C VAL K 46 8.37 -33.95 -17.25
N ILE K 47 8.35 -35.03 -16.47
CA ILE K 47 7.07 -35.60 -16.00
C ILE K 47 7.13 -35.91 -14.50
N ILE K 48 5.98 -35.96 -13.86
CA ILE K 48 5.91 -36.41 -12.48
C ILE K 48 5.09 -37.69 -12.44
N LYS K 49 5.72 -38.80 -12.11
CA LYS K 49 5.01 -40.08 -11.99
C LYS K 49 4.59 -40.31 -10.54
N ASP K 50 3.34 -40.00 -10.22
CA ASP K 50 2.85 -40.01 -8.84
C ASP K 50 1.33 -40.16 -8.76
N LYS K 51 0.89 -41.21 -8.07
CA LYS K 51 -0.53 -41.45 -7.77
C LYS K 51 -1.30 -40.25 -7.25
N SER K 52 -0.72 -39.56 -6.27
CA SER K 52 -1.43 -38.47 -5.62
C SER K 52 -1.05 -37.16 -6.26
N GLU K 53 -0.86 -37.21 -7.57
CA GLU K 53 -0.46 -36.04 -8.33
C GLU K 53 -1.44 -34.89 -8.07
N VAL K 54 -2.74 -35.20 -8.10
CA VAL K 54 -3.78 -34.19 -7.88
C VAL K 54 -3.65 -33.46 -6.53
N MET K 55 -3.45 -34.22 -5.44
CA MET K 55 -3.18 -33.67 -4.10
C MET K 55 -1.93 -32.82 -4.06
N LEU K 56 -0.90 -33.28 -4.76
CA LEU K 56 0.37 -32.56 -4.77
C LEU K 56 0.14 -31.11 -5.21
N TYR K 57 -0.45 -30.96 -6.39
CA TYR K 57 -0.62 -29.62 -6.97
C TYR K 57 -1.53 -28.73 -6.08
N GLN K 58 -2.64 -29.25 -5.62
CA GLN K 58 -3.50 -28.43 -4.74
C GLN K 58 -2.92 -28.13 -3.34
N THR K 59 -2.09 -29.02 -2.81
CA THR K 59 -1.42 -28.74 -1.55
C THR K 59 -0.38 -27.66 -1.78
N ILE K 60 0.34 -27.74 -2.89
CA ILE K 60 1.27 -26.71 -3.23
C ILE K 60 0.56 -25.32 -3.24
N ASN K 61 -0.55 -25.23 -3.95
CA ASN K 61 -1.32 -23.97 -3.98
C ASN K 61 -1.89 -23.54 -2.60
N SER K 62 -2.35 -24.50 -1.82
CA SER K 62 -2.76 -24.13 -0.50
C SER K 62 -1.60 -23.60 0.41
N LEU K 63 -0.53 -24.35 0.45
CA LEU K 63 0.67 -23.95 1.28
C LEU K 63 1.18 -22.50 0.89
N LYS K 64 1.22 -22.22 -0.41
CA LYS K 64 1.78 -20.95 -0.86
C LYS K 64 0.90 -19.75 -0.54
N THR K 65 -0.38 -19.99 -0.61
CA THR K 65 -1.38 -19.06 -0.09
C THR K 65 -1.24 -18.69 1.44
N LYS K 66 -1.10 -19.74 2.26
CA LYS K 66 -0.79 -19.56 3.70
C LYS K 66 0.51 -18.74 3.86
N ASN K 67 1.55 -19.16 3.16
CA ASN K 67 2.86 -18.55 3.39
C ASN K 67 3.41 -17.98 2.09
N PRO K 68 3.10 -16.71 1.82
CA PRO K 68 3.46 -16.12 0.52
C PRO K 68 4.97 -16.04 0.32
N LYS K 69 5.75 -16.30 1.35
CA LYS K 69 7.22 -16.19 1.25
C LYS K 69 7.87 -17.53 0.86
N LEU K 70 7.08 -18.59 1.01
CA LEU K 70 7.54 -19.95 0.85
C LEU K 70 7.88 -20.30 -0.61
N LYS K 71 9.01 -20.97 -0.83
CA LYS K 71 9.38 -21.41 -2.19
C LYS K 71 9.31 -22.93 -2.35
N ILE K 72 8.73 -23.40 -3.44
CA ILE K 72 8.63 -24.84 -3.65
C ILE K 72 9.23 -25.23 -4.98
N LEU K 73 10.24 -26.11 -4.92
CA LEU K 73 11.00 -26.48 -6.09
C LEU K 73 10.72 -27.91 -6.53
N LEU K 74 11.01 -28.18 -7.79
CA LEU K 74 10.91 -29.50 -8.36
C LEU K 74 12.32 -30.01 -8.58
N SER K 75 12.61 -31.20 -8.06
CA SER K 75 13.92 -31.81 -8.27
C SER K 75 13.85 -32.94 -9.26
N ILE K 76 14.83 -32.99 -10.17
CA ILE K 76 14.96 -34.20 -10.95
C ILE K 76 16.33 -34.84 -10.81
N GLY K 77 16.33 -36.16 -10.70
CA GLY K 77 17.58 -36.87 -10.47
C GLY K 77 17.48 -37.84 -9.31
N GLY K 78 18.48 -37.77 -8.42
CA GLY K 78 18.54 -38.71 -7.32
C GLY K 78 19.28 -39.96 -7.73
N TYR K 79 19.55 -40.80 -6.74
CA TYR K 79 20.39 -41.97 -6.92
C TYR K 79 19.86 -42.99 -7.94
N LEU K 80 18.62 -43.49 -7.77
CA LEU K 80 18.10 -44.49 -8.70
C LEU K 80 18.00 -43.97 -10.14
N PHE K 81 17.70 -42.68 -10.31
CA PHE K 81 17.59 -42.11 -11.65
C PHE K 81 18.95 -42.19 -12.35
N GLY K 82 20.01 -41.94 -11.59
CA GLY K 82 21.37 -42.08 -12.12
C GLY K 82 21.69 -41.09 -13.22
N SER K 83 22.67 -41.46 -14.04
CA SER K 83 22.95 -40.71 -15.25
C SER K 83 22.04 -41.17 -16.38
N LYS K 84 21.62 -42.43 -16.38
CA LYS K 84 20.79 -42.96 -17.48
C LYS K 84 19.53 -42.14 -17.78
N GLY K 85 18.86 -41.67 -16.72
CA GLY K 85 17.63 -40.87 -16.86
C GLY K 85 17.78 -39.60 -17.68
N PHE K 86 18.96 -38.98 -17.61
CA PHE K 86 19.26 -37.79 -18.38
C PHE K 86 19.57 -38.00 -19.88
N HIS K 87 19.63 -39.26 -20.32
CA HIS K 87 19.94 -39.58 -21.73
C HIS K 87 18.71 -40.15 -22.46
N PRO K 88 18.50 -39.74 -23.71
CA PRO K 88 19.39 -38.92 -24.54
C PRO K 88 19.15 -37.41 -24.46
N MET K 89 18.36 -36.97 -23.49
CA MET K 89 17.97 -35.54 -23.39
C MET K 89 19.16 -34.57 -23.41
N VAL K 90 20.17 -34.86 -22.60
CA VAL K 90 21.29 -33.92 -22.46
C VAL K 90 22.23 -33.95 -23.66
N ASP K 91 22.07 -34.95 -24.54
CA ASP K 91 23.06 -35.27 -25.58
C ASP K 91 23.00 -34.45 -26.85
N SER K 92 22.00 -33.59 -27.00
CA SER K 92 22.00 -32.71 -28.14
C SER K 92 21.35 -31.37 -27.80
N SER K 93 21.70 -30.37 -28.58
CA SER K 93 21.11 -29.05 -28.55
C SER K 93 19.58 -29.11 -28.63
N THR K 94 19.08 -29.80 -29.64
CA THR K 94 17.63 -29.75 -29.89
C THR K 94 16.82 -30.44 -28.77
N SER K 95 17.31 -31.55 -28.24
CA SER K 95 16.61 -32.20 -27.12
C SER K 95 16.70 -31.37 -25.84
N ARG K 96 17.84 -30.72 -25.61
CA ARG K 96 17.95 -29.92 -24.39
C ARG K 96 16.98 -28.73 -24.47
N LEU K 97 16.76 -28.23 -25.70
CA LEU K 97 15.86 -27.11 -25.88
C LEU K 97 14.44 -27.54 -25.60
N GLU K 98 14.09 -28.72 -26.08
CA GLU K 98 12.77 -29.29 -25.79
C GLU K 98 12.55 -29.41 -24.29
N PHE K 99 13.52 -30.01 -23.61
CA PHE K 99 13.45 -30.18 -22.17
C PHE K 99 13.30 -28.85 -21.43
N ILE K 100 14.15 -27.88 -21.78
CA ILE K 100 14.13 -26.60 -21.08
C ILE K 100 12.80 -25.84 -21.26
N ASN K 101 12.30 -25.82 -22.49
CA ASN K 101 11.00 -25.22 -22.72
C ASN K 101 9.91 -25.93 -21.92
N SER K 102 9.93 -27.25 -21.92
CA SER K 102 8.93 -28.03 -21.18
C SER K 102 9.01 -27.75 -19.68
N ILE K 103 10.23 -27.56 -19.19
CA ILE K 103 10.48 -27.26 -17.79
C ILE K 103 9.88 -25.92 -17.35
N ILE K 104 10.15 -24.88 -18.13
CA ILE K 104 9.65 -23.58 -17.76
C ILE K 104 8.12 -23.61 -17.71
N LEU K 105 7.52 -24.24 -18.70
CA LEU K 105 6.08 -24.39 -18.76
C LEU K 105 5.51 -25.21 -17.58
N PHE K 106 6.13 -26.36 -17.30
CA PHE K 106 5.65 -27.24 -16.26
C PHE K 106 5.70 -26.51 -14.90
N LEU K 107 6.79 -25.80 -14.66
CA LEU K 107 6.98 -25.12 -13.40
C LEU K 107 5.97 -24.02 -13.18
N ARG K 108 5.76 -23.17 -14.18
CA ARG K 108 4.84 -22.03 -14.06
C ARG K 108 3.38 -22.51 -13.90
N ASN K 109 3.03 -23.54 -14.67
CA ASN K 109 1.69 -24.13 -14.66
C ASN K 109 1.34 -24.86 -13.38
N HIS K 110 2.35 -25.23 -12.59
CA HIS K 110 2.08 -25.92 -11.34
C HIS K 110 2.54 -25.10 -10.12
N ASN K 111 2.90 -23.84 -10.33
CA ASN K 111 3.20 -22.95 -9.22
C ASN K 111 4.46 -23.27 -8.42
N PHE K 112 5.44 -23.86 -9.10
CA PHE K 112 6.75 -24.12 -8.53
C PHE K 112 7.58 -22.86 -8.77
N ASP K 113 8.54 -22.60 -7.88
CA ASP K 113 9.39 -21.41 -7.98
C ASP K 113 10.76 -21.69 -8.62
N GLY K 114 11.01 -22.96 -8.91
CA GLY K 114 12.28 -23.32 -9.52
C GLY K 114 12.52 -24.81 -9.66
N LEU K 115 13.72 -25.11 -10.17
CA LEU K 115 14.15 -26.47 -10.47
C LEU K 115 15.43 -26.85 -9.71
N ASP K 116 15.45 -28.06 -9.16
CA ASP K 116 16.67 -28.63 -8.52
C ASP K 116 17.15 -29.76 -9.41
N VAL K 117 18.36 -29.63 -9.96
CA VAL K 117 18.93 -30.71 -10.74
C VAL K 117 19.91 -31.46 -9.83
N SER K 118 19.53 -32.68 -9.42
CA SER K 118 20.38 -33.49 -8.56
C SER K 118 20.82 -34.75 -9.31
N TRP K 119 21.70 -34.53 -10.27
CA TRP K 119 22.24 -35.59 -11.11
C TRP K 119 23.29 -36.38 -10.34
N ILE K 120 23.01 -37.66 -10.08
CA ILE K 120 23.89 -38.51 -9.27
C ILE K 120 24.53 -39.61 -10.14
N TYR K 121 25.72 -39.40 -10.71
CA TYR K 121 26.47 -38.15 -10.73
C TYR K 121 26.94 -37.94 -12.19
N PRO K 122 27.26 -36.70 -12.57
CA PRO K 122 27.79 -36.57 -13.94
C PRO K 122 29.09 -37.35 -14.14
N ASP K 123 29.96 -37.37 -13.14
CA ASP K 123 31.27 -38.02 -13.25
C ASP K 123 32.10 -37.44 -14.41
N GLN K 124 33.23 -38.06 -14.75
CA GLN K 124 34.09 -37.46 -15.77
C GLN K 124 33.39 -37.44 -17.10
N LYS K 125 32.69 -38.52 -17.42
CA LYS K 125 32.07 -38.63 -18.72
C LYS K 125 30.99 -37.56 -19.03
N GLU K 126 30.20 -37.11 -18.06
CA GLU K 126 29.15 -36.10 -18.36
C GLU K 126 29.38 -34.78 -17.68
N ASN K 127 30.60 -34.58 -17.16
CA ASN K 127 30.99 -33.29 -16.60
C ASN K 127 30.55 -32.15 -17.53
N THR K 128 30.88 -32.29 -18.80
CA THR K 128 30.64 -31.24 -19.79
C THR K 128 29.14 -31.04 -20.05
N HIS K 129 28.43 -32.14 -20.28
CA HIS K 129 26.98 -32.09 -20.48
C HIS K 129 26.25 -31.44 -19.31
N PHE K 130 26.69 -31.78 -18.10
CA PHE K 130 26.10 -31.20 -16.90
C PHE K 130 26.25 -29.68 -16.90
N THR K 131 27.48 -29.23 -17.13
CA THR K 131 27.81 -27.80 -17.13
C THR K 131 26.96 -27.05 -18.15
N VAL K 132 26.88 -27.61 -19.36
CA VAL K 132 26.12 -27.00 -20.46
C VAL K 132 24.65 -26.94 -20.11
N LEU K 133 24.12 -28.06 -19.60
CA LEU K 133 22.71 -28.13 -19.23
C LEU K 133 22.36 -27.09 -18.18
N ILE K 134 23.20 -26.97 -17.16
CA ILE K 134 22.97 -25.97 -16.11
C ILE K 134 23.04 -24.56 -16.69
N HIS K 135 24.03 -24.33 -17.55
CA HIS K 135 24.21 -23.01 -18.16
C HIS K 135 23.02 -22.64 -19.04
N GLU K 136 22.54 -23.58 -19.84
CA GLU K 136 21.39 -23.33 -20.68
C GLU K 136 20.12 -23.10 -19.86
N LEU K 137 19.95 -23.84 -18.76
CA LEU K 137 18.78 -23.65 -17.90
C LEU K 137 18.80 -22.24 -17.31
N ALA K 138 19.97 -21.80 -16.83
CA ALA K 138 20.10 -20.49 -16.19
C ALA K 138 19.80 -19.39 -17.17
N GLU K 139 20.37 -19.49 -18.37
CA GLU K 139 20.10 -18.50 -19.41
C GLU K 139 18.63 -18.41 -19.72
N ALA K 140 17.97 -19.57 -19.84
CA ALA K 140 16.55 -19.61 -20.20
C ALA K 140 15.62 -19.14 -19.06
N PHE K 141 16.03 -19.37 -17.82
CA PHE K 141 15.28 -18.83 -16.68
C PHE K 141 15.39 -17.30 -16.66
N GLN K 142 16.59 -16.80 -16.95
CA GLN K 142 16.83 -15.35 -16.96
C GLN K 142 16.08 -14.67 -18.11
N LYS K 143 16.05 -15.32 -19.27
CA LYS K 143 15.29 -14.80 -20.41
C LYS K 143 13.80 -14.78 -20.07
N ASP K 144 13.30 -15.90 -19.56
CA ASP K 144 11.93 -16.00 -19.12
C ASP K 144 11.60 -14.87 -18.14
N PHE K 145 12.57 -14.52 -17.30
CA PHE K 145 12.33 -13.49 -16.28
C PHE K 145 12.06 -12.11 -16.91
N THR K 146 12.93 -11.67 -17.81
CA THR K 146 12.75 -10.38 -18.49
C THR K 146 11.50 -10.34 -19.39
N LYS K 147 11.13 -11.49 -19.95
CA LYS K 147 9.90 -11.55 -20.75
C LYS K 147 8.68 -11.87 -19.89
N SER K 148 8.70 -11.45 -18.63
CA SER K 148 7.58 -11.78 -17.75
C SER K 148 7.55 -10.99 -16.43
N THR K 149 6.41 -11.03 -15.76
CA THR K 149 6.21 -10.25 -14.55
C THR K 149 6.48 -11.00 -13.24
N LYS K 150 6.67 -12.32 -13.32
CA LYS K 150 6.90 -13.12 -12.11
C LYS K 150 8.37 -13.10 -11.70
N GLU K 151 8.68 -13.64 -10.52
CA GLU K 151 10.08 -13.73 -10.12
C GLU K 151 10.85 -14.75 -10.94
N ARG K 152 12.16 -14.52 -11.08
CA ARG K 152 12.97 -15.45 -11.87
C ARG K 152 12.82 -16.85 -11.28
N LEU K 153 12.71 -17.87 -12.11
CA LEU K 153 12.71 -19.24 -11.60
C LEU K 153 14.08 -19.54 -10.99
N LEU K 154 14.10 -20.25 -9.86
CA LEU K 154 15.37 -20.58 -9.19
C LEU K 154 15.97 -21.81 -9.83
N LEU K 155 17.30 -21.83 -9.89
CA LEU K 155 18.05 -22.99 -10.34
C LEU K 155 19.00 -23.44 -9.22
N THR K 156 18.83 -24.68 -8.75
CA THR K 156 19.75 -25.25 -7.76
C THR K 156 20.22 -26.64 -8.18
N ALA K 157 21.17 -27.20 -7.44
CA ALA K 157 21.64 -28.53 -7.74
C ALA K 157 22.08 -29.26 -6.47
N GLY K 158 21.58 -30.48 -6.28
CA GLY K 158 22.14 -31.37 -5.28
C GLY K 158 23.43 -31.92 -5.86
N VAL K 159 24.51 -31.80 -5.09
CA VAL K 159 25.84 -32.16 -5.55
C VAL K 159 26.60 -33.03 -4.52
N SER K 160 27.50 -33.85 -5.04
CA SER K 160 28.32 -34.75 -4.23
C SER K 160 29.13 -33.98 -3.19
N ALA K 161 29.30 -34.59 -2.02
CA ALA K 161 30.22 -34.10 -1.02
C ALA K 161 31.56 -34.86 -1.00
N GLY K 162 31.78 -35.73 -1.99
CA GLY K 162 32.97 -36.60 -2.02
C GLY K 162 34.06 -36.00 -2.90
N ARG K 163 35.25 -35.81 -2.33
CA ARG K 163 36.29 -35.10 -3.08
C ARG K 163 36.48 -35.66 -4.49
N GLN K 164 36.59 -36.97 -4.64
CA GLN K 164 36.85 -37.54 -5.96
C GLN K 164 35.72 -37.28 -6.97
N MET K 165 34.49 -37.53 -6.57
CA MET K 165 33.37 -37.32 -7.46
C MET K 165 33.24 -35.83 -7.81
N ILE K 166 33.61 -34.97 -6.88
CA ILE K 166 33.56 -33.52 -7.11
C ILE K 166 34.54 -33.13 -8.21
N ASP K 167 35.80 -33.52 -8.04
CA ASP K 167 36.82 -33.28 -9.08
C ASP K 167 36.40 -33.90 -10.41
N ASN K 168 35.78 -35.07 -10.37
CA ASN K 168 35.35 -35.74 -11.60
C ASN K 168 34.21 -34.99 -12.31
N SER K 169 33.22 -34.54 -11.54
CA SER K 169 31.92 -34.11 -12.09
C SER K 169 31.74 -32.62 -12.42
N TYR K 170 32.35 -31.74 -11.62
CA TYR K 170 31.90 -30.35 -11.59
C TYR K 170 32.92 -29.31 -12.00
N GLN K 171 32.46 -28.40 -12.85
CA GLN K 171 33.24 -27.22 -13.17
C GLN K 171 32.72 -26.15 -12.24
N VAL K 172 33.31 -26.09 -11.06
CA VAL K 172 32.75 -25.30 -9.95
C VAL K 172 32.63 -23.79 -10.17
N GLU K 173 33.64 -23.16 -10.74
CA GLU K 173 33.55 -21.72 -10.98
C GLU K 173 32.48 -21.37 -12.00
N LYS K 174 32.32 -22.20 -13.01
CA LYS K 174 31.26 -21.96 -14.00
C LYS K 174 29.89 -22.17 -13.39
N LEU K 175 29.78 -23.27 -12.64
CA LEU K 175 28.55 -23.64 -11.92
C LEU K 175 28.10 -22.56 -10.94
N ALA K 176 29.05 -22.01 -10.18
CA ALA K 176 28.76 -20.91 -9.24
C ALA K 176 28.12 -19.68 -9.91
N LYS K 177 28.38 -19.49 -11.20
CA LYS K 177 27.86 -18.34 -11.92
C LYS K 177 26.42 -18.61 -12.29
N ASP K 178 26.09 -19.88 -12.49
CA ASP K 178 24.76 -20.23 -13.01
C ASP K 178 23.74 -20.65 -11.95
N LEU K 179 24.21 -21.21 -10.83
CA LEU K 179 23.29 -21.77 -9.85
C LEU K 179 22.95 -20.71 -8.82
N ASP K 180 21.73 -20.74 -8.30
CA ASP K 180 21.40 -19.84 -7.20
C ASP K 180 22.11 -20.25 -5.93
N PHE K 181 22.11 -21.56 -5.67
CA PHE K 181 22.89 -22.18 -4.57
C PHE K 181 23.04 -23.66 -4.85
N ILE K 182 23.95 -24.35 -4.15
CA ILE K 182 24.00 -25.81 -4.23
C ILE K 182 23.38 -26.42 -2.98
N ASN K 183 22.74 -27.58 -3.14
CA ASN K 183 22.35 -28.39 -2.00
C ASN K 183 23.44 -29.45 -1.82
N LEU K 184 24.38 -29.17 -0.92
CA LEU K 184 25.51 -30.09 -0.71
C LEU K 184 25.02 -31.42 -0.08
N LEU K 185 25.26 -32.54 -0.75
CA LEU K 185 24.78 -33.82 -0.24
C LEU K 185 25.77 -34.39 0.79
N SER K 186 25.95 -33.64 1.88
CA SER K 186 26.99 -33.95 2.88
C SER K 186 26.51 -35.04 3.83
N PHE K 187 26.30 -36.23 3.27
CA PHE K 187 25.99 -37.46 4.00
C PHE K 187 26.38 -38.62 3.12
N ASP K 188 25.98 -39.84 3.49
CA ASP K 188 26.50 -41.08 2.89
C ASP K 188 28.02 -41.09 2.76
N PHE K 189 28.70 -40.52 3.73
CA PHE K 189 30.17 -40.59 3.75
C PHE K 189 30.67 -41.99 4.04
N HIS K 190 29.87 -42.76 4.79
CA HIS K 190 30.21 -44.16 5.07
C HIS K 190 28.95 -45.01 4.95
N GLY K 191 29.11 -46.29 4.64
CA GLY K 191 27.98 -47.21 4.49
C GLY K 191 28.51 -48.59 4.17
N SER K 192 27.60 -49.56 4.01
CA SER K 192 27.99 -50.96 3.86
C SER K 192 28.46 -51.32 2.43
N TRP K 193 28.61 -50.33 1.57
CA TRP K 193 29.25 -50.50 0.28
C TRP K 193 30.79 -50.48 0.38
N GLU K 194 31.32 -50.10 1.54
CA GLU K 194 32.78 -49.90 1.67
C GLU K 194 33.59 -51.19 1.77
N LYS K 195 34.82 -51.14 1.26
CA LYS K 195 35.81 -52.22 1.40
C LYS K 195 37.12 -51.66 2.00
N PRO K 196 37.55 -52.20 3.17
CA PRO K 196 36.93 -53.29 3.90
C PRO K 196 35.63 -52.84 4.54
N LEU K 197 34.80 -53.80 4.91
CA LEU K 197 33.47 -53.44 5.39
C LEU K 197 33.53 -53.33 6.91
N ILE K 198 33.56 -52.09 7.39
CA ILE K 198 33.70 -51.76 8.79
C ILE K 198 32.74 -50.62 9.04
N THR K 199 32.37 -50.44 10.30
CA THR K 199 31.44 -49.38 10.68
C THR K 199 31.98 -47.98 10.45
N GLY K 200 31.08 -47.07 10.07
CA GLY K 200 31.46 -45.70 9.85
C GLY K 200 30.20 -44.88 9.87
N HIS K 201 30.36 -43.60 10.19
CA HIS K 201 29.21 -42.75 10.36
C HIS K 201 28.74 -42.16 9.03
N ASN K 202 27.42 -42.12 8.90
CA ASN K 202 26.74 -41.57 7.74
C ASN K 202 27.18 -40.15 7.43
N SER K 203 27.29 -39.36 8.48
CA SER K 203 27.47 -37.95 8.29
C SER K 203 28.29 -37.31 9.43
N PRO K 204 29.57 -37.65 9.53
CA PRO K 204 30.43 -37.03 10.56
C PRO K 204 30.71 -35.57 10.23
N LEU K 205 30.69 -34.70 11.23
CA LEU K 205 30.99 -33.31 10.96
C LEU K 205 32.45 -33.10 10.63
N SER K 206 33.32 -33.78 11.39
CA SER K 206 34.76 -33.63 11.25
C SER K 206 35.42 -35.01 11.17
N LYS K 207 36.65 -35.05 10.68
CA LYS K 207 37.36 -36.33 10.54
C LYS K 207 37.62 -36.98 11.91
N GLY K 208 37.82 -38.30 11.93
CA GLY K 208 38.22 -38.94 13.16
C GLY K 208 39.66 -38.56 13.50
N TRP K 209 39.99 -38.59 14.79
CA TRP K 209 41.36 -38.30 15.19
C TRP K 209 42.37 -39.18 14.44
N GLN K 210 41.97 -40.41 14.10
CA GLN K 210 42.91 -41.34 13.44
C GLN K 210 42.95 -41.24 11.92
N ASP K 211 42.09 -40.40 11.34
CA ASP K 211 42.04 -40.25 9.89
C ASP K 211 43.17 -39.43 9.28
N ARG K 212 43.90 -40.03 8.34
CA ARG K 212 44.92 -39.33 7.54
C ARG K 212 44.72 -39.69 6.07
N GLY K 213 45.43 -39.03 5.17
CA GLY K 213 45.30 -39.33 3.75
C GLY K 213 43.87 -39.09 3.30
N PRO K 214 43.41 -39.81 2.26
CA PRO K 214 42.09 -39.52 1.73
C PRO K 214 41.00 -39.86 2.72
N SER K 215 41.27 -40.75 3.69
CA SER K 215 40.25 -41.03 4.71
C SER K 215 39.79 -39.75 5.41
N SER K 216 40.62 -38.71 5.39
CA SER K 216 40.28 -37.45 6.08
C SER K 216 39.36 -36.53 5.27
N TYR K 217 38.94 -36.99 4.09
CA TYR K 217 38.06 -36.19 3.24
C TYR K 217 36.61 -36.47 3.56
N TYR K 218 36.35 -37.54 4.32
CA TYR K 218 35.00 -38.11 4.42
C TYR K 218 34.19 -37.50 5.57
N ASN K 219 34.03 -36.18 5.53
CA ASN K 219 33.29 -35.47 6.58
C ASN K 219 32.73 -34.18 6.05
N VAL K 220 31.70 -33.67 6.73
CA VAL K 220 31.02 -32.45 6.30
C VAL K 220 31.98 -31.28 6.15
N GLU K 221 32.78 -31.08 7.20
CA GLU K 221 33.68 -29.98 7.26
C GLU K 221 34.60 -29.95 6.03
N TYR K 222 35.15 -31.09 5.65
CA TYR K 222 36.09 -31.10 4.51
C TYR K 222 35.37 -30.77 3.18
N ALA K 223 34.18 -31.34 2.99
CA ALA K 223 33.38 -31.11 1.79
C ALA K 223 32.98 -29.65 1.58
N VAL K 224 32.48 -29.03 2.65
CA VAL K 224 32.16 -27.61 2.64
C VAL K 224 33.42 -26.81 2.24
N GLY K 225 34.54 -27.09 2.90
CA GLY K 225 35.77 -26.34 2.63
C GLY K 225 36.23 -26.55 1.19
N TYR K 226 36.08 -27.77 0.68
CA TYR K 226 36.55 -28.07 -0.67
C TYR K 226 35.73 -27.32 -1.74
N TRP K 227 34.41 -27.28 -1.54
CA TRP K 227 33.53 -26.58 -2.47
C TRP K 227 33.87 -25.09 -2.52
N ILE K 228 34.11 -24.51 -1.36
CA ILE K 228 34.50 -23.09 -1.26
C ILE K 228 35.87 -22.84 -1.89
N HIS K 229 36.83 -23.72 -1.59
CA HIS K 229 38.17 -23.66 -2.19
C HIS K 229 38.10 -23.73 -3.73
N LYS K 230 37.18 -24.54 -4.25
CA LYS K 230 37.04 -24.65 -5.70
C LYS K 230 36.30 -23.47 -6.36
N GLY K 231 35.84 -22.51 -5.57
CA GLY K 231 35.18 -21.34 -6.17
C GLY K 231 33.69 -21.09 -5.85
N MET K 232 33.05 -21.97 -5.10
CA MET K 232 31.68 -21.70 -4.69
C MET K 232 31.64 -20.74 -3.51
N PRO K 233 31.10 -19.51 -3.70
CA PRO K 233 30.94 -18.55 -2.62
C PRO K 233 30.23 -19.25 -1.46
N SER K 234 30.65 -18.95 -0.23
CA SER K 234 30.17 -19.66 0.96
C SER K 234 28.66 -19.54 1.10
N GLU K 235 28.15 -18.38 0.71
CA GLU K 235 26.73 -18.09 0.89
C GLU K 235 25.84 -18.93 -0.03
N LYS K 236 26.44 -19.49 -1.09
CA LYS K 236 25.70 -20.31 -2.05
C LYS K 236 25.80 -21.78 -1.70
N VAL K 237 26.48 -22.10 -0.59
CA VAL K 237 26.56 -23.48 -0.12
C VAL K 237 25.46 -23.69 0.89
N VAL K 238 24.54 -24.61 0.61
CA VAL K 238 23.48 -24.94 1.56
C VAL K 238 23.74 -26.37 2.05
N MET K 239 24.05 -26.50 3.34
CA MET K 239 24.73 -27.69 3.86
C MET K 239 23.76 -28.79 4.21
N GLY K 240 23.92 -29.95 3.59
CA GLY K 240 23.02 -31.07 3.85
C GLY K 240 23.16 -31.73 5.22
N ILE K 241 22.01 -32.09 5.79
CA ILE K 241 21.92 -32.76 7.06
C ILE K 241 20.86 -33.82 6.87
N PRO K 242 21.16 -35.04 7.29
CA PRO K 242 20.34 -36.23 7.13
C PRO K 242 19.45 -36.52 8.34
N THR K 243 18.23 -36.94 8.08
CA THR K 243 17.32 -37.33 9.16
C THR K 243 17.23 -38.86 9.16
N TYR K 244 18.24 -39.51 8.58
CA TYR K 244 18.35 -40.97 8.60
C TYR K 244 19.76 -41.36 9.04
N GLY K 245 19.98 -42.64 9.32
CA GLY K 245 21.30 -43.15 9.69
C GLY K 245 21.64 -44.39 8.89
N HIS K 246 22.94 -44.71 8.80
CA HIS K 246 23.34 -45.96 8.15
C HIS K 246 23.61 -47.02 9.21
N SER K 247 23.13 -48.24 8.97
CA SER K 247 23.26 -49.32 9.94
C SER K 247 24.17 -50.46 9.45
N PHE K 248 24.83 -51.14 10.38
CA PHE K 248 25.66 -52.27 10.02
C PHE K 248 25.33 -53.48 10.88
N THR K 249 25.58 -54.68 10.38
CA THR K 249 25.57 -55.88 11.23
C THR K 249 27.02 -56.18 11.64
N LEU K 250 27.27 -56.20 12.95
CA LEU K 250 28.62 -56.39 13.47
C LEU K 250 29.08 -57.83 13.26
N ALA K 251 30.35 -57.98 12.88
CA ALA K 251 30.93 -59.31 12.64
C ALA K 251 31.67 -59.86 13.84
N SER K 252 31.78 -59.06 14.88
CA SER K 252 32.39 -59.54 16.12
C SER K 252 31.89 -58.74 17.32
N ALA K 253 32.47 -59.03 18.48
CA ALA K 253 32.19 -58.31 19.71
C ALA K 253 32.59 -56.81 19.71
N GLU K 254 33.45 -56.39 18.78
CA GLU K 254 33.90 -54.98 18.74
C GLU K 254 32.78 -54.09 18.23
N THR K 255 32.61 -52.94 18.86
CA THR K 255 31.45 -52.09 18.64
C THR K 255 31.85 -50.64 18.35
N THR K 256 33.16 -50.37 18.30
CA THR K 256 33.66 -49.04 17.98
C THR K 256 33.49 -48.61 16.49
N VAL K 257 33.69 -47.33 16.19
CA VAL K 257 33.83 -46.89 14.80
C VAL K 257 34.97 -47.67 14.15
N GLY K 258 34.79 -48.11 12.90
CA GLY K 258 35.83 -48.88 12.22
C GLY K 258 35.86 -50.36 12.60
N ALA K 259 34.86 -50.81 13.38
CA ALA K 259 34.78 -52.23 13.76
C ALA K 259 34.29 -53.07 12.60
N PRO K 260 34.67 -54.36 12.57
CA PRO K 260 34.30 -55.24 11.45
C PRO K 260 32.77 -55.44 11.35
N ALA K 261 32.25 -55.48 10.12
CA ALA K 261 30.83 -55.68 9.88
C ALA K 261 30.67 -56.75 8.82
N SER K 262 29.63 -57.56 8.93
CA SER K 262 29.42 -58.64 7.97
C SER K 262 28.50 -58.22 6.83
N GLY K 263 27.83 -57.08 7.01
CA GLY K 263 26.92 -56.56 6.00
C GLY K 263 26.12 -55.39 6.53
N PRO K 264 25.12 -54.95 5.78
CA PRO K 264 24.35 -53.83 6.28
C PRO K 264 23.53 -54.29 7.48
N GLY K 265 22.95 -53.34 8.21
CA GLY K 265 22.15 -53.66 9.37
C GLY K 265 20.78 -54.14 8.94
N ALA K 266 20.05 -54.76 9.85
CA ALA K 266 18.71 -55.26 9.53
C ALA K 266 17.71 -54.15 9.13
N ALA K 267 16.88 -54.42 8.12
CA ALA K 267 15.95 -53.42 7.61
C ALA K 267 14.99 -52.97 8.71
N GLY K 268 14.62 -51.68 8.68
CA GLY K 268 13.64 -51.16 9.63
C GLY K 268 12.26 -51.66 9.24
N PRO K 269 11.37 -51.80 10.22
CA PRO K 269 10.01 -52.33 9.98
C PRO K 269 9.24 -51.50 8.96
N ILE K 270 9.58 -50.22 8.87
CA ILE K 270 8.84 -49.29 8.04
C ILE K 270 9.52 -48.93 6.71
N THR K 271 10.84 -48.76 6.70
CA THR K 271 11.54 -48.37 5.49
C THR K 271 11.98 -49.60 4.67
N GLU K 272 12.11 -50.74 5.34
CA GLU K 272 12.35 -52.04 4.69
C GLU K 272 13.56 -52.06 3.74
N SER K 273 14.63 -51.41 4.16
CA SER K 273 15.82 -51.30 3.32
C SER K 273 17.07 -51.51 4.18
N SER K 274 17.61 -52.72 4.17
CA SER K 274 18.73 -53.03 5.04
C SER K 274 19.85 -52.05 4.75
N GLY K 275 20.25 -51.27 5.75
CA GLY K 275 21.40 -50.37 5.58
C GLY K 275 21.12 -48.96 6.03
N PHE K 276 19.84 -48.57 6.06
CA PHE K 276 19.49 -47.29 6.65
C PHE K 276 18.24 -47.44 7.52
N LEU K 277 18.06 -46.50 8.44
CA LEU K 277 16.85 -46.44 9.27
C LEU K 277 16.45 -45.00 9.20
N ALA K 278 15.15 -44.72 9.07
CA ALA K 278 14.64 -43.37 9.21
C ALA K 278 14.71 -43.05 10.69
N TYR K 279 14.75 -41.77 11.03
CA TYR K 279 14.82 -41.38 12.44
C TYR K 279 13.69 -41.97 13.28
N TYR K 280 12.49 -42.11 12.72
CA TYR K 280 11.36 -42.61 13.49
C TYR K 280 11.47 -44.12 13.79
N GLU K 281 12.34 -44.79 13.05
CA GLU K 281 12.72 -46.16 13.40
C GLU K 281 13.90 -46.16 14.37
N ILE K 282 14.80 -45.19 14.19
CA ILE K 282 15.97 -45.03 15.08
C ILE K 282 15.56 -44.82 16.55
N CYS K 283 14.59 -43.95 16.79
CA CYS K 283 14.26 -43.57 18.16
C CYS K 283 13.62 -44.76 18.87
N GLN K 284 13.09 -45.71 18.09
CA GLN K 284 12.66 -47.03 18.61
C GLN K 284 13.85 -47.95 18.86
N PHE K 285 14.83 -47.92 17.95
CA PHE K 285 16.05 -48.70 18.10
C PHE K 285 16.79 -48.32 19.38
N LEU K 286 16.78 -47.03 19.71
CA LEU K 286 17.58 -46.50 20.81
C LEU K 286 17.12 -47.06 22.14
N LYS K 287 15.89 -47.56 22.18
CA LYS K 287 15.36 -48.13 23.42
C LYS K 287 16.03 -49.46 23.68
N GLY K 288 16.80 -49.55 24.76
CA GLY K 288 17.58 -50.76 25.03
C GLY K 288 18.92 -50.78 24.33
N ALA K 289 19.30 -49.66 23.70
CA ALA K 289 20.60 -49.56 23.04
C ALA K 289 21.56 -48.70 23.87
N LYS K 290 22.85 -48.80 23.56
CA LYS K 290 23.81 -47.89 24.19
C LYS K 290 24.31 -46.83 23.21
N ILE K 291 24.21 -45.58 23.63
CA ILE K 291 24.59 -44.47 22.77
C ILE K 291 25.96 -43.97 23.13
N THR K 292 26.81 -43.82 22.14
CA THR K 292 28.13 -43.24 22.31
C THR K 292 28.31 -42.02 21.44
N ARG K 293 28.84 -40.95 22.02
CA ARG K 293 29.10 -39.74 21.25
C ARG K 293 30.54 -39.67 20.82
N LEU K 294 30.76 -39.46 19.52
CA LEU K 294 32.11 -39.29 19.01
C LEU K 294 32.56 -37.86 19.27
N GLN K 295 33.53 -37.73 20.16
CA GLN K 295 34.02 -36.42 20.55
C GLN K 295 34.76 -35.77 19.38
N ASP K 296 35.41 -36.58 18.56
CA ASP K 296 36.11 -36.05 17.42
C ASP K 296 35.17 -35.75 16.24
N GLN K 297 34.27 -36.68 15.93
CA GLN K 297 33.40 -36.54 14.74
C GLN K 297 32.12 -35.77 15.03
N GLN K 298 31.83 -35.60 16.32
CA GLN K 298 30.72 -34.75 16.81
C GLN K 298 29.34 -35.37 16.53
N VAL K 299 29.26 -36.68 16.41
CA VAL K 299 28.00 -37.31 16.08
C VAL K 299 27.91 -38.58 16.90
N PRO K 300 26.70 -39.10 17.10
CA PRO K 300 26.45 -40.32 17.85
C PRO K 300 26.40 -41.60 17.02
N TYR K 301 26.69 -42.72 17.65
CA TYR K 301 26.27 -43.99 17.09
C TYR K 301 25.60 -44.77 18.20
N ALA K 302 24.81 -45.76 17.85
CA ALA K 302 24.15 -46.57 18.85
C ALA K 302 24.33 -48.06 18.55
N VAL K 303 24.44 -48.85 19.61
CA VAL K 303 24.63 -50.30 19.46
C VAL K 303 23.57 -51.10 20.22
N LYS K 304 22.98 -52.10 19.56
CA LYS K 304 22.13 -53.05 20.28
C LYS K 304 22.28 -54.42 19.67
N GLY K 305 22.60 -55.42 20.50
CA GLY K 305 22.94 -56.73 20.00
C GLY K 305 23.98 -56.49 18.92
N ASN K 306 23.95 -57.29 17.87
CA ASN K 306 24.91 -57.11 16.75
C ASN K 306 24.57 -55.96 15.79
N GLN K 307 23.75 -55.01 16.21
CA GLN K 307 23.36 -53.88 15.33
C GLN K 307 24.03 -52.56 15.71
N TRP K 308 24.55 -51.84 14.73
CA TRP K 308 25.30 -50.60 14.93
C TRP K 308 24.72 -49.55 13.98
N VAL K 309 24.27 -48.42 14.52
CA VAL K 309 23.66 -47.37 13.71
C VAL K 309 24.36 -46.04 13.93
N GLY K 310 24.86 -45.44 12.84
CA GLY K 310 25.35 -44.05 12.89
C GLY K 310 24.25 -43.10 12.41
N TYR K 311 23.91 -42.12 13.23
CA TYR K 311 22.76 -41.29 12.93
C TYR K 311 22.98 -39.88 13.48
N ASP K 312 22.04 -38.97 13.17
CA ASP K 312 22.10 -37.61 13.68
C ASP K 312 20.92 -37.40 14.59
N ASP K 313 21.14 -36.65 15.67
CA ASP K 313 20.09 -36.34 16.64
C ASP K 313 20.07 -34.85 16.89
N VAL K 314 19.20 -34.35 17.78
CA VAL K 314 19.06 -32.91 17.98
C VAL K 314 20.40 -32.24 18.30
N LYS K 315 21.19 -32.87 19.16
CA LYS K 315 22.45 -32.28 19.55
C LYS K 315 23.47 -32.21 18.39
N SER K 316 23.61 -33.29 17.63
CA SER K 316 24.55 -33.27 16.49
C SER K 316 24.15 -32.23 15.46
N MET K 317 22.84 -32.04 15.27
CA MET K 317 22.36 -31.01 14.35
C MET K 317 22.57 -29.58 14.86
N GLU K 318 22.44 -29.38 16.17
CA GLU K 318 22.72 -28.06 16.72
C GLU K 318 24.19 -27.66 16.50
N THR K 319 25.08 -28.62 16.67
CA THR K 319 26.51 -28.43 16.40
C THR K 319 26.78 -28.10 14.93
N LYS K 320 26.17 -28.87 14.04
CA LYS K 320 26.24 -28.60 12.61
C LYS K 320 25.79 -27.20 12.24
N VAL K 321 24.67 -26.76 12.81
CA VAL K 321 24.24 -25.39 12.58
C VAL K 321 25.24 -24.34 13.07
N GLN K 322 25.86 -24.56 14.23
CA GLN K 322 26.87 -23.61 14.73
C GLN K 322 27.98 -23.54 13.70
N PHE K 323 28.34 -24.71 13.18
CA PHE K 323 29.37 -24.79 12.14
C PHE K 323 29.01 -23.99 10.89
N LEU K 324 27.81 -24.21 10.36
CA LEU K 324 27.45 -23.54 9.11
C LEU K 324 27.35 -22.01 9.27
N LYS K 325 26.87 -21.55 10.43
CA LYS K 325 26.88 -20.12 10.71
C LYS K 325 28.31 -19.58 10.76
N ASN K 326 29.18 -20.31 11.45
CA ASN K 326 30.56 -19.94 11.58
C ASN K 326 31.26 -19.78 10.21
N LEU K 327 30.95 -20.67 9.26
CA LEU K 327 31.51 -20.57 7.91
C LEU K 327 30.69 -19.70 6.92
N ASN K 328 29.72 -18.97 7.43
CA ASN K 328 28.91 -18.05 6.61
C ASN K 328 28.36 -18.71 5.36
N LEU K 329 27.80 -19.89 5.59
CA LEU K 329 27.21 -20.68 4.53
C LEU K 329 25.85 -20.08 4.21
N GLY K 330 25.20 -20.59 3.18
CA GLY K 330 23.90 -20.07 2.77
C GLY K 330 22.76 -20.56 3.65
N GLY K 331 22.96 -21.67 4.34
CA GLY K 331 21.89 -22.22 5.18
C GLY K 331 22.05 -23.72 5.36
N ALA K 332 20.98 -24.40 5.73
CA ALA K 332 21.00 -25.87 5.86
C ALA K 332 20.00 -26.51 4.91
N MET K 333 20.32 -27.70 4.43
CA MET K 333 19.38 -28.48 3.63
C MET K 333 19.11 -29.76 4.40
N ILE K 334 17.89 -30.29 4.27
CA ILE K 334 17.50 -31.52 4.94
C ILE K 334 17.10 -32.64 3.97
N TRP K 335 17.73 -33.81 4.11
CA TRP K 335 17.32 -35.03 3.40
C TRP K 335 16.92 -36.11 4.39
N SER K 336 15.63 -36.42 4.53
CA SER K 336 14.50 -35.69 3.93
C SER K 336 13.46 -35.47 5.03
N ILE K 337 12.66 -34.40 4.96
CA ILE K 337 11.77 -34.09 6.10
C ILE K 337 10.80 -35.23 6.37
N ASP K 338 10.55 -36.06 5.37
CA ASP K 338 9.67 -37.20 5.53
C ASP K 338 10.22 -38.41 6.27
N MET K 339 11.50 -38.34 6.62
CA MET K 339 12.10 -39.38 7.44
C MET K 339 12.38 -38.89 8.87
N ASP K 340 12.14 -37.61 9.12
CA ASP K 340 12.06 -37.06 10.47
C ASP K 340 10.76 -37.53 11.16
N ASP K 341 10.58 -37.16 12.43
CA ASP K 341 9.38 -37.49 13.21
C ASP K 341 8.31 -36.44 12.90
N PHE K 342 7.72 -36.56 11.70
CA PHE K 342 6.84 -35.52 11.19
C PHE K 342 5.52 -35.52 11.95
N THR K 343 5.07 -36.73 12.27
CA THR K 343 3.89 -36.93 13.09
C THR K 343 4.41 -37.44 14.41
N GLY K 344 5.18 -36.59 15.09
CA GLY K 344 5.56 -36.77 16.50
C GLY K 344 5.22 -38.02 17.32
N LYS K 345 4.65 -39.03 16.65
CA LYS K 345 4.04 -40.18 17.34
C LYS K 345 5.02 -41.27 17.72
N SER K 346 6.19 -41.26 17.10
CA SER K 346 7.15 -42.30 17.37
C SER K 346 8.16 -41.91 18.43
N CYS K 347 8.71 -40.70 18.34
CA CYS K 347 9.94 -40.38 19.09
C CYS K 347 9.67 -39.64 20.37
N ASN K 348 8.42 -39.30 20.60
CA ASN K 348 8.07 -38.64 21.83
C ASN K 348 8.85 -37.33 22.06
N GLN K 349 9.12 -36.61 20.98
CA GLN K 349 9.78 -35.32 21.00
C GLN K 349 8.89 -34.37 20.20
N GLY K 350 7.63 -34.75 19.99
CA GLY K 350 6.69 -33.94 19.20
C GLY K 350 6.93 -34.11 17.71
N PRO K 351 6.33 -33.25 16.87
CA PRO K 351 6.49 -33.40 15.42
C PRO K 351 7.73 -32.69 14.86
N TYR K 352 8.33 -33.30 13.84
CA TYR K 352 9.54 -32.77 13.21
C TYR K 352 10.60 -32.32 14.23
N PRO K 353 10.99 -33.22 15.16
CA PRO K 353 11.99 -32.76 16.14
C PRO K 353 13.34 -32.28 15.55
N LEU K 354 13.84 -32.93 14.50
CA LEU K 354 15.16 -32.57 14.01
C LEU K 354 15.11 -31.25 13.23
N VAL K 355 14.12 -31.12 12.35
CA VAL K 355 14.04 -29.94 11.49
C VAL K 355 13.71 -28.69 12.32
N GLN K 356 12.78 -28.84 13.27
CA GLN K 356 12.44 -27.75 14.16
C GLN K 356 13.64 -27.34 14.97
N ALA K 357 14.37 -28.34 15.47
CA ALA K 357 15.60 -28.13 16.18
C ALA K 357 16.55 -27.33 15.29
N VAL K 358 16.67 -27.75 14.03
CA VAL K 358 17.50 -26.98 13.10
C VAL K 358 16.92 -25.58 12.84
N LYS K 359 15.62 -25.50 12.59
CA LYS K 359 15.05 -24.18 12.38
C LYS K 359 15.37 -23.29 13.60
N ARG K 360 15.20 -23.82 14.80
CA ARG K 360 15.48 -23.00 15.98
C ARG K 360 16.89 -22.41 16.02
N SER K 361 17.92 -23.19 15.69
CA SER K 361 19.30 -22.70 15.80
C SER K 361 19.67 -21.71 14.71
N LEU K 362 19.14 -21.93 13.49
CA LEU K 362 19.31 -21.00 12.40
C LEU K 362 18.80 -19.64 12.82
N GLY K 363 17.64 -19.65 13.48
CA GLY K 363 16.93 -18.41 13.77
C GLY K 363 17.56 -17.65 14.91
N SER K 364 18.21 -18.37 15.83
CA SER K 364 18.74 -17.71 17.02
C SER K 364 20.05 -16.99 16.72
N ALA L 1 42.02 32.27 -19.66
CA ALA L 1 42.51 30.87 -19.55
C ALA L 1 43.81 30.87 -18.73
N TYR L 2 44.03 29.79 -18.00
CA TYR L 2 45.18 29.71 -17.13
C TYR L 2 46.47 29.74 -17.94
N LYS L 3 47.48 30.39 -17.37
CA LYS L 3 48.78 30.41 -17.98
C LYS L 3 49.59 29.23 -17.46
N LEU L 4 50.50 28.72 -18.30
CA LEU L 4 51.51 27.76 -17.84
C LEU L 4 52.83 28.38 -18.23
N VAL L 5 53.52 28.93 -17.24
CA VAL L 5 54.72 29.70 -17.47
C VAL L 5 55.93 28.87 -17.13
N CYS L 6 56.82 28.68 -18.10
CA CYS L 6 57.90 27.72 -17.95
C CYS L 6 59.26 28.35 -18.09
N TYR L 7 60.01 28.41 -17.00
CA TYR L 7 61.40 28.81 -17.09
C TYR L 7 62.25 27.67 -17.63
N PHE L 8 63.26 28.01 -18.43
CA PHE L 8 64.31 27.06 -18.74
C PHE L 8 65.63 27.82 -18.62
N THR L 9 66.74 27.11 -18.58
CA THR L 9 67.99 27.74 -18.14
C THR L 9 69.15 27.60 -19.13
N ASN L 10 70.09 28.52 -19.07
CA ASN L 10 71.25 28.51 -19.96
C ASN L 10 72.32 27.47 -19.58
N TRP L 11 72.27 26.94 -18.36
CA TRP L 11 73.30 25.99 -17.91
C TRP L 11 72.97 24.48 -18.01
N SER L 12 71.70 24.14 -18.24
CA SER L 12 71.32 22.72 -18.39
C SER L 12 71.94 22.04 -19.62
N GLN L 13 72.24 22.83 -20.64
CA GLN L 13 72.88 22.30 -21.83
C GLN L 13 74.21 21.61 -21.52
N ASP L 14 74.84 21.95 -20.39
CA ASP L 14 76.13 21.35 -20.03
C ASP L 14 76.06 20.00 -19.30
N ARG L 15 74.84 19.57 -18.94
CA ARG L 15 74.67 18.36 -18.17
C ARG L 15 74.73 17.11 -19.04
N GLN L 16 74.95 15.96 -18.41
CA GLN L 16 74.86 14.65 -19.06
C GLN L 16 73.43 14.11 -19.08
N GLU L 17 73.10 13.30 -20.08
CA GLU L 17 71.83 12.55 -20.08
C GLU L 17 71.65 11.87 -18.72
N PRO L 18 70.40 11.86 -18.19
CA PRO L 18 69.17 12.36 -18.80
C PRO L 18 68.87 13.83 -18.55
N GLY L 19 69.88 14.63 -18.20
CA GLY L 19 69.65 16.04 -17.89
C GLY L 19 70.17 16.99 -18.97
N LYS L 20 70.66 16.41 -20.06
CA LYS L 20 71.26 17.20 -21.14
C LYS L 20 70.20 17.96 -21.93
N PHE L 21 69.85 19.15 -21.47
CA PHE L 21 68.78 19.93 -22.07
C PHE L 21 69.18 20.58 -23.38
N THR L 22 68.42 20.23 -24.40
CA THR L 22 68.75 20.50 -25.77
C THR L 22 67.60 21.36 -26.35
N PRO L 23 67.92 22.26 -27.31
CA PRO L 23 66.85 23.13 -27.82
C PRO L 23 65.72 22.29 -28.44
N GLU L 24 66.06 21.16 -29.06
CA GLU L 24 65.02 20.24 -29.56
C GLU L 24 64.06 19.75 -28.47
N ASN L 25 64.47 19.83 -27.19
CA ASN L 25 63.61 19.34 -26.13
C ASN L 25 62.49 20.31 -25.78
N ILE L 26 62.57 21.53 -26.29
CA ILE L 26 61.51 22.48 -25.98
C ILE L 26 60.29 22.22 -26.85
N ASP L 27 59.18 21.90 -26.21
CA ASP L 27 57.94 21.60 -26.93
C ASP L 27 57.08 22.86 -27.02
N PRO L 28 56.89 23.37 -28.24
CA PRO L 28 56.24 24.66 -28.43
C PRO L 28 54.79 24.73 -27.94
N PHE L 29 54.15 23.57 -27.72
CA PHE L 29 52.76 23.56 -27.24
C PHE L 29 52.64 23.09 -25.79
N LEU L 30 53.76 22.94 -25.11
CA LEU L 30 53.73 22.51 -23.72
C LEU L 30 53.21 23.64 -22.84
N CYS L 31 53.89 24.77 -22.92
CA CYS L 31 53.62 25.93 -22.06
C CYS L 31 52.98 27.10 -22.83
N SER L 32 52.34 28.01 -22.11
CA SER L 32 51.81 29.20 -22.78
C SER L 32 52.92 30.27 -22.90
N HIS L 33 53.83 30.26 -21.94
CA HIS L 33 54.95 31.19 -21.90
C HIS L 33 56.21 30.42 -21.58
N LEU L 34 57.30 30.78 -22.23
CA LEU L 34 58.60 30.22 -21.90
C LEU L 34 59.51 31.36 -21.49
N ILE L 35 60.37 31.15 -20.50
CA ILE L 35 61.26 32.22 -20.07
C ILE L 35 62.67 31.70 -20.02
N TYR L 36 63.56 32.37 -20.76
CA TYR L 36 64.97 32.02 -20.79
C TYR L 36 65.71 32.63 -19.59
N SER L 37 66.46 31.82 -18.83
CA SER L 37 67.20 32.30 -17.64
C SER L 37 68.71 32.07 -17.78
N PHE L 38 69.57 33.08 -17.61
CA PHE L 38 69.22 34.49 -17.38
C PHE L 38 70.10 35.36 -18.29
N ALA L 39 69.61 36.53 -18.69
CA ALA L 39 70.45 37.53 -19.34
C ALA L 39 71.25 38.28 -18.28
N SER L 40 72.31 38.96 -18.66
CA SER L 40 72.94 39.86 -17.70
C SER L 40 73.01 41.26 -18.25
N ILE L 41 73.78 42.10 -17.56
CA ILE L 41 73.89 43.51 -17.86
C ILE L 41 75.36 43.85 -17.94
N GLU L 42 75.77 44.45 -19.05
CA GLU L 42 77.14 44.83 -19.20
C GLU L 42 77.16 46.22 -19.80
N ASN L 43 77.87 47.13 -19.13
CA ASN L 43 77.90 48.54 -19.49
C ASN L 43 76.51 49.14 -19.60
N ASN L 44 75.64 48.76 -18.67
CA ASN L 44 74.27 49.25 -18.63
C ASN L 44 73.40 48.69 -19.73
N LYS L 45 73.94 47.81 -20.57
CA LYS L 45 73.13 47.21 -21.62
C LYS L 45 72.88 45.71 -21.35
N VAL L 46 71.73 45.22 -21.79
CA VAL L 46 71.34 43.84 -21.60
C VAL L 46 72.13 42.97 -22.56
N ILE L 47 72.76 41.93 -22.05
CA ILE L 47 73.45 40.96 -22.90
C ILE L 47 73.10 39.53 -22.49
N ILE L 48 73.26 38.60 -23.42
CA ILE L 48 73.15 37.17 -23.10
C ILE L 48 74.52 36.51 -23.22
N LYS L 49 74.98 35.84 -22.16
CA LYS L 49 76.20 35.06 -22.29
C LYS L 49 75.91 33.56 -22.30
N ASP L 50 76.03 32.99 -23.49
CA ASP L 50 75.58 31.64 -23.76
C ASP L 50 76.36 31.17 -24.99
N LYS L 51 77.21 30.17 -24.80
CA LYS L 51 77.98 29.67 -25.92
C LYS L 51 77.07 29.18 -27.04
N SER L 52 75.79 29.01 -26.75
CA SER L 52 74.85 28.59 -27.80
C SER L 52 73.86 29.69 -28.16
N GLU L 53 74.28 30.94 -28.00
CA GLU L 53 73.40 32.10 -28.22
C GLU L 53 72.71 32.04 -29.58
N VAL L 54 73.46 31.65 -30.63
CA VAL L 54 72.96 31.68 -32.00
C VAL L 54 71.73 30.76 -32.25
N MET L 55 71.74 29.54 -31.72
CA MET L 55 70.58 28.65 -31.96
C MET L 55 69.43 28.99 -31.02
N LEU L 56 69.75 29.61 -29.90
CA LEU L 56 68.72 30.10 -29.02
C LEU L 56 67.79 30.95 -29.89
N TYR L 57 68.37 31.94 -30.56
CA TYR L 57 67.57 32.82 -31.43
C TYR L 57 66.81 32.10 -32.55
N GLN L 58 67.45 31.11 -33.18
CA GLN L 58 66.78 30.32 -34.22
C GLN L 58 65.65 29.49 -33.60
N THR L 59 65.93 28.96 -32.41
CA THR L 59 64.99 28.13 -31.66
C THR L 59 63.74 28.93 -31.33
N ILE L 60 63.95 30.13 -30.83
CA ILE L 60 62.86 31.05 -30.54
C ILE L 60 62.01 31.28 -31.79
N ASN L 61 62.66 31.50 -32.92
CA ASN L 61 61.93 31.71 -34.15
C ASN L 61 61.20 30.45 -34.60
N SER L 62 61.90 29.33 -34.47
CA SER L 62 61.33 28.03 -34.81
C SER L 62 60.05 27.75 -33.99
N LEU L 63 60.13 27.89 -32.68
CA LEU L 63 59.02 27.60 -31.78
C LEU L 63 57.82 28.49 -32.09
N LYS L 64 58.10 29.76 -32.37
CA LYS L 64 57.04 30.74 -32.54
C LYS L 64 56.37 30.56 -33.89
N THR L 65 57.12 29.99 -34.83
CA THR L 65 56.54 29.60 -36.11
C THR L 65 55.62 28.41 -35.89
N LYS L 66 56.14 27.39 -35.20
CA LYS L 66 55.35 26.21 -34.90
C LYS L 66 54.11 26.60 -34.13
N ASN L 67 54.26 27.49 -33.15
CA ASN L 67 53.12 27.91 -32.36
C ASN L 67 53.06 29.45 -32.22
N PRO L 68 52.19 30.10 -33.02
CA PRO L 68 52.02 31.56 -33.05
C PRO L 68 51.35 32.19 -31.82
N LYS L 69 50.79 31.38 -30.91
CA LYS L 69 50.19 31.92 -29.69
C LYS L 69 51.22 31.99 -28.57
N LEU L 70 52.37 31.36 -28.80
CA LEU L 70 53.37 31.15 -27.74
C LEU L 70 54.13 32.41 -27.39
N LYS L 71 54.30 32.71 -26.10
CA LYS L 71 55.09 33.89 -25.69
C LYS L 71 56.46 33.46 -25.13
N ILE L 72 57.52 34.13 -25.53
CA ILE L 72 58.83 33.83 -25.00
C ILE L 72 59.45 35.09 -24.39
N LEU L 73 59.76 35.00 -23.09
CA LEU L 73 60.31 36.13 -22.37
C LEU L 73 61.77 35.88 -22.02
N LEU L 74 62.47 36.99 -21.80
CA LEU L 74 63.84 36.99 -21.36
C LEU L 74 63.81 37.37 -19.89
N SER L 75 64.48 36.58 -19.06
CA SER L 75 64.56 36.91 -17.65
C SER L 75 65.95 37.45 -17.31
N ILE L 76 66.00 38.46 -16.45
CA ILE L 76 67.27 38.86 -15.90
C ILE L 76 67.24 38.85 -14.37
N GLY L 77 68.30 38.32 -13.78
CA GLY L 77 68.37 38.26 -12.33
C GLY L 77 68.70 36.84 -11.90
N GLY L 78 67.93 36.35 -10.93
CA GLY L 78 68.21 35.06 -10.33
C GLY L 78 69.15 35.20 -9.15
N TYR L 79 69.32 34.10 -8.42
CA TYR L 79 70.01 34.10 -7.14
C TYR L 79 71.47 34.52 -7.22
N LEU L 80 72.24 33.90 -8.10
CA LEU L 80 73.66 34.23 -8.27
C LEU L 80 73.91 35.69 -8.74
N PHE L 81 73.05 36.21 -9.61
CA PHE L 81 73.15 37.59 -10.06
C PHE L 81 73.00 38.55 -8.87
N GLY L 82 72.06 38.24 -7.97
CA GLY L 82 71.85 39.05 -6.79
C GLY L 82 71.42 40.49 -7.06
N SER L 83 71.76 41.38 -6.13
CA SER L 83 71.51 42.81 -6.29
C SER L 83 72.70 43.44 -7.00
N LYS L 84 73.86 42.85 -6.80
CA LYS L 84 75.10 43.38 -7.36
C LYS L 84 75.06 43.53 -8.87
N GLY L 85 74.48 42.56 -9.57
CA GLY L 85 74.39 42.63 -11.02
C GLY L 85 73.60 43.85 -11.49
N PHE L 86 72.74 44.38 -10.64
CA PHE L 86 71.91 45.52 -11.05
C PHE L 86 72.61 46.88 -10.89
N HIS L 87 73.77 46.89 -10.26
CA HIS L 87 74.59 48.09 -10.12
C HIS L 87 75.78 48.00 -11.07
N PRO L 88 76.13 49.10 -11.71
CA PRO L 88 75.66 50.46 -11.45
C PRO L 88 74.46 50.90 -12.29
N MET L 89 73.84 49.96 -12.99
CA MET L 89 72.76 50.31 -13.90
C MET L 89 71.65 51.11 -13.21
N VAL L 90 71.25 50.67 -12.02
CA VAL L 90 70.10 51.31 -11.36
C VAL L 90 70.39 52.66 -10.71
N ASP L 91 71.66 53.02 -10.51
CA ASP L 91 71.87 54.18 -9.63
C ASP L 91 71.71 55.57 -10.24
N SER L 92 71.50 55.68 -11.54
CA SER L 92 71.17 56.97 -12.10
C SER L 92 70.05 56.90 -13.13
N SER L 93 69.41 58.05 -13.31
CA SER L 93 68.48 58.34 -14.38
C SER L 93 69.03 57.93 -15.74
N THR L 94 70.23 58.42 -16.02
CA THR L 94 70.85 58.21 -17.32
C THR L 94 71.21 56.73 -17.57
N SER L 95 71.72 56.02 -16.56
CA SER L 95 72.08 54.63 -16.77
C SER L 95 70.82 53.73 -16.89
N ARG L 96 69.77 54.03 -16.13
CA ARG L 96 68.52 53.28 -16.28
C ARG L 96 67.92 53.48 -17.68
N LEU L 97 67.97 54.71 -18.18
CA LEU L 97 67.40 54.99 -19.49
C LEU L 97 68.16 54.21 -20.58
N GLU L 98 69.48 54.19 -20.50
CA GLU L 98 70.31 53.43 -21.41
C GLU L 98 69.96 51.94 -21.40
N PHE L 99 69.75 51.40 -20.21
CA PHE L 99 69.41 50.00 -20.05
C PHE L 99 68.04 49.74 -20.67
N ILE L 100 67.08 50.58 -20.34
CA ILE L 100 65.71 50.37 -20.79
C ILE L 100 65.62 50.49 -22.33
N ASN L 101 66.30 51.48 -22.90
CA ASN L 101 66.33 51.59 -24.36
C ASN L 101 66.96 50.35 -24.97
N SER L 102 68.03 49.85 -24.35
CA SER L 102 68.69 48.66 -24.91
C SER L 102 67.79 47.42 -24.79
N ILE L 103 67.07 47.32 -23.69
CA ILE L 103 66.13 46.22 -23.48
C ILE L 103 65.09 46.15 -24.59
N ILE L 104 64.45 47.28 -24.89
CA ILE L 104 63.42 47.28 -25.92
C ILE L 104 63.97 46.89 -27.30
N LEU L 105 65.14 47.42 -27.67
CA LEU L 105 65.73 47.09 -28.96
C LEU L 105 66.09 45.60 -29.02
N PHE L 106 66.67 45.11 -27.95
CA PHE L 106 67.12 43.72 -27.87
C PHE L 106 65.95 42.74 -27.96
N LEU L 107 64.85 43.06 -27.27
CA LEU L 107 63.71 42.18 -27.25
C LEU L 107 63.03 42.13 -28.63
N ARG L 108 62.86 43.29 -29.25
CA ARG L 108 62.28 43.30 -30.61
C ARG L 108 63.20 42.62 -31.62
N ASN L 109 64.51 42.85 -31.50
CA ASN L 109 65.44 42.35 -32.50
C ASN L 109 65.52 40.83 -32.44
N HIS L 110 65.31 40.27 -31.26
CA HIS L 110 65.41 38.82 -31.10
C HIS L 110 64.04 38.14 -30.91
N ASN L 111 62.97 38.87 -31.16
CA ASN L 111 61.67 38.22 -31.19
C ASN L 111 61.19 37.74 -29.83
N PHE L 112 61.66 38.40 -28.76
CA PHE L 112 61.09 38.16 -27.43
C PHE L 112 59.80 38.96 -27.23
N ASP L 113 58.85 38.40 -26.49
CA ASP L 113 57.58 39.08 -26.26
C ASP L 113 57.58 39.92 -24.98
N GLY L 114 58.65 39.88 -24.22
CA GLY L 114 58.69 40.67 -22.99
C GLY L 114 59.85 40.32 -22.08
N LEU L 115 59.86 40.95 -20.91
CA LEU L 115 60.96 40.84 -19.95
C LEU L 115 60.46 40.39 -18.59
N ASP L 116 61.20 39.47 -17.97
CA ASP L 116 60.94 39.05 -16.61
C ASP L 116 62.08 39.59 -15.74
N VAL L 117 61.77 40.40 -14.74
CA VAL L 117 62.83 40.89 -13.86
C VAL L 117 62.73 40.06 -12.59
N SER L 118 63.74 39.22 -12.35
CA SER L 118 63.75 38.38 -11.14
C SER L 118 64.93 38.78 -10.26
N TRP L 119 64.77 39.92 -9.59
CA TRP L 119 65.81 40.50 -8.74
C TRP L 119 65.74 39.77 -7.40
N ILE L 120 66.81 39.06 -7.06
CA ILE L 120 66.81 38.25 -5.86
C ILE L 120 67.86 38.78 -4.88
N TYR L 121 67.49 39.65 -3.92
CA TYR L 121 66.19 40.34 -3.80
C TYR L 121 66.47 41.84 -3.59
N PRO L 122 65.48 42.69 -3.84
CA PRO L 122 65.64 44.11 -3.54
C PRO L 122 65.92 44.33 -2.04
N ASP L 123 65.13 43.65 -1.20
CA ASP L 123 65.19 43.82 0.25
C ASP L 123 64.96 45.31 0.59
N GLN L 124 65.17 45.71 1.85
CA GLN L 124 64.88 47.11 2.19
C GLN L 124 65.78 48.08 1.42
N LYS L 125 67.06 47.75 1.32
CA LYS L 125 68.03 48.64 0.71
C LYS L 125 67.71 49.03 -0.74
N GLU L 126 67.21 48.08 -1.52
CA GLU L 126 66.97 48.35 -2.94
C GLU L 126 65.47 48.43 -3.27
N ASN L 127 64.63 48.45 -2.24
CA ASN L 127 63.17 48.60 -2.42
C ASN L 127 62.90 49.75 -3.39
N THR L 128 63.50 50.89 -3.12
CA THR L 128 63.23 52.07 -3.95
C THR L 128 63.71 51.91 -5.41
N HIS L 129 64.96 51.50 -5.60
CA HIS L 129 65.50 51.32 -6.96
C HIS L 129 64.66 50.32 -7.73
N PHE L 130 64.22 49.26 -7.05
CA PHE L 130 63.42 48.25 -7.74
C PHE L 130 62.09 48.85 -8.19
N THR L 131 61.42 49.55 -7.29
CA THR L 131 60.12 50.09 -7.62
C THR L 131 60.24 51.07 -8.80
N VAL L 132 61.27 51.90 -8.75
CA VAL L 132 61.49 52.87 -9.81
C VAL L 132 61.87 52.18 -11.13
N LEU L 133 62.77 51.22 -11.06
CA LEU L 133 63.15 50.49 -12.27
C LEU L 133 61.93 49.84 -12.95
N ILE L 134 61.09 49.16 -12.17
CA ILE L 134 59.90 48.50 -12.71
C ILE L 134 58.90 49.50 -13.30
N HIS L 135 58.66 50.61 -12.60
CA HIS L 135 57.75 51.60 -13.10
C HIS L 135 58.26 52.23 -14.40
N GLU L 136 59.56 52.53 -14.44
CA GLU L 136 60.16 53.09 -15.66
C GLU L 136 60.11 52.14 -16.86
N LEU L 137 60.36 50.86 -16.61
CA LEU L 137 60.14 49.82 -17.62
C LEU L 137 58.71 49.80 -18.14
N ALA L 138 57.74 49.77 -17.23
CA ALA L 138 56.33 49.74 -17.62
C ALA L 138 55.96 50.91 -18.51
N GLU L 139 56.38 52.11 -18.11
CA GLU L 139 56.10 53.32 -18.88
C GLU L 139 56.68 53.24 -20.30
N ALA L 140 57.94 52.83 -20.38
CA ALA L 140 58.64 52.74 -21.65
C ALA L 140 58.05 51.64 -22.54
N PHE L 141 57.59 50.56 -21.94
CA PHE L 141 56.95 49.51 -22.72
C PHE L 141 55.65 50.04 -23.33
N GLN L 142 54.89 50.80 -22.53
CA GLN L 142 53.65 51.46 -23.02
C GLN L 142 53.95 52.46 -24.14
N LYS L 143 54.95 53.31 -23.92
CA LYS L 143 55.35 54.26 -24.96
C LYS L 143 55.77 53.53 -26.24
N ASP L 144 56.61 52.52 -26.10
CA ASP L 144 57.00 51.72 -27.25
C ASP L 144 55.77 51.15 -27.97
N PHE L 145 54.82 50.65 -27.20
CA PHE L 145 53.61 50.05 -27.73
C PHE L 145 52.87 50.99 -28.67
N THR L 146 52.68 52.24 -28.24
CA THR L 146 51.93 53.20 -29.04
C THR L 146 52.65 53.57 -30.34
N LYS L 147 53.97 53.71 -30.30
CA LYS L 147 54.75 54.03 -31.51
C LYS L 147 54.89 52.83 -32.41
N SER L 148 54.53 51.68 -31.87
CA SER L 148 54.82 50.38 -32.47
C SER L 148 53.67 49.88 -33.36
N THR L 149 53.97 48.90 -34.22
CA THR L 149 52.92 48.19 -34.94
C THR L 149 52.93 46.72 -34.51
N LYS L 150 53.25 46.50 -33.24
CA LYS L 150 53.32 45.16 -32.65
C LYS L 150 52.59 45.16 -31.32
N GLU L 151 52.55 44.02 -30.66
CA GLU L 151 51.94 43.93 -29.35
C GLU L 151 52.86 44.56 -28.30
N ARG L 152 52.28 45.05 -27.22
CA ARG L 152 53.07 45.63 -26.15
C ARG L 152 53.96 44.56 -25.52
N LEU L 153 55.24 44.87 -25.33
CA LEU L 153 56.14 43.97 -24.63
C LEU L 153 55.59 43.72 -23.23
N LEU L 154 55.62 42.46 -22.80
CA LEU L 154 55.16 42.09 -21.47
C LEU L 154 56.21 42.41 -20.40
N LEU L 155 55.75 42.72 -19.19
CA LEU L 155 56.65 42.91 -18.06
C LEU L 155 56.22 42.06 -16.89
N THR L 156 57.07 41.12 -16.48
CA THR L 156 56.72 40.25 -15.35
C THR L 156 57.83 40.29 -14.29
N ALA L 157 57.58 39.71 -13.13
CA ALA L 157 58.66 39.63 -12.15
C ALA L 157 58.60 38.36 -11.36
N GLY L 158 59.76 37.70 -11.22
CA GLY L 158 59.92 36.61 -10.26
C GLY L 158 60.13 37.20 -8.88
N VAL L 159 59.23 36.91 -7.95
CA VAL L 159 59.24 37.55 -6.65
C VAL L 159 59.24 36.57 -5.49
N SER L 160 59.85 36.98 -4.38
CA SER L 160 59.94 36.16 -3.17
C SER L 160 58.56 35.70 -2.65
N ALA L 161 58.50 34.48 -2.10
CA ALA L 161 57.28 33.99 -1.46
C ALA L 161 57.41 33.99 0.06
N GLY L 162 58.47 34.60 0.60
CA GLY L 162 58.69 34.65 2.04
C GLY L 162 58.23 35.99 2.61
N ARG L 163 57.33 35.94 3.58
CA ARG L 163 56.73 37.14 4.12
C ARG L 163 57.71 38.28 4.44
N GLN L 164 58.76 38.01 5.21
CA GLN L 164 59.63 39.09 5.63
C GLN L 164 60.26 39.76 4.41
N MET L 165 60.71 38.96 3.45
CA MET L 165 61.36 39.50 2.28
C MET L 165 60.35 40.26 1.40
N ILE L 166 59.12 39.76 1.30
CA ILE L 166 58.08 40.50 0.59
C ILE L 166 57.89 41.90 1.22
N ASP L 167 57.76 41.93 2.56
CA ASP L 167 57.53 43.19 3.26
C ASP L 167 58.67 44.17 3.00
N ASN L 168 59.90 43.67 3.06
CA ASN L 168 61.10 44.49 2.83
C ASN L 168 61.25 44.98 1.40
N SER L 169 60.83 44.16 0.44
CA SER L 169 61.29 44.34 -0.93
C SER L 169 60.37 45.13 -1.85
N TYR L 170 59.06 44.97 -1.67
CA TYR L 170 58.08 45.29 -2.72
C TYR L 170 57.03 46.29 -2.32
N GLN L 171 56.67 47.13 -3.27
CA GLN L 171 55.52 48.01 -3.13
C GLN L 171 54.43 47.35 -3.98
N VAL L 172 53.61 46.56 -3.32
CA VAL L 172 52.80 45.55 -4.03
C VAL L 172 51.71 46.15 -4.93
N GLU L 173 50.98 47.13 -4.41
CA GLU L 173 49.89 47.74 -5.18
C GLU L 173 50.42 48.38 -6.43
N LYS L 174 51.58 49.00 -6.29
CA LYS L 174 52.28 49.58 -7.42
C LYS L 174 52.70 48.51 -8.42
N LEU L 175 53.22 47.39 -7.91
CA LEU L 175 53.58 46.28 -8.77
C LEU L 175 52.37 45.79 -9.53
N ALA L 176 51.23 45.74 -8.87
CA ALA L 176 50.01 45.27 -9.51
C ALA L 176 49.66 46.14 -10.73
N LYS L 177 50.00 47.42 -10.70
CA LYS L 177 49.66 48.29 -11.85
C LYS L 177 50.73 48.17 -12.95
N ASP L 178 51.99 48.01 -12.57
CA ASP L 178 53.09 48.02 -13.52
C ASP L 178 53.37 46.68 -14.22
N LEU L 179 52.99 45.56 -13.60
CA LEU L 179 53.34 44.24 -14.13
C LEU L 179 52.14 43.56 -14.78
N ASP L 180 52.40 42.78 -15.82
CA ASP L 180 51.33 41.94 -16.39
C ASP L 180 51.03 40.79 -15.43
N PHE L 181 52.08 40.23 -14.81
CA PHE L 181 51.84 39.29 -13.70
C PHE L 181 53.10 39.01 -12.91
N ILE L 182 52.95 38.40 -11.74
CA ILE L 182 54.12 37.94 -11.03
C ILE L 182 54.32 36.43 -11.19
N ASN L 183 55.59 36.04 -11.25
CA ASN L 183 56.01 34.65 -11.13
C ASN L 183 56.41 34.42 -9.67
N LEU L 184 55.46 33.92 -8.89
CA LEU L 184 55.66 33.73 -7.46
C LEU L 184 56.60 32.57 -7.21
N LEU L 185 57.76 32.87 -6.61
CA LEU L 185 58.80 31.88 -6.36
C LEU L 185 58.46 31.04 -5.13
N SER L 186 57.32 30.36 -5.20
CA SER L 186 56.79 29.60 -4.07
C SER L 186 57.47 28.22 -3.89
N PHE L 187 58.77 28.27 -3.62
CA PHE L 187 59.57 27.10 -3.31
C PHE L 187 60.79 27.64 -2.56
N ASP L 188 61.76 26.78 -2.22
CA ASP L 188 62.83 27.18 -1.34
C ASP L 188 62.30 27.71 0.00
N PHE L 189 61.18 27.15 0.45
CA PHE L 189 60.66 27.46 1.78
C PHE L 189 61.51 26.86 2.91
N HIS L 190 62.16 25.72 2.62
CA HIS L 190 63.08 25.07 3.54
C HIS L 190 64.26 24.52 2.74
N GLY L 191 65.42 24.47 3.36
CA GLY L 191 66.63 24.05 2.68
C GLY L 191 67.79 24.12 3.66
N SER L 192 68.99 23.76 3.22
CA SER L 192 70.08 23.54 4.18
C SER L 192 70.85 24.81 4.50
N TRP L 193 70.22 25.96 4.27
CA TRP L 193 70.77 27.23 4.72
C TRP L 193 70.19 27.52 6.11
N GLU L 194 69.17 26.76 6.49
CA GLU L 194 68.46 27.05 7.75
C GLU L 194 69.29 26.80 9.02
N LYS L 195 68.95 27.56 10.07
CA LYS L 195 69.53 27.42 11.40
C LYS L 195 68.41 27.59 12.41
N PRO L 196 68.22 26.59 13.28
CA PRO L 196 69.09 25.41 13.30
C PRO L 196 68.80 24.52 12.09
N LEU L 197 69.75 23.67 11.72
CA LEU L 197 69.64 22.87 10.49
C LEU L 197 68.79 21.60 10.73
N ILE L 198 67.56 21.61 10.23
CA ILE L 198 66.65 20.49 10.37
C ILE L 198 65.98 20.23 9.02
N THR L 199 65.36 19.07 8.85
CA THR L 199 64.69 18.76 7.60
C THR L 199 63.40 19.57 7.47
N GLY L 200 63.09 19.93 6.23
CA GLY L 200 61.85 20.61 5.92
C GLY L 200 61.66 20.52 4.43
N HIS L 201 60.40 20.57 3.99
CA HIS L 201 60.06 20.44 2.59
C HIS L 201 60.28 21.72 1.79
N ASN L 202 60.83 21.55 0.60
CA ASN L 202 61.09 22.63 -0.35
C ASN L 202 59.82 23.46 -0.64
N SER L 203 58.70 22.80 -0.81
CA SER L 203 57.56 23.54 -1.31
C SER L 203 56.26 22.94 -0.77
N PRO L 204 56.08 23.03 0.55
CA PRO L 204 54.86 22.49 1.12
C PRO L 204 53.67 23.36 0.71
N LEU L 205 52.52 22.74 0.47
CA LEU L 205 51.37 23.52 0.05
C LEU L 205 50.76 24.28 1.22
N SER L 206 50.69 23.64 2.39
CA SER L 206 50.09 24.24 3.60
C SER L 206 51.07 24.12 4.76
N LYS L 207 50.82 24.87 5.81
CA LYS L 207 51.67 24.74 7.01
C LYS L 207 51.48 23.38 7.66
N GLY L 208 52.50 22.94 8.40
CA GLY L 208 52.43 21.73 9.20
C GLY L 208 51.57 21.95 10.43
N TRP L 209 50.96 20.89 10.92
CA TRP L 209 50.11 20.94 12.10
C TRP L 209 50.83 21.59 13.27
N GLN L 210 52.15 21.46 13.32
CA GLN L 210 52.89 21.94 14.47
C GLN L 210 53.49 23.32 14.29
N ASP L 211 53.34 23.90 13.09
CA ASP L 211 53.87 25.23 12.82
C ASP L 211 53.05 26.35 13.42
N ARG L 212 53.66 27.07 14.36
CA ARG L 212 53.09 28.29 14.90
C ARG L 212 54.08 29.44 14.64
N GLY L 213 53.62 30.68 14.73
CA GLY L 213 54.50 31.83 14.50
C GLY L 213 55.04 31.91 13.08
N PRO L 214 56.26 32.43 12.91
CA PRO L 214 56.84 32.71 11.59
C PRO L 214 56.99 31.47 10.72
N SER L 215 57.25 30.32 11.34
CA SER L 215 57.25 29.04 10.62
C SER L 215 55.94 28.82 9.87
N SER L 216 54.84 29.35 10.41
CA SER L 216 53.54 29.18 9.75
C SER L 216 53.44 29.92 8.41
N TYR L 217 54.41 30.77 8.08
CA TYR L 217 54.41 31.52 6.81
C TYR L 217 55.07 30.77 5.65
N TYR L 218 55.83 29.73 5.98
CA TYR L 218 56.70 29.09 4.98
C TYR L 218 55.96 28.01 4.17
N ASN L 219 54.95 28.42 3.42
CA ASN L 219 54.25 27.47 2.56
C ASN L 219 53.54 28.22 1.44
N VAL L 220 53.17 27.50 0.40
CA VAL L 220 52.59 28.12 -0.79
C VAL L 220 51.28 28.84 -0.46
N GLU L 221 50.40 28.16 0.29
CA GLU L 221 49.10 28.74 0.65
C GLU L 221 49.29 30.10 1.35
N TYR L 222 50.18 30.16 2.32
CA TYR L 222 50.37 31.44 2.98
C TYR L 222 50.87 32.54 2.02
N ALA L 223 51.91 32.23 1.24
CA ALA L 223 52.54 33.20 0.35
C ALA L 223 51.58 33.74 -0.69
N VAL L 224 50.74 32.85 -1.23
CA VAL L 224 49.77 33.25 -2.23
C VAL L 224 48.75 34.18 -1.59
N GLY L 225 48.21 33.76 -0.45
CA GLY L 225 47.24 34.61 0.27
C GLY L 225 47.83 35.95 0.63
N TYR L 226 49.11 35.96 1.03
CA TYR L 226 49.75 37.18 1.48
C TYR L 226 49.94 38.22 0.36
N TRP L 227 50.36 37.77 -0.82
CA TRP L 227 50.43 38.63 -2.01
C TRP L 227 49.04 39.20 -2.35
N ILE L 228 48.03 38.35 -2.29
CA ILE L 228 46.68 38.83 -2.61
C ILE L 228 46.25 39.87 -1.61
N HIS L 229 46.44 39.55 -0.34
CA HIS L 229 46.19 40.51 0.72
C HIS L 229 46.94 41.86 0.58
N LYS L 230 48.19 41.84 0.09
CA LYS L 230 48.97 43.07 -0.04
C LYS L 230 48.64 43.89 -1.30
N GLY L 231 47.77 43.37 -2.15
CA GLY L 231 47.25 44.17 -3.25
C GLY L 231 47.42 43.57 -4.63
N MET L 232 47.98 42.37 -4.73
CA MET L 232 48.08 41.73 -6.04
C MET L 232 46.79 40.97 -6.39
N PRO L 233 46.16 41.34 -7.51
CA PRO L 233 44.95 40.62 -7.92
C PRO L 233 45.30 39.15 -8.15
N SER L 234 44.40 38.25 -7.76
CA SER L 234 44.73 36.83 -7.82
C SER L 234 45.11 36.40 -9.24
N GLU L 235 44.42 36.96 -10.24
CA GLU L 235 44.69 36.55 -11.62
C GLU L 235 46.06 37.01 -12.13
N LYS L 236 46.72 37.91 -11.39
CA LYS L 236 48.12 38.27 -11.70
C LYS L 236 49.15 37.44 -10.94
N VAL L 237 48.65 36.53 -10.10
CA VAL L 237 49.54 35.61 -9.40
C VAL L 237 49.69 34.35 -10.24
N VAL L 238 50.89 34.13 -10.75
CA VAL L 238 51.24 32.86 -11.38
C VAL L 238 52.10 32.05 -10.39
N MET L 239 51.52 30.97 -9.90
CA MET L 239 52.06 30.23 -8.74
C MET L 239 53.18 29.27 -9.12
N GLY L 240 54.38 29.49 -8.58
CA GLY L 240 55.51 28.64 -8.94
C GLY L 240 55.43 27.26 -8.31
N ILE L 241 55.85 26.28 -9.09
CA ILE L 241 55.92 24.90 -8.67
C ILE L 241 57.30 24.39 -9.11
N PRO L 242 58.05 23.77 -8.17
CA PRO L 242 59.39 23.26 -8.43
C PRO L 242 59.39 21.87 -9.10
N THR L 243 60.31 21.64 -10.02
CA THR L 243 60.54 20.31 -10.55
C THR L 243 61.73 19.65 -9.85
N TYR L 244 62.28 20.32 -8.82
CA TYR L 244 63.41 19.81 -8.05
C TYR L 244 62.95 19.71 -6.60
N GLY L 245 63.78 19.06 -5.77
CA GLY L 245 63.49 18.95 -4.34
C GLY L 245 64.76 19.30 -3.59
N HIS L 246 64.66 19.56 -2.29
CA HIS L 246 65.84 19.82 -1.49
C HIS L 246 66.16 18.62 -0.60
N SER L 247 67.45 18.30 -0.53
CA SER L 247 67.91 17.14 0.21
C SER L 247 68.74 17.55 1.42
N PHE L 248 68.78 16.65 2.42
CA PHE L 248 69.47 16.84 3.69
C PHE L 248 70.20 15.54 4.04
N THR L 249 71.35 15.64 4.70
CA THR L 249 71.95 14.46 5.33
C THR L 249 71.53 14.41 6.79
N LEU L 250 70.82 13.35 7.18
CA LEU L 250 70.31 13.22 8.53
C LEU L 250 71.46 13.09 9.53
N ALA L 251 71.24 13.59 10.75
CA ALA L 251 72.27 13.55 11.77
C ALA L 251 71.97 12.49 12.81
N SER L 252 70.81 11.86 12.73
CA SER L 252 70.40 10.85 13.73
C SER L 252 69.40 9.89 13.12
N ALA L 253 68.87 8.97 13.94
CA ALA L 253 67.89 7.99 13.45
C ALA L 253 66.53 8.61 13.12
N GLU L 254 66.30 9.82 13.59
CA GLU L 254 65.05 10.51 13.33
C GLU L 254 64.97 10.89 11.86
N THR L 255 63.85 10.58 11.21
CA THR L 255 63.72 10.80 9.76
C THR L 255 62.46 11.58 9.42
N THR L 256 61.79 12.14 10.43
CA THR L 256 60.57 12.91 10.17
C THR L 256 60.91 14.34 9.76
N VAL L 257 59.89 15.14 9.50
CA VAL L 257 60.10 16.55 9.22
C VAL L 257 60.54 17.23 10.50
N GLY L 258 61.54 18.10 10.40
CA GLY L 258 62.12 18.77 11.57
C GLY L 258 63.19 17.93 12.24
N ALA L 259 63.53 16.78 11.66
CA ALA L 259 64.59 15.96 12.26
C ALA L 259 65.95 16.63 12.05
N PRO L 260 66.88 16.43 12.99
CA PRO L 260 68.23 16.99 12.93
C PRO L 260 68.95 16.58 11.65
N ALA L 261 69.60 17.55 11.00
CA ALA L 261 70.35 17.31 9.76
C ALA L 261 71.77 17.83 9.96
N SER L 262 72.75 17.15 9.36
CA SER L 262 74.16 17.55 9.49
C SER L 262 74.61 18.47 8.35
N GLY L 263 73.79 18.58 7.32
CA GLY L 263 74.12 19.39 6.15
C GLY L 263 73.23 19.00 4.99
N PRO L 264 73.56 19.47 3.78
CA PRO L 264 72.79 19.13 2.57
C PRO L 264 72.92 17.66 2.21
N GLY L 265 72.01 17.16 1.39
CA GLY L 265 72.13 15.80 0.90
C GLY L 265 73.29 15.73 -0.08
N ALA L 266 73.74 14.51 -0.38
CA ALA L 266 74.81 14.32 -1.35
C ALA L 266 74.39 14.83 -2.73
N ALA L 267 75.34 15.45 -3.43
CA ALA L 267 75.06 15.98 -4.77
C ALA L 267 74.47 14.87 -5.63
N GLY L 268 73.59 15.23 -6.56
CA GLY L 268 73.10 14.28 -7.55
C GLY L 268 74.17 14.02 -8.59
N PRO L 269 74.06 12.91 -9.33
CA PRO L 269 75.10 12.57 -10.30
C PRO L 269 75.06 13.45 -11.56
N ILE L 270 73.91 14.08 -11.81
CA ILE L 270 73.74 14.88 -13.02
C ILE L 270 73.77 16.38 -12.71
N THR L 271 73.09 16.79 -11.65
CA THR L 271 73.07 18.21 -11.30
C THR L 271 74.31 18.61 -10.49
N GLU L 272 74.93 17.64 -9.84
CA GLU L 272 76.20 17.85 -9.12
C GLU L 272 76.22 19.05 -8.17
N SER L 273 75.21 19.15 -7.31
CA SER L 273 75.07 20.28 -6.42
C SER L 273 74.38 19.86 -5.13
N SER L 274 75.19 19.60 -4.10
CA SER L 274 74.73 19.15 -2.80
C SER L 274 73.60 19.99 -2.26
N GLY L 275 72.44 19.38 -2.03
CA GLY L 275 71.33 20.15 -1.48
C GLY L 275 70.10 20.16 -2.34
N PHE L 276 70.26 19.92 -3.64
CA PHE L 276 69.07 19.72 -4.50
C PHE L 276 69.20 18.53 -5.47
N LEU L 277 68.07 18.06 -5.97
CA LEU L 277 68.05 17.03 -6.99
C LEU L 277 66.95 17.41 -7.98
N ALA L 278 67.23 17.17 -9.25
CA ALA L 278 66.26 17.36 -10.33
C ALA L 278 65.32 16.17 -10.28
N TYR L 279 64.15 16.29 -10.89
CA TYR L 279 63.19 15.22 -10.80
C TYR L 279 63.73 13.90 -11.43
N TYR L 280 64.41 14.01 -12.57
CA TYR L 280 65.00 12.82 -13.22
C TYR L 280 66.04 12.12 -12.32
N GLU L 281 66.64 12.85 -11.40
CA GLU L 281 67.44 12.24 -10.34
C GLU L 281 66.56 11.66 -9.23
N ILE L 282 65.53 12.40 -8.87
CA ILE L 282 64.61 11.94 -7.82
C ILE L 282 64.05 10.54 -8.06
N CYS L 283 63.58 10.27 -9.27
CA CYS L 283 62.95 8.98 -9.49
C CYS L 283 64.00 7.84 -9.43
N GLN L 284 65.27 8.18 -9.59
CA GLN L 284 66.34 7.20 -9.37
C GLN L 284 66.53 6.99 -7.87
N PHE L 285 66.52 8.09 -7.12
CA PHE L 285 66.72 8.06 -5.66
C PHE L 285 65.61 7.26 -4.97
N LEU L 286 64.40 7.40 -5.50
CA LEU L 286 63.22 6.80 -4.92
C LEU L 286 63.25 5.28 -4.95
N LYS L 287 64.01 4.71 -5.88
CA LYS L 287 64.13 3.25 -5.91
C LYS L 287 64.89 2.80 -4.67
N GLY L 288 64.21 2.03 -3.81
CA GLY L 288 64.77 1.58 -2.55
C GLY L 288 64.57 2.57 -1.40
N ALA L 289 63.88 3.68 -1.66
CA ALA L 289 63.62 4.65 -0.59
C ALA L 289 62.26 4.40 0.04
N LYS L 290 62.01 4.98 1.20
CA LYS L 290 60.67 4.99 1.77
C LYS L 290 60.03 6.37 1.58
N ILE L 291 58.85 6.39 0.95
CA ILE L 291 58.10 7.62 0.63
C ILE L 291 57.02 7.89 1.68
N THR L 292 56.97 9.11 2.20
CA THR L 292 55.92 9.51 3.14
C THR L 292 55.18 10.74 2.59
N ARG L 293 53.85 10.65 2.57
CA ARG L 293 53.03 11.77 2.19
C ARG L 293 52.61 12.51 3.44
N LEU L 294 52.93 13.79 3.51
CA LEU L 294 52.58 14.57 4.67
C LEU L 294 51.14 15.01 4.44
N GLN L 295 50.20 14.51 5.23
CA GLN L 295 48.80 14.84 4.95
C GLN L 295 48.48 16.26 5.36
N ASP L 296 49.24 16.83 6.30
CA ASP L 296 49.07 18.25 6.59
C ASP L 296 49.63 19.17 5.49
N GLN L 297 50.81 18.86 4.98
CA GLN L 297 51.45 19.76 3.99
C GLN L 297 51.20 19.36 2.54
N GLN L 298 50.63 18.18 2.34
CA GLN L 298 50.16 17.74 1.02
C GLN L 298 51.29 17.46 0.03
N VAL L 299 52.46 17.10 0.53
CA VAL L 299 53.62 16.84 -0.32
C VAL L 299 54.45 15.69 0.23
N PRO L 300 55.20 15.00 -0.64
CA PRO L 300 55.98 13.84 -0.23
C PRO L 300 57.41 14.17 0.20
N TYR L 301 57.97 13.36 1.09
CA TYR L 301 59.41 13.32 1.22
C TYR L 301 59.84 11.87 1.15
N ALA L 302 61.10 11.61 0.86
CA ALA L 302 61.56 10.24 0.81
C ALA L 302 62.84 10.07 1.60
N VAL L 303 63.00 8.89 2.19
CA VAL L 303 64.17 8.61 3.00
C VAL L 303 64.87 7.35 2.51
N LYS L 304 66.17 7.45 2.29
CA LYS L 304 66.98 6.25 1.98
C LYS L 304 68.36 6.41 2.58
N GLY L 305 68.73 5.50 3.49
CA GLY L 305 69.97 5.64 4.26
C GLY L 305 69.86 6.88 5.13
N ASN L 306 70.90 7.70 5.18
CA ASN L 306 70.81 8.94 5.94
C ASN L 306 70.50 10.12 5.04
N GLN L 307 69.79 9.84 3.94
CA GLN L 307 69.43 10.86 2.96
C GLN L 307 67.92 11.16 3.00
N TRP L 308 67.57 12.44 3.10
CA TRP L 308 66.18 12.89 3.23
C TRP L 308 65.87 13.89 2.12
N VAL L 309 64.86 13.61 1.32
CA VAL L 309 64.58 14.46 0.16
C VAL L 309 63.12 14.87 0.16
N GLY L 310 62.88 16.18 0.21
CA GLY L 310 61.53 16.72 0.05
C GLY L 310 61.35 17.21 -1.37
N TYR L 311 60.32 16.71 -2.05
CA TYR L 311 60.20 16.94 -3.50
C TYR L 311 58.74 17.00 -3.90
N ASP L 312 58.48 17.29 -5.17
CA ASP L 312 57.13 17.30 -5.71
C ASP L 312 56.99 16.20 -6.76
N ASP L 313 55.82 15.58 -6.82
CA ASP L 313 55.55 14.54 -7.81
C ASP L 313 54.22 14.83 -8.50
N VAL L 314 53.77 13.92 -9.36
CA VAL L 314 52.55 14.13 -10.11
C VAL L 314 51.35 14.39 -9.20
N LYS L 315 51.21 13.61 -8.13
CA LYS L 315 50.08 13.82 -7.22
C LYS L 315 50.12 15.18 -6.48
N SER L 316 51.30 15.60 -6.03
CA SER L 316 51.34 16.87 -5.30
C SER L 316 51.09 18.02 -6.27
N MET L 317 51.55 17.87 -7.50
CA MET L 317 51.24 18.90 -8.46
C MET L 317 49.79 18.97 -8.87
N GLU L 318 49.10 17.84 -8.91
CA GLU L 318 47.68 17.87 -9.18
C GLU L 318 46.94 18.57 -8.05
N THR L 319 47.36 18.32 -6.82
CA THR L 319 46.82 19.04 -5.67
C THR L 319 47.11 20.55 -5.74
N LYS L 320 48.33 20.93 -6.07
CA LYS L 320 48.66 22.36 -6.22
C LYS L 320 47.87 23.07 -7.32
N VAL L 321 47.54 22.36 -8.40
CA VAL L 321 46.71 22.92 -9.44
C VAL L 321 45.26 23.10 -9.03
N GLN L 322 44.67 22.14 -8.30
CA GLN L 322 43.34 22.36 -7.74
C GLN L 322 43.33 23.58 -6.80
N PHE L 323 44.40 23.75 -6.03
CA PHE L 323 44.52 24.92 -5.16
C PHE L 323 44.49 26.23 -5.97
N LEU L 324 45.38 26.34 -6.96
CA LEU L 324 45.44 27.58 -7.73
C LEU L 324 44.11 27.89 -8.44
N LYS L 325 43.43 26.84 -8.91
CA LYS L 325 42.14 27.04 -9.56
C LYS L 325 41.12 27.54 -8.57
N ASN L 326 41.14 26.95 -7.38
CA ASN L 326 40.23 27.35 -6.32
C ASN L 326 40.45 28.80 -5.87
N LEU L 327 41.70 29.27 -5.94
CA LEU L 327 41.99 30.64 -5.56
C LEU L 327 41.92 31.61 -6.73
N ASN L 328 41.46 31.12 -7.88
CA ASN L 328 41.40 31.91 -9.12
C ASN L 328 42.70 32.63 -9.45
N LEU L 329 43.81 31.91 -9.41
CA LEU L 329 45.12 32.51 -9.73
C LEU L 329 45.29 32.56 -11.24
N GLY L 330 46.33 33.23 -11.73
CA GLY L 330 46.49 33.36 -13.18
C GLY L 330 47.00 32.11 -13.87
N GLY L 331 47.62 31.22 -13.11
CA GLY L 331 48.14 29.97 -13.67
C GLY L 331 49.26 29.36 -12.84
N ALA L 332 50.06 28.50 -13.45
CA ALA L 332 51.16 27.88 -12.77
C ALA L 332 52.43 28.34 -13.46
N MET L 333 53.50 28.53 -12.69
CA MET L 333 54.82 28.73 -13.24
C MET L 333 55.66 27.54 -12.78
N ILE L 334 56.62 27.15 -13.62
CA ILE L 334 57.45 25.98 -13.35
C ILE L 334 58.92 26.40 -13.28
N TRP L 335 59.59 26.07 -12.18
CA TRP L 335 61.04 26.24 -12.11
C TRP L 335 61.65 24.85 -11.89
N SER L 336 62.28 24.26 -12.92
CA SER L 336 62.30 24.75 -14.29
C SER L 336 62.08 23.54 -15.21
N ILE L 337 61.69 23.76 -16.46
CA ILE L 337 61.28 22.62 -17.26
C ILE L 337 62.43 21.67 -17.58
N ASP L 338 63.65 22.21 -17.56
CA ASP L 338 64.82 21.40 -17.84
C ASP L 338 65.25 20.53 -16.67
N MET L 339 64.51 20.56 -15.57
CA MET L 339 64.78 19.63 -14.45
C MET L 339 63.64 18.61 -14.24
N ASP L 340 62.60 18.74 -15.07
CA ASP L 340 61.58 17.70 -15.21
C ASP L 340 62.27 16.59 -16.00
N ASP L 341 61.65 15.42 -16.12
CA ASP L 341 62.21 14.35 -16.96
C ASP L 341 61.81 14.62 -18.40
N PHE L 342 62.42 15.66 -18.97
CA PHE L 342 62.02 16.16 -20.28
C PHE L 342 62.17 15.13 -21.41
N THR L 343 63.09 14.17 -21.26
CA THR L 343 63.27 13.14 -22.30
C THR L 343 62.42 11.91 -22.04
N GLY L 344 61.90 11.78 -20.83
CA GLY L 344 61.10 10.60 -20.47
C GLY L 344 61.93 9.37 -20.17
N LYS L 345 63.26 9.46 -20.25
CA LYS L 345 64.10 8.26 -20.15
C LYS L 345 64.38 7.83 -18.73
N SER L 346 64.25 8.72 -17.77
CA SER L 346 64.65 8.37 -16.41
C SER L 346 63.51 7.79 -15.57
N CYS L 347 62.33 8.42 -15.64
CA CYS L 347 61.28 8.07 -14.70
C CYS L 347 60.22 7.17 -15.30
N ASN L 348 60.33 6.89 -16.58
CA ASN L 348 59.37 6.03 -17.23
C ASN L 348 57.92 6.53 -17.02
N GLN L 349 57.69 7.82 -17.19
CA GLN L 349 56.36 8.41 -17.06
C GLN L 349 56.00 9.26 -18.29
N GLY L 350 56.72 9.06 -19.39
CA GLY L 350 56.57 9.89 -20.59
C GLY L 350 57.43 11.15 -20.51
N PRO L 351 57.61 11.85 -21.63
CA PRO L 351 58.35 13.08 -21.59
C PRO L 351 57.61 14.12 -20.70
N TYR L 352 58.37 14.89 -19.94
CA TYR L 352 57.81 15.96 -19.08
C TYR L 352 56.65 15.47 -18.22
N PRO L 353 56.91 14.48 -17.37
CA PRO L 353 55.80 13.94 -16.59
C PRO L 353 55.19 14.97 -15.64
N LEU L 354 56.02 15.82 -15.04
CA LEU L 354 55.52 16.78 -14.09
C LEU L 354 54.77 17.90 -14.81
N VAL L 355 55.36 18.44 -15.86
CA VAL L 355 54.71 19.56 -16.55
C VAL L 355 53.43 19.12 -17.28
N GLN L 356 53.45 17.92 -17.86
CA GLN L 356 52.25 17.39 -18.48
C GLN L 356 51.14 17.21 -17.45
N ALA L 357 51.48 16.78 -16.25
CA ALA L 357 50.46 16.63 -15.22
C ALA L 357 49.86 18.00 -14.88
N VAL L 358 50.69 19.03 -14.81
CA VAL L 358 50.19 20.39 -14.55
C VAL L 358 49.30 20.84 -15.71
N LYS L 359 49.78 20.69 -16.94
CA LYS L 359 49.00 21.10 -18.11
C LYS L 359 47.65 20.34 -18.14
N ARG L 360 47.68 19.04 -17.90
CA ARG L 360 46.43 18.24 -17.87
C ARG L 360 45.46 18.74 -16.80
N SER L 361 45.99 18.99 -15.62
CA SER L 361 45.17 19.50 -14.52
C SER L 361 44.55 20.85 -14.81
N LEU L 362 45.33 21.74 -15.42
CA LEU L 362 44.87 23.09 -15.75
C LEU L 362 43.78 23.06 -16.81
N GLY L 363 43.93 22.19 -17.80
CA GLY L 363 43.00 22.15 -18.93
C GLY L 363 41.67 21.51 -18.59
N SER L 364 41.53 21.03 -17.36
CA SER L 364 40.29 20.35 -17.02
C SER L 364 39.45 21.13 -16.01
#